data_4C2T
#
_entry.id   4C2T
#
_cell.length_a   71.457
_cell.length_b   390.044
_cell.length_c   71.559
_cell.angle_alpha   90.00
_cell.angle_beta   106.13
_cell.angle_gamma   90.00
#
_symmetry.space_group_name_H-M   'P 1 21 1'
#
loop_
_entity.id
_entity.type
_entity.pdbx_description
1 polymer 'DNA HELICASE II'
2 polymer 'DNA STRAND FOR28'
3 polymer 'DNA STRAND REV28'
4 non-polymer 'MAGNESIUM ION'
5 non-polymer 'PHOSPHOAMINOPHOSPHONIC ACID-ADENYLATE ESTER'
#
loop_
_entity_poly.entity_id
_entity_poly.type
_entity_poly.pdbx_seq_one_letter_code
_entity_poly.pdbx_strand_id
1 'polypeptide(L)'
;MTSSAGPDLLQALNPTQAQAADHFTGPALVIAGAGSGKTRTLIYRIAHLIGHYGVHPGEILAVTFTNKAAAEMRERAGHL
VPGAGDLWMSTFHSAGVRILRTYGEHIGLRRGFVIYDDDDQLDIIKEVMGSIPGIGAETQPRVIRGIIDRAKSNLWTPDD
LDRSREPFISGLPRDAAAEAYRRYEVRKKGQNAIDFGDLITETVRLFKEVPGVLDKVQNKAKFIHVDEYQDTNRAQYELT
RLLASRDRNLLVVGDPDQSIYKFRGADIQNILDFQKDYPDAKVYMLEHNYRSSARVLEAANKLIENNTERLDKTLKPVKE
AGQPVTFHRATDHRAEGDYVADWLTRLHGEGRAWSEMAILYRTNAQSRVIEESLRRVQIPARIVGGVGFYDRREIRDILA
YARLALNPADDVALRRIIGRPRRGIGDTALQKLMEWARTHHTSVLTACANAAEQNILDRGAHKATEFAGLMEAMSEAADN
YEPAAFLRFVMETSGYLDLLRQEGQEGQVRLENLEELVSAAEEWSQDEANVGGSIADFLDDAALLSSVDDMRTKAENKGA
PEDAVTLMTLHNAKGLEFPVVFIVGVEQGLLPSKGAIAEGPSGIEEERRLFYVGITRAMERLLMTAAQNRMQFGKTNAAE
DSAFLEDIEGLFDTVDPYGQPIEYRAKTWKQYRPTVPAATTAVKNTSPLTAELAYRGGEQVKHPKFGEGQVLAVAGVGER
QEVTVHFASAGTKKLMVKFANLTKL
;
A,B,C,D
2 'polydeoxyribonucleotide'
;(DG)(DC)(DA)(DG)(DT)(DG)(DC)(DT)(DC)(DG)(DC)(DA)(DG)(DG)(DT)(DC)(DG)(DT)(DA)(DC)
(DC)(DT)(DT)(DT)(DT)(DT)(DT)(DT)
;
M,P
3 'polydeoxyribonucleotide'
;(DG)(DG)(DT)(DA)(DC)(DG)(DA)(DC)(DC)(DT)(DG)(DC)(DG)(DA)(DG)(DC)(DA)(DC)(DT)(DG)
(DC)(DT)(DT)(DT)(DT)(DT)(DT)(DT)
;
N,O
#
loop_
_chem_comp.id
_chem_comp.type
_chem_comp.name
_chem_comp.formula
ANP non-polymer 'PHOSPHOAMINOPHOSPHONIC ACID-ADENYLATE ESTER' 'C10 H17 N6 O12 P3'
DA DNA linking 2'-DEOXYADENOSINE-5'-MONOPHOSPHATE 'C10 H14 N5 O6 P'
DC DNA linking 2'-DEOXYCYTIDINE-5'-MONOPHOSPHATE 'C9 H14 N3 O7 P'
DG DNA linking 2'-DEOXYGUANOSINE-5'-MONOPHOSPHATE 'C10 H14 N5 O7 P'
DT DNA linking THYMIDINE-5'-MONOPHOSPHATE 'C10 H15 N2 O8 P'
MG non-polymer 'MAGNESIUM ION' 'Mg 2'
#
# COMPACT_ATOMS: atom_id res chain seq x y z
N ALA A 5 -64.11 4.02 30.49
CA ALA A 5 -65.42 3.47 30.16
C ALA A 5 -66.28 4.37 29.25
N GLY A 6 -65.74 5.53 28.86
CA GLY A 6 -66.46 6.48 28.01
C GLY A 6 -66.65 6.23 26.52
N PRO A 7 -65.55 6.16 25.75
CA PRO A 7 -65.60 6.19 24.27
C PRO A 7 -65.99 4.87 23.58
N ASP A 8 -67.29 4.65 23.44
CA ASP A 8 -67.78 3.37 22.93
C ASP A 8 -67.39 3.18 21.46
N LEU A 9 -66.64 2.11 21.22
CA LEU A 9 -65.96 1.90 19.94
C LEU A 9 -66.95 1.50 18.86
N LEU A 10 -67.84 0.59 19.20
CA LEU A 10 -68.74 -0.01 18.23
C LEU A 10 -69.83 0.96 17.76
N GLN A 11 -69.92 2.11 18.44
CA GLN A 11 -70.82 3.16 18.00
C GLN A 11 -70.25 4.01 16.85
N ALA A 12 -69.00 4.43 16.99
CA ALA A 12 -68.36 5.30 15.99
C ALA A 12 -67.47 4.58 14.97
N LEU A 13 -67.34 3.26 15.10
CA LEU A 13 -66.47 2.50 14.22
C LEU A 13 -67.11 1.18 13.80
N ASN A 14 -66.78 0.70 12.61
CA ASN A 14 -67.23 -0.63 12.19
C ASN A 14 -66.38 -1.70 12.89
N PRO A 15 -66.91 -2.93 12.97
CA PRO A 15 -66.31 -3.99 13.79
C PRO A 15 -64.80 -4.21 13.66
N THR A 16 -64.24 -4.21 12.46
CA THR A 16 -62.80 -4.44 12.34
C THR A 16 -62.03 -3.19 12.76
N GLN A 17 -62.58 -2.02 12.44
CA GLN A 17 -62.03 -0.77 12.94
C GLN A 17 -62.04 -0.82 14.46
N ALA A 18 -63.11 -1.38 15.02
CA ALA A 18 -63.28 -1.47 16.46
C ALA A 18 -62.28 -2.45 17.06
N GLN A 19 -62.18 -3.63 16.47
CA GLN A 19 -61.24 -4.64 16.93
C GLN A 19 -59.82 -4.09 16.91
N ALA A 20 -59.51 -3.27 15.91
CA ALA A 20 -58.18 -2.71 15.77
C ALA A 20 -57.91 -1.62 16.81
N ALA A 21 -58.92 -0.80 17.07
CA ALA A 21 -58.79 0.27 18.05
C ALA A 21 -58.77 -0.30 19.46
N ASP A 22 -59.11 -1.58 19.57
CA ASP A 22 -59.15 -2.25 20.87
C ASP A 22 -57.81 -2.90 21.21
N HIS A 23 -56.92 -2.99 20.23
CA HIS A 23 -55.59 -3.57 20.44
C HIS A 23 -54.88 -2.79 21.54
N PHE A 24 -54.34 -3.49 22.54
CA PHE A 24 -53.64 -2.80 23.62
C PHE A 24 -52.11 -3.00 23.62
N THR A 25 -51.66 -4.24 23.77
CA THR A 25 -50.23 -4.52 23.82
C THR A 25 -49.77 -5.39 22.67
N GLY A 26 -48.48 -5.35 22.38
CA GLY A 26 -47.91 -6.13 21.30
C GLY A 26 -47.92 -5.36 20.00
N PRO A 27 -47.10 -5.78 19.04
CA PRO A 27 -46.99 -5.13 17.73
C PRO A 27 -48.31 -5.23 16.95
N ALA A 28 -48.71 -4.15 16.28
CA ALA A 28 -49.93 -4.17 15.48
C ALA A 28 -49.77 -3.40 14.17
N LEU A 29 -50.21 -4.01 13.07
CA LEU A 29 -50.21 -3.36 11.77
C LEU A 29 -51.64 -3.16 11.26
N VAL A 30 -51.98 -1.93 10.94
CA VAL A 30 -53.24 -1.65 10.26
C VAL A 30 -52.94 -1.19 8.84
N ILE A 31 -53.29 -2.03 7.88
CA ILE A 31 -52.97 -1.77 6.49
C ILE A 31 -54.21 -1.78 5.62
N ALA A 32 -54.53 -0.66 5.01
CA ALA A 32 -55.75 -0.52 4.23
C ALA A 32 -55.63 0.56 3.16
N GLY A 33 -56.57 0.54 2.22
CA GLY A 33 -56.58 1.50 1.12
C GLY A 33 -56.92 2.91 1.57
N ALA A 34 -57.04 3.82 0.62
CA ALA A 34 -57.32 5.22 0.91
C ALA A 34 -58.73 5.43 1.46
N GLY A 35 -58.89 6.45 2.29
CA GLY A 35 -60.18 6.80 2.85
C GLY A 35 -60.86 5.65 3.56
N SER A 36 -60.06 4.74 4.12
CA SER A 36 -60.60 3.55 4.77
C SER A 36 -60.86 3.73 6.27
N GLY A 37 -60.39 4.85 6.83
CA GLY A 37 -60.56 5.11 8.25
C GLY A 37 -59.38 4.70 9.10
N LYS A 38 -58.21 4.59 8.48
CA LYS A 38 -56.99 4.23 9.21
C LYS A 38 -56.66 5.26 10.27
N THR A 39 -56.48 6.50 9.83
CA THR A 39 -56.20 7.60 10.75
C THR A 39 -57.40 7.62 11.69
N ARG A 40 -58.60 7.56 11.21
CA ARG A 40 -59.75 7.63 12.10
C ARG A 40 -59.76 6.53 13.14
N THR A 41 -59.17 5.41 12.81
CA THR A 41 -58.96 4.46 13.90
C THR A 41 -57.96 4.89 14.97
N LEU A 42 -56.95 5.65 14.54
CA LEU A 42 -55.80 5.97 15.39
C LEU A 42 -56.13 6.78 16.64
N ILE A 43 -57.08 7.71 16.56
CA ILE A 43 -57.54 8.38 17.77
C ILE A 43 -58.15 7.35 18.66
N TYR A 44 -59.19 6.72 18.12
CA TYR A 44 -60.12 5.95 18.93
C TYR A 44 -59.42 4.86 19.71
N ARG A 45 -58.23 4.47 19.26
CA ARG A 45 -57.36 3.64 20.08
C ARG A 45 -56.72 4.48 21.19
N ILE A 46 -56.11 5.60 20.81
CA ILE A 46 -55.52 6.51 21.76
C ILE A 46 -56.51 6.86 22.86
N ALA A 47 -57.74 7.18 22.47
CA ALA A 47 -58.79 7.48 23.43
C ALA A 47 -59.19 6.22 24.19
N HIS A 48 -59.13 5.08 23.51
CA HIS A 48 -59.55 3.80 24.11
C HIS A 48 -58.49 3.26 25.07
N LEU A 49 -57.24 3.66 24.86
CA LEU A 49 -56.16 3.27 25.76
C LEU A 49 -56.31 4.02 27.08
N ILE A 50 -56.73 5.27 26.98
CA ILE A 50 -56.86 6.14 28.14
C ILE A 50 -58.10 5.83 28.99
N GLY A 51 -59.24 5.69 28.34
CA GLY A 51 -60.51 5.53 29.04
C GLY A 51 -60.83 4.10 29.45
N HIS A 52 -60.33 3.13 28.70
CA HIS A 52 -60.67 1.73 28.95
C HIS A 52 -59.52 1.00 29.64
N TYR A 53 -58.38 0.92 28.97
CA TYR A 53 -57.21 0.26 29.53
C TYR A 53 -56.46 1.09 30.57
N GLY A 54 -56.90 2.33 30.76
CA GLY A 54 -56.32 3.18 31.77
C GLY A 54 -54.86 3.49 31.54
N VAL A 55 -54.47 3.61 30.27
CA VAL A 55 -53.13 4.07 29.93
C VAL A 55 -53.05 5.55 30.25
N HIS A 56 -51.91 5.99 30.77
CA HIS A 56 -51.72 7.40 31.05
C HIS A 56 -51.23 8.12 29.81
N PRO A 57 -51.83 9.29 29.51
CA PRO A 57 -51.48 10.08 28.33
C PRO A 57 -49.97 10.29 28.20
N GLY A 58 -49.30 10.51 29.32
CA GLY A 58 -47.87 10.74 29.32
C GLY A 58 -47.06 9.53 28.90
N GLU A 59 -47.73 8.40 28.79
CA GLU A 59 -47.08 7.18 28.34
C GLU A 59 -47.21 6.96 26.84
N ILE A 60 -48.04 7.78 26.19
CA ILE A 60 -48.39 7.57 24.79
C ILE A 60 -47.61 8.44 23.82
N LEU A 61 -47.14 7.85 22.74
CA LEU A 61 -46.49 8.59 21.67
C LEU A 61 -47.21 8.36 20.36
N ALA A 62 -47.33 9.39 19.55
CA ALA A 62 -47.92 9.26 18.22
C ALA A 62 -47.13 10.07 17.21
N VAL A 63 -46.71 9.43 16.13
CA VAL A 63 -45.81 10.08 15.18
C VAL A 63 -46.32 10.11 13.74
N THR A 64 -45.97 11.18 13.04
CA THR A 64 -46.27 11.29 11.62
C THR A 64 -45.22 12.09 10.88
N PHE A 65 -45.46 12.28 9.58
CA PHE A 65 -44.55 13.13 8.82
C PHE A 65 -44.80 14.63 8.75
N THR A 66 -46.04 15.07 8.78
CA THR A 66 -46.29 16.46 8.48
C THR A 66 -46.96 17.09 9.68
N ASN A 67 -46.63 18.32 9.99
CA ASN A 67 -47.30 19.00 11.08
C ASN A 67 -48.79 19.04 10.79
N LYS A 68 -49.15 18.95 9.51
CA LYS A 68 -50.55 18.92 9.12
C LYS A 68 -51.22 17.69 9.72
N ALA A 69 -50.44 16.62 9.87
CA ALA A 69 -50.88 15.42 10.56
C ALA A 69 -50.66 15.56 12.07
N ALA A 70 -49.84 16.53 12.45
CA ALA A 70 -49.63 16.83 13.86
C ALA A 70 -50.81 17.66 14.35
N ALA A 71 -51.40 18.42 13.45
CA ALA A 71 -52.62 19.16 13.75
C ALA A 71 -53.79 18.21 13.78
N GLU A 72 -53.89 17.38 12.75
CA GLU A 72 -54.97 16.41 12.63
C GLU A 72 -55.13 15.65 13.92
N MET A 73 -54.08 14.92 14.30
CA MET A 73 -54.10 14.07 15.49
C MET A 73 -54.24 14.82 16.82
N ARG A 74 -53.86 16.10 16.84
CA ARG A 74 -54.06 16.91 18.04
C ARG A 74 -55.52 17.31 18.20
N GLU A 75 -56.10 17.80 17.11
CA GLU A 75 -57.52 18.12 17.08
C GLU A 75 -58.33 16.85 17.28
N ARG A 76 -58.01 15.84 16.50
CA ARG A 76 -58.69 14.56 16.57
C ARG A 76 -58.73 14.09 18.01
N ALA A 77 -57.65 14.39 18.74
CA ALA A 77 -57.54 14.01 20.14
C ALA A 77 -58.41 14.90 21.02
N GLY A 78 -58.06 16.18 21.10
CA GLY A 78 -58.75 17.11 21.98
C GLY A 78 -60.24 17.19 21.76
N HIS A 79 -60.66 17.44 20.52
CA HIS A 79 -62.07 17.59 20.23
C HIS A 79 -62.84 16.27 20.39
N LEU A 80 -62.14 15.14 20.35
CA LEU A 80 -62.79 13.86 20.70
C LEU A 80 -62.58 13.24 22.10
N VAL A 81 -61.57 13.66 22.87
CA VAL A 81 -61.36 13.03 24.17
C VAL A 81 -60.82 13.99 25.24
N PRO A 82 -61.23 13.80 26.51
CA PRO A 82 -60.70 14.64 27.58
C PRO A 82 -59.28 14.27 28.00
N GLY A 83 -58.54 15.23 28.56
CA GLY A 83 -57.16 15.00 28.97
C GLY A 83 -56.24 14.73 27.80
N ALA A 84 -56.37 15.53 26.75
CA ALA A 84 -55.57 15.35 25.54
C ALA A 84 -54.23 16.09 25.57
N GLY A 85 -54.08 17.01 26.52
CA GLY A 85 -52.91 17.88 26.56
C GLY A 85 -51.46 17.48 26.73
N ASP A 86 -51.36 16.32 27.47
CA ASP A 86 -50.01 15.79 27.63
C ASP A 86 -49.59 14.76 26.57
N LEU A 87 -50.28 14.39 25.65
CA LEU A 87 -50.19 13.36 24.63
C LEU A 87 -48.98 13.91 23.89
N TRP A 88 -48.02 13.04 23.59
CA TRP A 88 -46.85 13.45 22.83
C TRP A 88 -47.17 13.16 21.37
N MET A 89 -47.43 14.22 20.60
CA MET A 89 -47.82 14.08 19.20
C MET A 89 -47.05 15.07 18.33
N SER A 90 -46.24 14.55 17.42
CA SER A 90 -45.46 15.39 16.54
C SER A 90 -44.92 14.53 15.41
N THR A 91 -44.04 15.10 14.59
CA THR A 91 -43.39 14.32 13.55
C THR A 91 -42.20 13.59 14.14
N PHE A 92 -41.52 12.80 13.32
CA PHE A 92 -40.28 12.15 13.75
C PHE A 92 -39.24 13.21 14.08
N HIS A 93 -39.13 14.20 13.19
CA HIS A 93 -38.13 15.24 13.33
C HIS A 93 -38.35 16.11 14.56
N SER A 94 -39.62 16.40 14.87
CA SER A 94 -39.95 17.16 16.07
C SER A 94 -39.55 16.39 17.30
N ALA A 95 -39.84 15.09 17.31
CA ALA A 95 -39.42 14.21 18.39
C ALA A 95 -37.92 14.32 18.58
N GLY A 96 -37.18 14.14 17.49
CA GLY A 96 -35.74 14.19 17.52
C GLY A 96 -35.23 15.42 18.25
N VAL A 97 -35.84 16.56 17.95
CA VAL A 97 -35.51 17.80 18.61
C VAL A 97 -35.65 17.68 20.13
N ARG A 98 -36.88 17.44 20.60
CA ARG A 98 -37.14 17.40 22.02
C ARG A 98 -36.23 16.41 22.75
N ILE A 99 -35.98 15.26 22.14
CA ILE A 99 -35.15 14.23 22.75
C ILE A 99 -33.69 14.68 22.81
N LEU A 100 -33.22 15.31 21.73
CA LEU A 100 -31.82 15.75 21.64
C LEU A 100 -31.56 17.05 22.41
N ARG A 101 -32.60 17.85 22.63
CA ARG A 101 -32.47 19.06 23.43
C ARG A 101 -32.32 18.69 24.89
N THR A 102 -32.99 17.61 25.28
CA THR A 102 -32.90 17.11 26.65
C THR A 102 -31.62 16.30 26.91
N TYR A 103 -31.32 15.33 26.02
CA TYR A 103 -30.17 14.43 26.21
C TYR A 103 -28.88 14.67 25.41
N GLY A 104 -28.84 15.69 24.56
CA GLY A 104 -27.73 15.85 23.62
C GLY A 104 -26.33 15.70 24.18
N GLU A 105 -26.10 16.21 25.39
CA GLU A 105 -24.76 16.22 25.99
C GLU A 105 -24.14 14.83 26.14
N HIS A 106 -24.98 13.81 26.17
CA HIS A 106 -24.50 12.44 26.26
C HIS A 106 -23.72 12.08 25.02
N ILE A 107 -24.15 12.60 23.86
CA ILE A 107 -23.42 12.35 22.61
C ILE A 107 -22.49 13.45 22.05
N GLY A 108 -22.30 14.53 22.79
CA GLY A 108 -21.28 15.51 22.43
C GLY A 108 -21.81 16.77 21.79
N LEU A 109 -23.11 16.97 21.94
CA LEU A 109 -23.76 18.19 21.53
C LEU A 109 -23.79 19.14 22.73
N ARG A 110 -23.07 20.25 22.61
CA ARG A 110 -22.92 21.18 23.72
C ARG A 110 -24.21 21.94 24.00
N ARG A 111 -24.18 22.80 25.01
CA ARG A 111 -25.36 23.59 25.36
C ARG A 111 -25.61 24.66 24.31
N GLY A 112 -26.82 24.66 23.74
CA GLY A 112 -27.19 25.60 22.71
C GLY A 112 -26.66 25.28 21.34
N PHE A 113 -26.70 24.01 20.94
CA PHE A 113 -26.31 23.64 19.59
C PHE A 113 -27.31 24.23 18.61
N VAL A 114 -26.86 24.53 17.39
CA VAL A 114 -27.69 25.27 16.44
C VAL A 114 -28.28 24.39 15.34
N ILE A 115 -29.53 24.68 14.99
CA ILE A 115 -30.27 23.90 14.01
C ILE A 115 -30.28 24.57 12.64
N TYR A 116 -29.60 23.95 11.68
CA TYR A 116 -29.44 24.54 10.35
C TYR A 116 -30.58 24.19 9.39
N ASP A 117 -30.96 25.16 8.57
CA ASP A 117 -31.98 24.98 7.54
C ASP A 117 -31.36 24.24 6.35
N ASP A 118 -32.16 23.95 5.33
CA ASP A 118 -31.60 23.31 4.14
C ASP A 118 -30.82 24.33 3.31
N ASP A 119 -31.30 25.57 3.33
CA ASP A 119 -30.57 26.66 2.70
C ASP A 119 -29.24 26.82 3.43
N ASP A 120 -29.31 26.81 4.76
CA ASP A 120 -28.15 26.93 5.63
C ASP A 120 -27.04 25.95 5.24
N GLN A 121 -27.44 24.77 4.77
CA GLN A 121 -26.49 23.72 4.46
C GLN A 121 -25.48 24.10 3.36
N LEU A 122 -25.75 25.18 2.62
CA LEU A 122 -24.90 25.52 1.46
C LEU A 122 -23.71 26.45 1.68
N ASP A 123 -23.64 27.14 2.82
CA ASP A 123 -22.45 27.93 3.09
C ASP A 123 -21.37 27.00 3.60
N ILE A 124 -21.83 25.91 4.20
CA ILE A 124 -20.96 24.85 4.67
C ILE A 124 -20.36 24.12 3.48
N ILE A 125 -21.22 23.71 2.55
CA ILE A 125 -20.77 23.03 1.34
C ILE A 125 -19.85 23.92 0.50
N LYS A 126 -20.31 25.14 0.22
CA LYS A 126 -19.52 26.08 -0.59
C LYS A 126 -18.16 26.38 0.06
N GLU A 127 -18.05 26.13 1.36
CA GLU A 127 -16.78 26.30 2.05
C GLU A 127 -15.83 25.12 1.86
N VAL A 128 -16.38 23.90 1.88
CA VAL A 128 -15.56 22.70 1.74
C VAL A 128 -15.22 22.24 0.31
N MET A 129 -16.08 22.50 -0.66
CA MET A 129 -15.96 21.90 -2.00
C MET A 129 -14.80 22.43 -2.86
N GLY A 130 -14.10 23.45 -2.38
CA GLY A 130 -12.94 23.95 -3.09
C GLY A 130 -11.73 23.07 -2.86
N SER A 131 -11.70 22.45 -1.69
CA SER A 131 -10.57 21.60 -1.30
C SER A 131 -10.63 20.19 -1.89
N ILE A 132 -11.85 19.69 -2.10
CA ILE A 132 -12.05 18.33 -2.63
C ILE A 132 -11.74 18.25 -4.13
N PRO A 133 -11.32 17.06 -4.59
CA PRO A 133 -11.01 16.86 -6.01
C PRO A 133 -12.15 17.12 -7.03
N GLY A 134 -13.38 16.71 -6.75
CA GLY A 134 -14.47 17.01 -7.67
C GLY A 134 -14.69 18.50 -7.71
N ILE A 135 -14.53 19.09 -8.89
CA ILE A 135 -14.50 20.55 -9.02
C ILE A 135 -15.86 21.18 -9.25
N GLY A 136 -16.04 22.37 -8.70
CA GLY A 136 -17.29 23.09 -8.81
C GLY A 136 -17.55 23.83 -10.10
N ALA A 137 -18.72 24.47 -10.12
CA ALA A 137 -19.25 25.26 -11.23
C ALA A 137 -19.69 24.34 -12.36
N GLU A 138 -19.09 23.16 -12.42
CA GLU A 138 -19.58 22.04 -13.18
C GLU A 138 -20.57 21.30 -12.29
N THR A 139 -20.16 21.16 -11.03
CA THR A 139 -20.96 20.56 -9.99
C THR A 139 -21.38 21.65 -9.02
N GLN A 140 -22.69 21.91 -8.97
CA GLN A 140 -23.23 22.92 -8.08
C GLN A 140 -23.58 22.29 -6.73
N PRO A 141 -23.60 23.10 -5.66
CA PRO A 141 -23.70 22.64 -4.27
C PRO A 141 -24.95 21.81 -3.99
N ARG A 142 -26.08 22.20 -4.57
CA ARG A 142 -27.35 21.56 -4.26
C ARG A 142 -27.40 20.08 -4.66
N VAL A 143 -26.42 19.63 -5.44
CA VAL A 143 -26.28 18.22 -5.75
C VAL A 143 -25.67 17.49 -4.57
N ILE A 144 -24.62 18.08 -4.00
CA ILE A 144 -23.94 17.47 -2.86
C ILE A 144 -24.83 17.42 -1.62
N ARG A 145 -25.73 18.40 -1.51
CA ARG A 145 -26.71 18.39 -0.43
C ARG A 145 -27.67 17.23 -0.61
N GLY A 146 -27.94 16.90 -1.87
CA GLY A 146 -28.84 15.81 -2.20
C GLY A 146 -28.33 14.47 -1.71
N ILE A 147 -27.03 14.25 -1.87
CA ILE A 147 -26.41 13.02 -1.41
C ILE A 147 -26.48 12.90 0.11
N ILE A 148 -25.95 13.90 0.79
CA ILE A 148 -25.86 13.89 2.25
C ILE A 148 -27.21 13.65 2.91
N ASP A 149 -28.21 14.43 2.54
CA ASP A 149 -29.55 14.27 3.10
C ASP A 149 -30.10 12.87 2.83
N ARG A 150 -29.83 12.34 1.65
CA ARG A 150 -30.31 11.01 1.30
C ARG A 150 -29.47 9.93 1.96
N ALA A 151 -28.18 10.21 2.14
CA ALA A 151 -27.28 9.29 2.82
C ALA A 151 -27.73 9.07 4.25
N LYS A 152 -28.12 10.15 4.91
CA LYS A 152 -28.56 10.10 6.30
C LYS A 152 -30.01 9.61 6.42
N SER A 153 -30.74 9.63 5.32
CA SER A 153 -32.07 9.05 5.30
C SER A 153 -31.94 7.53 5.30
N ASN A 154 -30.82 7.04 4.77
CA ASN A 154 -30.48 5.64 4.80
C ASN A 154 -29.75 5.25 6.09
N LEU A 155 -29.43 6.25 6.90
CA LEU A 155 -28.66 6.05 8.13
C LEU A 155 -27.22 5.59 7.87
N TRP A 156 -26.56 6.25 6.94
CA TRP A 156 -25.21 5.83 6.51
C TRP A 156 -24.13 6.83 6.92
N THR A 157 -22.90 6.34 6.99
CA THR A 157 -21.75 7.16 7.39
C THR A 157 -20.85 7.34 6.19
N PRO A 158 -20.01 8.39 6.20
CA PRO A 158 -19.12 8.65 5.07
C PRO A 158 -18.43 7.38 4.60
N ASP A 159 -18.06 6.51 5.52
CA ASP A 159 -17.42 5.24 5.17
C ASP A 159 -18.39 4.33 4.41
N ASP A 160 -19.61 4.23 4.93
CA ASP A 160 -20.65 3.46 4.26
C ASP A 160 -20.92 3.98 2.85
N LEU A 161 -20.70 5.27 2.65
CA LEU A 161 -20.94 5.88 1.35
C LEU A 161 -19.84 5.52 0.36
N ASP A 162 -18.66 5.20 0.88
CA ASP A 162 -17.55 4.78 0.03
C ASP A 162 -17.86 3.39 -0.49
N ARG A 163 -18.71 2.69 0.25
CA ARG A 163 -19.10 1.33 -0.10
C ARG A 163 -20.47 1.12 -0.80
N SER A 164 -21.16 2.20 -1.18
CA SER A 164 -22.37 2.11 -2.00
C SER A 164 -22.13 1.39 -3.32
N ARG A 165 -23.18 0.75 -3.85
CA ARG A 165 -23.13 0.07 -5.14
C ARG A 165 -22.57 0.96 -6.25
N GLU A 166 -23.29 2.04 -6.56
CA GLU A 166 -22.92 2.94 -7.64
C GLU A 166 -21.54 3.56 -7.48
N PRO A 167 -20.70 3.43 -8.52
CA PRO A 167 -19.37 4.03 -8.62
C PRO A 167 -19.46 5.54 -8.79
N PHE A 168 -20.64 6.01 -9.20
CA PHE A 168 -20.91 7.44 -9.32
C PHE A 168 -22.25 7.79 -8.70
N ILE A 169 -22.32 8.93 -8.04
CA ILE A 169 -23.53 9.36 -7.37
C ILE A 169 -23.98 10.71 -7.90
N SER A 170 -25.17 10.75 -8.50
CA SER A 170 -25.59 11.94 -9.22
C SER A 170 -24.56 12.18 -10.31
N GLY A 171 -23.85 13.30 -10.24
CA GLY A 171 -22.77 13.54 -11.18
C GLY A 171 -21.38 13.23 -10.65
N LEU A 172 -21.23 12.59 -9.48
CA LEU A 172 -19.92 12.50 -8.78
C LEU A 172 -19.24 11.12 -8.54
N PRO A 173 -17.89 11.12 -8.41
CA PRO A 173 -17.16 9.89 -8.05
C PRO A 173 -17.50 9.49 -6.62
N ARG A 174 -17.73 8.21 -6.39
CA ARG A 174 -18.19 7.71 -5.10
C ARG A 174 -17.37 8.24 -3.94
N ASP A 175 -16.04 8.18 -4.08
CA ASP A 175 -15.13 8.56 -2.99
C ASP A 175 -14.98 10.08 -2.84
N ALA A 176 -15.21 10.82 -3.93
CA ALA A 176 -15.17 12.27 -3.87
C ALA A 176 -16.35 12.77 -3.05
N ALA A 177 -17.55 12.30 -3.41
CA ALA A 177 -18.76 12.65 -2.67
C ALA A 177 -18.61 12.26 -1.21
N ALA A 178 -18.13 11.03 -0.97
CA ALA A 178 -17.91 10.54 0.38
C ALA A 178 -17.00 11.47 1.15
N GLU A 179 -15.94 11.95 0.48
CA GLU A 179 -14.97 12.82 1.12
C GLU A 179 -15.57 14.18 1.49
N ALA A 180 -16.42 14.71 0.61
CA ALA A 180 -17.10 15.97 0.90
C ALA A 180 -17.97 15.82 2.14
N TYR A 181 -18.73 14.73 2.19
CA TYR A 181 -19.58 14.42 3.32
C TYR A 181 -18.72 14.22 4.56
N ARG A 182 -17.48 13.80 4.36
CA ARG A 182 -16.57 13.57 5.47
C ARG A 182 -15.97 14.86 6.01
N ARG A 183 -15.82 15.86 5.15
CA ARG A 183 -15.34 17.17 5.61
C ARG A 183 -16.47 18.17 5.94
N TYR A 184 -17.69 17.81 5.58
CA TYR A 184 -18.86 18.61 5.92
C TYR A 184 -19.25 18.31 7.37
N GLU A 185 -19.13 17.04 7.73
CA GLU A 185 -19.33 16.60 9.11
C GLU A 185 -18.37 17.29 10.09
N VAL A 186 -17.08 17.26 9.79
CA VAL A 186 -16.09 17.84 10.69
C VAL A 186 -16.27 19.35 10.86
N ARG A 187 -16.78 20.00 9.83
CA ARG A 187 -17.00 21.44 9.87
C ARG A 187 -18.23 21.75 10.73
N LYS A 188 -19.37 21.23 10.30
CA LYS A 188 -20.63 21.38 11.03
C LYS A 188 -20.46 21.03 12.52
N LYS A 189 -19.80 19.91 12.79
CA LYS A 189 -19.56 19.46 14.16
C LYS A 189 -18.82 20.50 14.98
N GLY A 190 -17.84 21.16 14.36
CA GLY A 190 -16.99 22.12 15.02
C GLY A 190 -17.65 23.46 15.26
N GLN A 191 -18.87 23.59 14.75
CA GLN A 191 -19.66 24.79 14.97
C GLN A 191 -20.70 24.57 16.07
N ASN A 192 -20.71 23.37 16.65
CA ASN A 192 -21.82 22.95 17.51
C ASN A 192 -23.11 23.13 16.74
N ALA A 193 -23.25 22.37 15.67
CA ALA A 193 -24.38 22.53 14.74
C ALA A 193 -24.82 21.20 14.17
N ILE A 194 -26.11 21.09 13.86
CA ILE A 194 -26.67 19.88 13.26
C ILE A 194 -27.81 20.19 12.29
N ASP A 195 -27.92 19.37 11.23
CA ASP A 195 -28.99 19.54 10.25
C ASP A 195 -30.20 18.67 10.57
N PHE A 196 -31.16 18.63 9.65
CA PHE A 196 -32.40 17.88 9.88
C PHE A 196 -32.16 16.40 10.06
N GLY A 197 -31.54 15.78 9.06
CA GLY A 197 -31.33 14.34 9.06
C GLY A 197 -30.66 13.88 10.34
N ASP A 198 -29.86 14.77 10.91
CA ASP A 198 -29.19 14.48 12.18
C ASP A 198 -30.21 14.31 13.29
N LEU A 199 -31.32 15.04 13.20
CA LEU A 199 -32.37 14.98 14.21
C LEU A 199 -32.90 13.57 14.36
N ILE A 200 -32.63 12.74 13.34
CA ILE A 200 -33.00 11.34 13.38
C ILE A 200 -31.77 10.47 13.69
N THR A 201 -30.78 10.53 12.80
CA THR A 201 -29.55 9.75 12.95
C THR A 201 -28.85 9.94 14.31
N GLU A 202 -28.72 11.18 14.76
CA GLU A 202 -28.08 11.45 16.05
C GLU A 202 -28.89 10.84 17.20
N THR A 203 -30.21 10.86 17.06
CA THR A 203 -31.08 10.26 18.06
C THR A 203 -30.91 8.76 18.07
N VAL A 204 -30.83 8.18 16.89
CA VAL A 204 -30.55 6.75 16.76
C VAL A 204 -29.17 6.44 17.30
N ARG A 205 -28.25 7.38 17.15
CA ARG A 205 -26.89 7.23 17.64
C ARG A 205 -26.88 7.35 19.16
N LEU A 206 -27.80 8.14 19.68
CA LEU A 206 -27.91 8.38 21.12
C LEU A 206 -28.44 7.17 21.87
N PHE A 207 -29.37 6.44 21.25
CA PHE A 207 -29.97 5.27 21.86
C PHE A 207 -29.08 4.02 21.76
N LYS A 208 -28.22 4.00 20.75
CA LYS A 208 -27.30 2.88 20.56
C LYS A 208 -26.13 2.93 21.53
N GLU A 209 -25.55 4.12 21.73
CA GLU A 209 -24.38 4.27 22.60
C GLU A 209 -24.74 4.31 24.08
N VAL A 210 -25.76 5.09 24.43
CA VAL A 210 -26.18 5.17 25.82
C VAL A 210 -27.54 4.51 26.00
N PRO A 211 -27.54 3.31 26.60
CA PRO A 211 -28.75 2.51 26.82
C PRO A 211 -29.67 3.13 27.86
N GLY A 212 -29.07 3.73 28.89
CA GLY A 212 -29.82 4.28 30.00
C GLY A 212 -30.71 5.45 29.61
N VAL A 213 -30.36 6.13 28.53
CA VAL A 213 -31.16 7.23 28.03
C VAL A 213 -32.41 6.70 27.32
N LEU A 214 -32.19 5.70 26.45
CA LEU A 214 -33.28 5.05 25.74
C LEU A 214 -34.31 4.53 26.73
N ASP A 215 -33.83 3.91 27.80
CA ASP A 215 -34.71 3.34 28.80
C ASP A 215 -35.61 4.40 29.43
N LYS A 216 -35.05 5.57 29.71
CA LYS A 216 -35.80 6.66 30.32
C LYS A 216 -36.81 7.29 29.36
N VAL A 217 -36.48 7.26 28.06
CA VAL A 217 -37.39 7.79 27.06
C VAL A 217 -38.52 6.82 26.78
N GLN A 218 -38.22 5.53 26.84
CA GLN A 218 -39.20 4.49 26.57
C GLN A 218 -40.30 4.45 27.63
N ASN A 219 -40.08 5.14 28.74
CA ASN A 219 -41.11 5.26 29.77
C ASN A 219 -42.18 6.21 29.27
N LYS A 220 -41.74 7.26 28.58
CA LYS A 220 -42.66 8.19 27.95
C LYS A 220 -43.26 7.65 26.64
N ALA A 221 -42.51 6.83 25.90
CA ALA A 221 -43.22 6.07 24.87
C ALA A 221 -43.22 4.62 25.29
N LYS A 222 -44.32 4.22 25.93
CA LYS A 222 -44.65 2.83 26.18
C LYS A 222 -45.45 2.27 25.03
N PHE A 223 -46.41 3.08 24.58
CA PHE A 223 -47.34 2.73 23.52
C PHE A 223 -47.10 3.67 22.36
N ILE A 224 -46.82 3.10 21.20
CA ILE A 224 -46.34 3.89 20.07
C ILE A 224 -47.26 3.77 18.85
N HIS A 225 -47.64 4.91 18.29
CA HIS A 225 -48.45 4.95 17.09
C HIS A 225 -47.67 5.62 15.95
N VAL A 226 -47.71 5.02 14.76
CA VAL A 226 -47.14 5.68 13.60
C VAL A 226 -48.09 5.70 12.40
N ASP A 227 -48.56 6.90 12.04
CA ASP A 227 -49.39 7.09 10.86
C ASP A 227 -48.53 7.40 9.63
N GLU A 228 -48.97 6.93 8.47
CA GLU A 228 -48.25 7.14 7.21
C GLU A 228 -46.91 6.40 7.22
N TYR A 229 -46.92 5.19 7.78
CA TYR A 229 -45.72 4.38 7.92
C TYR A 229 -45.11 4.01 6.57
N GLN A 230 -45.91 4.10 5.50
CA GLN A 230 -45.43 3.75 4.17
C GLN A 230 -44.36 4.70 3.68
N ASP A 231 -44.35 5.91 4.23
CA ASP A 231 -43.36 6.91 3.83
C ASP A 231 -42.14 7.05 4.74
N THR A 232 -42.03 6.21 5.77
CA THR A 232 -40.88 6.26 6.66
C THR A 232 -39.60 5.74 6.01
N ASN A 233 -38.50 6.44 6.21
CA ASN A 233 -37.21 6.01 5.66
C ASN A 233 -36.44 5.09 6.61
N ARG A 234 -35.27 4.63 6.17
CA ARG A 234 -34.49 3.65 6.92
C ARG A 234 -34.12 4.15 8.32
N ALA A 235 -33.81 5.43 8.42
CA ALA A 235 -33.47 6.04 9.71
C ALA A 235 -34.69 6.04 10.62
N GLN A 236 -35.82 6.54 10.11
CA GLN A 236 -37.05 6.58 10.87
C GLN A 236 -37.43 5.20 11.40
N TYR A 237 -37.33 4.18 10.56
CA TYR A 237 -37.57 2.82 11.00
C TYR A 237 -36.66 2.44 12.16
N GLU A 238 -35.36 2.70 11.98
CA GLU A 238 -34.37 2.35 12.99
C GLU A 238 -34.62 3.07 14.31
N LEU A 239 -35.11 4.31 14.22
CA LEU A 239 -35.48 5.06 15.42
C LEU A 239 -36.70 4.43 16.07
N THR A 240 -37.64 3.98 15.24
CA THR A 240 -38.86 3.34 15.71
C THR A 240 -38.57 2.01 16.39
N ARG A 241 -37.78 1.17 15.73
CA ARG A 241 -37.46 -0.14 16.27
C ARG A 241 -36.83 -0.05 17.65
N LEU A 242 -36.01 0.98 17.86
CA LEU A 242 -35.33 1.16 19.14
C LEU A 242 -36.28 1.61 20.24
N LEU A 243 -37.19 2.52 19.91
CA LEU A 243 -38.18 2.99 20.88
C LEU A 243 -39.16 1.88 21.24
N ALA A 244 -39.34 0.94 20.33
CA ALA A 244 -40.23 -0.19 20.54
C ALA A 244 -39.59 -1.30 21.36
N SER A 245 -38.29 -1.48 21.14
CA SER A 245 -37.59 -2.70 21.51
C SER A 245 -37.90 -3.24 22.91
N ARG A 246 -38.06 -2.34 23.87
CA ARG A 246 -38.28 -2.76 25.24
C ARG A 246 -39.70 -3.31 25.45
N ASP A 247 -40.72 -2.49 25.27
CA ASP A 247 -42.09 -2.98 25.48
C ASP A 247 -42.86 -3.48 24.22
N ARG A 248 -42.34 -3.20 23.04
CA ARG A 248 -42.93 -3.63 21.76
C ARG A 248 -44.45 -3.42 21.64
N ASN A 249 -44.88 -2.22 22.02
CA ASN A 249 -46.28 -1.82 21.97
C ASN A 249 -46.66 -1.08 20.67
N LEU A 250 -45.75 -1.13 19.70
CA LEU A 250 -45.83 -0.41 18.44
C LEU A 250 -46.97 -0.84 17.52
N LEU A 251 -47.83 0.13 17.19
CA LEU A 251 -48.92 -0.05 16.22
C LEU A 251 -48.71 0.94 15.10
N VAL A 252 -48.46 0.43 13.89
CA VAL A 252 -48.26 1.29 12.74
C VAL A 252 -49.43 1.18 11.78
N VAL A 253 -49.72 2.29 11.09
CA VAL A 253 -50.84 2.37 10.17
C VAL A 253 -50.34 2.88 8.84
N GLY A 254 -50.92 2.41 7.73
CA GLY A 254 -50.50 2.90 6.43
C GLY A 254 -51.06 2.19 5.21
N ASP A 255 -50.74 2.73 4.04
CA ASP A 255 -51.14 2.12 2.79
C ASP A 255 -49.94 2.17 1.84
N PRO A 256 -49.67 1.06 1.14
CA PRO A 256 -48.61 0.97 0.13
C PRO A 256 -48.93 1.74 -1.14
N ASP A 257 -50.20 1.73 -1.53
CA ASP A 257 -50.63 2.48 -2.70
C ASP A 257 -50.35 3.96 -2.49
N GLN A 258 -50.22 4.35 -1.23
CA GLN A 258 -49.99 5.74 -0.88
C GLN A 258 -48.53 6.15 -0.66
N SER A 259 -47.57 5.28 -0.97
CA SER A 259 -46.20 5.63 -0.62
C SER A 259 -45.60 6.42 -1.77
N ILE A 260 -45.55 7.73 -1.56
CA ILE A 260 -45.10 8.70 -2.56
C ILE A 260 -43.69 9.30 -2.33
N TYR A 261 -43.03 8.90 -1.24
CA TYR A 261 -41.77 9.54 -0.82
C TYR A 261 -40.44 8.88 -1.26
N LYS A 262 -40.50 7.88 -2.13
CA LYS A 262 -39.27 7.15 -2.48
C LYS A 262 -38.08 8.07 -2.76
N PHE A 263 -38.32 9.19 -3.44
CA PHE A 263 -37.25 10.13 -3.75
C PHE A 263 -36.66 10.69 -2.47
N ARG A 264 -37.48 10.75 -1.43
CA ARG A 264 -37.03 11.21 -0.12
C ARG A 264 -36.12 10.19 0.53
N GLY A 265 -36.13 8.96 0.00
CA GLY A 265 -35.44 7.86 0.64
C GLY A 265 -36.39 6.99 1.44
N ALA A 266 -37.68 7.09 1.12
CA ALA A 266 -38.70 6.30 1.80
C ALA A 266 -38.62 4.82 1.42
N ASP A 267 -38.88 3.96 2.41
CA ASP A 267 -38.80 2.52 2.20
C ASP A 267 -40.20 1.92 2.13
N ILE A 268 -40.59 1.47 0.94
CA ILE A 268 -41.90 0.87 0.78
C ILE A 268 -41.94 -0.49 1.46
N GLN A 269 -40.74 -1.04 1.72
CA GLN A 269 -40.60 -2.33 2.35
C GLN A 269 -40.91 -2.29 3.84
N ASN A 270 -40.75 -1.12 4.46
CA ASN A 270 -40.96 -1.00 5.89
C ASN A 270 -42.35 -1.38 6.35
N ILE A 271 -43.37 -0.95 5.62
CA ILE A 271 -44.74 -1.31 5.95
C ILE A 271 -45.08 -2.72 5.47
N LEU A 272 -44.47 -3.11 4.36
CA LEU A 272 -44.71 -4.42 3.76
C LEU A 272 -44.11 -5.56 4.57
N ASP A 273 -42.94 -5.31 5.17
CA ASP A 273 -42.20 -6.34 5.90
C ASP A 273 -42.48 -6.36 7.40
N PHE A 274 -43.43 -5.53 7.84
CA PHE A 274 -43.68 -5.33 9.27
C PHE A 274 -43.77 -6.63 10.08
N GLN A 275 -44.47 -7.62 9.59
CA GLN A 275 -44.65 -8.85 10.37
C GLN A 275 -43.44 -9.79 10.29
N LYS A 276 -42.57 -9.56 9.30
CA LYS A 276 -41.31 -10.30 9.24
C LYS A 276 -40.36 -9.75 10.30
N ASP A 277 -40.47 -8.46 10.57
CA ASP A 277 -39.72 -7.82 11.65
C ASP A 277 -40.38 -8.04 13.01
N TYR A 278 -41.70 -8.23 13.00
CA TYR A 278 -42.46 -8.49 14.21
C TYR A 278 -43.41 -9.66 14.01
N PRO A 279 -42.87 -10.88 14.05
CA PRO A 279 -43.62 -12.11 13.76
C PRO A 279 -44.87 -12.27 14.64
N ASP A 280 -44.90 -11.61 15.79
CA ASP A 280 -46.04 -11.71 16.71
C ASP A 280 -47.10 -10.60 16.56
N ALA A 281 -46.96 -9.74 15.56
CA ALA A 281 -47.89 -8.63 15.36
C ALA A 281 -49.31 -9.10 15.02
N LYS A 282 -50.30 -8.22 15.21
CA LYS A 282 -51.65 -8.47 14.73
C LYS A 282 -51.88 -7.64 13.47
N VAL A 283 -52.61 -8.20 12.51
CA VAL A 283 -52.84 -7.52 11.24
C VAL A 283 -54.32 -7.27 10.98
N TYR A 284 -54.71 -6.00 11.04
CA TYR A 284 -56.10 -5.63 10.77
C TYR A 284 -56.21 -5.02 9.39
N MET A 285 -57.30 -5.32 8.69
CA MET A 285 -57.46 -4.86 7.33
C MET A 285 -58.82 -4.19 7.10
N LEU A 286 -58.80 -2.98 6.54
CA LEU A 286 -60.01 -2.23 6.27
C LEU A 286 -60.37 -2.26 4.78
N GLU A 287 -61.54 -2.77 4.47
CA GLU A 287 -61.99 -2.88 3.09
C GLU A 287 -62.95 -1.79 2.62
N HIS A 288 -63.28 -0.84 3.49
CA HIS A 288 -64.32 0.14 3.17
C HIS A 288 -63.85 1.60 3.09
N ASN A 289 -64.24 2.28 2.02
CA ASN A 289 -63.94 3.70 1.86
C ASN A 289 -65.10 4.59 2.30
N TYR A 290 -64.92 5.29 3.42
CA TYR A 290 -65.96 6.15 3.97
C TYR A 290 -65.94 7.55 3.37
N ARG A 291 -64.82 7.89 2.75
CA ARG A 291 -64.56 9.27 2.36
C ARG A 291 -65.32 9.72 1.11
N SER A 292 -65.32 8.87 0.09
CA SER A 292 -65.65 9.32 -1.25
C SER A 292 -66.88 8.67 -1.89
N SER A 293 -67.47 9.39 -2.83
CA SER A 293 -68.54 8.86 -3.66
C SER A 293 -67.99 7.71 -4.50
N ALA A 294 -68.85 6.74 -4.82
CA ALA A 294 -68.43 5.58 -5.58
C ALA A 294 -67.84 5.95 -6.93
N ARG A 295 -68.18 7.12 -7.43
CA ARG A 295 -67.71 7.55 -8.76
C ARG A 295 -66.23 7.95 -8.75
N VAL A 296 -65.80 8.60 -7.67
CA VAL A 296 -64.40 8.98 -7.56
C VAL A 296 -63.56 7.79 -7.12
N LEU A 297 -64.21 6.79 -6.52
CA LEU A 297 -63.51 5.60 -6.05
C LEU A 297 -63.21 4.64 -7.19
N GLU A 298 -64.20 4.37 -8.03
CA GLU A 298 -64.01 3.47 -9.16
C GLU A 298 -62.87 3.94 -10.05
N ALA A 299 -62.75 5.26 -10.20
CA ALA A 299 -61.68 5.83 -11.01
C ALA A 299 -60.32 5.59 -10.36
N ALA A 300 -60.26 5.69 -9.04
CA ALA A 300 -59.04 5.41 -8.30
C ALA A 300 -58.69 3.93 -8.41
N ASN A 301 -59.64 3.09 -8.01
CA ASN A 301 -59.43 1.64 -8.04
C ASN A 301 -58.98 1.12 -9.39
N LYS A 302 -59.46 1.72 -10.47
CA LYS A 302 -59.10 1.26 -11.80
C LYS A 302 -57.75 1.82 -12.27
N LEU A 303 -57.30 2.92 -11.66
CA LEU A 303 -55.99 3.48 -11.96
C LEU A 303 -54.86 2.72 -11.26
N ILE A 304 -55.02 2.52 -9.96
CA ILE A 304 -53.99 1.86 -9.16
C ILE A 304 -53.88 0.40 -9.57
N GLU A 305 -54.98 -0.12 -10.08
CA GLU A 305 -55.03 -1.49 -10.60
C GLU A 305 -53.88 -1.70 -11.58
N ASN A 306 -53.57 -0.66 -12.34
CA ASN A 306 -52.51 -0.73 -13.35
C ASN A 306 -51.09 -0.90 -12.79
N ASN A 307 -50.88 -0.48 -11.54
CA ASN A 307 -49.60 -0.73 -10.89
C ASN A 307 -49.42 -2.23 -10.65
N THR A 308 -48.18 -2.69 -10.78
CA THR A 308 -47.90 -4.11 -10.70
C THR A 308 -47.11 -4.47 -9.45
N GLU A 309 -47.29 -5.70 -8.98
CA GLU A 309 -46.55 -6.21 -7.82
C GLU A 309 -46.96 -5.61 -6.48
N ARG A 310 -47.92 -4.68 -6.51
CA ARG A 310 -48.50 -4.13 -5.29
C ARG A 310 -49.41 -5.16 -4.63
N LEU A 311 -49.50 -5.12 -3.32
CA LEU A 311 -50.48 -5.93 -2.59
C LEU A 311 -51.87 -5.59 -3.09
N ASP A 312 -52.67 -6.60 -3.41
CA ASP A 312 -54.02 -6.37 -3.88
C ASP A 312 -55.01 -6.40 -2.73
N LYS A 313 -55.64 -5.26 -2.44
CA LYS A 313 -56.61 -5.19 -1.38
C LYS A 313 -57.89 -4.50 -1.84
N THR A 314 -59.03 -5.09 -1.50
CA THR A 314 -60.33 -4.55 -1.86
C THR A 314 -60.66 -3.30 -1.08
N LEU A 315 -60.96 -2.21 -1.78
CA LEU A 315 -61.56 -1.05 -1.15
C LEU A 315 -62.96 -0.90 -1.73
N LYS A 316 -63.98 -1.27 -0.96
CA LYS A 316 -65.35 -1.24 -1.44
C LYS A 316 -66.08 0.01 -0.96
N PRO A 317 -66.68 0.76 -1.88
CA PRO A 317 -67.34 2.05 -1.57
C PRO A 317 -68.57 1.89 -0.69
N VAL A 318 -68.69 2.72 0.34
CA VAL A 318 -69.91 2.79 1.13
C VAL A 318 -70.89 3.90 0.71
N LYS A 319 -70.44 4.86 -0.10
CA LYS A 319 -71.29 5.99 -0.48
C LYS A 319 -71.78 5.85 -1.93
N GLU A 320 -73.00 6.28 -2.18
CA GLU A 320 -73.59 6.13 -3.51
C GLU A 320 -72.77 6.89 -4.55
N ALA A 321 -72.73 6.37 -5.77
CA ALA A 321 -71.93 7.00 -6.82
C ALA A 321 -72.40 8.44 -6.98
N GLY A 322 -71.46 9.37 -6.84
CA GLY A 322 -71.80 10.78 -6.76
C GLY A 322 -71.77 11.47 -8.10
N GLN A 323 -71.58 12.79 -8.05
CA GLN A 323 -71.47 13.58 -9.26
C GLN A 323 -70.28 13.09 -10.08
N PRO A 324 -70.51 12.83 -11.38
CA PRO A 324 -69.50 12.23 -12.25
C PRO A 324 -68.19 13.00 -12.23
N VAL A 325 -67.07 12.27 -12.28
CA VAL A 325 -65.75 12.88 -12.29
C VAL A 325 -65.45 13.48 -13.67
N THR A 326 -65.06 14.75 -13.68
CA THR A 326 -64.91 15.48 -14.94
C THR A 326 -63.48 15.92 -15.22
N PHE A 327 -63.14 16.03 -16.51
CA PHE A 327 -61.83 16.49 -16.95
C PHE A 327 -61.96 17.48 -18.10
N HIS A 328 -61.15 18.54 -18.06
CA HIS A 328 -61.22 19.59 -19.08
C HIS A 328 -59.84 19.97 -19.61
N ARG A 329 -59.67 19.88 -20.93
CA ARG A 329 -58.42 20.25 -21.56
C ARG A 329 -58.60 21.64 -22.16
N ALA A 330 -57.99 22.63 -21.53
CA ALA A 330 -58.16 24.02 -21.96
C ALA A 330 -57.00 24.39 -22.87
N THR A 331 -57.28 25.17 -23.90
CA THR A 331 -56.27 25.51 -24.89
C THR A 331 -54.99 25.95 -24.21
N ASP A 332 -55.12 26.92 -23.30
CA ASP A 332 -53.97 27.50 -22.63
C ASP A 332 -53.87 26.98 -21.21
N HIS A 333 -52.81 27.35 -20.51
CA HIS A 333 -52.73 27.13 -19.08
C HIS A 333 -53.49 28.25 -18.39
N ARG A 334 -53.52 29.42 -19.04
CA ARG A 334 -54.28 30.56 -18.55
C ARG A 334 -55.76 30.25 -18.56
N ALA A 335 -56.23 29.66 -19.66
CA ALA A 335 -57.62 29.24 -19.77
C ALA A 335 -57.90 28.11 -18.78
N GLU A 336 -56.84 27.45 -18.31
CA GLU A 336 -56.99 26.43 -17.27
C GLU A 336 -57.14 27.10 -15.91
N GLY A 337 -56.39 28.18 -15.71
CA GLY A 337 -56.55 28.98 -14.51
C GLY A 337 -57.93 29.59 -14.52
N ASP A 338 -58.37 30.01 -15.72
CA ASP A 338 -59.67 30.63 -15.87
C ASP A 338 -60.81 29.62 -15.73
N TYR A 339 -60.56 28.38 -16.11
CA TYR A 339 -61.58 27.34 -15.96
C TYR A 339 -61.78 27.01 -14.49
N VAL A 340 -60.68 26.95 -13.75
CA VAL A 340 -60.75 26.70 -12.32
C VAL A 340 -61.37 27.90 -11.63
N ALA A 341 -60.87 29.10 -11.97
CA ALA A 341 -61.43 30.34 -11.45
C ALA A 341 -62.93 30.33 -11.63
N ASP A 342 -63.34 30.25 -12.89
CA ASP A 342 -64.75 30.28 -13.26
C ASP A 342 -65.58 29.27 -12.47
N TRP A 343 -65.18 28.01 -12.49
CA TRP A 343 -65.99 26.94 -11.90
C TRP A 343 -66.03 26.94 -10.37
N LEU A 344 -65.08 27.63 -9.75
CA LEU A 344 -65.11 27.80 -8.31
C LEU A 344 -66.30 28.67 -7.95
N THR A 345 -66.41 29.81 -8.62
CA THR A 345 -67.51 30.73 -8.41
C THR A 345 -68.84 30.02 -8.60
N ARG A 346 -68.93 29.20 -9.64
CA ARG A 346 -70.14 28.44 -9.92
C ARG A 346 -70.51 27.54 -8.75
N LEU A 347 -69.57 26.70 -8.34
CA LEU A 347 -69.78 25.80 -7.22
C LEU A 347 -70.11 26.55 -5.92
N HIS A 348 -69.73 27.82 -5.86
CA HIS A 348 -69.96 28.62 -4.66
C HIS A 348 -71.43 29.00 -4.51
N GLY A 349 -72.00 29.58 -5.56
CA GLY A 349 -73.38 30.07 -5.52
C GLY A 349 -74.36 28.95 -5.26
N GLU A 350 -74.02 27.76 -5.73
CA GLU A 350 -74.84 26.58 -5.51
C GLU A 350 -74.78 26.10 -4.07
N GLY A 351 -73.98 26.80 -3.25
CA GLY A 351 -73.93 26.52 -1.83
C GLY A 351 -72.64 25.98 -1.24
N ARG A 352 -71.67 25.61 -2.06
CA ARG A 352 -70.36 25.18 -1.54
C ARG A 352 -69.59 26.36 -0.95
N ALA A 353 -69.04 26.18 0.24
CA ALA A 353 -68.14 27.17 0.84
C ALA A 353 -66.71 27.05 0.31
N TRP A 354 -65.97 28.15 0.33
CA TRP A 354 -64.61 28.18 -0.22
C TRP A 354 -63.66 27.11 0.34
N SER A 355 -63.74 26.86 1.64
CA SER A 355 -62.76 25.99 2.31
C SER A 355 -62.93 24.52 1.96
N GLU A 356 -64.15 24.15 1.58
CA GLU A 356 -64.45 22.77 1.24
C GLU A 356 -63.81 22.39 -0.10
N MET A 357 -63.25 23.40 -0.77
CA MET A 357 -62.62 23.20 -2.07
C MET A 357 -61.11 23.39 -1.96
N ALA A 358 -60.37 22.68 -2.80
CA ALA A 358 -58.92 22.83 -2.84
C ALA A 358 -58.37 22.53 -4.22
N ILE A 359 -57.29 23.22 -4.59
CA ILE A 359 -56.66 23.01 -5.88
C ILE A 359 -55.32 22.33 -5.69
N LEU A 360 -55.16 21.16 -6.30
CA LEU A 360 -53.92 20.41 -6.18
C LEU A 360 -53.11 20.45 -7.48
N TYR A 361 -51.82 20.76 -7.35
CA TYR A 361 -50.92 20.75 -8.50
C TYR A 361 -49.64 19.97 -8.19
N ARG A 362 -48.95 19.54 -9.24
CA ARG A 362 -47.76 18.70 -9.10
C ARG A 362 -46.51 19.48 -8.67
N THR A 363 -46.26 20.60 -9.32
CA THR A 363 -45.07 21.41 -9.02
C THR A 363 -45.48 22.87 -8.75
N ASN A 364 -44.86 23.48 -7.75
CA ASN A 364 -45.31 24.76 -7.20
C ASN A 364 -45.44 25.93 -8.19
N ALA A 365 -44.60 25.96 -9.21
CA ALA A 365 -44.65 27.05 -10.19
C ALA A 365 -46.06 27.19 -10.79
N GLN A 366 -46.83 26.11 -10.72
CA GLN A 366 -48.17 26.08 -11.26
C GLN A 366 -49.14 26.99 -10.48
N SER A 367 -48.73 27.43 -9.31
CA SER A 367 -49.63 28.20 -8.43
C SER A 367 -49.77 29.65 -8.85
N ARG A 368 -48.73 30.23 -9.45
CA ARG A 368 -48.75 31.63 -9.82
C ARG A 368 -49.90 31.92 -10.76
N VAL A 369 -50.03 31.09 -11.80
CA VAL A 369 -51.09 31.23 -12.78
C VAL A 369 -52.44 31.16 -12.08
N ILE A 370 -52.58 30.15 -11.23
CA ILE A 370 -53.83 29.90 -10.52
C ILE A 370 -54.25 31.09 -9.65
N GLU A 371 -53.32 31.59 -8.85
CA GLU A 371 -53.58 32.69 -7.93
C GLU A 371 -54.31 33.85 -8.59
N GLU A 372 -53.64 34.48 -9.55
CA GLU A 372 -54.17 35.65 -10.24
C GLU A 372 -55.55 35.39 -10.84
N SER A 373 -55.77 34.19 -11.37
CA SER A 373 -57.09 33.84 -11.90
C SER A 373 -58.11 33.73 -10.78
N LEU A 374 -57.63 33.51 -9.55
CA LEU A 374 -58.49 33.60 -8.37
C LEU A 374 -58.67 35.05 -7.96
N ARG A 375 -57.57 35.80 -7.99
CA ARG A 375 -57.56 37.20 -7.57
C ARG A 375 -58.45 38.04 -8.48
N ARG A 376 -58.35 37.76 -9.78
CA ARG A 376 -59.17 38.39 -10.79
C ARG A 376 -60.63 38.33 -10.38
N VAL A 377 -61.14 37.11 -10.26
CA VAL A 377 -62.50 36.87 -9.83
C VAL A 377 -62.70 37.25 -8.36
N GLN A 378 -61.60 37.55 -7.68
CA GLN A 378 -61.62 37.88 -6.26
C GLN A 378 -62.14 36.73 -5.38
N ILE A 379 -61.54 35.57 -5.56
CA ILE A 379 -61.78 34.40 -4.72
C ILE A 379 -60.66 34.25 -3.71
N PRO A 380 -61.00 34.14 -2.41
CA PRO A 380 -59.96 34.14 -1.37
C PRO A 380 -59.00 32.96 -1.50
N ALA A 381 -57.70 33.24 -1.47
CA ALA A 381 -56.69 32.23 -1.79
C ALA A 381 -55.70 31.94 -0.66
N ARG A 382 -55.74 30.72 -0.15
CA ARG A 382 -54.82 30.28 0.89
C ARG A 382 -53.82 29.29 0.30
N ILE A 383 -52.57 29.74 0.16
CA ILE A 383 -51.55 28.98 -0.55
C ILE A 383 -50.60 28.25 0.39
N VAL A 384 -50.60 26.93 0.32
CA VAL A 384 -49.76 26.12 1.20
C VAL A 384 -48.51 25.58 0.50
N GLY A 385 -47.35 25.87 1.08
CA GLY A 385 -46.10 25.32 0.59
C GLY A 385 -45.43 26.13 -0.51
N GLY A 386 -45.72 27.42 -0.56
CA GLY A 386 -45.16 28.29 -1.58
C GLY A 386 -43.81 28.80 -1.14
N VAL A 387 -43.43 29.99 -1.59
CA VAL A 387 -42.21 30.59 -1.10
C VAL A 387 -42.46 30.98 0.33
N GLY A 388 -41.64 30.42 1.24
CA GLY A 388 -41.90 30.55 2.66
C GLY A 388 -41.88 31.98 3.15
N PHE A 389 -42.65 32.23 4.21
CA PHE A 389 -42.61 33.52 4.88
C PHE A 389 -41.26 33.65 5.59
N TYR A 390 -40.81 32.54 6.17
CA TYR A 390 -39.54 32.50 6.86
C TYR A 390 -38.38 32.35 5.88
N ASP A 391 -38.70 32.13 4.62
CA ASP A 391 -37.69 32.06 3.56
C ASP A 391 -37.24 33.45 3.13
N ARG A 392 -38.17 34.41 3.18
CA ARG A 392 -37.91 35.78 2.75
C ARG A 392 -36.69 36.38 3.46
N ARG A 393 -35.89 37.13 2.71
CA ARG A 393 -34.67 37.76 3.24
C ARG A 393 -34.91 38.47 4.56
N GLU A 394 -35.93 39.33 4.59
CA GLU A 394 -36.21 40.16 5.76
C GLU A 394 -36.16 39.32 7.03
N ILE A 395 -37.09 38.37 7.11
CA ILE A 395 -37.20 37.45 8.23
C ILE A 395 -35.90 36.68 8.47
N ARG A 396 -35.43 36.03 7.42
CA ARG A 396 -34.30 35.11 7.52
C ARG A 396 -33.03 35.76 8.07
N ASP A 397 -32.81 37.02 7.75
CA ASP A 397 -31.59 37.71 8.17
C ASP A 397 -31.66 38.09 9.65
N ILE A 398 -32.85 38.38 10.14
CA ILE A 398 -33.04 38.69 11.55
C ILE A 398 -32.74 37.47 12.41
N LEU A 399 -33.18 36.31 11.96
CA LEU A 399 -32.99 35.07 12.69
C LEU A 399 -31.54 34.60 12.60
N ALA A 400 -30.80 35.15 11.64
CA ALA A 400 -29.38 34.86 11.52
C ALA A 400 -28.61 35.65 12.56
N TYR A 401 -29.20 36.77 12.99
CA TYR A 401 -28.67 37.52 14.11
C TYR A 401 -28.99 36.78 15.40
N ALA A 402 -30.21 36.25 15.47
CA ALA A 402 -30.66 35.50 16.63
C ALA A 402 -29.80 34.26 16.84
N ARG A 403 -29.64 33.47 15.77
CA ARG A 403 -28.83 32.27 15.84
C ARG A 403 -27.40 32.57 16.28
N LEU A 404 -26.80 33.56 15.62
CA LEU A 404 -25.42 33.93 15.89
C LEU A 404 -25.28 34.52 17.29
N ALA A 405 -26.37 35.11 17.77
CA ALA A 405 -26.41 35.66 19.11
C ALA A 405 -26.29 34.53 20.14
N LEU A 406 -26.98 33.43 19.87
CA LEU A 406 -26.91 32.26 20.73
C LEU A 406 -25.68 31.40 20.45
N ASN A 407 -25.27 31.34 19.18
CA ASN A 407 -24.19 30.45 18.75
C ASN A 407 -23.09 31.14 17.95
N PRO A 408 -22.02 31.58 18.64
CA PRO A 408 -20.89 32.36 18.14
C PRO A 408 -20.20 31.75 16.91
N ALA A 409 -20.30 30.43 16.76
CA ALA A 409 -19.57 29.70 15.73
C ALA A 409 -20.33 29.57 14.41
N ASP A 410 -21.45 30.27 14.30
CA ASP A 410 -22.28 30.10 13.12
C ASP A 410 -21.72 31.08 12.12
N ASP A 411 -21.01 30.55 11.13
CA ASP A 411 -20.40 31.37 10.10
C ASP A 411 -21.26 31.34 8.85
N VAL A 412 -22.31 30.52 8.93
CA VAL A 412 -23.31 30.44 7.88
C VAL A 412 -24.28 31.60 8.02
N ALA A 413 -24.59 31.96 9.27
CA ALA A 413 -25.46 33.10 9.54
C ALA A 413 -24.68 34.41 9.43
N LEU A 414 -23.45 34.40 9.96
CA LEU A 414 -22.60 35.58 9.98
C LEU A 414 -22.44 36.19 8.58
N ARG A 415 -22.33 35.32 7.57
CA ARG A 415 -22.21 35.77 6.19
C ARG A 415 -23.43 36.57 5.75
N ARG A 416 -24.61 36.10 6.12
CA ARG A 416 -25.87 36.69 5.65
C ARG A 416 -26.25 37.96 6.41
N ILE A 417 -25.48 38.29 7.44
CA ILE A 417 -25.78 39.43 8.31
C ILE A 417 -24.67 40.50 8.36
N ILE A 418 -23.46 40.09 8.67
CA ILE A 418 -22.35 41.01 8.87
C ILE A 418 -22.30 42.13 7.82
N GLY A 419 -22.66 41.81 6.57
CA GLY A 419 -22.65 42.80 5.51
C GLY A 419 -23.96 43.54 5.22
N ARG A 420 -25.09 42.94 5.58
CA ARG A 420 -26.40 43.47 5.20
C ARG A 420 -26.71 44.86 5.79
N PRO A 421 -26.66 44.99 7.13
CA PRO A 421 -26.57 46.33 7.73
C PRO A 421 -25.17 46.87 7.52
N ARG A 422 -24.91 47.52 6.39
CA ARG A 422 -23.54 47.72 5.96
C ARG A 422 -22.71 48.33 7.07
N ARG A 423 -21.71 47.56 7.52
CA ARG A 423 -20.76 48.03 8.52
C ARG A 423 -19.39 48.41 7.94
N GLY A 424 -19.26 48.33 6.61
CA GLY A 424 -17.99 48.57 5.97
C GLY A 424 -17.14 47.33 6.09
N ILE A 425 -17.80 46.24 6.48
CA ILE A 425 -17.13 44.98 6.72
C ILE A 425 -16.57 44.38 5.45
N GLY A 426 -15.29 44.06 5.48
CA GLY A 426 -14.55 43.71 4.29
C GLY A 426 -14.91 42.44 3.58
N ASP A 427 -15.12 42.57 2.26
CA ASP A 427 -15.10 41.43 1.37
C ASP A 427 -13.74 40.77 1.52
N THR A 428 -12.70 41.51 1.17
CA THR A 428 -11.33 41.03 1.29
C THR A 428 -10.91 40.88 2.75
N ALA A 429 -11.66 41.50 3.66
CA ALA A 429 -11.38 41.35 5.08
C ALA A 429 -12.18 40.20 5.68
N LEU A 430 -13.13 39.69 4.90
CA LEU A 430 -13.89 38.51 5.29
C LEU A 430 -13.06 37.28 4.97
N GLN A 431 -12.22 37.39 3.94
CA GLN A 431 -11.31 36.33 3.54
C GLN A 431 -10.15 36.25 4.51
N LYS A 432 -9.74 37.39 5.05
CA LYS A 432 -8.70 37.42 6.06
C LYS A 432 -9.25 36.92 7.39
N LEU A 433 -10.53 37.20 7.63
CA LEU A 433 -11.20 36.73 8.83
C LEU A 433 -11.43 35.22 8.76
N MET A 434 -11.64 34.72 7.55
CA MET A 434 -11.81 33.29 7.32
C MET A 434 -10.47 32.57 7.32
N GLU A 435 -9.40 33.29 6.98
CA GLU A 435 -8.06 32.72 7.07
C GLU A 435 -7.59 32.79 8.52
N TRP A 436 -8.28 33.57 9.33
CA TRP A 436 -8.04 33.63 10.75
C TRP A 436 -8.71 32.43 11.42
N ALA A 437 -9.91 32.12 10.98
CA ALA A 437 -10.64 30.97 11.49
C ALA A 437 -10.06 29.69 10.91
N ARG A 438 -9.42 29.82 9.76
CA ARG A 438 -8.77 28.69 9.11
C ARG A 438 -7.45 28.38 9.79
N THR A 439 -6.72 29.43 10.17
CA THR A 439 -5.44 29.26 10.85
C THR A 439 -5.61 28.98 12.34
N HIS A 440 -6.60 29.61 12.96
CA HIS A 440 -6.84 29.49 14.41
C HIS A 440 -7.86 28.43 14.85
N HIS A 441 -8.60 27.86 13.91
CA HIS A 441 -9.69 26.92 14.21
C HIS A 441 -10.71 27.52 15.18
N THR A 442 -10.70 28.85 15.27
CA THR A 442 -11.58 29.60 16.18
C THR A 442 -12.97 29.92 15.63
N SER A 443 -13.93 30.12 16.54
CA SER A 443 -15.20 30.74 16.18
C SER A 443 -14.92 32.15 15.68
N VAL A 444 -15.73 32.65 14.75
CA VAL A 444 -15.43 33.90 14.07
C VAL A 444 -15.60 35.15 14.95
N LEU A 445 -16.53 35.09 15.90
CA LEU A 445 -16.89 36.27 16.68
C LEU A 445 -15.73 36.87 17.48
N THR A 446 -14.91 36.01 18.08
CA THR A 446 -13.81 36.49 18.92
C THR A 446 -12.63 37.03 18.12
N ALA A 447 -12.61 36.76 16.83
CA ALA A 447 -11.57 37.30 15.97
C ALA A 447 -11.86 38.76 15.66
N CYS A 448 -13.14 39.12 15.74
CA CYS A 448 -13.58 40.49 15.49
C CYS A 448 -13.33 41.38 16.71
N ALA A 449 -13.43 40.79 17.90
CA ALA A 449 -13.15 41.51 19.13
C ALA A 449 -11.64 41.72 19.25
N ASN A 450 -10.90 40.76 18.72
CA ASN A 450 -9.45 40.78 18.77
C ASN A 450 -8.81 41.48 17.56
N ALA A 451 -9.66 42.09 16.74
CA ALA A 451 -9.23 42.89 15.59
C ALA A 451 -8.28 44.05 15.95
N ALA A 452 -8.66 44.91 16.89
CA ALA A 452 -7.81 46.05 17.23
C ALA A 452 -6.53 45.57 17.91
N GLU A 453 -6.66 44.53 18.71
CA GLU A 453 -5.52 43.88 19.34
C GLU A 453 -4.92 42.87 18.37
N GLN A 454 -3.94 42.12 18.86
CA GLN A 454 -3.44 40.94 18.15
C GLN A 454 -2.95 41.23 16.73
N ASN A 455 -3.35 40.37 15.79
CA ASN A 455 -2.86 40.45 14.42
C ASN A 455 -3.38 41.66 13.67
N ILE A 456 -4.33 42.38 14.28
CA ILE A 456 -4.85 43.64 13.74
C ILE A 456 -5.30 43.58 12.29
N LEU A 457 -6.49 43.05 12.04
CA LEU A 457 -6.99 43.13 10.68
C LEU A 457 -7.32 44.60 10.48
N ASP A 458 -6.53 45.25 9.63
CA ASP A 458 -6.51 46.71 9.55
C ASP A 458 -7.32 47.22 8.37
N ARG A 459 -7.21 48.51 8.11
CA ARG A 459 -8.02 49.13 7.07
C ARG A 459 -9.45 48.84 7.49
N GLY A 460 -9.86 49.42 8.62
CA GLY A 460 -11.07 48.98 9.29
C GLY A 460 -10.92 48.20 10.58
N ALA A 461 -9.75 48.28 11.23
CA ALA A 461 -9.55 47.66 12.53
C ALA A 461 -10.70 47.94 13.51
N HIS A 462 -11.11 49.21 13.62
CA HIS A 462 -12.15 49.58 14.58
C HIS A 462 -13.51 49.03 14.18
N LYS A 463 -13.70 48.86 12.87
CA LYS A 463 -14.96 48.39 12.32
C LYS A 463 -15.39 47.06 12.94
N ALA A 464 -14.43 46.17 13.18
CA ALA A 464 -14.75 44.83 13.69
C ALA A 464 -15.04 44.84 15.19
N THR A 465 -14.27 45.62 15.94
CA THR A 465 -14.51 45.75 17.37
C THR A 465 -15.89 46.35 17.64
N GLU A 466 -16.34 47.20 16.73
CA GLU A 466 -17.67 47.79 16.83
C GLU A 466 -18.74 46.78 16.45
N PHE A 467 -18.32 45.72 15.76
CA PHE A 467 -19.23 44.64 15.36
C PHE A 467 -19.43 43.66 16.50
N ALA A 468 -18.34 43.02 16.94
CA ALA A 468 -18.40 42.12 18.08
C ALA A 468 -19.03 42.83 19.28
N GLY A 469 -19.00 44.15 19.26
CA GLY A 469 -19.60 44.95 20.31
C GLY A 469 -21.09 45.10 20.13
N LEU A 470 -21.53 45.05 18.87
CA LEU A 470 -22.95 45.09 18.55
C LEU A 470 -23.55 43.70 18.80
N MET A 471 -22.71 42.67 18.68
CA MET A 471 -23.15 41.31 18.95
C MET A 471 -23.17 40.93 20.44
N GLU A 472 -22.30 41.53 21.24
CA GLU A 472 -22.33 41.27 22.68
C GLU A 472 -23.57 41.92 23.27
N ALA A 473 -23.96 43.05 22.68
CA ALA A 473 -25.19 43.72 23.05
C ALA A 473 -26.39 42.85 22.72
N MET A 474 -26.28 42.07 21.65
CA MET A 474 -27.34 41.13 21.29
C MET A 474 -27.25 39.86 22.11
N SER A 475 -26.09 39.61 22.69
CA SER A 475 -25.90 38.47 23.57
C SER A 475 -26.49 38.77 24.95
N GLU A 476 -26.27 39.99 25.42
CA GLU A 476 -26.78 40.41 26.72
C GLU A 476 -28.28 40.63 26.66
N ALA A 477 -28.78 41.04 25.50
CA ALA A 477 -30.21 41.21 25.30
C ALA A 477 -30.84 39.84 25.05
N ALA A 478 -29.99 38.88 24.66
CA ALA A 478 -30.40 37.49 24.57
C ALA A 478 -30.39 36.85 25.95
N ASP A 479 -29.54 37.39 26.83
CA ASP A 479 -29.46 36.90 28.21
C ASP A 479 -30.80 36.91 28.97
N ASN A 480 -31.32 38.09 29.29
CA ASN A 480 -32.72 38.16 29.69
C ASN A 480 -33.51 39.21 28.93
N TYR A 481 -34.34 38.75 28.01
CA TYR A 481 -35.31 39.59 27.32
C TYR A 481 -36.41 38.79 26.63
N GLU A 482 -37.56 39.42 26.40
CA GLU A 482 -38.67 38.74 25.73
C GLU A 482 -38.36 38.50 24.26
N PRO A 483 -38.79 37.33 23.74
CA PRO A 483 -38.57 37.02 22.33
C PRO A 483 -39.09 38.12 21.41
N ALA A 484 -40.29 38.61 21.68
CA ALA A 484 -40.90 39.63 20.83
C ALA A 484 -40.06 40.90 20.79
N ALA A 485 -39.65 41.36 21.97
CA ALA A 485 -38.91 42.61 22.08
C ALA A 485 -37.41 42.43 21.82
N PHE A 486 -36.94 41.19 21.88
CA PHE A 486 -35.53 40.89 21.64
C PHE A 486 -35.22 41.00 20.15
N LEU A 487 -36.17 40.55 19.34
CA LEU A 487 -36.06 40.66 17.89
C LEU A 487 -36.14 42.12 17.48
N ARG A 488 -37.06 42.86 18.10
CA ARG A 488 -37.17 44.30 17.89
C ARG A 488 -35.81 44.96 18.14
N PHE A 489 -35.20 44.60 19.25
CA PHE A 489 -33.88 45.09 19.62
C PHE A 489 -32.90 44.85 18.48
N VAL A 490 -32.86 43.60 18.00
CA VAL A 490 -32.01 43.24 16.87
C VAL A 490 -32.35 44.07 15.64
N MET A 491 -33.64 44.11 15.30
CA MET A 491 -34.11 44.86 14.15
C MET A 491 -33.62 46.31 14.17
N GLU A 492 -33.68 46.93 15.33
CA GLU A 492 -33.28 48.33 15.50
C GLU A 492 -31.76 48.46 15.53
N THR A 493 -31.16 47.86 16.55
CA THR A 493 -29.73 48.05 16.84
C THR A 493 -28.77 47.53 15.77
N SER A 494 -29.19 46.53 15.00
CA SER A 494 -28.35 46.06 13.90
C SER A 494 -28.37 47.11 12.80
N GLY A 495 -29.48 47.81 12.71
CA GLY A 495 -29.67 48.86 11.71
C GLY A 495 -30.39 48.32 10.49
N TYR A 496 -31.02 47.17 10.64
CA TYR A 496 -31.71 46.52 9.52
C TYR A 496 -33.00 47.26 9.17
N LEU A 497 -33.62 47.85 10.18
CA LEU A 497 -34.78 48.72 9.95
C LEU A 497 -34.33 50.00 9.27
N ASP A 498 -33.18 50.51 9.68
CA ASP A 498 -32.61 51.72 9.09
C ASP A 498 -32.38 51.57 7.58
N LEU A 499 -31.86 50.42 7.16
CA LEU A 499 -31.63 50.16 5.74
C LEU A 499 -32.95 50.19 4.97
N LEU A 500 -33.93 49.42 5.45
CA LEU A 500 -35.20 49.31 4.75
C LEU A 500 -35.97 50.62 4.79
N ARG A 501 -35.76 51.41 5.83
CA ARG A 501 -36.41 52.70 5.96
C ARG A 501 -35.82 53.68 4.95
N GLN A 502 -34.50 53.71 4.88
CA GLN A 502 -33.80 54.64 3.99
C GLN A 502 -34.16 54.39 2.53
N GLU A 503 -33.91 53.18 2.03
CA GLU A 503 -34.54 52.86 0.77
C GLU A 503 -35.74 52.05 1.20
N GLY A 504 -36.85 52.78 1.35
CA GLY A 504 -38.02 52.24 1.99
C GLY A 504 -39.30 52.12 1.20
N GLN A 505 -39.25 52.48 -0.08
CA GLN A 505 -40.48 52.55 -0.86
C GLN A 505 -40.95 51.14 -1.16
N GLU A 506 -40.04 50.32 -1.67
CA GLU A 506 -40.31 48.89 -1.79
C GLU A 506 -40.10 48.21 -0.45
N GLY A 507 -39.23 48.80 0.37
CA GLY A 507 -38.84 48.20 1.63
C GLY A 507 -39.83 48.39 2.76
N GLN A 508 -40.94 49.06 2.48
CA GLN A 508 -41.96 49.26 3.50
C GLN A 508 -42.82 48.02 3.66
N VAL A 509 -43.01 47.30 2.56
CA VAL A 509 -43.72 46.03 2.63
C VAL A 509 -42.79 44.99 3.25
N ARG A 510 -41.49 45.28 3.22
CA ARG A 510 -40.49 44.42 3.86
C ARG A 510 -40.46 44.65 5.36
N LEU A 511 -40.51 45.92 5.77
CA LEU A 511 -40.51 46.23 7.20
C LEU A 511 -41.88 45.91 7.80
N GLU A 512 -42.83 45.63 6.92
CA GLU A 512 -44.16 45.20 7.33
C GLU A 512 -44.10 43.72 7.69
N ASN A 513 -43.36 42.96 6.89
CA ASN A 513 -43.08 41.56 7.21
C ASN A 513 -42.35 41.44 8.54
N LEU A 514 -41.40 42.34 8.78
CA LEU A 514 -40.64 42.34 10.01
C LEU A 514 -41.52 42.67 11.21
N GLU A 515 -42.64 43.34 10.95
CA GLU A 515 -43.63 43.55 11.98
C GLU A 515 -44.33 42.23 12.26
N GLU A 516 -44.63 41.51 11.18
CA GLU A 516 -45.30 40.22 11.26
C GLU A 516 -44.46 39.18 12.00
N LEU A 517 -43.14 39.28 11.89
CA LEU A 517 -42.25 38.37 12.59
C LEU A 517 -42.30 38.64 14.09
N VAL A 518 -42.40 39.91 14.46
CA VAL A 518 -42.61 40.29 15.85
C VAL A 518 -44.01 39.88 16.26
N SER A 519 -44.92 39.90 15.30
CA SER A 519 -46.31 39.54 15.54
C SER A 519 -46.46 38.08 15.92
N ALA A 520 -45.81 37.20 15.14
CA ALA A 520 -45.90 35.77 15.38
C ALA A 520 -45.01 35.36 16.55
N ALA A 521 -43.96 36.14 16.78
CA ALA A 521 -43.11 35.92 17.94
C ALA A 521 -43.86 36.34 19.19
N GLU A 522 -44.83 37.23 19.00
CA GLU A 522 -45.73 37.63 20.08
C GLU A 522 -46.83 36.59 20.24
N GLU A 523 -47.34 36.11 19.11
CA GLU A 523 -48.42 35.14 19.10
C GLU A 523 -47.96 33.80 19.66
N TRP A 524 -46.67 33.53 19.48
CA TRP A 524 -46.06 32.27 19.91
C TRP A 524 -45.95 32.18 21.43
N SER A 525 -45.35 33.20 22.05
CA SER A 525 -45.13 33.18 23.49
C SER A 525 -46.45 33.30 24.26
N GLN A 526 -47.46 33.86 23.61
CA GLN A 526 -48.78 33.94 24.20
C GLN A 526 -49.45 32.56 24.13
N ASP A 527 -48.93 31.72 23.25
CA ASP A 527 -49.48 30.38 23.02
C ASP A 527 -49.36 29.51 24.28
N GLU A 528 -50.23 28.52 24.38
CA GLU A 528 -50.37 27.75 25.62
C GLU A 528 -49.24 26.76 25.87
N ALA A 529 -48.69 26.17 24.82
CA ALA A 529 -47.68 25.12 24.97
C ALA A 529 -46.28 25.72 25.14
N ASN A 530 -46.19 27.04 25.08
CA ASN A 530 -44.92 27.74 25.17
C ASN A 530 -44.54 28.31 26.54
N VAL A 531 -45.29 27.97 27.58
CA VAL A 531 -45.10 28.57 28.90
C VAL A 531 -43.62 28.55 29.26
N GLY A 532 -43.08 29.71 29.62
CA GLY A 532 -41.66 29.88 29.85
C GLY A 532 -40.79 29.48 28.66
N GLY A 533 -41.29 29.67 27.45
CA GLY A 533 -40.55 29.32 26.24
C GLY A 533 -39.37 30.24 25.95
N SER A 534 -38.19 29.66 25.78
CA SER A 534 -36.99 30.39 25.40
C SER A 534 -37.07 30.78 23.92
N ILE A 535 -36.30 31.78 23.52
CA ILE A 535 -36.27 32.14 22.11
C ILE A 535 -35.51 31.08 21.33
N ALA A 536 -34.62 30.38 22.01
CA ALA A 536 -33.94 29.24 21.41
C ALA A 536 -35.00 28.19 21.11
N ASP A 537 -36.06 28.19 21.90
CA ASP A 537 -37.19 27.29 21.69
C ASP A 537 -37.99 27.70 20.46
N PHE A 538 -38.04 29.00 20.20
CA PHE A 538 -38.79 29.50 19.05
C PHE A 538 -38.07 29.19 17.74
N LEU A 539 -36.77 29.45 17.70
CA LEU A 539 -35.97 29.15 16.52
C LEU A 539 -36.04 27.67 16.19
N ASP A 540 -36.16 26.84 17.22
CA ASP A 540 -36.34 25.41 17.02
C ASP A 540 -37.65 25.14 16.29
N ASP A 541 -38.73 25.69 16.84
CA ASP A 541 -40.06 25.50 16.27
C ASP A 541 -40.17 26.06 14.85
N ALA A 542 -39.50 27.17 14.59
CA ALA A 542 -39.62 27.84 13.30
C ALA A 542 -38.96 27.04 12.18
N ALA A 543 -37.78 26.50 12.45
CA ALA A 543 -36.97 25.87 11.41
C ALA A 543 -37.46 24.47 11.00
N LEU A 544 -38.32 23.86 11.81
CA LEU A 544 -38.87 22.55 11.49
C LEU A 544 -40.28 22.57 10.85
N LEU A 545 -40.86 23.76 10.68
CA LEU A 545 -42.26 23.89 10.26
C LEU A 545 -42.61 23.29 8.89
N SER A 546 -43.69 22.53 8.85
CA SER A 546 -44.18 21.94 7.59
C SER A 546 -44.98 22.94 6.76
N SER A 547 -45.49 22.48 5.63
CA SER A 547 -46.27 23.32 4.73
C SER A 547 -47.65 23.59 5.30
N ASP A 550 -49.30 25.58 11.32
CA ASP A 550 -50.04 26.79 11.66
C ASP A 550 -49.22 28.05 11.41
N MET A 551 -47.96 28.04 11.86
CA MET A 551 -47.11 29.21 11.76
C MET A 551 -46.79 29.60 10.32
N ARG A 552 -46.60 28.60 9.46
CA ARG A 552 -46.26 28.88 8.07
C ARG A 552 -47.43 29.42 7.26
N THR A 553 -48.62 28.84 7.48
CA THR A 553 -49.79 29.25 6.72
C THR A 553 -50.37 30.56 7.23
N LYS A 554 -50.10 30.89 8.48
CA LYS A 554 -50.59 32.13 9.06
C LYS A 554 -49.70 33.34 8.72
N ALA A 555 -48.45 33.08 8.37
CA ALA A 555 -47.52 34.18 8.11
C ALA A 555 -46.86 34.05 6.73
N GLU A 562 -59.43 33.26 6.65
CA GLU A 562 -59.98 31.92 6.72
C GLU A 562 -61.17 31.79 5.79
N ASP A 563 -61.66 30.56 5.63
CA ASP A 563 -62.68 30.27 4.63
C ASP A 563 -62.16 30.65 3.24
N ALA A 564 -61.17 29.90 2.77
CA ALA A 564 -60.55 30.16 1.49
C ALA A 564 -60.28 28.87 0.75
N VAL A 565 -60.19 28.94 -0.58
CA VAL A 565 -59.80 27.80 -1.38
C VAL A 565 -58.34 27.49 -1.09
N THR A 566 -58.00 26.21 -0.95
CA THR A 566 -56.64 25.83 -0.58
C THR A 566 -55.79 25.42 -1.79
N LEU A 567 -54.68 26.11 -1.98
CA LEU A 567 -53.71 25.75 -3.01
C LEU A 567 -52.54 25.02 -2.36
N MET A 568 -52.11 23.91 -2.96
CA MET A 568 -51.01 23.13 -2.42
C MET A 568 -50.65 21.95 -3.32
N THR A 569 -49.47 21.38 -3.10
CA THR A 569 -48.95 20.31 -3.95
C THR A 569 -49.66 18.98 -3.70
N LEU A 570 -49.63 18.11 -4.71
CA LEU A 570 -50.17 16.76 -4.57
C LEU A 570 -49.53 16.05 -3.39
N HIS A 571 -48.22 16.23 -3.24
CA HIS A 571 -47.49 15.65 -2.12
C HIS A 571 -48.05 16.07 -0.76
N ASN A 572 -48.02 17.37 -0.47
CA ASN A 572 -48.49 17.88 0.81
C ASN A 572 -49.85 17.31 1.18
N ALA A 573 -50.68 17.08 0.17
CA ALA A 573 -52.07 16.71 0.38
C ALA A 573 -52.24 15.42 1.16
N LYS A 574 -51.17 14.65 1.28
CA LYS A 574 -51.27 13.32 1.84
C LYS A 574 -51.91 13.34 3.23
N GLY A 575 -53.01 12.60 3.36
CA GLY A 575 -53.77 12.57 4.61
C GLY A 575 -54.96 13.49 4.79
N LEU A 576 -55.25 14.39 3.84
CA LEU A 576 -56.38 15.31 3.98
C LEU A 576 -57.59 14.93 3.12
N GLU A 577 -58.66 15.72 3.20
CA GLU A 577 -59.84 15.51 2.35
C GLU A 577 -60.64 16.78 2.05
N PHE A 578 -61.22 16.85 0.85
CA PHE A 578 -62.10 17.95 0.48
C PHE A 578 -63.31 17.46 -0.30
N PRO A 579 -64.49 18.02 -0.03
CA PRO A 579 -65.69 17.70 -0.82
C PRO A 579 -65.47 18.00 -2.30
N VAL A 580 -64.73 19.07 -2.60
CA VAL A 580 -64.42 19.40 -3.98
C VAL A 580 -62.92 19.52 -4.16
N VAL A 581 -62.40 18.88 -5.20
CA VAL A 581 -60.97 18.96 -5.48
C VAL A 581 -60.68 19.14 -6.96
N PHE A 582 -59.97 20.22 -7.29
CA PHE A 582 -59.43 20.40 -8.62
C PHE A 582 -58.03 19.81 -8.66
N ILE A 583 -57.72 19.08 -9.73
CA ILE A 583 -56.36 18.63 -9.98
C ILE A 583 -55.92 19.19 -11.33
N VAL A 584 -54.88 20.01 -11.33
CA VAL A 584 -54.46 20.69 -12.55
C VAL A 584 -53.10 20.21 -13.01
N GLY A 585 -52.86 20.34 -14.32
CA GLY A 585 -51.64 19.87 -14.91
C GLY A 585 -51.53 18.36 -14.82
N VAL A 586 -52.53 17.68 -15.35
CA VAL A 586 -52.44 16.23 -15.45
C VAL A 586 -52.00 16.08 -16.89
N GLU A 587 -50.71 15.88 -17.05
CA GLU A 587 -50.07 16.06 -18.35
C GLU A 587 -48.77 15.30 -18.43
N GLN A 588 -48.46 14.81 -19.62
CA GLN A 588 -47.20 14.10 -19.78
C GLN A 588 -46.04 15.07 -19.59
N GLY A 589 -45.18 14.75 -18.62
CA GLY A 589 -44.13 15.67 -18.27
C GLY A 589 -44.32 16.38 -16.94
N LEU A 590 -45.52 16.37 -16.36
CA LEU A 590 -45.73 16.89 -15.01
C LEU A 590 -46.15 15.77 -14.04
N LEU A 591 -47.41 15.35 -14.14
CA LEU A 591 -47.77 13.99 -13.74
C LEU A 591 -47.11 13.20 -14.86
N PRO A 592 -47.07 11.85 -14.76
CA PRO A 592 -45.68 11.45 -14.59
C PRO A 592 -44.70 12.34 -15.34
N SER A 593 -43.71 12.71 -14.52
CA SER A 593 -42.80 13.80 -14.77
C SER A 593 -41.66 13.43 -15.69
N LYS A 594 -41.09 14.43 -16.33
CA LYS A 594 -40.02 14.20 -17.29
C LYS A 594 -38.88 13.39 -16.68
N GLY A 595 -38.72 13.48 -15.36
CA GLY A 595 -37.77 12.63 -14.66
C GLY A 595 -38.30 11.22 -14.49
N ALA A 596 -39.56 11.12 -14.07
CA ALA A 596 -40.20 9.85 -13.80
C ALA A 596 -40.24 8.95 -15.03
N ILE A 597 -40.42 9.56 -16.20
CA ILE A 597 -40.44 8.81 -17.45
C ILE A 597 -39.08 8.19 -17.70
N ALA A 598 -38.02 8.97 -17.47
CA ALA A 598 -36.66 8.50 -17.70
C ALA A 598 -36.24 7.44 -16.69
N GLU A 599 -36.96 7.35 -15.59
CA GLU A 599 -36.67 6.35 -14.57
C GLU A 599 -37.11 4.97 -15.01
N GLY A 600 -38.12 4.92 -15.88
CA GLY A 600 -38.69 3.66 -16.28
C GLY A 600 -39.81 3.27 -15.33
N PRO A 601 -40.31 2.05 -15.47
CA PRO A 601 -41.53 1.60 -14.77
C PRO A 601 -41.62 1.96 -13.28
N SER A 602 -40.52 1.83 -12.53
CA SER A 602 -40.57 2.15 -11.12
C SER A 602 -40.95 3.62 -10.90
N GLY A 603 -40.39 4.49 -11.74
CA GLY A 603 -40.73 5.90 -11.70
C GLY A 603 -42.19 6.11 -12.05
N ILE A 604 -42.62 5.53 -13.17
CA ILE A 604 -44.00 5.63 -13.61
C ILE A 604 -44.96 5.24 -12.50
N GLU A 605 -44.61 4.18 -11.78
CA GLU A 605 -45.47 3.65 -10.73
C GLU A 605 -45.53 4.57 -9.50
N GLU A 606 -44.42 5.22 -9.18
CA GLU A 606 -44.40 6.18 -8.08
C GLU A 606 -45.41 7.29 -8.35
N GLU A 607 -45.29 7.91 -9.52
CA GLU A 607 -46.20 8.98 -9.92
C GLU A 607 -47.65 8.51 -9.94
N ARG A 608 -47.87 7.26 -10.33
CA ARG A 608 -49.23 6.73 -10.35
C ARG A 608 -49.83 6.69 -8.95
N ARG A 609 -49.00 6.43 -7.95
CA ARG A 609 -49.45 6.50 -6.56
C ARG A 609 -49.73 7.94 -6.19
N LEU A 610 -48.87 8.84 -6.65
CA LEU A 610 -49.01 10.27 -6.40
C LEU A 610 -50.35 10.79 -6.94
N PHE A 611 -50.64 10.47 -8.19
CA PHE A 611 -51.92 10.83 -8.80
C PHE A 611 -53.06 10.17 -8.04
N TYR A 612 -52.83 8.95 -7.58
CA TYR A 612 -53.81 8.21 -6.80
C TYR A 612 -54.24 8.96 -5.55
N VAL A 613 -53.26 9.49 -4.82
CA VAL A 613 -53.55 10.21 -3.58
C VAL A 613 -54.42 11.43 -3.87
N GLY A 614 -54.19 12.07 -5.01
CA GLY A 614 -54.99 13.22 -5.40
C GLY A 614 -56.44 12.85 -5.58
N ILE A 615 -56.67 11.81 -6.37
CA ILE A 615 -58.02 11.34 -6.65
C ILE A 615 -58.80 10.99 -5.39
N THR A 616 -58.11 10.45 -4.40
CA THR A 616 -58.78 9.94 -3.20
C THR A 616 -58.97 10.99 -2.11
N ARG A 617 -58.58 12.23 -2.40
CA ARG A 617 -58.88 13.33 -1.48
C ARG A 617 -60.33 13.78 -1.66
N ALA A 618 -60.79 13.78 -2.92
CA ALA A 618 -62.12 14.28 -3.25
C ALA A 618 -63.24 13.48 -2.60
N MET A 619 -64.14 14.20 -1.93
CA MET A 619 -65.28 13.59 -1.25
C MET A 619 -66.52 13.54 -2.14
N GLU A 620 -66.99 14.71 -2.57
CA GLU A 620 -68.13 14.82 -3.46
C GLU A 620 -67.74 15.00 -4.94
N ARG A 621 -67.06 16.09 -5.28
CA ARG A 621 -66.62 16.32 -6.66
C ARG A 621 -65.10 16.39 -6.87
N LEU A 622 -64.61 15.65 -7.86
CA LEU A 622 -63.24 15.79 -8.35
C LEU A 622 -63.25 16.34 -9.77
N LEU A 623 -62.55 17.45 -9.99
CA LEU A 623 -62.47 18.06 -11.31
C LEU A 623 -61.01 18.24 -11.74
N MET A 624 -60.61 17.53 -12.79
CA MET A 624 -59.23 17.60 -13.26
C MET A 624 -59.10 18.27 -14.63
N THR A 625 -57.96 18.91 -14.87
CA THR A 625 -57.79 19.74 -16.05
C THR A 625 -56.43 19.54 -16.71
N ALA A 626 -56.33 19.95 -17.97
CA ALA A 626 -55.06 19.91 -18.69
C ALA A 626 -54.98 21.10 -19.66
N ALA A 627 -53.79 21.38 -20.15
CA ALA A 627 -53.58 22.44 -21.11
C ALA A 627 -52.95 21.90 -22.37
N GLN A 628 -53.32 22.46 -23.52
CA GLN A 628 -52.71 22.08 -24.79
C GLN A 628 -51.34 22.72 -24.94
N ASN A 629 -51.23 23.96 -24.47
CA ASN A 629 -49.96 24.65 -24.43
C ASN A 629 -49.67 25.11 -23.01
N ARG A 630 -48.42 24.98 -22.58
CA ARG A 630 -48.01 25.45 -21.26
C ARG A 630 -46.69 26.19 -21.27
N MET A 631 -46.70 27.45 -20.85
CA MET A 631 -45.47 28.20 -20.68
C MET A 631 -44.80 27.84 -19.36
N GLN A 632 -43.51 27.56 -19.42
CA GLN A 632 -42.67 27.50 -18.24
C GLN A 632 -41.48 28.40 -18.50
N PHE A 633 -41.21 29.35 -17.59
CA PHE A 633 -40.00 30.14 -17.69
C PHE A 633 -39.64 30.53 -19.13
N GLY A 634 -40.37 31.50 -19.70
CA GLY A 634 -40.29 31.72 -21.13
C GLY A 634 -41.00 30.70 -22.01
N LYS A 635 -40.28 30.09 -22.95
CA LYS A 635 -40.96 29.51 -24.11
C LYS A 635 -42.19 28.66 -23.83
N THR A 636 -43.24 28.96 -24.56
CA THR A 636 -44.48 28.20 -24.52
C THR A 636 -44.31 26.90 -25.31
N ASN A 637 -44.66 25.79 -24.67
CA ASN A 637 -44.49 24.48 -25.31
C ASN A 637 -45.78 23.67 -25.45
N ALA A 638 -45.78 22.77 -26.42
CA ALA A 638 -46.90 21.86 -26.62
C ALA A 638 -47.06 20.97 -25.40
N ALA A 639 -48.29 20.87 -24.90
CA ALA A 639 -48.58 20.06 -23.73
C ALA A 639 -49.49 18.89 -24.08
N GLU A 640 -49.21 17.74 -23.47
CA GLU A 640 -49.91 16.51 -23.82
C GLU A 640 -50.67 15.96 -22.62
N ASP A 641 -51.80 15.32 -22.88
CA ASP A 641 -52.57 14.67 -21.82
C ASP A 641 -51.72 13.60 -21.15
N SER A 642 -51.98 13.38 -19.86
CA SER A 642 -51.22 12.38 -19.11
C SER A 642 -51.65 10.96 -19.47
N ALA A 643 -50.67 10.06 -19.57
CA ALA A 643 -50.93 8.68 -19.97
C ALA A 643 -51.82 7.97 -18.97
N PHE A 644 -52.05 8.61 -17.83
CA PHE A 644 -52.90 8.06 -16.78
C PHE A 644 -54.38 8.23 -17.06
N LEU A 645 -54.75 9.29 -17.76
CA LEU A 645 -56.13 9.48 -18.18
C LEU A 645 -56.52 8.33 -19.07
N GLU A 646 -55.55 7.81 -19.81
CA GLU A 646 -55.73 6.62 -20.62
C GLU A 646 -56.17 5.46 -19.73
N ASP A 647 -55.53 5.35 -18.58
CA ASP A 647 -55.78 4.24 -17.65
C ASP A 647 -57.20 4.25 -17.11
N ILE A 648 -57.74 5.45 -16.91
CA ILE A 648 -59.10 5.63 -16.39
C ILE A 648 -60.21 5.88 -17.44
N GLU A 649 -59.88 5.75 -18.72
CA GLU A 649 -60.82 6.10 -19.79
C GLU A 649 -62.15 5.35 -19.72
N GLY A 650 -63.21 6.00 -20.17
CA GLY A 650 -64.55 5.45 -20.08
C GLY A 650 -65.05 5.53 -18.66
N LEU A 651 -64.14 5.78 -17.71
CA LEU A 651 -64.52 5.97 -16.29
C LEU A 651 -64.96 7.42 -15.99
N PHE A 652 -64.40 8.41 -16.70
CA PHE A 652 -64.77 9.79 -16.44
C PHE A 652 -65.38 10.40 -17.69
N ASP A 653 -65.78 11.66 -17.53
CA ASP A 653 -66.46 12.46 -18.57
C ASP A 653 -65.66 13.73 -18.86
N THR A 654 -65.16 13.87 -20.09
CA THR A 654 -64.53 15.11 -20.54
C THR A 654 -65.52 16.27 -20.66
N VAL A 655 -65.02 17.50 -20.55
CA VAL A 655 -65.87 18.68 -20.41
C VAL A 655 -65.35 19.87 -21.23
N ASP A 656 -66.25 20.77 -21.62
CA ASP A 656 -65.82 21.98 -22.30
C ASP A 656 -65.65 23.10 -21.27
N PRO A 657 -65.17 24.28 -21.71
CA PRO A 657 -64.91 25.32 -20.71
C PRO A 657 -66.15 25.60 -19.86
N TYR A 658 -67.33 25.27 -20.38
CA TYR A 658 -68.58 25.48 -19.64
C TYR A 658 -69.23 24.28 -18.93
N GLY A 659 -68.63 23.09 -19.01
CA GLY A 659 -69.14 21.94 -18.29
C GLY A 659 -69.81 20.77 -19.02
N GLN A 660 -69.89 20.81 -20.35
CA GLN A 660 -70.49 19.69 -21.10
C GLN A 660 -69.46 18.94 -21.93
N PRO A 661 -69.72 17.64 -22.20
CA PRO A 661 -68.77 16.81 -22.93
C PRO A 661 -68.51 17.29 -24.37
N ILE A 662 -67.26 17.23 -24.80
CA ILE A 662 -66.88 17.66 -26.15
C ILE A 662 -67.03 16.52 -27.16
N ALA B 5 -13.22 118.72 29.66
CA ALA B 5 -12.59 118.83 28.35
C ALA B 5 -11.42 119.80 28.39
N GLY B 6 -11.33 120.67 27.39
CA GLY B 6 -10.34 121.74 27.37
C GLY B 6 -8.89 121.32 27.51
N PRO B 7 -8.41 120.42 26.64
CA PRO B 7 -7.05 119.87 26.65
C PRO B 7 -5.99 120.83 26.09
N ASP B 8 -5.45 121.72 26.92
CA ASP B 8 -4.42 122.64 26.49
C ASP B 8 -3.32 121.86 25.79
N LEU B 9 -2.98 122.28 24.57
CA LEU B 9 -2.00 121.60 23.74
C LEU B 9 -0.62 121.70 24.38
N LEU B 10 -0.36 122.84 25.00
CA LEU B 10 0.96 123.14 25.54
C LEU B 10 1.26 122.36 26.82
N GLN B 11 0.22 121.83 27.44
CA GLN B 11 0.40 121.05 28.67
C GLN B 11 1.06 119.70 28.40
N ALA B 12 0.47 118.91 27.51
CA ALA B 12 0.96 117.57 27.22
C ALA B 12 1.82 117.45 25.95
N LEU B 13 2.06 118.56 25.26
CA LEU B 13 2.84 118.51 24.02
C LEU B 13 3.85 119.64 23.93
N ASN B 14 5.00 119.38 23.31
CA ASN B 14 5.99 120.42 23.09
C ASN B 14 5.53 121.38 21.98
N PRO B 15 6.16 122.56 21.89
CA PRO B 15 5.68 123.66 21.04
C PRO B 15 5.31 123.29 19.59
N THR B 16 6.15 122.53 18.89
CA THR B 16 5.81 122.22 17.49
C THR B 16 4.79 121.09 17.40
N GLN B 17 4.85 120.17 18.36
CA GLN B 17 3.82 119.14 18.46
C GLN B 17 2.48 119.81 18.71
N ALA B 18 2.50 120.91 19.45
CA ALA B 18 1.31 121.68 19.76
C ALA B 18 0.78 122.41 18.54
N GLN B 19 1.67 123.10 17.83
CA GLN B 19 1.26 123.84 16.64
C GLN B 19 0.71 122.91 15.56
N ALA B 20 1.15 121.66 15.56
CA ALA B 20 0.64 120.70 14.60
C ALA B 20 -0.71 120.14 15.04
N ALA B 21 -0.85 119.92 16.35
CA ALA B 21 -2.11 119.44 16.91
C ALA B 21 -3.13 120.57 16.86
N ASP B 22 -2.65 121.77 16.57
CA ASP B 22 -3.53 122.93 16.43
C ASP B 22 -3.95 123.17 14.99
N HIS B 23 -3.33 122.46 14.04
CA HIS B 23 -3.71 122.60 12.64
C HIS B 23 -5.18 122.24 12.51
N PHE B 24 -5.95 123.09 11.86
CA PHE B 24 -7.40 122.92 11.78
C PHE B 24 -7.86 122.56 10.37
N THR B 25 -7.62 123.46 9.42
CA THR B 25 -8.07 123.28 8.04
C THR B 25 -6.91 123.15 7.07
N GLY B 26 -7.17 122.53 5.92
CA GLY B 26 -6.19 122.43 4.86
C GLY B 26 -5.30 121.21 4.97
N PRO B 27 -4.53 120.93 3.90
CA PRO B 27 -3.58 119.81 3.85
C PRO B 27 -2.44 120.00 4.85
N ALA B 28 -2.05 118.94 5.55
CA ALA B 28 -0.93 119.02 6.49
C ALA B 28 -0.10 117.74 6.48
N LEU B 29 1.22 117.92 6.49
CA LEU B 29 2.15 116.80 6.56
C LEU B 29 2.92 116.86 7.85
N VAL B 30 2.83 115.81 8.66
CA VAL B 30 3.63 115.73 9.87
C VAL B 30 4.69 114.66 9.66
N ILE B 31 5.93 115.11 9.50
CA ILE B 31 7.03 114.22 9.14
C ILE B 31 8.13 114.27 10.18
N ALA B 32 8.40 113.14 10.83
CA ALA B 32 9.36 113.07 11.91
C ALA B 32 9.92 111.67 12.09
N GLY B 33 11.03 111.56 12.83
CA GLY B 33 11.68 110.29 13.05
C GLY B 33 10.93 109.39 14.02
N ALA B 34 11.56 108.27 14.38
CA ALA B 34 10.96 107.31 15.29
C ALA B 34 10.78 107.86 16.69
N GLY B 35 9.72 107.43 17.36
CA GLY B 35 9.43 107.85 18.72
C GLY B 35 9.50 109.35 18.92
N SER B 36 9.05 110.10 17.92
CA SER B 36 9.04 111.56 18.00
C SER B 36 7.70 112.12 18.46
N GLY B 37 6.74 111.23 18.70
CA GLY B 37 5.43 111.64 19.16
C GLY B 37 4.43 111.93 18.05
N LYS B 38 4.65 111.33 16.88
CA LYS B 38 3.76 111.54 15.75
C LYS B 38 2.33 111.10 16.06
N THR B 39 2.17 109.84 16.45
CA THR B 39 0.86 109.28 16.72
C THR B 39 0.17 110.01 17.88
N ARG B 40 0.94 110.33 18.90
CA ARG B 40 0.42 111.04 20.06
C ARG B 40 -0.14 112.40 19.67
N THR B 41 0.54 113.07 18.74
CA THR B 41 0.07 114.35 18.23
C THR B 41 -1.24 114.13 17.47
N LEU B 42 -1.28 113.03 16.73
CA LEU B 42 -2.45 112.68 15.93
C LEU B 42 -3.65 112.43 16.83
N ILE B 43 -3.39 111.93 18.03
CA ILE B 43 -4.46 111.65 18.99
C ILE B 43 -4.93 112.92 19.68
N TYR B 44 -3.99 113.82 19.96
CA TYR B 44 -4.33 115.08 20.62
C TYR B 44 -5.04 116.04 19.67
N ARG B 45 -4.70 115.98 18.38
CA ARG B 45 -5.41 116.80 17.40
C ARG B 45 -6.87 116.40 17.34
N ILE B 46 -7.13 115.10 17.34
CA ILE B 46 -8.50 114.60 17.27
C ILE B 46 -9.32 115.12 18.44
N ALA B 47 -8.69 115.22 19.60
CA ALA B 47 -9.35 115.80 20.77
C ALA B 47 -9.47 117.30 20.61
N HIS B 48 -8.49 117.91 19.95
CA HIS B 48 -8.44 119.36 19.83
C HIS B 48 -9.39 119.89 18.75
N LEU B 49 -9.75 119.04 17.81
CA LEU B 49 -10.72 119.40 16.78
C LEU B 49 -12.10 119.47 17.41
N ILE B 50 -12.38 118.52 18.29
CA ILE B 50 -13.67 118.40 18.94
C ILE B 50 -13.89 119.45 20.04
N GLY B 51 -12.91 119.58 20.93
CA GLY B 51 -13.05 120.44 22.10
C GLY B 51 -12.82 121.92 21.87
N HIS B 52 -11.91 122.24 20.94
CA HIS B 52 -11.57 123.63 20.67
C HIS B 52 -12.33 124.18 19.46
N TYR B 53 -12.11 123.57 18.30
CA TYR B 53 -12.78 123.99 17.06
C TYR B 53 -14.18 123.41 16.91
N GLY B 54 -14.59 122.59 17.87
CA GLY B 54 -15.96 122.08 17.91
C GLY B 54 -16.37 121.17 16.77
N VAL B 55 -15.39 120.54 16.12
CA VAL B 55 -15.69 119.57 15.08
C VAL B 55 -16.48 118.41 15.70
N HIS B 56 -17.50 117.94 14.98
CA HIS B 56 -18.28 116.80 15.47
C HIS B 56 -17.52 115.51 15.20
N PRO B 57 -17.50 114.61 16.18
CA PRO B 57 -16.80 113.32 16.06
C PRO B 57 -17.16 112.61 14.76
N GLY B 58 -18.43 112.68 14.38
CA GLY B 58 -18.91 111.99 13.19
C GLY B 58 -18.34 112.54 11.89
N GLU B 59 -17.65 113.67 11.98
CA GLU B 59 -17.02 114.25 10.80
C GLU B 59 -15.59 113.78 10.63
N ILE B 60 -15.05 113.12 11.65
CA ILE B 60 -13.63 112.79 11.68
C ILE B 60 -13.34 111.36 11.22
N LEU B 61 -12.36 111.24 10.34
CA LEU B 61 -11.87 109.93 9.93
C LEU B 61 -10.38 109.82 10.24
N ALA B 62 -10.00 108.73 10.90
CA ALA B 62 -8.59 108.44 11.16
C ALA B 62 -8.29 107.02 10.72
N VAL B 63 -7.34 106.87 9.80
CA VAL B 63 -7.05 105.56 9.26
C VAL B 63 -5.57 105.19 9.32
N THR B 64 -5.31 103.97 9.77
CA THR B 64 -3.96 103.44 9.89
C THR B 64 -3.86 102.11 9.16
N PHE B 65 -2.74 101.43 9.35
CA PHE B 65 -2.58 100.12 8.72
C PHE B 65 -3.06 98.93 9.55
N THR B 66 -2.47 98.72 10.72
CA THR B 66 -2.87 97.62 11.58
C THR B 66 -3.94 98.03 12.59
N ASN B 67 -4.86 97.11 12.89
CA ASN B 67 -5.99 97.39 13.78
C ASN B 67 -5.58 97.54 15.25
N LYS B 68 -4.30 97.28 15.54
CA LYS B 68 -3.76 97.48 16.88
C LYS B 68 -3.65 98.96 17.23
N ALA B 69 -3.21 99.78 16.28
CA ALA B 69 -3.10 101.21 16.50
C ALA B 69 -4.48 101.87 16.47
N ALA B 70 -5.38 101.25 15.70
CA ALA B 70 -6.73 101.76 15.55
C ALA B 70 -7.48 101.80 16.87
N ALA B 71 -7.38 100.71 17.64
CA ALA B 71 -8.01 100.66 18.95
C ALA B 71 -7.23 101.52 19.92
N GLU B 72 -5.92 101.52 19.78
CA GLU B 72 -5.04 102.31 20.62
C GLU B 72 -5.53 103.75 20.64
N MET B 73 -5.75 104.31 19.45
CA MET B 73 -6.13 105.71 19.31
C MET B 73 -7.58 105.98 19.73
N ARG B 74 -8.47 105.04 19.46
CA ARG B 74 -9.86 105.18 19.88
C ARG B 74 -9.92 105.52 21.37
N GLU B 75 -9.49 104.58 22.19
CA GLU B 75 -9.46 104.76 23.64
C GLU B 75 -8.55 105.91 24.03
N ARG B 76 -7.41 106.03 23.33
CA ARG B 76 -6.41 107.04 23.65
C ARG B 76 -6.98 108.45 23.69
N ALA B 77 -7.89 108.73 22.77
CA ALA B 77 -8.53 110.05 22.75
C ALA B 77 -9.55 110.16 23.88
N GLY B 78 -10.18 109.03 24.20
CA GLY B 78 -11.30 108.99 25.13
C GLY B 78 -11.10 109.57 26.52
N HIS B 79 -10.10 109.09 27.24
CA HIS B 79 -9.86 109.58 28.59
C HIS B 79 -9.48 111.06 28.55
N LEU B 80 -9.30 111.57 27.34
CA LEU B 80 -9.27 113.00 27.10
C LEU B 80 -10.67 113.41 26.67
N VAL B 81 -11.06 112.95 25.50
CA VAL B 81 -12.36 113.27 24.89
C VAL B 81 -13.26 112.06 24.66
N PRO B 82 -14.46 112.08 25.27
CA PRO B 82 -15.47 111.03 25.04
C PRO B 82 -15.89 110.97 23.58
N GLY B 83 -16.53 109.88 23.19
CA GLY B 83 -16.98 109.71 21.81
C GLY B 83 -15.94 109.00 20.97
N ALA B 84 -15.08 108.22 21.62
CA ALA B 84 -14.14 107.38 20.91
C ALA B 84 -14.97 106.50 19.97
N GLY B 85 -16.17 106.16 20.42
CA GLY B 85 -17.09 105.33 19.66
C GLY B 85 -17.81 106.07 18.55
N ASP B 86 -17.80 107.39 18.62
CA ASP B 86 -18.41 108.24 17.61
C ASP B 86 -17.44 108.51 16.48
N LEU B 87 -16.17 108.20 16.68
CA LEU B 87 -15.12 108.40 15.68
C LEU B 87 -15.03 107.24 14.71
N TRP B 88 -14.74 107.53 13.45
CA TRP B 88 -14.53 106.48 12.47
C TRP B 88 -13.04 106.23 12.45
N MET B 89 -12.62 105.11 13.03
CA MET B 89 -11.20 104.78 13.12
C MET B 89 -10.98 103.31 12.79
N SER B 90 -10.26 103.05 11.71
CA SER B 90 -9.93 101.69 11.31
C SER B 90 -8.88 101.71 10.21
N THR B 91 -8.61 100.56 9.62
CA THR B 91 -7.66 100.48 8.51
C THR B 91 -8.32 100.92 7.20
N PHE B 92 -7.53 100.98 6.14
CA PHE B 92 -8.05 101.32 4.81
C PHE B 92 -8.98 100.24 4.33
N HIS B 93 -8.65 99.00 4.66
CA HIS B 93 -9.42 97.85 4.22
C HIS B 93 -10.70 97.68 5.03
N SER B 94 -10.66 98.07 6.30
CA SER B 94 -11.86 98.04 7.13
C SER B 94 -12.84 99.13 6.68
N ALA B 95 -12.29 100.30 6.36
CA ALA B 95 -13.09 101.36 5.77
C ALA B 95 -13.66 100.86 4.45
N GLY B 96 -12.79 100.24 3.65
CA GLY B 96 -13.18 99.69 2.37
C GLY B 96 -14.42 98.83 2.47
N VAL B 97 -14.43 97.93 3.45
CA VAL B 97 -15.61 97.13 3.73
C VAL B 97 -16.83 97.99 4.04
N ARG B 98 -16.77 98.76 5.12
CA ARG B 98 -17.91 99.56 5.57
C ARG B 98 -18.52 100.36 4.43
N ILE B 99 -17.67 100.98 3.62
CA ILE B 99 -18.15 101.76 2.47
C ILE B 99 -18.86 100.88 1.46
N LEU B 100 -18.19 99.80 1.06
CA LEU B 100 -18.72 98.89 0.05
C LEU B 100 -19.89 98.04 0.56
N ARG B 101 -20.04 97.96 1.87
CA ARG B 101 -21.17 97.25 2.46
C ARG B 101 -22.41 98.13 2.39
N THR B 102 -22.21 99.43 2.55
CA THR B 102 -23.29 100.39 2.43
C THR B 102 -23.59 100.69 0.96
N TYR B 103 -22.55 100.91 0.16
CA TYR B 103 -22.72 101.26 -1.27
C TYR B 103 -22.51 100.18 -2.35
N GLY B 104 -22.15 98.96 -1.96
CA GLY B 104 -21.80 97.94 -2.94
C GLY B 104 -22.79 97.71 -4.08
N GLU B 105 -24.07 97.91 -3.81
CA GLU B 105 -25.13 97.66 -4.80
C GLU B 105 -25.12 98.64 -5.97
N HIS B 106 -24.28 99.66 -5.88
CA HIS B 106 -24.12 100.61 -6.98
C HIS B 106 -23.23 100.04 -8.10
N ILE B 107 -22.18 99.31 -7.72
CA ILE B 107 -21.22 98.81 -8.72
C ILE B 107 -21.31 97.36 -9.21
N GLY B 108 -22.33 96.64 -8.79
CA GLY B 108 -22.56 95.29 -9.29
C GLY B 108 -22.17 94.26 -8.27
N LEU B 109 -21.88 94.76 -7.07
CA LEU B 109 -21.64 93.92 -5.92
C LEU B 109 -22.98 93.77 -5.22
N ARG B 110 -23.52 92.56 -5.28
CA ARG B 110 -24.86 92.29 -4.82
C ARG B 110 -24.87 91.83 -3.36
N ARG B 111 -26.03 91.37 -2.92
CA ARG B 111 -26.11 90.67 -1.65
C ARG B 111 -25.28 89.41 -1.76
N GLY B 112 -24.53 89.10 -0.71
CA GLY B 112 -23.74 87.88 -0.70
C GLY B 112 -22.40 87.98 -1.39
N PHE B 113 -21.91 89.20 -1.60
CA PHE B 113 -20.52 89.35 -2.04
C PHE B 113 -19.64 88.87 -0.88
N VAL B 114 -18.71 87.98 -1.18
CA VAL B 114 -17.95 87.31 -0.14
C VAL B 114 -16.65 88.04 0.14
N ILE B 115 -15.95 87.60 1.18
CA ILE B 115 -14.61 88.06 1.43
C ILE B 115 -13.79 86.81 1.21
N TYR B 116 -13.11 86.74 0.06
CA TYR B 116 -12.40 85.53 -0.26
C TYR B 116 -11.02 85.67 0.39
N ASP B 117 -10.74 84.75 1.30
CA ASP B 117 -9.52 84.82 2.08
C ASP B 117 -8.31 84.52 1.20
N ASP B 118 -7.12 84.91 1.64
CA ASP B 118 -5.90 84.59 0.90
C ASP B 118 -5.85 83.11 0.50
N ASP B 119 -5.81 82.23 1.48
CA ASP B 119 -5.78 80.80 1.19
C ASP B 119 -6.91 80.44 0.24
N ASP B 120 -8.06 81.06 0.45
CA ASP B 120 -9.25 80.84 -0.36
C ASP B 120 -9.05 81.18 -1.85
N GLN B 121 -8.32 82.25 -2.13
CA GLN B 121 -8.16 82.69 -3.51
C GLN B 121 -7.24 81.79 -4.35
N LEU B 122 -6.66 80.77 -3.73
CA LEU B 122 -5.86 79.78 -4.45
C LEU B 122 -6.71 78.83 -5.30
N ASP B 123 -7.76 78.27 -4.72
CA ASP B 123 -8.60 77.31 -5.43
C ASP B 123 -9.16 77.95 -6.71
N ILE B 124 -9.35 79.26 -6.66
CA ILE B 124 -9.79 80.03 -7.81
C ILE B 124 -8.74 79.96 -8.91
N ILE B 125 -7.49 80.28 -8.55
CA ILE B 125 -6.39 80.25 -9.50
C ILE B 125 -6.19 78.84 -10.07
N LYS B 126 -6.16 77.84 -9.21
CA LYS B 126 -6.02 76.46 -9.67
C LYS B 126 -7.08 76.09 -10.70
N GLU B 127 -8.28 76.68 -10.54
CA GLU B 127 -9.39 76.34 -11.41
C GLU B 127 -9.36 77.11 -12.74
N VAL B 128 -8.65 78.24 -12.76
CA VAL B 128 -8.39 78.94 -14.03
C VAL B 128 -7.17 78.42 -14.80
N MET B 129 -6.15 77.94 -14.09
CA MET B 129 -4.87 77.59 -14.71
C MET B 129 -4.95 76.57 -15.85
N GLY B 130 -5.93 75.67 -15.78
CA GLY B 130 -6.07 74.65 -16.80
C GLY B 130 -6.43 75.26 -18.14
N SER B 131 -7.14 76.37 -18.11
CA SER B 131 -7.68 76.98 -19.31
C SER B 131 -6.64 77.82 -20.04
N ILE B 132 -5.60 78.23 -19.31
CA ILE B 132 -4.63 79.20 -19.80
C ILE B 132 -3.39 78.63 -20.46
N PRO B 133 -2.93 79.28 -21.55
CA PRO B 133 -1.72 78.88 -22.27
C PRO B 133 -0.41 79.10 -21.52
N GLY B 134 -0.29 80.18 -20.75
CA GLY B 134 0.95 80.37 -20.02
C GLY B 134 0.99 79.22 -19.05
N ILE B 135 2.01 78.37 -19.19
CA ILE B 135 2.10 77.24 -18.30
C ILE B 135 3.44 77.05 -17.66
N GLY B 136 3.35 76.51 -16.47
CA GLY B 136 4.33 75.59 -15.96
C GLY B 136 3.25 74.81 -15.24
N ALA B 137 3.37 73.50 -15.25
CA ALA B 137 2.40 72.66 -14.56
C ALA B 137 3.06 72.75 -13.21
N GLU B 138 4.25 73.32 -13.29
CA GLU B 138 5.09 73.62 -12.17
C GLU B 138 4.90 75.02 -11.59
N THR B 139 4.23 75.92 -12.30
CA THR B 139 4.11 77.28 -11.76
C THR B 139 3.10 77.34 -10.62
N GLN B 140 3.57 77.73 -9.44
CA GLN B 140 2.72 77.70 -8.25
C GLN B 140 1.61 78.76 -8.33
N PRO B 141 0.38 78.34 -8.01
CA PRO B 141 -0.73 79.30 -7.99
C PRO B 141 -0.39 80.56 -7.20
N ARG B 142 0.30 80.40 -6.07
CA ARG B 142 0.63 81.54 -5.21
C ARG B 142 1.54 82.55 -5.91
N VAL B 143 2.22 82.11 -6.96
CA VAL B 143 3.03 83.03 -7.76
C VAL B 143 2.10 83.93 -8.56
N ILE B 144 1.06 83.33 -9.12
CA ILE B 144 0.06 84.09 -9.88
C ILE B 144 -0.67 85.07 -8.98
N ARG B 145 -0.93 84.67 -7.74
CA ARG B 145 -1.58 85.54 -6.77
C ARG B 145 -0.68 86.73 -6.44
N GLY B 146 0.62 86.48 -6.35
CA GLY B 146 1.58 87.53 -6.09
C GLY B 146 1.43 88.62 -7.13
N ILE B 147 1.35 88.20 -8.39
CA ILE B 147 1.15 89.12 -9.50
C ILE B 147 -0.14 89.91 -9.34
N ILE B 148 -1.24 89.20 -9.12
CA ILE B 148 -2.55 89.84 -9.02
C ILE B 148 -2.64 90.82 -7.87
N ASP B 149 -2.42 90.34 -6.66
CA ASP B 149 -2.53 91.19 -5.47
C ASP B 149 -1.71 92.46 -5.61
N ARG B 150 -0.47 92.30 -6.03
CA ARG B 150 0.43 93.43 -6.18
C ARG B 150 -0.05 94.37 -7.29
N ALA B 151 -0.72 93.80 -8.29
CA ALA B 151 -1.23 94.58 -9.40
C ALA B 151 -2.36 95.51 -8.95
N LYS B 152 -3.24 95.00 -8.10
CA LYS B 152 -4.32 95.80 -7.53
C LYS B 152 -3.78 96.72 -6.45
N SER B 153 -2.58 96.41 -5.96
CA SER B 153 -1.90 97.30 -5.03
C SER B 153 -1.37 98.51 -5.79
N ASN B 154 -1.07 98.30 -7.06
CA ASN B 154 -0.66 99.39 -7.95
C ASN B 154 -1.86 99.99 -8.68
N LEU B 155 -3.03 99.42 -8.44
CA LEU B 155 -4.28 99.90 -9.03
C LEU B 155 -4.33 99.69 -10.55
N TRP B 156 -3.78 98.57 -11.02
CA TRP B 156 -3.76 98.24 -12.45
C TRP B 156 -4.88 97.29 -12.87
N THR B 157 -5.41 97.49 -14.08
CA THR B 157 -6.33 96.54 -14.68
C THR B 157 -5.56 95.49 -15.48
N PRO B 158 -6.22 94.36 -15.81
CA PRO B 158 -5.56 93.36 -16.66
C PRO B 158 -4.97 93.99 -17.92
N ASP B 159 -5.62 95.03 -18.43
CA ASP B 159 -5.12 95.74 -19.60
C ASP B 159 -3.86 96.54 -19.25
N ASP B 160 -3.82 97.13 -18.07
CA ASP B 160 -2.63 97.84 -17.62
C ASP B 160 -1.48 96.86 -17.38
N LEU B 161 -1.83 95.60 -17.14
CA LEU B 161 -0.85 94.56 -16.91
C LEU B 161 -0.23 94.08 -18.22
N ASP B 162 -0.97 94.24 -19.31
CA ASP B 162 -0.46 93.90 -20.63
C ASP B 162 0.69 94.84 -20.97
N ARG B 163 0.59 96.06 -20.44
CA ARG B 163 1.54 97.13 -20.77
C ARG B 163 2.67 97.44 -19.75
N SER B 164 2.79 96.65 -18.68
CA SER B 164 3.87 96.82 -17.69
C SER B 164 5.28 96.65 -18.26
N ARG B 165 6.25 97.32 -17.64
CA ARG B 165 7.65 97.35 -18.09
C ARG B 165 8.21 95.96 -18.43
N GLU B 166 8.30 95.10 -17.43
CA GLU B 166 8.89 93.77 -17.59
C GLU B 166 8.08 92.84 -18.49
N PRO B 167 8.76 92.21 -19.45
CA PRO B 167 8.25 91.18 -20.36
C PRO B 167 7.96 89.87 -19.63
N PHE B 168 8.56 89.73 -18.45
CA PHE B 168 8.28 88.60 -17.56
C PHE B 168 8.01 89.08 -16.15
N ILE B 169 7.00 88.51 -15.51
CA ILE B 169 6.65 88.86 -14.14
C ILE B 169 6.80 87.63 -13.26
N SER B 170 7.64 87.73 -12.23
CA SER B 170 8.00 86.55 -11.46
C SER B 170 8.62 85.55 -12.43
N GLY B 171 7.98 84.41 -12.63
CA GLY B 171 8.47 83.46 -13.60
C GLY B 171 7.75 83.46 -14.95
N LEU B 172 6.84 84.43 -15.21
CA LEU B 172 5.88 84.31 -16.35
C LEU B 172 5.87 85.34 -17.51
N PRO B 173 5.37 84.92 -18.69
CA PRO B 173 5.22 85.86 -19.82
C PRO B 173 4.17 86.90 -19.50
N ARG B 174 4.46 88.16 -19.80
CA ARG B 174 3.62 89.27 -19.40
C ARG B 174 2.15 89.07 -19.73
N ASP B 175 1.87 88.61 -20.95
CA ASP B 175 0.49 88.46 -21.40
C ASP B 175 -0.21 87.22 -20.83
N ALA B 176 0.56 86.20 -20.49
CA ALA B 176 -0.01 85.02 -19.84
C ALA B 176 -0.59 85.41 -18.49
N ALA B 177 0.26 85.98 -17.64
CA ALA B 177 -0.14 86.41 -16.31
C ALA B 177 -1.34 87.34 -16.38
N ALA B 178 -1.27 88.33 -17.25
CA ALA B 178 -2.36 89.29 -17.44
C ALA B 178 -3.67 88.56 -17.73
N GLU B 179 -3.58 87.54 -18.58
CA GLU B 179 -4.75 86.77 -18.97
C GLU B 179 -5.32 85.98 -17.80
N ALA B 180 -4.44 85.46 -16.94
CA ALA B 180 -4.88 84.76 -15.75
C ALA B 180 -5.71 85.70 -14.88
N TYR B 181 -5.19 86.91 -14.71
CA TYR B 181 -5.83 87.95 -13.92
C TYR B 181 -7.12 88.40 -14.60
N ARG B 182 -7.19 88.22 -15.91
CA ARG B 182 -8.39 88.56 -16.67
C ARG B 182 -9.46 87.48 -16.55
N ARG B 183 -9.04 86.22 -16.42
CA ARG B 183 -10.00 85.13 -16.23
C ARG B 183 -10.25 84.88 -14.74
N TYR B 184 -9.41 85.46 -13.88
CA TYR B 184 -9.60 85.38 -12.45
C TYR B 184 -10.76 86.28 -12.07
N GLU B 185 -10.71 87.50 -12.59
CA GLU B 185 -11.77 88.48 -12.41
C GLU B 185 -13.14 87.98 -12.86
N VAL B 186 -13.22 87.46 -14.08
CA VAL B 186 -14.50 87.02 -14.60
C VAL B 186 -15.15 85.93 -13.77
N ARG B 187 -14.31 85.06 -13.19
CA ARG B 187 -14.81 83.92 -12.41
C ARG B 187 -15.29 84.37 -11.04
N LYS B 188 -14.48 85.18 -10.38
CA LYS B 188 -14.78 85.68 -9.05
C LYS B 188 -15.93 86.68 -9.08
N LYS B 189 -15.97 87.48 -10.13
CA LYS B 189 -17.05 88.44 -10.33
C LYS B 189 -18.39 87.76 -10.56
N GLY B 190 -18.34 86.57 -11.18
CA GLY B 190 -19.56 85.83 -11.49
C GLY B 190 -20.02 85.02 -10.31
N GLN B 191 -19.18 84.96 -9.29
CA GLN B 191 -19.55 84.33 -8.04
C GLN B 191 -20.03 85.40 -7.04
N ASN B 192 -20.12 86.64 -7.52
CA ASN B 192 -20.38 87.78 -6.64
C ASN B 192 -19.41 87.71 -5.46
N ALA B 193 -18.13 87.85 -5.75
CA ALA B 193 -17.08 87.70 -4.76
C ALA B 193 -16.00 88.75 -4.94
N ILE B 194 -15.45 89.27 -3.84
CA ILE B 194 -14.34 90.21 -3.93
C ILE B 194 -13.20 89.86 -2.97
N ASP B 195 -11.97 90.11 -3.41
CA ASP B 195 -10.80 89.77 -2.61
C ASP B 195 -10.26 90.98 -1.83
N PHE B 196 -9.15 90.77 -1.15
CA PHE B 196 -8.54 91.80 -0.30
C PHE B 196 -8.32 93.12 -1.04
N GLY B 197 -7.60 93.06 -2.16
CA GLY B 197 -7.26 94.25 -2.91
C GLY B 197 -8.48 95.04 -3.36
N ASP B 198 -9.52 94.31 -3.75
CA ASP B 198 -10.74 94.93 -4.24
C ASP B 198 -11.31 95.90 -3.22
N LEU B 199 -11.18 95.56 -1.95
CA LEU B 199 -11.73 96.39 -0.88
C LEU B 199 -11.21 97.82 -1.00
N ILE B 200 -10.10 97.97 -1.71
CA ILE B 200 -9.55 99.29 -2.01
C ILE B 200 -9.91 99.74 -3.43
N THR B 201 -9.43 98.99 -4.43
CA THR B 201 -9.65 99.36 -5.82
C THR B 201 -11.13 99.53 -6.20
N GLU B 202 -11.99 98.71 -5.63
CA GLU B 202 -13.41 98.77 -5.93
C GLU B 202 -14.07 100.00 -5.30
N THR B 203 -13.51 100.46 -4.19
CA THR B 203 -13.98 101.68 -3.54
C THR B 203 -13.54 102.87 -4.37
N VAL B 204 -12.30 102.85 -4.82
CA VAL B 204 -11.78 103.87 -5.72
C VAL B 204 -12.60 103.90 -7.00
N ARG B 205 -13.11 102.74 -7.39
CA ARG B 205 -13.94 102.63 -8.58
C ARG B 205 -15.33 103.16 -8.31
N LEU B 206 -15.73 103.13 -7.04
CA LEU B 206 -17.05 103.59 -6.62
C LEU B 206 -17.15 105.11 -6.61
N PHE B 207 -16.05 105.77 -6.24
CA PHE B 207 -16.04 107.23 -6.16
C PHE B 207 -15.87 107.91 -7.51
N LYS B 208 -15.06 107.32 -8.38
CA LYS B 208 -14.89 107.85 -9.72
C LYS B 208 -16.20 107.76 -10.51
N GLU B 209 -16.88 106.61 -10.42
CA GLU B 209 -18.07 106.36 -11.23
C GLU B 209 -19.34 107.06 -10.75
N VAL B 210 -19.60 107.01 -9.45
CA VAL B 210 -20.80 107.63 -8.89
C VAL B 210 -20.40 108.71 -7.91
N PRO B 211 -20.16 109.93 -8.42
CA PRO B 211 -19.62 111.07 -7.67
C PRO B 211 -20.54 111.48 -6.52
N GLY B 212 -21.83 111.20 -6.66
CA GLY B 212 -22.81 111.56 -5.64
C GLY B 212 -22.66 110.72 -4.39
N VAL B 213 -22.07 109.54 -4.55
CA VAL B 213 -21.82 108.67 -3.40
C VAL B 213 -20.62 109.18 -2.62
N LEU B 214 -19.54 109.50 -3.33
CA LEU B 214 -18.35 110.08 -2.73
C LEU B 214 -18.73 111.30 -1.92
N ASP B 215 -19.58 112.14 -2.49
CA ASP B 215 -20.03 113.36 -1.84
C ASP B 215 -20.66 113.07 -0.49
N LYS B 216 -21.54 112.07 -0.44
CA LYS B 216 -22.20 111.69 0.79
C LYS B 216 -21.24 111.12 1.82
N VAL B 217 -20.21 110.43 1.34
CA VAL B 217 -19.21 109.84 2.22
C VAL B 217 -18.30 110.91 2.82
N GLN B 218 -17.90 111.87 1.99
CA GLN B 218 -16.99 112.93 2.43
C GLN B 218 -17.59 113.77 3.56
N ASN B 219 -18.90 113.61 3.79
CA ASN B 219 -19.55 114.27 4.92
C ASN B 219 -19.14 113.59 6.21
N LYS B 220 -18.95 112.28 6.14
CA LYS B 220 -18.42 111.52 7.27
C LYS B 220 -16.90 111.66 7.41
N ALA B 221 -16.17 111.79 6.32
CA ALA B 221 -14.79 112.25 6.49
C ALA B 221 -14.66 113.64 5.88
N LYS B 222 -14.77 114.63 6.75
CA LYS B 222 -14.42 116.01 6.45
C LYS B 222 -12.95 116.24 6.79
N PHE B 223 -12.56 115.72 7.94
CA PHE B 223 -11.22 115.89 8.48
C PHE B 223 -10.55 114.52 8.51
N ILE B 224 -9.51 114.38 7.71
CA ILE B 224 -8.93 113.06 7.44
C ILE B 224 -7.52 112.91 8.01
N HIS B 225 -7.36 111.93 8.89
CA HIS B 225 -6.05 111.63 9.48
C HIS B 225 -5.51 110.32 8.94
N VAL B 226 -4.23 110.29 8.60
CA VAL B 226 -3.59 109.03 8.21
C VAL B 226 -2.25 108.80 8.89
N ASP B 227 -2.19 107.80 9.77
CA ASP B 227 -0.93 107.37 10.36
C ASP B 227 -0.19 106.36 9.46
N GLU B 228 1.13 106.31 9.58
CA GLU B 228 1.96 105.35 8.84
C GLU B 228 1.83 105.54 7.33
N TYR B 229 1.73 106.79 6.89
CA TYR B 229 1.51 107.10 5.48
C TYR B 229 2.67 106.64 4.58
N GLN B 230 3.81 106.35 5.19
CA GLN B 230 4.97 105.89 4.44
C GLN B 230 4.75 104.49 3.88
N ASP B 231 3.83 103.76 4.49
CA ASP B 231 3.51 102.40 4.04
C ASP B 231 2.28 102.26 3.12
N THR B 232 1.69 103.38 2.72
CA THR B 232 0.54 103.35 1.82
C THR B 232 0.90 103.10 0.34
N ASN B 233 0.20 102.19 -0.31
CA ASN B 233 0.43 101.91 -1.73
C ASN B 233 -0.30 102.86 -2.66
N ARG B 234 -0.18 102.64 -3.96
CA ARG B 234 -0.79 103.54 -4.95
C ARG B 234 -2.31 103.58 -4.85
N ALA B 235 -2.91 102.42 -4.59
CA ALA B 235 -4.35 102.33 -4.42
C ALA B 235 -4.81 103.19 -3.24
N GLN B 236 -4.21 102.93 -2.08
CA GLN B 236 -4.53 103.67 -0.87
C GLN B 236 -4.42 105.17 -1.08
N TYR B 237 -3.33 105.61 -1.73
CA TYR B 237 -3.18 107.02 -2.06
C TYR B 237 -4.37 107.52 -2.87
N GLU B 238 -4.71 106.80 -3.93
CA GLU B 238 -5.79 107.19 -4.82
C GLU B 238 -7.12 107.29 -4.08
N LEU B 239 -7.36 106.37 -3.14
CA LEU B 239 -8.54 106.44 -2.31
C LEU B 239 -8.48 107.69 -1.43
N THR B 240 -7.32 107.94 -0.86
CA THR B 240 -7.10 109.09 0.01
C THR B 240 -7.36 110.40 -0.72
N ARG B 241 -6.69 110.58 -1.85
CA ARG B 241 -6.84 111.80 -2.64
C ARG B 241 -8.31 112.09 -2.96
N LEU B 242 -9.07 111.03 -3.22
CA LEU B 242 -10.48 111.17 -3.55
C LEU B 242 -11.34 111.60 -2.36
N LEU B 243 -10.97 111.12 -1.18
CA LEU B 243 -11.70 111.47 0.03
C LEU B 243 -11.41 112.90 0.48
N ALA B 244 -10.19 113.37 0.20
CA ALA B 244 -9.79 114.71 0.59
C ALA B 244 -10.31 115.74 -0.40
N SER B 245 -10.48 115.31 -1.64
CA SER B 245 -10.60 116.22 -2.77
C SER B 245 -11.61 117.35 -2.60
N ARG B 246 -12.64 117.11 -1.80
CA ARG B 246 -13.66 118.13 -1.62
C ARG B 246 -13.19 119.22 -0.65
N ASP B 247 -13.08 118.89 0.63
CA ASP B 247 -12.67 119.88 1.63
C ASP B 247 -11.15 120.00 1.86
N ARG B 248 -10.39 119.00 1.42
CA ARG B 248 -8.93 118.97 1.55
C ARG B 248 -8.41 119.21 2.97
N ASN B 249 -9.06 118.53 3.91
CA ASN B 249 -8.72 118.56 5.33
C ASN B 249 -7.74 117.44 5.75
N LEU B 250 -7.15 116.81 4.74
CA LEU B 250 -6.24 115.68 4.90
C LEU B 250 -4.92 116.03 5.58
N LEU B 251 -4.68 115.37 6.73
CA LEU B 251 -3.46 115.53 7.50
C LEU B 251 -2.82 114.15 7.66
N VAL B 252 -1.68 113.94 7.00
CA VAL B 252 -1.00 112.66 7.05
C VAL B 252 0.26 112.73 7.90
N VAL B 253 0.58 111.62 8.55
CA VAL B 253 1.75 111.53 9.39
C VAL B 253 2.61 110.36 8.92
N GLY B 254 3.92 110.50 9.01
CA GLY B 254 4.79 109.41 8.58
C GLY B 254 6.27 109.61 8.79
N ASP B 255 7.04 108.55 8.54
CA ASP B 255 8.49 108.64 8.53
C ASP B 255 8.98 107.81 7.33
N PRO B 256 9.92 108.35 6.54
CA PRO B 256 10.49 107.60 5.41
C PRO B 256 11.48 106.52 5.85
N ASP B 257 12.11 106.74 7.00
CA ASP B 257 13.07 105.78 7.52
C ASP B 257 12.35 104.50 7.95
N GLN B 258 11.05 104.63 8.17
CA GLN B 258 10.24 103.52 8.65
C GLN B 258 9.47 102.76 7.58
N SER B 259 9.72 103.02 6.30
CA SER B 259 8.86 102.41 5.30
C SER B 259 9.39 101.01 4.95
N ILE B 260 8.70 100.03 5.51
CA ILE B 260 9.08 98.62 5.39
C ILE B 260 8.22 97.74 4.45
N TYR B 261 7.17 98.32 3.85
CA TYR B 261 6.21 97.51 3.07
C TYR B 261 6.42 97.43 1.55
N LYS B 262 7.54 97.96 1.06
CA LYS B 262 7.78 98.04 -0.39
C LYS B 262 7.42 96.74 -1.11
N PHE B 263 7.72 95.60 -0.50
CA PHE B 263 7.48 94.30 -1.12
C PHE B 263 6.01 94.13 -1.52
N ARG B 264 5.11 94.72 -0.74
CA ARG B 264 3.69 94.63 -1.03
C ARG B 264 3.18 95.83 -1.84
N GLY B 265 4.09 96.69 -2.26
CA GLY B 265 3.73 97.84 -3.07
C GLY B 265 3.70 99.18 -2.37
N ALA B 266 4.30 99.25 -1.18
CA ALA B 266 4.41 100.52 -0.47
C ALA B 266 5.17 101.54 -1.31
N ASP B 267 4.68 102.78 -1.32
CA ASP B 267 5.28 103.84 -2.12
C ASP B 267 5.91 104.88 -1.20
N ILE B 268 7.24 104.94 -1.19
CA ILE B 268 7.93 105.90 -0.34
C ILE B 268 7.74 107.31 -0.89
N GLN B 269 7.36 107.39 -2.16
CA GLN B 269 7.17 108.67 -2.83
C GLN B 269 5.89 109.35 -2.37
N ASN B 270 4.97 108.59 -1.81
CA ASN B 270 3.70 109.15 -1.36
C ASN B 270 3.85 110.13 -0.19
N ILE B 271 4.72 109.79 0.75
CA ILE B 271 5.01 110.70 1.87
C ILE B 271 6.03 111.78 1.51
N LEU B 272 6.95 111.46 0.62
CA LEU B 272 7.98 112.41 0.22
C LEU B 272 7.52 113.41 -0.85
N ASP B 273 6.44 113.07 -1.55
CA ASP B 273 5.86 113.98 -2.54
C ASP B 273 4.61 114.75 -2.07
N PHE B 274 4.24 114.59 -0.81
CA PHE B 274 2.96 115.12 -0.31
C PHE B 274 2.66 116.58 -0.65
N GLN B 275 3.68 117.43 -0.67
CA GLN B 275 3.44 118.85 -0.95
C GLN B 275 3.52 119.17 -2.44
N LYS B 276 4.01 118.22 -3.22
CA LYS B 276 3.98 118.36 -4.68
C LYS B 276 2.56 118.07 -5.15
N ASP B 277 1.88 117.19 -4.42
CA ASP B 277 0.47 116.92 -4.65
C ASP B 277 -0.42 117.96 -3.98
N TYR B 278 0.06 118.50 -2.86
CA TYR B 278 -0.67 119.52 -2.12
C TYR B 278 0.25 120.68 -1.76
N PRO B 279 0.43 121.62 -2.71
CA PRO B 279 1.35 122.73 -2.56
C PRO B 279 1.02 123.59 -1.34
N ASP B 280 -0.26 123.60 -0.97
CA ASP B 280 -0.74 124.47 0.10
C ASP B 280 -0.73 123.81 1.49
N ALA B 281 -0.19 122.61 1.56
CA ALA B 281 -0.07 121.90 2.83
C ALA B 281 0.87 122.63 3.80
N LYS B 282 0.67 122.42 5.10
CA LYS B 282 1.60 122.91 6.11
C LYS B 282 2.52 121.77 6.53
N VAL B 283 3.78 122.09 6.79
CA VAL B 283 4.78 121.07 7.11
C VAL B 283 5.33 121.22 8.53
N TYR B 284 5.04 120.24 9.38
CA TYR B 284 5.53 120.24 10.75
C TYR B 284 6.60 119.16 10.94
N MET B 285 7.73 119.54 11.53
CA MET B 285 8.82 118.61 11.77
C MET B 285 9.14 118.45 13.25
N LEU B 286 9.22 117.20 13.71
CA LEU B 286 9.54 116.90 15.11
C LEU B 286 10.98 116.37 15.20
N GLU B 287 11.82 117.02 16.00
CA GLU B 287 13.22 116.62 16.11
C GLU B 287 13.57 115.77 17.34
N HIS B 288 12.62 115.53 18.23
CA HIS B 288 12.96 114.89 19.51
C HIS B 288 12.43 113.47 19.68
N ASN B 289 13.25 112.61 20.29
CA ASN B 289 12.83 111.25 20.61
C ASN B 289 12.47 111.11 22.09
N TYR B 290 11.19 110.91 22.37
CA TYR B 290 10.71 110.76 23.75
C TYR B 290 10.74 109.33 24.26
N ARG B 291 10.87 108.39 23.33
CA ARG B 291 10.66 106.98 23.64
C ARG B 291 11.82 106.28 24.34
N SER B 292 13.02 106.49 23.82
CA SER B 292 14.15 105.62 24.11
C SER B 292 15.30 106.31 24.83
N SER B 293 16.09 105.53 25.53
CA SER B 293 17.33 106.01 26.12
C SER B 293 18.28 106.41 25.00
N ALA B 294 19.10 107.43 25.25
CA ALA B 294 20.02 107.92 24.24
C ALA B 294 20.96 106.82 23.76
N ARG B 295 21.05 105.75 24.55
CA ARG B 295 21.92 104.62 24.24
C ARG B 295 21.45 103.81 23.04
N VAL B 296 20.14 103.52 22.98
CA VAL B 296 19.59 102.79 21.85
C VAL B 296 19.31 103.72 20.66
N LEU B 297 19.19 105.02 20.93
CA LEU B 297 18.90 105.98 19.87
C LEU B 297 20.15 106.26 19.03
N GLU B 298 21.26 106.55 19.68
CA GLU B 298 22.52 106.75 18.97
C GLU B 298 22.79 105.56 18.07
N ALA B 299 22.44 104.37 18.56
CA ALA B 299 22.62 103.14 17.81
C ALA B 299 21.74 103.13 16.56
N ALA B 300 20.50 103.60 16.71
CA ALA B 300 19.60 103.69 15.57
C ALA B 300 20.10 104.73 14.57
N ASN B 301 20.33 105.95 15.07
CA ASN B 301 20.76 107.05 14.23
C ASN B 301 22.04 106.78 13.45
N LYS B 302 22.91 105.96 14.02
CA LYS B 302 24.16 105.61 13.34
C LYS B 302 23.95 104.54 12.27
N LEU B 303 22.91 103.72 12.46
CA LEU B 303 22.56 102.71 11.47
C LEU B 303 21.87 103.31 10.25
N ILE B 304 20.83 104.09 10.50
CA ILE B 304 20.02 104.66 9.43
C ILE B 304 20.84 105.65 8.62
N GLU B 305 21.85 106.22 9.27
CA GLU B 305 22.78 107.13 8.63
C GLU B 305 23.32 106.51 7.35
N ASN B 306 23.62 105.22 7.43
CA ASN B 306 24.22 104.49 6.31
C ASN B 306 23.32 104.37 5.08
N ASN B 307 22.03 104.54 5.27
CA ASN B 307 21.11 104.57 4.13
C ASN B 307 21.35 105.83 3.31
N THR B 308 21.40 105.69 1.99
CA THR B 308 21.73 106.82 1.13
C THR B 308 20.54 107.39 0.36
N GLU B 309 20.59 108.70 0.11
CA GLU B 309 19.51 109.44 -0.54
C GLU B 309 18.23 109.47 0.28
N ARG B 310 18.35 109.27 1.59
CA ARG B 310 17.22 109.42 2.49
C ARG B 310 17.17 110.86 2.99
N LEU B 311 15.97 111.38 3.22
CA LEU B 311 15.85 112.67 3.88
C LEU B 311 16.60 112.61 5.20
N ASP B 312 17.52 113.54 5.41
CA ASP B 312 18.25 113.58 6.67
C ASP B 312 17.58 114.55 7.62
N LYS B 313 16.99 114.01 8.68
CA LYS B 313 16.34 114.85 9.68
C LYS B 313 16.95 114.61 11.05
N THR B 314 16.89 115.64 11.89
CA THR B 314 17.41 115.55 13.25
C THR B 314 16.52 114.68 14.10
N LEU B 315 17.10 113.70 14.79
CA LEU B 315 16.40 113.09 15.90
C LEU B 315 17.34 113.19 17.09
N LYS B 316 17.01 114.10 17.99
CA LYS B 316 17.81 114.35 19.19
C LYS B 316 17.14 113.76 20.43
N PRO B 317 17.90 112.98 21.21
CA PRO B 317 17.40 112.28 22.39
C PRO B 317 17.02 113.22 23.54
N VAL B 318 15.85 112.99 24.15
CA VAL B 318 15.47 113.70 25.37
C VAL B 318 15.74 112.92 26.66
N LYS B 319 16.05 111.63 26.55
CA LYS B 319 16.27 110.79 27.73
C LYS B 319 17.76 110.55 27.94
N GLU B 320 18.19 110.49 29.21
CA GLU B 320 19.60 110.23 29.49
C GLU B 320 20.01 108.88 28.92
N ALA B 321 21.26 108.76 28.49
CA ALA B 321 21.70 107.50 27.90
C ALA B 321 21.55 106.41 28.97
N GLY B 322 20.81 105.37 28.63
CA GLY B 322 20.38 104.41 29.62
C GLY B 322 21.30 103.21 29.71
N GLN B 323 20.72 102.07 30.03
CA GLN B 323 21.47 100.83 30.08
C GLN B 323 22.03 100.54 28.69
N PRO B 324 23.32 100.21 28.62
CA PRO B 324 24.01 99.92 27.36
C PRO B 324 23.28 98.86 26.54
N VAL B 325 23.29 99.03 25.22
CA VAL B 325 22.65 98.08 24.31
C VAL B 325 23.55 96.88 24.05
N THR B 326 23.02 95.68 24.26
CA THR B 326 23.85 94.47 24.26
C THR B 326 23.50 93.45 23.17
N PHE B 327 24.51 92.70 22.75
CA PHE B 327 24.37 91.66 21.74
C PHE B 327 25.08 90.39 22.17
N HIS B 328 24.50 89.23 21.85
CA HIS B 328 25.12 87.95 22.21
C HIS B 328 25.06 86.91 21.09
N ARG B 329 26.23 86.39 20.73
CA ARG B 329 26.31 85.33 19.73
C ARG B 329 26.41 83.98 20.43
N ALA B 330 25.35 83.19 20.33
CA ALA B 330 25.30 81.89 20.98
C ALA B 330 25.56 80.81 19.95
N THR B 331 26.37 79.82 20.31
CA THR B 331 26.76 78.79 19.36
C THR B 331 25.56 78.26 18.59
N ASP B 332 24.52 77.90 19.31
CA ASP B 332 23.34 77.33 18.69
C ASP B 332 22.21 78.35 18.64
N HIS B 333 21.12 77.98 17.96
CA HIS B 333 19.89 78.77 18.00
C HIS B 333 19.10 78.41 19.25
N ARG B 334 19.29 77.18 19.71
CA ARG B 334 18.64 76.71 20.93
C ARG B 334 19.25 77.41 22.14
N ALA B 335 20.56 77.67 22.05
CA ALA B 335 21.25 78.41 23.08
C ALA B 335 20.86 79.88 22.95
N GLU B 336 20.33 80.25 21.80
CA GLU B 336 19.79 81.59 21.61
C GLU B 336 18.41 81.64 22.25
N GLY B 337 17.70 80.52 22.17
CA GLY B 337 16.41 80.40 22.83
C GLY B 337 16.58 80.43 24.33
N ASP B 338 17.60 79.72 24.81
CA ASP B 338 17.86 79.67 26.24
C ASP B 338 18.51 80.94 26.77
N TYR B 339 19.19 81.69 25.89
CA TYR B 339 19.78 82.94 26.32
C TYR B 339 18.66 83.94 26.62
N VAL B 340 17.70 84.01 25.70
CA VAL B 340 16.55 84.88 25.90
C VAL B 340 15.69 84.33 27.03
N ALA B 341 15.52 83.03 27.05
CA ALA B 341 14.80 82.36 28.13
C ALA B 341 15.39 82.80 29.46
N ASP B 342 16.67 82.49 29.64
CA ASP B 342 17.38 82.84 30.87
C ASP B 342 17.26 84.32 31.22
N TRP B 343 17.57 85.18 30.24
CA TRP B 343 17.63 86.62 30.52
C TRP B 343 16.28 87.29 30.68
N LEU B 344 15.20 86.56 30.41
CA LEU B 344 13.86 87.07 30.70
C LEU B 344 13.59 86.94 32.20
N THR B 345 13.89 85.77 32.75
CA THR B 345 13.64 85.52 34.17
C THR B 345 14.54 86.37 35.06
N ARG B 346 15.74 86.68 34.59
CA ARG B 346 16.63 87.57 35.32
C ARG B 346 16.02 88.96 35.41
N LEU B 347 15.74 89.55 34.25
CA LEU B 347 15.12 90.87 34.19
C LEU B 347 13.82 90.90 34.99
N HIS B 348 13.15 89.75 35.09
CA HIS B 348 11.90 89.67 35.85
C HIS B 348 12.19 89.85 37.33
N GLY B 349 13.16 89.10 37.84
CA GLY B 349 13.55 89.18 39.23
C GLY B 349 13.87 90.61 39.63
N GLU B 350 14.57 91.32 38.74
CA GLU B 350 14.92 92.70 38.99
C GLU B 350 13.68 93.58 39.03
N GLY B 351 12.53 93.00 38.68
CA GLY B 351 11.29 93.75 38.74
C GLY B 351 10.55 94.09 37.45
N ARG B 352 11.13 93.79 36.29
CA ARG B 352 10.42 94.04 35.03
C ARG B 352 9.21 93.13 34.89
N ALA B 353 8.06 93.67 34.49
CA ALA B 353 6.87 92.85 34.25
C ALA B 353 6.98 92.10 32.93
N TRP B 354 6.31 90.95 32.82
CA TRP B 354 6.39 90.13 31.62
C TRP B 354 5.96 90.88 30.36
N SER B 355 4.94 91.71 30.47
CA SER B 355 4.34 92.36 29.31
C SER B 355 5.17 93.53 28.76
N GLU B 356 6.01 94.10 29.61
CA GLU B 356 6.87 95.21 29.20
C GLU B 356 8.01 94.73 28.30
N MET B 357 8.10 93.42 28.13
CA MET B 357 9.13 92.82 27.29
C MET B 357 8.51 92.22 26.02
N ALA B 358 9.27 92.23 24.93
CA ALA B 358 8.80 91.64 23.69
C ALA B 358 9.95 91.11 22.84
N ILE B 359 9.69 90.02 22.11
CA ILE B 359 10.70 89.38 21.29
C ILE B 359 10.39 89.56 19.81
N LEU B 360 11.32 90.18 19.08
CA LEU B 360 11.10 90.49 17.67
C LEU B 360 11.99 89.66 16.75
N TYR B 361 11.39 89.01 15.76
CA TYR B 361 12.15 88.22 14.80
C TYR B 361 11.84 88.59 13.34
N ARG B 362 12.73 88.19 12.44
CA ARG B 362 12.60 88.46 11.02
C ARG B 362 11.46 87.68 10.39
N THR B 363 11.48 86.37 10.61
CA THR B 363 10.49 85.47 10.03
C THR B 363 9.85 84.62 11.11
N ASN B 364 8.61 84.19 10.90
CA ASN B 364 7.83 83.52 11.93
C ASN B 364 8.37 82.18 12.43
N ALA B 365 8.99 81.39 11.54
CA ALA B 365 9.50 80.08 11.93
C ALA B 365 10.40 80.20 13.15
N GLN B 366 11.02 81.37 13.29
CA GLN B 366 11.95 81.61 14.40
C GLN B 366 11.27 81.51 15.76
N SER B 367 9.95 81.54 15.78
CA SER B 367 9.22 81.58 17.04
C SER B 367 9.11 80.24 17.76
N ARG B 368 9.16 79.14 16.99
CA ARG B 368 8.99 77.81 17.57
C ARG B 368 10.06 77.53 18.62
N VAL B 369 11.31 77.77 18.27
CA VAL B 369 12.41 77.53 19.19
C VAL B 369 12.31 78.45 20.39
N ILE B 370 11.92 79.69 20.13
CA ILE B 370 11.75 80.68 21.18
C ILE B 370 10.72 80.23 22.21
N GLU B 371 9.57 79.78 21.72
CA GLU B 371 8.48 79.36 22.59
C GLU B 371 8.91 78.33 23.63
N GLU B 372 9.27 77.16 23.16
CA GLU B 372 9.65 76.05 24.03
C GLU B 372 10.72 76.47 25.05
N SER B 373 11.62 77.35 24.63
CA SER B 373 12.63 77.88 25.54
C SER B 373 11.99 78.69 26.65
N LEU B 374 10.89 79.37 26.33
CA LEU B 374 10.10 80.07 27.34
C LEU B 374 9.30 79.08 28.16
N ARG B 375 8.66 78.14 27.46
CA ARG B 375 7.86 77.10 28.07
C ARG B 375 8.65 76.34 29.12
N ARG B 376 9.88 75.98 28.75
CA ARG B 376 10.80 75.31 29.63
C ARG B 376 10.86 76.01 30.98
N VAL B 377 11.31 77.27 30.93
CA VAL B 377 11.45 78.09 32.12
C VAL B 377 10.08 78.50 32.67
N GLN B 378 9.03 78.12 31.95
CA GLN B 378 7.65 78.45 32.33
C GLN B 378 7.46 79.96 32.42
N ILE B 379 7.61 80.61 31.28
CA ILE B 379 7.44 82.04 31.11
C ILE B 379 6.23 82.25 30.22
N PRO B 380 5.20 82.94 30.73
CA PRO B 380 3.95 83.07 29.97
C PRO B 380 4.19 83.76 28.63
N ALA B 381 3.72 83.15 27.55
CA ALA B 381 4.06 83.62 26.21
C ALA B 381 2.82 83.93 25.37
N ARG B 382 2.89 85.04 24.65
CA ARG B 382 1.80 85.49 23.81
C ARG B 382 2.35 85.74 22.40
N ILE B 383 1.97 84.88 21.46
CA ILE B 383 2.50 84.94 20.11
C ILE B 383 1.56 85.73 19.21
N VAL B 384 2.11 86.62 18.42
CA VAL B 384 1.29 87.46 17.55
C VAL B 384 1.61 87.25 16.07
N GLY B 385 0.61 86.78 15.33
CA GLY B 385 0.78 86.52 13.91
C GLY B 385 1.46 85.20 13.61
N GLY B 386 1.14 84.18 14.41
CA GLY B 386 1.65 82.84 14.19
C GLY B 386 0.75 82.14 13.20
N VAL B 387 0.60 80.83 13.32
CA VAL B 387 -0.41 80.15 12.53
C VAL B 387 -1.75 80.54 13.14
N GLY B 388 -2.60 81.17 12.35
CA GLY B 388 -3.83 81.75 12.84
C GLY B 388 -4.77 80.76 13.50
N PHE B 389 -5.61 81.26 14.39
CA PHE B 389 -6.63 80.44 15.02
C PHE B 389 -7.75 80.21 14.01
N TYR B 390 -7.94 81.18 13.14
CA TYR B 390 -8.95 81.08 12.09
C TYR B 390 -8.38 80.35 10.87
N ASP B 391 -7.08 80.10 10.89
CA ASP B 391 -6.44 79.32 9.84
C ASP B 391 -6.64 77.82 10.04
N ARG B 392 -6.75 77.42 11.31
CA ARG B 392 -6.90 76.00 11.65
C ARG B 392 -8.08 75.35 10.93
N ARG B 393 -7.88 74.11 10.46
CA ARG B 393 -8.90 73.38 9.72
C ARG B 393 -10.27 73.38 10.41
N GLU B 394 -10.28 73.22 11.73
CA GLU B 394 -11.52 73.16 12.49
C GLU B 394 -12.41 74.37 12.19
N ILE B 395 -11.93 75.55 12.54
CA ILE B 395 -12.67 76.79 12.40
C ILE B 395 -12.96 77.14 10.95
N ARG B 396 -11.98 76.91 10.09
CA ARG B 396 -12.03 77.35 8.71
C ARG B 396 -13.21 76.75 7.94
N ASP B 397 -13.39 75.44 8.07
CA ASP B 397 -14.42 74.73 7.32
C ASP B 397 -15.82 75.09 7.82
N ILE B 398 -15.93 75.37 9.11
CA ILE B 398 -17.20 75.81 9.67
C ILE B 398 -17.64 77.10 9.01
N LEU B 399 -16.70 78.03 8.86
CA LEU B 399 -16.98 79.32 8.23
C LEU B 399 -17.20 79.15 6.74
N ALA B 400 -16.68 78.06 6.18
CA ALA B 400 -16.92 77.75 4.77
C ALA B 400 -18.37 77.31 4.60
N TYR B 401 -18.89 76.66 5.64
CA TYR B 401 -20.32 76.35 5.69
C TYR B 401 -21.10 77.64 5.92
N ALA B 402 -20.53 78.52 6.73
CA ALA B 402 -21.16 79.80 7.04
C ALA B 402 -21.23 80.68 5.79
N ARG B 403 -20.15 80.72 5.03
CA ARG B 403 -20.12 81.51 3.80
C ARG B 403 -21.05 80.93 2.75
N LEU B 404 -20.92 79.63 2.50
CA LEU B 404 -21.75 78.95 1.52
C LEU B 404 -23.22 79.04 1.94
N ALA B 405 -23.45 79.22 3.23
CA ALA B 405 -24.80 79.40 3.74
C ALA B 405 -25.38 80.72 3.22
N LEU B 406 -24.60 81.78 3.30
CA LEU B 406 -25.02 83.09 2.81
C LEU B 406 -24.76 83.31 1.32
N ASN B 407 -23.87 82.52 0.75
CA ASN B 407 -23.51 82.66 -0.67
C ASN B 407 -23.48 81.35 -1.44
N PRO B 408 -24.60 80.99 -2.08
CA PRO B 408 -24.76 79.73 -2.82
C PRO B 408 -23.65 79.55 -3.86
N ALA B 409 -22.97 80.64 -4.21
CA ALA B 409 -21.94 80.60 -5.24
C ALA B 409 -20.65 79.95 -4.79
N ASP B 410 -20.22 80.24 -3.57
CA ASP B 410 -18.85 79.93 -3.21
C ASP B 410 -18.63 78.46 -3.50
N ASP B 411 -17.76 78.17 -4.47
CA ASP B 411 -17.40 76.79 -4.76
C ASP B 411 -16.04 76.49 -4.19
N VAL B 412 -15.39 77.53 -3.67
CA VAL B 412 -14.10 77.41 -3.06
C VAL B 412 -14.32 76.86 -1.65
N ALA B 413 -15.45 77.27 -1.06
CA ALA B 413 -15.83 76.78 0.25
C ALA B 413 -16.45 75.39 0.14
N LEU B 414 -17.23 75.18 -0.91
CA LEU B 414 -17.91 73.92 -1.13
C LEU B 414 -16.91 72.77 -1.20
N ARG B 415 -15.75 73.05 -1.78
CA ARG B 415 -14.69 72.05 -1.89
C ARG B 415 -14.25 71.54 -0.52
N ARG B 416 -13.98 72.47 0.39
CA ARG B 416 -13.46 72.12 1.70
C ARG B 416 -14.52 71.42 2.57
N ILE B 417 -15.76 71.86 2.47
CA ILE B 417 -16.81 71.35 3.35
C ILE B 417 -17.61 70.15 2.85
N ILE B 418 -17.51 69.82 1.56
CA ILE B 418 -18.29 68.70 1.05
C ILE B 418 -17.60 67.40 1.43
N GLY B 419 -16.27 67.46 1.49
CA GLY B 419 -15.45 66.29 1.79
C GLY B 419 -15.35 65.84 3.23
N ARG B 420 -15.10 66.76 4.16
CA ARG B 420 -14.78 66.36 5.54
C ARG B 420 -15.95 65.66 6.26
N PRO B 421 -17.12 66.31 6.30
CA PRO B 421 -18.34 65.64 6.76
C PRO B 421 -18.77 64.65 5.70
N ARG B 422 -18.22 63.43 5.77
CA ARG B 422 -18.27 62.56 4.61
C ARG B 422 -19.70 62.20 4.28
N ARG B 423 -20.12 62.73 3.14
CA ARG B 423 -21.40 62.43 2.51
C ARG B 423 -21.17 61.46 1.36
N GLY B 424 -19.91 61.05 1.21
CA GLY B 424 -19.51 60.10 0.19
C GLY B 424 -19.70 60.72 -1.18
N ILE B 425 -19.63 62.05 -1.20
CA ILE B 425 -19.83 62.78 -2.44
C ILE B 425 -18.63 62.56 -3.32
N GLY B 426 -18.88 62.00 -4.50
CA GLY B 426 -17.83 61.45 -5.32
C GLY B 426 -16.79 62.41 -5.86
N ASP B 427 -15.57 61.91 -5.98
CA ASP B 427 -14.50 62.66 -6.62
C ASP B 427 -14.87 62.90 -8.09
N THR B 428 -15.23 61.82 -8.79
CA THR B 428 -15.64 61.92 -10.18
C THR B 428 -17.00 62.60 -10.31
N ALA B 429 -17.76 62.59 -9.22
CA ALA B 429 -19.05 63.27 -9.18
C ALA B 429 -18.85 64.76 -8.94
N LEU B 430 -17.69 65.10 -8.39
CA LEU B 430 -17.33 66.50 -8.15
C LEU B 430 -16.89 67.13 -9.45
N GLN B 431 -16.34 66.30 -10.34
CA GLN B 431 -15.85 66.75 -11.63
C GLN B 431 -17.00 67.00 -12.61
N LYS B 432 -18.02 66.15 -12.53
CA LYS B 432 -19.19 66.31 -13.39
C LYS B 432 -20.08 67.45 -12.91
N LEU B 433 -20.07 67.67 -11.60
CA LEU B 433 -20.80 68.81 -11.03
C LEU B 433 -20.07 70.11 -11.37
N MET B 434 -18.76 69.99 -11.60
CA MET B 434 -17.97 71.10 -12.12
C MET B 434 -18.14 71.21 -13.63
N GLU B 435 -18.54 70.10 -14.25
CA GLU B 435 -18.86 70.11 -15.67
C GLU B 435 -20.31 70.50 -15.86
N TRP B 436 -21.07 70.48 -14.76
CA TRP B 436 -22.43 71.00 -14.76
C TRP B 436 -22.37 72.51 -14.61
N ALA B 437 -21.46 72.99 -13.77
CA ALA B 437 -21.26 74.42 -13.57
C ALA B 437 -20.49 75.00 -14.74
N ARG B 438 -19.81 74.13 -15.47
CA ARG B 438 -19.08 74.56 -16.67
C ARG B 438 -20.01 74.72 -17.85
N THR B 439 -20.94 73.79 -18.00
CA THR B 439 -21.87 73.82 -19.14
C THR B 439 -22.98 74.84 -18.95
N HIS B 440 -23.44 74.99 -17.71
CA HIS B 440 -24.54 75.91 -17.39
C HIS B 440 -24.09 77.31 -16.99
N HIS B 441 -22.79 77.51 -16.78
CA HIS B 441 -22.30 78.78 -16.25
C HIS B 441 -23.13 79.14 -15.02
N THR B 442 -23.22 78.21 -14.07
CA THR B 442 -24.33 78.21 -13.13
C THR B 442 -23.94 78.37 -11.67
N SER B 443 -24.92 78.72 -10.85
CA SER B 443 -24.73 78.70 -9.41
C SER B 443 -24.71 77.24 -9.01
N VAL B 444 -23.58 76.83 -8.44
CA VAL B 444 -23.26 75.40 -8.35
C VAL B 444 -24.21 74.64 -7.44
N LEU B 445 -24.70 75.31 -6.41
CA LEU B 445 -25.48 74.65 -5.37
C LEU B 445 -26.83 74.11 -5.87
N THR B 446 -27.42 74.81 -6.84
CA THR B 446 -28.71 74.41 -7.36
C THR B 446 -28.62 73.24 -8.34
N ALA B 447 -27.45 73.09 -8.96
CA ALA B 447 -27.23 71.96 -9.86
C ALA B 447 -27.30 70.66 -9.07
N CYS B 448 -26.85 70.71 -7.83
CA CYS B 448 -26.85 69.54 -6.95
C CYS B 448 -28.27 69.20 -6.52
N ALA B 449 -29.09 70.23 -6.34
CA ALA B 449 -30.49 70.04 -6.03
C ALA B 449 -31.18 69.43 -7.23
N ASN B 450 -30.70 69.82 -8.41
CA ASN B 450 -31.28 69.36 -9.67
C ASN B 450 -30.62 68.11 -10.24
N ALA B 451 -29.71 67.51 -9.48
CA ALA B 451 -29.02 66.29 -9.87
C ALA B 451 -29.95 65.08 -10.06
N ALA B 452 -30.95 64.93 -9.21
CA ALA B 452 -31.89 63.81 -9.35
C ALA B 452 -32.87 64.12 -10.46
N GLU B 453 -33.36 65.35 -10.48
CA GLU B 453 -34.21 65.84 -11.56
C GLU B 453 -33.34 66.15 -12.77
N GLN B 454 -33.96 66.71 -13.80
CA GLN B 454 -33.25 67.29 -14.93
C GLN B 454 -32.26 66.33 -15.60
N ASN B 455 -31.01 66.76 -15.74
CA ASN B 455 -30.01 66.03 -16.51
C ASN B 455 -29.51 64.76 -15.81
N ILE B 456 -29.93 64.58 -14.56
CA ILE B 456 -29.61 63.38 -13.77
C ILE B 456 -28.15 62.92 -13.74
N LEU B 457 -27.32 63.65 -13.01
CA LEU B 457 -25.98 63.18 -12.68
C LEU B 457 -26.05 61.89 -11.88
N GLY B 460 -25.07 56.92 -7.81
CA GLY B 460 -24.91 57.89 -6.75
C GLY B 460 -25.72 59.15 -7.03
N ALA B 461 -27.04 59.00 -7.10
CA ALA B 461 -27.91 60.09 -7.51
C ALA B 461 -28.33 60.99 -6.34
N HIS B 462 -29.09 60.44 -5.42
CA HIS B 462 -29.72 61.22 -4.35
C HIS B 462 -28.73 61.92 -3.42
N LYS B 463 -27.51 61.41 -3.34
CA LYS B 463 -26.56 61.92 -2.36
C LYS B 463 -26.40 63.44 -2.45
N ALA B 464 -26.70 63.99 -3.61
CA ALA B 464 -26.66 65.43 -3.82
C ALA B 464 -27.91 66.13 -3.29
N THR B 465 -29.07 65.52 -3.49
CA THR B 465 -30.33 66.12 -3.04
C THR B 465 -30.36 66.23 -1.52
N GLU B 466 -29.70 65.30 -0.85
CA GLU B 466 -29.64 65.30 0.61
C GLU B 466 -28.71 66.39 1.12
N PHE B 467 -27.79 66.82 0.27
CA PHE B 467 -26.84 67.88 0.61
C PHE B 467 -27.45 69.27 0.46
N ALA B 468 -28.18 69.49 -0.64
CA ALA B 468 -28.84 70.77 -0.86
C ALA B 468 -29.93 70.97 0.20
N GLY B 469 -30.37 69.86 0.78
CA GLY B 469 -31.38 69.90 1.83
C GLY B 469 -30.77 70.23 3.18
N LEU B 470 -29.52 69.82 3.37
CA LEU B 470 -28.79 70.16 4.58
C LEU B 470 -28.35 71.61 4.52
N MET B 471 -28.11 72.09 3.30
CA MET B 471 -27.73 73.49 3.09
C MET B 471 -28.91 74.45 3.13
N GLU B 472 -30.08 73.99 2.68
CA GLU B 472 -31.28 74.81 2.79
C GLU B 472 -31.63 74.94 4.26
N ALA B 473 -31.37 73.86 5.00
CA ALA B 473 -31.59 73.85 6.44
C ALA B 473 -30.65 74.85 7.11
N MET B 474 -29.48 75.06 6.52
CA MET B 474 -28.55 76.06 7.05
C MET B 474 -28.98 77.46 6.65
N SER B 475 -29.57 77.57 5.45
CA SER B 475 -30.06 78.86 4.97
C SER B 475 -31.24 79.36 5.79
N GLU B 476 -32.16 78.46 6.12
CA GLU B 476 -33.31 78.84 6.92
C GLU B 476 -32.84 79.13 8.34
N ALA B 477 -31.74 78.51 8.73
CA ALA B 477 -31.14 78.79 10.03
C ALA B 477 -30.20 79.98 9.92
N ALA B 478 -29.94 80.42 8.69
CA ALA B 478 -29.15 81.62 8.47
C ALA B 478 -29.98 82.90 8.35
N ASP B 479 -31.30 82.78 8.18
CA ASP B 479 -32.10 84.00 8.01
C ASP B 479 -32.42 84.65 9.35
N ASN B 480 -32.48 83.81 10.38
CA ASN B 480 -33.11 84.14 11.65
C ASN B 480 -32.19 83.93 12.85
N TYR B 481 -31.70 82.71 13.04
CA TYR B 481 -30.96 82.33 14.24
C TYR B 481 -29.68 83.12 14.59
N GLU B 482 -29.39 83.13 15.89
CA GLU B 482 -28.23 83.81 16.46
C GLU B 482 -26.91 83.24 15.95
N PRO B 483 -25.90 84.10 15.81
CA PRO B 483 -24.58 83.66 15.33
C PRO B 483 -23.94 82.56 16.20
N ALA B 484 -23.97 82.72 17.52
CA ALA B 484 -23.31 81.75 18.39
C ALA B 484 -23.93 80.37 18.22
N ALA B 485 -25.26 80.32 18.21
CA ALA B 485 -25.98 79.06 18.10
C ALA B 485 -26.19 78.61 16.65
N PHE B 486 -26.02 79.53 15.70
CA PHE B 486 -26.17 79.17 14.29
C PHE B 486 -24.96 78.36 13.87
N LEU B 487 -23.79 78.77 14.35
CA LEU B 487 -22.58 78.01 14.16
C LEU B 487 -22.76 76.60 14.72
N ARG B 488 -23.19 76.52 15.97
CA ARG B 488 -23.44 75.23 16.61
C ARG B 488 -24.34 74.35 15.75
N PHE B 489 -25.37 74.96 15.17
CA PHE B 489 -26.27 74.26 14.28
C PHE B 489 -25.46 73.62 13.16
N VAL B 490 -24.60 74.42 12.55
CA VAL B 490 -23.73 73.94 11.48
C VAL B 490 -22.80 72.84 11.99
N MET B 491 -22.07 73.13 13.05
CA MET B 491 -21.13 72.18 13.63
C MET B 491 -21.80 70.83 13.87
N GLU B 492 -23.04 70.89 14.34
CA GLU B 492 -23.79 69.68 14.65
C GLU B 492 -24.33 69.03 13.38
N THR B 493 -25.22 69.75 12.70
CA THR B 493 -25.99 69.19 11.60
C THR B 493 -25.19 68.87 10.34
N SER B 494 -24.03 69.49 10.18
CA SER B 494 -23.16 69.16 9.05
C SER B 494 -22.59 67.76 9.28
N GLY B 495 -22.36 67.45 10.56
CA GLY B 495 -21.79 66.17 10.95
C GLY B 495 -20.34 66.32 11.34
N TYR B 496 -19.82 67.53 11.20
CA TYR B 496 -18.42 67.81 11.52
C TYR B 496 -18.13 67.42 12.97
N LEU B 497 -19.13 67.57 13.83
CA LEU B 497 -18.99 67.28 15.25
C LEU B 497 -19.07 65.77 15.53
N ASP B 498 -19.76 65.05 14.65
CA ASP B 498 -19.84 63.59 14.75
C ASP B 498 -18.58 62.92 14.21
N LEU B 499 -17.96 63.57 13.23
CA LEU B 499 -16.66 63.16 12.71
C LEU B 499 -15.65 63.21 13.83
N LEU B 500 -15.57 64.39 14.42
CA LEU B 500 -14.55 64.74 15.39
C LEU B 500 -14.68 63.88 16.64
N ARG B 501 -15.92 63.59 17.02
CA ARG B 501 -16.17 62.71 18.15
C ARG B 501 -15.72 61.29 17.84
N GLN B 502 -15.97 60.84 16.62
CA GLN B 502 -15.63 59.47 16.22
C GLN B 502 -14.13 59.24 16.11
N GLU B 503 -13.41 60.07 15.35
CA GLU B 503 -11.99 60.05 15.59
C GLU B 503 -11.66 61.28 16.43
N GLY B 504 -11.66 61.06 17.74
CA GLY B 504 -11.60 62.15 18.68
C GLY B 504 -10.46 62.25 19.67
N GLN B 505 -9.49 61.36 19.62
CA GLN B 505 -8.46 61.36 20.65
C GLN B 505 -7.52 62.53 20.46
N GLU B 506 -7.05 62.71 19.23
CA GLU B 506 -6.36 63.94 18.86
C GLU B 506 -7.39 65.01 18.55
N GLY B 507 -8.59 64.57 18.16
CA GLY B 507 -9.63 65.47 17.73
C GLY B 507 -10.29 66.24 18.86
N GLN B 508 -10.17 65.73 20.08
CA GLN B 508 -10.82 66.37 21.21
C GLN B 508 -10.29 67.77 21.45
N VAL B 509 -9.03 67.99 21.11
CA VAL B 509 -8.45 69.33 21.21
C VAL B 509 -8.93 70.16 20.03
N ARG B 510 -9.37 69.48 18.98
CA ARG B 510 -9.96 70.16 17.82
C ARG B 510 -11.37 70.64 18.13
N LEU B 511 -12.16 69.81 18.81
CA LEU B 511 -13.51 70.21 19.19
C LEU B 511 -13.45 71.31 20.25
N GLU B 512 -12.33 71.36 20.96
CA GLU B 512 -12.11 72.38 21.97
C GLU B 512 -12.00 73.75 21.29
N ASN B 513 -11.31 73.77 20.16
CA ASN B 513 -11.22 74.97 19.34
C ASN B 513 -12.60 75.38 18.83
N LEU B 514 -13.40 74.39 18.43
CA LEU B 514 -14.71 74.64 17.86
C LEU B 514 -15.68 75.22 18.89
N GLU B 515 -15.48 74.90 20.16
CA GLU B 515 -16.30 75.49 21.20
C GLU B 515 -15.83 76.93 21.43
N GLU B 516 -14.52 77.11 21.37
CA GLU B 516 -13.91 78.43 21.53
C GLU B 516 -14.41 79.40 20.46
N LEU B 517 -14.73 78.87 19.29
CA LEU B 517 -15.30 79.69 18.22
C LEU B 517 -16.66 80.22 18.64
N VAL B 518 -17.38 79.43 19.44
CA VAL B 518 -18.66 79.86 19.97
C VAL B 518 -18.44 80.85 21.11
N SER B 519 -17.32 80.68 21.81
CA SER B 519 -16.96 81.56 22.91
C SER B 519 -16.56 82.95 22.41
N ALA B 520 -15.86 82.98 21.28
CA ALA B 520 -15.45 84.25 20.69
C ALA B 520 -16.64 84.91 20.00
N ALA B 521 -17.59 84.08 19.56
CA ALA B 521 -18.78 84.58 18.91
C ALA B 521 -19.78 85.11 19.93
N GLU B 522 -19.63 84.66 21.17
CA GLU B 522 -20.39 85.23 22.29
C GLU B 522 -19.94 86.66 22.56
N GLU B 523 -18.63 86.87 22.54
CA GLU B 523 -18.05 88.19 22.76
C GLU B 523 -18.45 89.15 21.66
N TRP B 524 -18.43 88.66 20.43
CA TRP B 524 -18.78 89.45 19.27
C TRP B 524 -20.21 89.89 19.37
N SER B 525 -21.07 89.00 19.83
CA SER B 525 -22.49 89.29 19.90
C SER B 525 -22.85 90.11 21.12
N GLN B 526 -22.22 89.80 22.26
CA GLN B 526 -22.51 90.51 23.50
C GLN B 526 -21.63 91.74 23.65
N ASP B 527 -20.88 92.05 22.60
CA ASP B 527 -20.02 93.22 22.58
C ASP B 527 -20.84 94.50 22.31
N GLU B 528 -20.18 95.65 22.42
CA GLU B 528 -20.87 96.94 22.31
C GLU B 528 -21.08 97.53 20.91
N ALA B 529 -20.12 97.31 20.00
CA ALA B 529 -20.18 97.91 18.67
C ALA B 529 -21.06 97.07 17.74
N ASN B 530 -21.35 95.86 18.19
CA ASN B 530 -22.04 94.87 17.37
C ASN B 530 -23.55 94.85 17.55
N VAL B 531 -24.09 95.85 18.25
CA VAL B 531 -25.51 95.87 18.56
C VAL B 531 -26.31 95.58 17.29
N GLY B 532 -27.17 94.57 17.36
CA GLY B 532 -27.87 94.08 16.19
C GLY B 532 -26.95 93.64 15.05
N GLY B 533 -25.80 93.05 15.39
CA GLY B 533 -24.84 92.61 14.40
C GLY B 533 -25.26 91.36 13.64
N SER B 534 -25.16 91.39 12.32
CA SER B 534 -25.50 90.25 11.47
C SER B 534 -24.38 89.21 11.48
N ILE B 535 -24.72 87.97 11.14
CA ILE B 535 -23.70 86.92 11.06
C ILE B 535 -22.79 87.16 9.86
N ALA B 536 -23.31 87.87 8.86
CA ALA B 536 -22.50 88.25 7.72
C ALA B 536 -21.49 89.30 8.16
N ASP B 537 -21.86 90.06 9.17
CA ASP B 537 -20.97 91.08 9.72
C ASP B 537 -19.82 90.44 10.49
N PHE B 538 -20.07 89.23 11.01
CA PHE B 538 -19.05 88.50 11.75
C PHE B 538 -18.01 87.88 10.83
N LEU B 539 -18.47 87.30 9.72
CA LEU B 539 -17.56 86.77 8.71
C LEU B 539 -16.72 87.89 8.16
N ASP B 540 -17.28 89.09 8.11
CA ASP B 540 -16.56 90.28 7.69
C ASP B 540 -15.42 90.58 8.66
N ASP B 541 -15.78 90.75 9.92
CA ASP B 541 -14.82 91.15 10.94
C ASP B 541 -13.74 90.11 11.19
N ALA B 542 -14.05 88.84 10.90
CA ALA B 542 -13.08 87.77 11.09
C ALA B 542 -12.03 87.79 9.99
N ALA B 543 -12.48 88.04 8.77
CA ALA B 543 -11.62 87.90 7.60
C ALA B 543 -10.62 89.04 7.38
N LEU B 544 -10.86 90.18 8.00
CA LEU B 544 -9.94 91.31 7.89
C LEU B 544 -8.97 91.48 9.06
N LEU B 545 -9.02 90.57 10.04
CA LEU B 545 -8.26 90.73 11.28
C LEU B 545 -6.73 90.78 11.15
N SER B 546 -6.13 91.81 11.76
CA SER B 546 -4.68 91.96 11.75
C SER B 546 -4.03 90.97 12.72
N SER B 547 -2.70 91.02 12.80
CA SER B 547 -1.96 90.12 13.67
C SER B 547 -2.02 90.58 15.12
N ASP B 550 -7.45 91.84 18.54
CA ASP B 550 -7.96 91.32 19.80
C ASP B 550 -8.65 89.97 19.60
N MET B 551 -9.29 89.81 18.45
CA MET B 551 -9.96 88.57 18.12
C MET B 551 -8.97 87.47 17.72
N ARG B 552 -7.89 87.86 17.06
CA ARG B 552 -6.85 86.91 16.67
C ARG B 552 -5.92 86.59 17.84
N GLU B 562 -2.66 86.66 30.35
CA GLU B 562 -2.15 87.99 30.02
C GLU B 562 -0.91 88.30 30.85
N ASP B 563 -0.41 89.52 30.73
CA ASP B 563 0.87 89.88 31.33
C ASP B 563 1.91 88.85 30.90
N ALA B 564 2.23 88.86 29.61
CA ALA B 564 3.10 87.86 29.03
C ALA B 564 4.11 88.50 28.08
N VAL B 565 5.20 87.77 27.83
CA VAL B 565 6.18 88.22 26.84
C VAL B 565 5.51 88.19 25.47
N THR B 566 5.72 89.24 24.69
CA THR B 566 5.05 89.32 23.40
C THR B 566 6.00 88.95 22.27
N LEU B 567 5.77 87.78 21.68
CA LEU B 567 6.55 87.33 20.53
C LEU B 567 5.89 87.85 19.26
N MET B 568 6.70 88.24 18.29
CA MET B 568 6.19 88.68 17.00
C MET B 568 7.27 89.10 16.02
N THR B 569 6.85 89.39 14.79
CA THR B 569 7.75 89.77 13.72
C THR B 569 8.18 91.23 13.79
N LEU B 570 9.32 91.53 13.19
CA LEU B 570 9.82 92.90 13.08
C LEU B 570 8.81 93.81 12.38
N HIS B 571 8.11 93.29 11.38
CA HIS B 571 7.14 94.08 10.63
C HIS B 571 5.94 94.48 11.47
N ASN B 572 5.29 93.48 12.08
CA ASN B 572 4.10 93.71 12.89
C ASN B 572 4.33 94.81 13.93
N ALA B 573 5.54 94.86 14.46
CA ALA B 573 5.88 95.74 15.57
C ALA B 573 5.69 97.22 15.28
N LYS B 574 5.63 97.58 14.00
CA LYS B 574 5.66 98.99 13.63
C LYS B 574 4.58 99.77 14.37
N GLY B 575 5.00 100.79 15.11
CA GLY B 575 4.08 101.59 15.90
C GLY B 575 4.00 101.30 17.40
N LEU B 576 4.57 100.19 17.85
CA LEU B 576 4.54 99.86 19.28
C LEU B 576 5.82 100.28 20.00
N GLU B 577 5.84 100.11 21.32
CA GLU B 577 7.05 100.36 22.10
C GLU B 577 7.10 99.49 23.37
N PHE B 578 8.31 99.06 23.73
CA PHE B 578 8.50 98.26 24.94
C PHE B 578 9.75 98.72 25.68
N PRO B 579 9.70 98.73 27.02
CA PRO B 579 10.89 99.01 27.82
C PRO B 579 12.02 98.04 27.50
N VAL B 580 11.68 96.77 27.33
CA VAL B 580 12.69 95.76 27.00
C VAL B 580 12.33 95.06 25.69
N VAL B 581 13.29 95.00 24.77
CA VAL B 581 13.05 94.38 23.48
C VAL B 581 14.18 93.44 23.06
N PHE B 582 13.83 92.17 22.89
CA PHE B 582 14.78 91.19 22.35
C PHE B 582 14.63 91.09 20.84
N ILE B 583 15.68 91.43 20.11
CA ILE B 583 15.72 91.18 18.68
C ILE B 583 16.59 89.97 18.41
N VAL B 584 16.00 88.92 17.84
CA VAL B 584 16.71 87.68 17.64
C VAL B 584 16.91 87.41 16.16
N GLY B 585 17.94 86.64 15.84
CA GLY B 585 18.26 86.34 14.46
C GLY B 585 18.68 87.59 13.73
N VAL B 586 19.70 88.27 14.25
CA VAL B 586 20.27 89.39 13.52
C VAL B 586 21.47 88.76 12.86
N GLU B 587 21.29 88.39 11.60
CA GLU B 587 22.22 87.51 10.94
C GLU B 587 22.16 87.63 9.43
N GLN B 588 23.29 87.47 8.78
CA GLN B 588 23.29 87.48 7.32
C GLN B 588 22.46 86.33 6.78
N GLY B 589 21.49 86.68 5.94
CA GLY B 589 20.53 85.68 5.48
C GLY B 589 19.16 85.83 6.12
N LEU B 590 19.06 86.51 7.26
CA LEU B 590 17.74 86.78 7.86
C LEU B 590 17.43 88.27 7.85
N LEU B 591 18.03 89.00 8.79
CA LEU B 591 18.25 90.44 8.62
C LEU B 591 19.30 90.35 7.53
N PRO B 592 19.71 91.48 6.93
CA PRO B 592 19.25 91.46 5.53
C PRO B 592 19.26 90.06 4.94
N SER B 593 18.12 89.83 4.29
CA SER B 593 17.65 88.52 3.91
C SER B 593 18.24 88.01 2.61
N LYS B 594 18.26 86.69 2.46
CA LYS B 594 18.79 86.08 1.26
C LYS B 594 18.10 86.68 0.03
N GLY B 595 16.84 87.06 0.19
CA GLY B 595 16.12 87.74 -0.88
C GLY B 595 16.67 89.14 -1.10
N ALA B 596 16.78 89.89 -0.02
CA ALA B 596 17.21 91.28 -0.06
C ALA B 596 18.68 91.45 -0.43
N ILE B 597 19.44 90.37 -0.32
CA ILE B 597 20.86 90.43 -0.67
C ILE B 597 21.04 90.42 -2.19
N ALA B 598 20.22 89.63 -2.87
CA ALA B 598 20.30 89.52 -4.32
C ALA B 598 19.61 90.69 -5.01
N GLU B 599 18.94 91.52 -4.23
CA GLU B 599 18.22 92.67 -4.78
C GLU B 599 19.16 93.80 -5.15
N GLY B 600 20.28 93.91 -4.43
CA GLY B 600 21.17 95.04 -4.61
C GLY B 600 20.85 96.11 -3.59
N PRO B 601 21.47 97.29 -3.70
CA PRO B 601 21.37 98.32 -2.67
C PRO B 601 19.96 98.62 -2.18
N SER B 602 18.99 98.74 -3.07
CA SER B 602 17.63 99.08 -2.66
C SER B 602 17.10 98.03 -1.68
N GLY B 603 17.46 96.78 -1.93
CA GLY B 603 17.06 95.68 -1.07
C GLY B 603 17.66 95.80 0.31
N ILE B 604 18.98 95.92 0.38
CA ILE B 604 19.68 96.06 1.65
C ILE B 604 19.13 97.24 2.44
N GLU B 605 18.74 98.29 1.71
CA GLU B 605 18.27 99.52 2.36
C GLU B 605 16.83 99.42 2.86
N GLU B 606 16.06 98.48 2.32
CA GLU B 606 14.74 98.20 2.84
C GLU B 606 14.88 97.49 4.19
N GLU B 607 15.77 96.50 4.22
CA GLU B 607 16.05 95.77 5.45
C GLU B 607 16.58 96.70 6.53
N ARG B 608 17.50 97.58 6.16
CA ARG B 608 18.11 98.49 7.13
C ARG B 608 17.05 99.32 7.85
N ARG B 609 15.93 99.57 7.19
CA ARG B 609 14.83 100.29 7.83
C ARG B 609 14.09 99.36 8.79
N LEU B 610 13.97 98.09 8.41
CA LEU B 610 13.34 97.09 9.26
C LEU B 610 14.10 96.98 10.57
N PHE B 611 15.40 96.72 10.47
CA PHE B 611 16.26 96.64 11.65
C PHE B 611 16.22 97.94 12.44
N TYR B 612 16.00 99.05 11.74
CA TYR B 612 15.87 100.35 12.39
C TYR B 612 14.62 100.43 13.25
N VAL B 613 13.50 99.99 12.68
CA VAL B 613 12.23 100.00 13.40
C VAL B 613 12.31 99.16 14.66
N GLY B 614 13.01 98.03 14.57
CA GLY B 614 13.19 97.17 15.73
C GLY B 614 13.92 97.89 16.84
N ILE B 615 15.07 98.46 16.50
CA ILE B 615 15.88 99.19 17.47
C ILE B 615 15.12 100.32 18.15
N THR B 616 14.23 100.98 17.40
CA THR B 616 13.51 102.13 17.91
C THR B 616 12.27 101.75 18.71
N ARG B 617 12.04 100.44 18.86
CA ARG B 617 10.97 99.95 19.70
C ARG B 617 11.35 100.00 21.17
N ALA B 618 12.63 99.75 21.46
CA ALA B 618 13.10 99.69 22.84
C ALA B 618 13.05 101.04 23.56
N MET B 619 12.59 101.01 24.80
CA MET B 619 12.53 102.19 25.65
C MET B 619 13.76 102.28 26.55
N GLU B 620 13.92 101.28 27.41
CA GLU B 620 15.08 101.20 28.31
C GLU B 620 16.18 100.27 27.80
N ARG B 621 15.90 98.98 27.68
CA ARG B 621 16.90 98.02 27.21
C ARG B 621 16.60 97.42 25.83
N LEU B 622 17.65 97.22 25.05
CA LEU B 622 17.58 96.46 23.80
C LEU B 622 18.60 95.32 23.83
N LEU B 623 18.13 94.08 23.76
CA LEU B 623 19.03 92.93 23.76
C LEU B 623 18.91 92.14 22.46
N MET B 624 19.96 92.16 21.64
CA MET B 624 19.94 91.45 20.37
C MET B 624 20.90 90.26 20.34
N THR B 625 20.52 89.21 19.62
CA THR B 625 21.25 87.96 19.67
C THR B 625 21.47 87.36 18.29
N ALA B 626 22.51 86.55 18.15
CA ALA B 626 22.77 85.84 16.91
C ALA B 626 23.22 84.42 17.21
N ALA B 627 23.25 83.58 16.18
CA ALA B 627 23.65 82.19 16.35
C ALA B 627 24.77 81.82 15.38
N GLN B 628 25.69 80.99 15.85
CA GLN B 628 26.76 80.50 14.99
C GLN B 628 26.23 79.46 14.00
N ASN B 629 25.43 78.53 14.52
CA ASN B 629 24.75 77.55 13.67
C ASN B 629 23.24 77.67 13.81
N ARG B 630 22.53 77.43 12.70
CA ARG B 630 21.07 77.47 12.72
C ARG B 630 20.44 76.45 11.78
N MET B 631 19.35 75.82 12.23
CA MET B 631 18.63 74.86 11.41
C MET B 631 17.36 75.45 10.79
N GLN B 632 17.15 75.18 9.51
CA GLN B 632 15.88 75.49 8.86
C GLN B 632 15.39 74.21 8.20
N PHE B 633 14.24 73.73 8.63
CA PHE B 633 13.69 72.49 8.06
C PHE B 633 14.72 71.41 7.75
N GLY B 634 15.38 70.87 8.77
CA GLY B 634 16.08 69.61 8.60
C GLY B 634 17.51 69.58 8.09
N LYS B 635 18.15 70.75 8.00
CA LYS B 635 19.59 70.87 7.84
C LYS B 635 20.24 72.02 8.64
N THR B 636 21.32 71.70 9.36
CA THR B 636 22.03 72.70 10.18
C THR B 636 23.11 73.41 9.35
N ASN B 637 23.06 74.73 9.36
CA ASN B 637 23.95 75.52 8.54
C ASN B 637 24.66 76.62 9.31
N ALA B 638 25.92 76.87 8.94
CA ALA B 638 26.69 77.94 9.55
C ALA B 638 25.97 79.27 9.37
N ALA B 639 26.02 80.12 10.40
CA ALA B 639 25.36 81.41 10.35
C ALA B 639 26.32 82.56 10.62
N GLU B 640 26.25 83.58 9.78
CA GLU B 640 27.15 84.73 9.88
C GLU B 640 26.45 85.93 10.49
N ASP B 641 27.21 86.72 11.24
CA ASP B 641 26.69 87.96 11.83
C ASP B 641 26.14 88.88 10.75
N SER B 642 25.12 89.67 11.11
CA SER B 642 24.52 90.59 10.15
C SER B 642 25.44 91.73 9.78
N ALA B 643 25.42 92.12 8.50
CA ALA B 643 26.21 93.22 7.99
C ALA B 643 25.93 94.51 8.75
N PHE B 644 24.75 94.58 9.35
CA PHE B 644 24.30 95.79 10.05
C PHE B 644 24.99 96.05 11.39
N LEU B 645 25.46 94.99 12.03
CA LEU B 645 26.17 95.15 13.30
C LEU B 645 27.52 95.84 13.08
N GLU B 646 28.07 95.67 11.89
CA GLU B 646 29.28 96.39 11.49
C GLU B 646 28.97 97.88 11.41
N ASP B 647 27.76 98.19 10.95
CA ASP B 647 27.33 99.59 10.82
C ASP B 647 27.31 100.30 12.16
N ILE B 648 26.90 99.57 13.21
CA ILE B 648 26.82 100.15 14.54
C ILE B 648 28.00 99.84 15.48
N GLU B 649 29.04 99.16 15.00
CA GLU B 649 30.09 98.67 15.90
C GLU B 649 30.62 99.78 16.82
N GLY B 650 30.77 99.45 18.10
CA GLY B 650 31.24 100.41 19.07
C GLY B 650 30.10 101.18 19.71
N LEU B 651 28.87 100.95 19.23
CA LEU B 651 27.71 101.54 19.86
C LEU B 651 27.01 100.58 20.80
N PHE B 652 27.53 99.35 20.86
CA PHE B 652 26.94 98.33 21.71
C PHE B 652 28.04 97.47 22.31
N ASP B 653 27.72 96.75 23.38
CA ASP B 653 28.71 95.87 24.00
C ASP B 653 28.28 94.42 23.82
N THR B 654 29.11 93.65 23.11
CA THR B 654 28.84 92.22 22.96
C THR B 654 28.96 91.55 24.33
N VAL B 655 28.26 90.43 24.49
CA VAL B 655 28.00 89.87 25.80
C VAL B 655 28.12 88.36 25.82
N ASP B 656 28.68 87.80 26.88
CA ASP B 656 28.69 86.35 27.03
C ASP B 656 27.35 85.86 27.56
N PRO B 657 27.10 84.54 27.46
CA PRO B 657 25.77 84.02 27.79
C PRO B 657 25.29 84.52 29.15
N TYR B 658 26.23 84.88 30.01
CA TYR B 658 25.87 85.40 31.33
C TYR B 658 25.91 86.94 31.51
N GLY B 659 26.25 87.67 30.45
CA GLY B 659 26.18 89.12 30.51
C GLY B 659 27.37 90.06 30.58
N GLN B 660 28.60 89.58 30.38
CA GLN B 660 29.78 90.48 30.37
C GLN B 660 30.48 90.58 29.01
N PRO B 661 31.14 91.73 28.75
CA PRO B 661 31.79 92.04 27.47
C PRO B 661 32.82 91.02 27.01
N ILE B 662 32.90 90.82 25.70
CA ILE B 662 33.86 89.91 25.09
C ILE B 662 34.46 90.48 23.81
N THR C 2 -28.88 -19.60 -28.42
CA THR C 2 -28.30 -20.83 -28.96
C THR C 2 -27.63 -21.64 -27.84
N SER C 3 -28.45 -22.40 -27.12
CA SER C 3 -27.97 -23.27 -26.05
C SER C 3 -27.37 -22.56 -24.84
N SER C 4 -27.94 -21.42 -24.44
CA SER C 4 -27.63 -20.86 -23.13
C SER C 4 -28.89 -20.57 -22.34
N ALA C 5 -29.08 -21.33 -21.27
CA ALA C 5 -30.20 -21.12 -20.37
C ALA C 5 -29.69 -20.57 -19.05
N GLY C 6 -30.30 -19.50 -18.57
CA GLY C 6 -29.89 -18.88 -17.34
C GLY C 6 -30.08 -19.83 -16.17
N PRO C 7 -29.00 -20.13 -15.43
CA PRO C 7 -29.15 -20.82 -14.15
C PRO C 7 -29.93 -19.84 -13.30
N ASP C 8 -30.71 -20.28 -12.32
CA ASP C 8 -31.58 -19.31 -11.69
C ASP C 8 -30.78 -18.63 -10.60
N LEU C 9 -30.47 -17.36 -10.84
CA LEU C 9 -29.58 -16.61 -9.97
C LEU C 9 -30.38 -16.19 -8.76
N LEU C 10 -31.66 -15.94 -8.98
CA LEU C 10 -32.57 -15.52 -7.92
C LEU C 10 -32.98 -16.70 -7.06
N GLN C 11 -32.98 -17.89 -7.65
CA GLN C 11 -33.29 -19.11 -6.89
C GLN C 11 -32.11 -19.54 -6.02
N ALA C 12 -30.92 -19.53 -6.61
CA ALA C 12 -29.74 -20.08 -5.95
C ALA C 12 -28.91 -19.04 -5.20
N LEU C 13 -29.37 -17.80 -5.15
CA LEU C 13 -28.66 -16.75 -4.44
C LEU C 13 -29.63 -15.77 -3.80
N ASN C 14 -29.15 -15.02 -2.81
CA ASN C 14 -29.91 -13.89 -2.29
C ASN C 14 -29.63 -12.66 -3.14
N PRO C 15 -30.49 -11.62 -3.03
CA PRO C 15 -30.41 -10.47 -3.93
C PRO C 15 -29.00 -9.87 -4.03
N THR C 16 -28.33 -9.68 -2.90
CA THR C 16 -27.01 -9.07 -2.91
C THR C 16 -26.02 -9.93 -3.68
N GLN C 17 -26.00 -11.21 -3.37
CA GLN C 17 -25.18 -12.17 -4.09
C GLN C 17 -25.54 -12.16 -5.57
N ALA C 18 -26.84 -12.15 -5.84
CA ALA C 18 -27.36 -12.23 -7.20
C ALA C 18 -26.84 -11.13 -8.12
N GLN C 19 -26.85 -9.89 -7.63
CA GLN C 19 -26.39 -8.77 -8.42
C GLN C 19 -24.88 -8.73 -8.53
N ALA C 20 -24.21 -9.37 -7.58
CA ALA C 20 -22.76 -9.51 -7.62
C ALA C 20 -22.37 -10.49 -8.71
N ALA C 21 -23.11 -11.59 -8.78
CA ALA C 21 -22.88 -12.61 -9.80
C ALA C 21 -23.36 -12.10 -11.16
N ASP C 22 -24.15 -11.03 -11.14
CA ASP C 22 -24.68 -10.47 -12.36
C ASP C 22 -23.74 -9.40 -12.94
N HIS C 23 -22.71 -9.05 -12.18
CA HIS C 23 -21.71 -8.11 -12.66
C HIS C 23 -21.02 -8.69 -13.89
N PHE C 24 -20.89 -7.86 -14.92
CA PHE C 24 -20.35 -8.30 -16.21
C PHE C 24 -19.03 -7.61 -16.55
N THR C 25 -19.08 -6.28 -16.69
CA THR C 25 -17.94 -5.51 -17.15
C THR C 25 -17.37 -4.59 -16.08
N GLY C 26 -16.10 -4.25 -16.22
CA GLY C 26 -15.45 -3.34 -15.29
C GLY C 26 -14.97 -4.02 -14.03
N PRO C 27 -14.23 -3.29 -13.19
CA PRO C 27 -13.75 -3.79 -11.90
C PRO C 27 -14.89 -3.98 -10.88
N ALA C 28 -14.79 -5.01 -10.05
CA ALA C 28 -15.76 -5.22 -8.98
C ALA C 28 -15.11 -5.87 -7.77
N LEU C 29 -15.56 -5.46 -6.58
CA LEU C 29 -15.01 -5.98 -5.32
C LEU C 29 -16.11 -6.48 -4.41
N VAL C 30 -16.02 -7.76 -4.03
CA VAL C 30 -16.98 -8.36 -3.13
C VAL C 30 -16.34 -8.56 -1.77
N ILE C 31 -16.77 -7.78 -0.79
CA ILE C 31 -16.15 -7.83 0.53
C ILE C 31 -17.15 -8.19 1.64
N ALA C 32 -16.95 -9.35 2.24
CA ALA C 32 -17.87 -9.84 3.27
C ALA C 32 -17.18 -10.87 4.17
N GLY C 33 -17.77 -11.12 5.34
CA GLY C 33 -17.19 -12.03 6.30
C GLY C 33 -17.20 -13.47 5.86
N ALA C 34 -16.67 -14.36 6.71
CA ALA C 34 -16.60 -15.78 6.39
C ALA C 34 -17.99 -16.41 6.32
N GLY C 35 -18.11 -17.48 5.53
CA GLY C 35 -19.36 -18.19 5.38
C GLY C 35 -20.47 -17.32 4.80
N SER C 36 -20.09 -16.29 4.05
CA SER C 36 -21.07 -15.39 3.45
C SER C 36 -21.44 -15.77 2.03
N GLY C 37 -20.83 -16.84 1.52
CA GLY C 37 -21.08 -17.28 0.16
C GLY C 37 -20.32 -16.48 -0.88
N LYS C 38 -19.10 -16.07 -0.54
CA LYS C 38 -18.25 -15.38 -1.49
C LYS C 38 -17.84 -16.32 -2.61
N THR C 39 -17.27 -17.45 -2.24
CA THR C 39 -16.85 -18.46 -3.21
C THR C 39 -18.05 -18.90 -4.04
N ARG C 40 -19.18 -19.11 -3.36
CA ARG C 40 -20.41 -19.51 -4.03
C ARG C 40 -20.81 -18.51 -5.11
N THR C 41 -20.74 -17.23 -4.77
CA THR C 41 -21.07 -16.18 -5.72
C THR C 41 -20.11 -16.19 -6.90
N LEU C 42 -18.83 -16.40 -6.60
CA LEU C 42 -17.80 -16.42 -7.63
C LEU C 42 -18.05 -17.57 -8.62
N ILE C 43 -18.36 -18.74 -8.09
CA ILE C 43 -18.67 -19.89 -8.92
C ILE C 43 -19.82 -19.59 -9.86
N TYR C 44 -20.89 -19.02 -9.33
CA TYR C 44 -22.08 -18.74 -10.13
C TYR C 44 -21.91 -17.61 -11.14
N ARG C 45 -20.98 -16.69 -10.89
CA ARG C 45 -20.75 -15.61 -11.85
C ARG C 45 -20.11 -16.15 -13.12
N ILE C 46 -19.05 -16.94 -12.94
CA ILE C 46 -18.36 -17.54 -14.08
C ILE C 46 -19.37 -18.25 -14.97
N ALA C 47 -20.31 -18.96 -14.34
CA ALA C 47 -21.35 -19.67 -15.07
C ALA C 47 -22.32 -18.70 -15.73
N HIS C 48 -22.57 -17.57 -15.08
CA HIS C 48 -23.50 -16.58 -15.60
C HIS C 48 -22.86 -15.78 -16.73
N LEU C 49 -21.54 -15.66 -16.68
CA LEU C 49 -20.79 -15.00 -17.74
C LEU C 49 -20.92 -15.81 -19.02
N ILE C 50 -20.83 -17.13 -18.87
CA ILE C 50 -20.98 -18.04 -20.00
C ILE C 50 -22.43 -18.13 -20.45
N GLY C 51 -23.32 -18.40 -19.50
CA GLY C 51 -24.71 -18.68 -19.79
C GLY C 51 -25.61 -17.51 -20.11
N HIS C 52 -25.55 -16.46 -19.30
CA HIS C 52 -26.24 -15.19 -19.60
C HIS C 52 -25.49 -14.16 -20.46
N TYR C 53 -24.17 -14.07 -20.30
CA TYR C 53 -23.38 -13.04 -21.02
C TYR C 53 -22.62 -13.50 -22.26
N GLY C 54 -22.70 -14.79 -22.59
CA GLY C 54 -22.05 -15.32 -23.78
C GLY C 54 -20.53 -15.18 -23.83
N VAL C 55 -19.88 -15.08 -22.67
CA VAL C 55 -18.42 -15.03 -22.63
C VAL C 55 -17.87 -16.45 -22.81
N HIS C 56 -16.98 -16.62 -23.78
CA HIS C 56 -16.39 -17.94 -24.04
C HIS C 56 -15.49 -18.35 -22.88
N PRO C 57 -15.64 -19.59 -22.40
CA PRO C 57 -14.86 -20.11 -21.28
C PRO C 57 -13.37 -19.86 -21.44
N GLY C 58 -12.87 -19.97 -22.68
CA GLY C 58 -11.46 -19.80 -22.96
C GLY C 58 -10.97 -18.38 -22.76
N GLU C 59 -11.89 -17.46 -22.49
CA GLU C 59 -11.51 -16.09 -22.19
C GLU C 59 -11.51 -15.78 -20.69
N ILE C 60 -11.91 -16.75 -19.87
CA ILE C 60 -12.08 -16.50 -18.44
C ILE C 60 -10.99 -17.14 -17.58
N LEU C 61 -10.53 -16.40 -16.57
CA LEU C 61 -9.52 -16.88 -15.64
C LEU C 61 -10.01 -16.73 -14.21
N ALA C 62 -10.02 -17.82 -13.45
CA ALA C 62 -10.29 -17.71 -12.02
C ALA C 62 -9.06 -18.20 -11.26
N VAL C 63 -8.37 -17.26 -10.62
CA VAL C 63 -7.17 -17.60 -9.86
C VAL C 63 -7.53 -17.83 -8.40
N THR C 64 -6.94 -18.87 -7.83
CA THR C 64 -7.21 -19.24 -6.44
C THR C 64 -5.88 -19.58 -5.77
N PHE C 65 -5.93 -19.94 -4.50
CA PHE C 65 -4.70 -20.31 -3.79
C PHE C 65 -4.24 -21.75 -4.02
N THR C 66 -5.17 -22.71 -4.01
CA THR C 66 -4.81 -24.12 -4.16
C THR C 66 -5.60 -24.78 -5.28
N ASN C 67 -4.96 -25.71 -6.00
CA ASN C 67 -5.62 -26.38 -7.11
C ASN C 67 -6.82 -27.21 -6.68
N LYS C 68 -6.75 -27.75 -5.45
CA LYS C 68 -7.86 -28.52 -4.90
C LYS C 68 -9.10 -27.65 -4.82
N ALA C 69 -8.90 -26.35 -4.66
CA ALA C 69 -9.99 -25.39 -4.65
C ALA C 69 -10.43 -25.11 -6.08
N ALA C 70 -9.47 -25.15 -7.00
CA ALA C 70 -9.76 -24.87 -8.41
C ALA C 70 -10.39 -26.08 -9.09
N ALA C 71 -10.11 -27.28 -8.59
CA ALA C 71 -10.72 -28.48 -9.11
C ALA C 71 -12.13 -28.63 -8.54
N GLU C 72 -12.34 -28.06 -7.36
CA GLU C 72 -13.64 -28.06 -6.73
C GLU C 72 -14.51 -26.98 -7.36
N MET C 73 -13.93 -25.82 -7.62
CA MET C 73 -14.62 -24.77 -8.34
C MET C 73 -14.93 -25.24 -9.74
N ARG C 74 -14.00 -26.01 -10.31
CA ARG C 74 -14.18 -26.60 -11.62
C ARG C 74 -15.30 -27.63 -11.54
N GLU C 75 -15.33 -28.37 -10.44
CA GLU C 75 -16.36 -29.36 -10.20
C GLU C 75 -17.73 -28.70 -10.10
N ARG C 76 -17.80 -27.65 -9.29
CA ARG C 76 -19.06 -26.95 -9.05
C ARG C 76 -19.59 -26.28 -10.31
N ALA C 77 -18.69 -25.69 -11.09
CA ALA C 77 -19.07 -25.06 -12.34
C ALA C 77 -19.45 -26.12 -13.35
N GLY C 78 -18.89 -27.32 -13.17
CA GLY C 78 -19.23 -28.45 -14.01
C GLY C 78 -20.62 -28.96 -13.64
N HIS C 79 -20.96 -28.83 -12.37
CA HIS C 79 -22.27 -29.21 -11.87
C HIS C 79 -23.32 -28.28 -12.47
N LEU C 80 -22.89 -27.07 -12.77
CA LEU C 80 -23.78 -25.99 -13.16
C LEU C 80 -23.84 -25.78 -14.67
N VAL C 81 -22.70 -25.48 -15.28
CA VAL C 81 -22.66 -25.25 -16.72
C VAL C 81 -21.80 -26.29 -17.44
N PRO C 82 -22.24 -26.74 -18.62
CA PRO C 82 -21.46 -27.63 -19.47
C PRO C 82 -20.28 -26.91 -20.13
N GLY C 83 -19.18 -27.61 -20.31
CA GLY C 83 -17.98 -27.02 -20.88
C GLY C 83 -17.19 -26.26 -19.84
N ALA C 84 -17.27 -26.71 -18.60
CA ALA C 84 -16.59 -26.03 -17.50
C ALA C 84 -15.07 -26.14 -17.58
N GLY C 85 -14.58 -27.19 -18.24
CA GLY C 85 -13.16 -27.46 -18.29
C GLY C 85 -12.23 -26.64 -19.17
N ASP C 86 -12.83 -25.98 -20.15
CA ASP C 86 -12.02 -25.21 -21.07
C ASP C 86 -11.38 -24.00 -20.36
N LEU C 87 -12.08 -23.45 -19.44
CA LEU C 87 -11.72 -22.20 -18.75
C LEU C 87 -10.50 -22.47 -17.86
N TRP C 88 -9.74 -21.40 -17.59
CA TRP C 88 -8.50 -21.45 -16.81
C TRP C 88 -8.77 -21.25 -15.32
N MET C 89 -8.48 -22.27 -14.50
CA MET C 89 -8.52 -22.10 -13.05
C MET C 89 -7.28 -22.67 -12.38
N SER C 90 -6.46 -21.79 -11.80
CA SER C 90 -5.21 -22.21 -11.18
C SER C 90 -4.64 -21.19 -10.19
N THR C 91 -3.66 -21.64 -9.42
CA THR C 91 -2.92 -20.77 -8.51
C THR C 91 -2.21 -19.67 -9.28
N PHE C 92 -1.88 -18.59 -8.60
CA PHE C 92 -1.01 -17.57 -9.16
C PHE C 92 0.27 -18.23 -9.67
N HIS C 93 0.86 -19.10 -8.86
CA HIS C 93 2.09 -19.80 -9.24
C HIS C 93 1.87 -20.76 -10.39
N SER C 94 0.80 -21.55 -10.30
CA SER C 94 0.46 -22.51 -11.35
C SER C 94 0.30 -21.81 -12.70
N ALA C 95 -0.35 -20.65 -12.69
CA ALA C 95 -0.52 -19.87 -13.91
C ALA C 95 0.80 -19.22 -14.31
N GLY C 96 1.67 -19.03 -13.33
CA GLY C 96 2.98 -18.46 -13.57
C GLY C 96 3.83 -19.41 -14.37
N VAL C 97 3.68 -20.71 -14.09
CA VAL C 97 4.38 -21.74 -14.84
C VAL C 97 3.95 -21.72 -16.30
N ARG C 98 2.64 -21.75 -16.52
CA ARG C 98 2.09 -21.85 -17.87
C ARG C 98 2.52 -20.70 -18.76
N ILE C 99 2.43 -19.47 -18.24
CA ILE C 99 2.82 -18.30 -19.02
C ILE C 99 4.31 -18.32 -19.35
N LEU C 100 5.12 -18.76 -18.39
CA LEU C 100 6.56 -18.78 -18.54
C LEU C 100 7.06 -19.86 -19.50
N ARG C 101 6.50 -21.06 -19.39
CA ARG C 101 6.87 -22.15 -20.29
C ARG C 101 6.54 -21.76 -21.73
N THR C 102 5.40 -21.13 -21.91
CA THR C 102 4.95 -20.74 -23.24
C THR C 102 5.81 -19.62 -23.85
N TYR C 103 5.95 -18.50 -23.14
CA TYR C 103 6.75 -17.36 -23.64
C TYR C 103 8.17 -17.15 -23.11
N GLY C 104 8.60 -17.96 -22.15
CA GLY C 104 9.77 -17.63 -21.32
C GLY C 104 11.02 -17.17 -22.04
N GLU C 105 11.20 -17.63 -23.26
CA GLU C 105 12.38 -17.35 -24.07
C GLU C 105 12.48 -15.88 -24.46
N HIS C 106 11.42 -15.12 -24.18
CA HIS C 106 11.42 -13.69 -24.44
C HIS C 106 12.24 -12.94 -23.39
N ILE C 107 12.27 -13.45 -22.16
CA ILE C 107 13.08 -12.84 -21.12
C ILE C 107 14.44 -13.51 -20.87
N GLY C 108 14.75 -14.54 -21.64
CA GLY C 108 16.03 -15.21 -21.53
C GLY C 108 15.97 -16.55 -20.82
N LEU C 109 14.77 -17.04 -20.57
CA LEU C 109 14.60 -18.34 -19.94
C LEU C 109 14.59 -19.39 -21.04
N ARG C 110 15.65 -20.18 -21.10
CA ARG C 110 15.79 -21.17 -22.15
C ARG C 110 14.80 -22.29 -21.90
N ARG C 111 14.26 -22.84 -22.98
CA ARG C 111 13.33 -23.95 -22.87
C ARG C 111 13.98 -25.06 -22.07
N GLY C 112 13.19 -25.71 -21.23
CA GLY C 112 13.70 -26.79 -20.40
C GLY C 112 14.36 -26.26 -19.15
N PHE C 113 14.05 -25.02 -18.78
CA PHE C 113 14.55 -24.46 -17.54
C PHE C 113 13.96 -25.27 -16.39
N VAL C 114 14.66 -25.28 -15.26
CA VAL C 114 14.25 -26.14 -14.15
C VAL C 114 13.77 -25.37 -12.93
N ILE C 115 12.64 -25.83 -12.39
CA ILE C 115 12.04 -25.23 -11.21
C ILE C 115 12.70 -25.82 -9.96
N TYR C 116 13.33 -24.94 -9.19
CA TYR C 116 13.99 -25.30 -7.94
C TYR C 116 13.01 -25.45 -6.78
N ASP C 117 13.43 -26.20 -5.76
CA ASP C 117 12.65 -26.28 -4.51
C ASP C 117 13.44 -25.71 -3.33
N ASP C 118 12.91 -25.82 -2.12
CA ASP C 118 13.56 -25.23 -0.96
C ASP C 118 15.00 -25.68 -0.70
N ASP C 119 15.30 -26.95 -0.92
CA ASP C 119 16.68 -27.43 -0.70
C ASP C 119 17.58 -26.98 -1.83
N ASP C 120 17.05 -26.97 -3.05
CA ASP C 120 17.80 -26.52 -4.21
C ASP C 120 18.38 -25.13 -4.00
N GLN C 121 17.60 -24.25 -3.38
CA GLN C 121 18.05 -22.91 -3.08
C GLN C 121 19.26 -22.93 -2.15
N LEU C 122 19.28 -23.91 -1.25
CA LEU C 122 20.33 -24.00 -0.25
C LEU C 122 21.67 -24.47 -0.83
N ASP C 123 21.61 -25.23 -1.91
CA ASP C 123 22.84 -25.65 -2.58
C ASP C 123 23.47 -24.45 -3.27
N ILE C 124 22.62 -23.53 -3.72
CA ILE C 124 23.08 -22.29 -4.31
C ILE C 124 23.57 -21.34 -3.23
N ILE C 125 22.81 -21.26 -2.14
CA ILE C 125 23.12 -20.36 -1.04
C ILE C 125 24.46 -20.66 -0.38
N LYS C 126 24.67 -21.92 0.01
CA LYS C 126 25.94 -22.29 0.64
C LYS C 126 27.11 -22.03 -0.30
N GLU C 127 26.85 -22.16 -1.59
CA GLU C 127 27.91 -22.01 -2.59
C GLU C 127 28.33 -20.55 -2.73
N VAL C 128 27.36 -19.64 -2.64
CA VAL C 128 27.63 -18.21 -2.74
C VAL C 128 28.03 -17.47 -1.46
N MET C 129 27.68 -18.03 -0.29
CA MET C 129 27.80 -17.23 0.95
C MET C 129 29.17 -17.28 1.62
N GLY C 130 30.09 -18.05 1.05
CA GLY C 130 31.43 -18.17 1.58
C GLY C 130 32.18 -16.85 1.58
N SER C 131 32.00 -16.08 0.52
CA SER C 131 32.70 -14.80 0.37
C SER C 131 32.02 -13.72 1.20
N ILE C 132 30.70 -13.80 1.31
CA ILE C 132 29.91 -12.76 1.93
C ILE C 132 30.40 -12.38 3.34
N PRO C 133 30.71 -11.10 3.53
CA PRO C 133 31.19 -10.49 4.77
C PRO C 133 30.25 -10.72 5.94
N GLY C 134 28.96 -10.84 5.63
CA GLY C 134 27.91 -11.01 6.62
C GLY C 134 27.73 -12.49 6.92
N ILE C 135 28.82 -13.22 6.73
CA ILE C 135 28.81 -14.68 6.69
C ILE C 135 28.01 -15.37 7.80
N GLY C 136 28.09 -14.88 9.04
CA GLY C 136 27.19 -15.39 10.06
C GLY C 136 27.29 -16.90 10.16
N ALA C 137 28.45 -17.43 10.51
CA ALA C 137 28.65 -18.87 10.51
C ALA C 137 27.45 -19.57 11.15
N GLU C 138 26.90 -18.97 12.19
CA GLU C 138 25.70 -19.51 12.81
C GLU C 138 24.41 -19.15 12.07
N THR C 139 24.41 -18.05 11.33
CA THR C 139 23.25 -17.74 10.49
C THR C 139 23.09 -18.84 9.46
N GLN C 140 21.93 -19.47 9.48
CA GLN C 140 21.68 -20.60 8.60
C GLN C 140 21.57 -20.14 7.16
N PRO C 141 21.85 -21.05 6.22
CA PRO C 141 21.54 -20.84 4.82
C PRO C 141 20.04 -20.63 4.70
N ARG C 142 19.34 -20.99 5.77
CA ARG C 142 17.88 -20.87 5.83
C ARG C 142 17.39 -19.43 5.97
N VAL C 143 18.04 -18.67 6.86
CA VAL C 143 17.64 -17.28 7.08
C VAL C 143 17.84 -16.47 5.81
N ILE C 144 18.91 -16.78 5.09
CA ILE C 144 19.19 -16.11 3.83
C ILE C 144 18.14 -16.46 2.79
N ARG C 145 17.65 -17.69 2.84
CA ARG C 145 16.59 -18.14 1.96
C ARG C 145 15.28 -17.43 2.30
N GLY C 146 15.18 -16.99 3.56
CA GLY C 146 13.97 -16.35 4.04
C GLY C 146 13.85 -14.91 3.59
N ILE C 147 14.98 -14.23 3.47
CA ILE C 147 15.00 -12.85 3.03
C ILE C 147 14.89 -12.77 1.52
N ILE C 148 15.38 -13.80 0.82
CA ILE C 148 15.27 -13.87 -0.63
C ILE C 148 13.83 -14.02 -1.06
N ASP C 149 13.15 -15.03 -0.50
CA ASP C 149 11.76 -15.30 -0.86
C ASP C 149 10.83 -14.14 -0.55
N ARG C 150 10.91 -13.63 0.68
CA ARG C 150 10.03 -12.54 1.10
C ARG C 150 10.29 -11.28 0.28
N ALA C 151 11.52 -11.12 -0.20
CA ALA C 151 11.87 -9.98 -1.03
C ALA C 151 11.16 -10.07 -2.37
N LYS C 152 11.14 -11.26 -2.96
CA LYS C 152 10.50 -11.47 -4.26
C LYS C 152 8.98 -11.50 -4.14
N SER C 153 8.49 -11.70 -2.92
CA SER C 153 7.06 -11.56 -2.66
C SER C 153 6.73 -10.08 -2.51
N ASN C 154 7.74 -9.30 -2.15
CA ASN C 154 7.62 -7.86 -2.07
C ASN C 154 7.98 -7.20 -3.41
N LEU C 155 8.41 -8.03 -4.36
CA LEU C 155 8.77 -7.56 -5.70
C LEU C 155 9.96 -6.60 -5.65
N TRP C 156 10.95 -6.93 -4.81
CA TRP C 156 12.17 -6.14 -4.72
C TRP C 156 13.31 -6.82 -5.47
N THR C 157 14.20 -6.01 -6.04
CA THR C 157 15.43 -6.53 -6.67
C THR C 157 16.57 -6.50 -5.65
N PRO C 158 17.80 -6.89 -6.08
CA PRO C 158 18.94 -6.83 -5.15
C PRO C 158 19.21 -5.42 -4.63
N ASP C 159 19.08 -4.42 -5.50
CA ASP C 159 19.37 -3.04 -5.12
C ASP C 159 18.26 -2.47 -4.24
N ASP C 160 17.03 -2.92 -4.48
CA ASP C 160 15.90 -2.52 -3.65
C ASP C 160 16.15 -2.88 -2.19
N LEU C 161 16.69 -4.07 -1.98
CA LEU C 161 16.92 -4.59 -0.63
C LEU C 161 18.09 -3.88 0.03
N ASP C 162 18.99 -3.32 -0.78
CA ASP C 162 20.10 -2.55 -0.27
C ASP C 162 19.60 -1.19 0.18
N ARG C 163 18.74 -0.59 -0.64
CA ARG C 163 18.16 0.71 -0.33
C ARG C 163 17.07 0.61 0.75
N SER C 164 16.74 -0.61 1.16
CA SER C 164 15.76 -0.82 2.22
C SER C 164 16.21 -0.10 3.50
N ARG C 165 15.28 0.58 4.17
CA ARG C 165 15.63 1.47 5.28
C ARG C 165 16.09 0.78 6.56
N GLU C 166 15.71 -0.49 6.75
CA GLU C 166 16.22 -1.24 7.89
C GLU C 166 17.64 -1.68 7.60
N PRO C 167 18.59 -1.23 8.43
CA PRO C 167 20.03 -1.47 8.25
C PRO C 167 20.41 -2.93 8.46
N PHE C 168 19.61 -3.66 9.24
CA PHE C 168 19.82 -5.09 9.41
C PHE C 168 18.49 -5.81 9.23
N ILE C 169 18.39 -6.64 8.20
CA ILE C 169 17.16 -7.40 7.96
C ILE C 169 17.19 -8.70 8.74
N SER C 170 16.20 -8.88 9.63
CA SER C 170 16.22 -10.00 10.57
C SER C 170 17.55 -10.02 11.33
N GLY C 171 18.33 -11.08 11.16
CA GLY C 171 19.61 -11.18 11.85
C GLY C 171 20.86 -10.88 11.03
N LEU C 172 20.70 -10.20 9.90
CA LEU C 172 21.85 -9.91 9.03
C LEU C 172 21.91 -8.46 8.56
N PRO C 173 23.14 -7.93 8.38
CA PRO C 173 23.36 -6.59 7.82
C PRO C 173 22.84 -6.48 6.38
N ARG C 174 22.07 -5.43 6.11
CA ARG C 174 21.30 -5.32 4.87
C ARG C 174 22.11 -5.46 3.58
N ASP C 175 23.27 -4.83 3.52
CA ASP C 175 24.07 -4.88 2.30
C ASP C 175 24.59 -6.30 2.04
N ALA C 176 24.83 -7.04 3.13
CA ALA C 176 25.33 -8.41 3.03
C ALA C 176 24.26 -9.32 2.47
N ALA C 177 23.08 -9.28 3.07
CA ALA C 177 21.95 -10.06 2.59
C ALA C 177 21.65 -9.70 1.14
N ALA C 178 21.71 -8.41 0.85
CA ALA C 178 21.54 -7.92 -0.52
C ALA C 178 22.59 -8.54 -1.41
N GLU C 179 23.83 -8.60 -0.90
CA GLU C 179 24.95 -9.13 -1.66
C GLU C 179 24.83 -10.64 -1.86
N ALA C 180 24.26 -11.34 -0.88
CA ALA C 180 24.04 -12.77 -1.00
C ALA C 180 22.96 -13.07 -2.03
N TYR C 181 21.98 -12.17 -2.11
CA TYR C 181 20.84 -12.31 -3.00
C TYR C 181 21.24 -12.09 -4.45
N ARG C 182 22.29 -11.29 -4.64
CA ARG C 182 22.75 -10.91 -5.97
C ARG C 182 23.54 -12.03 -6.64
N ARG C 183 24.37 -12.72 -5.86
CA ARG C 183 25.17 -13.82 -6.37
C ARG C 183 24.36 -15.10 -6.47
N TYR C 184 23.34 -15.22 -5.63
CA TYR C 184 22.37 -16.31 -5.74
C TYR C 184 21.66 -16.20 -7.08
N GLU C 185 21.48 -14.96 -7.53
CA GLU C 185 20.73 -14.69 -8.76
C GLU C 185 21.52 -14.96 -10.04
N VAL C 186 22.83 -14.80 -9.99
CA VAL C 186 23.66 -15.10 -11.15
C VAL C 186 23.91 -16.60 -11.27
N ARG C 187 23.89 -17.28 -10.13
CA ARG C 187 24.14 -18.72 -10.10
C ARG C 187 22.90 -19.48 -10.55
N LYS C 188 21.74 -18.99 -10.14
CA LYS C 188 20.47 -19.59 -10.51
C LYS C 188 20.18 -19.33 -11.98
N LYS C 189 20.55 -18.14 -12.42
CA LYS C 189 20.35 -17.73 -13.81
C LYS C 189 21.28 -18.46 -14.74
N GLY C 190 22.54 -18.62 -14.33
CA GLY C 190 23.52 -19.33 -15.13
C GLY C 190 23.32 -20.81 -15.00
N GLN C 191 22.35 -21.19 -14.18
CA GLN C 191 21.99 -22.58 -13.96
C GLN C 191 20.82 -22.99 -14.84
N ASN C 192 20.33 -22.07 -15.66
CA ASN C 192 19.12 -22.30 -16.42
C ASN C 192 18.03 -22.80 -15.47
N ALA C 193 17.69 -21.96 -14.49
CA ALA C 193 16.77 -22.35 -13.45
C ALA C 193 16.07 -21.16 -12.82
N ILE C 194 14.88 -21.40 -12.28
CA ILE C 194 14.18 -20.41 -11.49
C ILE C 194 13.40 -21.09 -10.36
N ASP C 195 13.36 -20.44 -9.20
CA ASP C 195 12.55 -20.96 -8.10
C ASP C 195 11.12 -20.48 -7.94
N PHE C 196 10.51 -20.75 -6.79
CA PHE C 196 9.08 -20.59 -6.63
C PHE C 196 8.54 -19.15 -6.92
N GLY C 197 9.09 -18.25 -6.12
CA GLY C 197 8.87 -16.83 -6.33
C GLY C 197 8.96 -16.23 -7.71
N ASP C 198 9.99 -16.65 -8.45
CA ASP C 198 10.22 -16.16 -9.81
C ASP C 198 9.02 -16.41 -10.71
N LEU C 199 8.27 -17.47 -10.40
CA LEU C 199 7.07 -17.79 -11.16
C LEU C 199 6.13 -16.60 -11.20
N ILE C 200 6.27 -15.72 -10.21
CA ILE C 200 5.51 -14.48 -10.14
C ILE C 200 6.30 -13.31 -10.75
N THR C 201 7.46 -13.02 -10.16
CA THR C 201 8.28 -11.88 -10.55
C THR C 201 8.79 -11.89 -12.00
N GLU C 202 9.12 -13.05 -12.54
CA GLU C 202 9.65 -13.13 -13.91
C GLU C 202 8.55 -12.90 -14.92
N THR C 203 7.35 -13.39 -14.61
CA THR C 203 6.19 -13.20 -15.47
C THR C 203 5.84 -11.72 -15.48
N VAL C 204 5.90 -11.10 -14.30
CA VAL C 204 5.71 -9.68 -14.17
C VAL C 204 6.72 -8.94 -15.04
N ARG C 205 7.99 -9.33 -14.91
CA ARG C 205 9.07 -8.72 -15.66
C ARG C 205 8.86 -8.92 -17.16
N LEU C 206 8.31 -10.07 -17.52
CA LEU C 206 8.00 -10.39 -18.91
C LEU C 206 6.98 -9.42 -19.50
N PHE C 207 5.95 -9.12 -18.72
CA PHE C 207 4.83 -8.33 -19.21
C PHE C 207 5.15 -6.86 -19.46
N LYS C 208 6.00 -6.28 -18.62
CA LYS C 208 6.38 -4.88 -18.82
C LYS C 208 7.46 -4.71 -19.90
N GLU C 209 8.36 -5.69 -20.03
CA GLU C 209 9.38 -5.64 -21.07
C GLU C 209 8.80 -5.95 -22.44
N VAL C 210 8.03 -7.02 -22.55
CA VAL C 210 7.37 -7.35 -23.80
C VAL C 210 5.88 -7.14 -23.64
N PRO C 211 5.36 -6.03 -24.20
CA PRO C 211 3.94 -5.68 -24.13
C PRO C 211 3.07 -6.62 -24.97
N GLY C 212 3.55 -6.97 -26.16
CA GLY C 212 2.78 -7.77 -27.09
C GLY C 212 2.43 -9.14 -26.54
N VAL C 213 3.30 -9.68 -25.70
CA VAL C 213 3.05 -10.97 -25.08
C VAL C 213 1.98 -10.82 -24.00
N LEU C 214 2.07 -9.73 -23.24
CA LEU C 214 1.04 -9.37 -22.28
C LEU C 214 -0.32 -9.31 -22.98
N ASP C 215 -0.30 -8.76 -24.20
CA ASP C 215 -1.52 -8.63 -24.99
C ASP C 215 -2.07 -10.00 -25.37
N LYS C 216 -1.17 -10.90 -25.77
CA LYS C 216 -1.57 -12.24 -26.19
C LYS C 216 -2.15 -13.03 -25.03
N VAL C 217 -1.70 -12.74 -23.82
CA VAL C 217 -2.22 -13.39 -22.63
C VAL C 217 -3.57 -12.80 -22.26
N GLN C 218 -3.70 -11.49 -22.39
CA GLN C 218 -4.92 -10.79 -22.01
C GLN C 218 -6.13 -11.26 -22.83
N ASN C 219 -5.87 -11.99 -23.91
CA ASN C 219 -6.96 -12.58 -24.69
C ASN C 219 -7.50 -13.84 -24.05
N LYS C 220 -6.60 -14.60 -23.42
CA LYS C 220 -7.02 -15.75 -22.62
C LYS C 220 -7.53 -15.31 -21.24
N ALA C 221 -7.00 -14.23 -20.68
CA ALA C 221 -7.73 -13.65 -19.56
C ALA C 221 -8.32 -12.33 -20.01
N LYS C 222 -9.57 -12.40 -20.46
CA LYS C 222 -10.41 -11.24 -20.69
C LYS C 222 -11.23 -10.87 -19.46
N PHE C 223 -11.61 -11.92 -18.72
CA PHE C 223 -12.40 -11.74 -17.51
C PHE C 223 -11.71 -12.47 -16.37
N ILE C 224 -11.25 -11.69 -15.40
CA ILE C 224 -10.33 -12.20 -14.39
C ILE C 224 -10.97 -12.24 -13.01
N HIS C 225 -10.93 -13.40 -12.38
CA HIS C 225 -11.52 -13.56 -11.05
C HIS C 225 -10.43 -13.82 -10.02
N VAL C 226 -10.60 -13.27 -8.83
CA VAL C 226 -9.65 -13.50 -7.75
C VAL C 226 -10.33 -13.80 -6.42
N ASP C 227 -10.01 -14.97 -5.86
CA ASP C 227 -10.57 -15.38 -4.57
C ASP C 227 -9.47 -15.31 -3.51
N GLU C 228 -9.86 -15.01 -2.28
CA GLU C 228 -8.90 -14.91 -1.17
C GLU C 228 -7.91 -13.77 -1.42
N TYR C 229 -8.40 -12.70 -2.01
CA TYR C 229 -7.56 -11.56 -2.39
C TYR C 229 -6.93 -10.89 -1.17
N GLN C 230 -7.52 -11.10 0.00
CA GLN C 230 -6.95 -10.52 1.22
C GLN C 230 -5.54 -11.04 1.49
N ASP C 231 -5.28 -12.31 1.20
CA ASP C 231 -3.89 -12.74 1.18
C ASP C 231 -3.46 -12.79 -0.27
N THR C 232 -2.80 -11.71 -0.68
CA THR C 232 -2.09 -11.65 -1.94
C THR C 232 -0.96 -10.66 -1.74
N ASN C 233 0.24 -11.00 -2.21
CA ASN C 233 1.39 -10.16 -1.95
C ASN C 233 1.56 -9.08 -3.01
N ARG C 234 2.57 -8.23 -2.83
CA ARG C 234 2.81 -7.11 -3.73
C ARG C 234 3.05 -7.59 -5.16
N ALA C 235 3.80 -8.68 -5.31
CA ALA C 235 4.08 -9.24 -6.62
C ALA C 235 2.78 -9.74 -7.26
N GLN C 236 2.04 -10.54 -6.52
CA GLN C 236 0.76 -11.06 -7.00
C GLN C 236 -0.16 -9.92 -7.40
N TYR C 237 -0.30 -8.93 -6.52
CA TYR C 237 -1.10 -7.75 -6.81
C TYR C 237 -0.67 -7.11 -8.14
N GLU C 238 0.63 -6.97 -8.31
CA GLU C 238 1.18 -6.30 -9.49
C GLU C 238 0.91 -7.09 -10.77
N LEU C 239 0.97 -8.41 -10.67
CA LEU C 239 0.69 -9.27 -11.82
C LEU C 239 -0.76 -9.13 -12.23
N THR C 240 -1.64 -9.04 -11.23
CA THR C 240 -3.07 -8.92 -11.47
C THR C 240 -3.43 -7.60 -12.13
N ARG C 241 -2.79 -6.53 -11.69
CA ARG C 241 -3.00 -5.21 -12.28
C ARG C 241 -2.58 -5.22 -13.75
N LEU C 242 -1.46 -5.87 -14.03
CA LEU C 242 -0.92 -5.92 -15.38
C LEU C 242 -1.77 -6.76 -16.33
N LEU C 243 -2.34 -7.84 -15.81
CA LEU C 243 -3.22 -8.67 -16.61
C LEU C 243 -4.56 -7.98 -16.82
N ALA C 244 -4.92 -7.11 -15.89
CA ALA C 244 -6.18 -6.39 -15.96
C ALA C 244 -6.08 -5.20 -16.90
N SER C 245 -4.87 -4.67 -17.02
CA SER C 245 -4.66 -3.32 -17.54
C SER C 245 -5.46 -2.94 -18.77
N ARG C 246 -5.59 -3.88 -19.71
CA ARG C 246 -6.30 -3.57 -20.95
C ARG C 246 -7.82 -3.57 -20.75
N ASP C 247 -8.36 -4.74 -20.48
CA ASP C 247 -9.82 -4.92 -20.39
C ASP C 247 -10.41 -4.44 -19.06
N ARG C 248 -9.63 -4.55 -18.00
CA ARG C 248 -10.08 -4.11 -16.69
C ARG C 248 -11.38 -4.75 -16.25
N ASN C 249 -11.64 -5.99 -16.65
CA ASN C 249 -12.73 -6.69 -16.02
C ASN C 249 -12.08 -7.55 -14.98
N LEU C 250 -12.18 -7.09 -13.75
CA LEU C 250 -11.48 -7.72 -12.65
C LEU C 250 -12.38 -7.78 -11.44
N LEU C 251 -12.71 -9.00 -11.03
CA LEU C 251 -13.53 -9.19 -9.87
C LEU C 251 -12.65 -9.79 -8.80
N VAL C 252 -12.68 -9.22 -7.61
CA VAL C 252 -11.92 -9.76 -6.50
C VAL C 252 -12.85 -10.07 -5.34
N VAL C 253 -12.47 -11.06 -4.54
CA VAL C 253 -13.29 -11.53 -3.44
C VAL C 253 -12.40 -11.86 -2.25
N GLY C 254 -12.92 -11.65 -1.04
CA GLY C 254 -12.13 -11.91 0.15
C GLY C 254 -12.73 -11.38 1.43
N ASP C 255 -11.86 -11.12 2.39
CA ASP C 255 -12.28 -10.64 3.69
C ASP C 255 -11.02 -10.35 4.49
N PRO C 256 -10.95 -9.16 5.09
CA PRO C 256 -9.80 -8.66 5.85
C PRO C 256 -9.62 -9.41 7.16
N ASP C 257 -10.75 -9.79 7.77
CA ASP C 257 -10.74 -10.53 9.01
C ASP C 257 -10.15 -11.92 8.79
N GLN C 258 -10.12 -12.34 7.53
CA GLN C 258 -9.56 -13.63 7.17
C GLN C 258 -8.10 -13.57 6.73
N SER C 259 -7.44 -12.41 6.88
CA SER C 259 -6.11 -12.29 6.29
C SER C 259 -5.07 -12.80 7.28
N ILE C 260 -4.60 -14.01 7.02
CA ILE C 260 -3.63 -14.70 7.87
C ILE C 260 -2.19 -14.84 7.35
N TYR C 261 -1.93 -14.44 6.10
CA TYR C 261 -0.63 -14.75 5.46
C TYR C 261 0.46 -13.69 5.58
N LYS C 262 0.21 -12.67 6.39
CA LYS C 262 1.12 -11.53 6.52
C LYS C 262 2.58 -11.97 6.61
N PHE C 263 2.83 -13.04 7.35
CA PHE C 263 4.18 -13.56 7.52
C PHE C 263 4.86 -13.88 6.19
N ARG C 264 4.07 -14.21 5.17
CA ARG C 264 4.60 -14.65 3.88
C ARG C 264 4.81 -13.51 2.91
N GLY C 265 4.32 -12.32 3.28
CA GLY C 265 4.30 -11.22 2.36
C GLY C 265 2.91 -10.86 1.87
N ALA C 266 1.87 -11.45 2.46
CA ALA C 266 0.49 -11.07 2.13
C ALA C 266 0.29 -9.60 2.49
N ASP C 267 -0.51 -8.90 1.71
CA ASP C 267 -0.74 -7.46 1.93
C ASP C 267 -2.22 -7.19 2.11
N ILE C 268 -2.63 -6.77 3.31
CA ILE C 268 -4.05 -6.54 3.57
C ILE C 268 -4.53 -5.28 2.87
N GLN C 269 -3.61 -4.36 2.63
CA GLN C 269 -3.92 -3.09 1.98
C GLN C 269 -4.37 -3.25 0.53
N ASN C 270 -4.16 -4.43 -0.04
CA ASN C 270 -4.52 -4.65 -1.43
C ASN C 270 -6.04 -4.76 -1.64
N ILE C 271 -6.71 -5.44 -0.71
CA ILE C 271 -8.15 -5.56 -0.76
C ILE C 271 -8.86 -4.33 -0.18
N LEU C 272 -8.23 -3.70 0.82
CA LEU C 272 -8.80 -2.51 1.46
C LEU C 272 -8.71 -1.28 0.56
N ASP C 273 -7.69 -1.21 -0.27
CA ASP C 273 -7.50 -0.08 -1.19
C ASP C 273 -7.98 -0.32 -2.63
N PHE C 274 -8.61 -1.46 -2.88
CA PHE C 274 -9.00 -1.83 -4.24
C PHE C 274 -9.75 -0.73 -5.02
N GLN C 275 -10.60 0.04 -4.33
CA GLN C 275 -11.38 1.08 -4.99
C GLN C 275 -10.55 2.34 -5.23
N LYS C 276 -9.54 2.54 -4.40
CA LYS C 276 -8.60 3.65 -4.60
C LYS C 276 -7.74 3.33 -5.81
N ASP C 277 -7.57 2.03 -6.08
CA ASP C 277 -6.88 1.55 -7.27
C ASP C 277 -7.80 1.54 -8.50
N TYR C 278 -9.06 1.19 -8.28
CA TYR C 278 -10.03 1.10 -9.37
C TYR C 278 -11.28 1.93 -9.04
N PRO C 279 -11.19 3.25 -9.24
CA PRO C 279 -12.21 4.22 -8.83
C PRO C 279 -13.62 3.85 -9.28
N ASP C 280 -13.71 3.13 -10.38
CA ASP C 280 -14.99 2.80 -11.00
C ASP C 280 -15.54 1.43 -10.57
N ALA C 281 -14.80 0.72 -9.74
CA ALA C 281 -15.19 -0.63 -9.35
C ALA C 281 -16.53 -0.65 -8.64
N LYS C 282 -17.34 -1.68 -8.88
CA LYS C 282 -18.60 -1.83 -8.15
C LYS C 282 -18.35 -2.59 -6.86
N VAL C 283 -18.95 -2.13 -5.77
CA VAL C 283 -18.73 -2.74 -4.46
C VAL C 283 -19.97 -3.46 -3.94
N TYR C 284 -19.85 -4.77 -3.77
CA TYR C 284 -20.95 -5.58 -3.25
C TYR C 284 -20.63 -6.07 -1.85
N MET C 285 -21.58 -5.88 -0.94
CA MET C 285 -21.35 -6.25 0.46
C MET C 285 -22.35 -7.30 0.95
N LEU C 286 -21.84 -8.50 1.22
CA LEU C 286 -22.68 -9.59 1.74
C LEU C 286 -22.72 -9.52 3.26
N GLU C 287 -23.91 -9.44 3.84
CA GLU C 287 -24.03 -9.40 5.29
C GLU C 287 -24.42 -10.70 5.98
N HIS C 288 -24.70 -11.75 5.22
CA HIS C 288 -25.27 -12.97 5.81
C HIS C 288 -24.38 -14.23 5.76
N ASN C 289 -24.32 -14.93 6.89
CA ASN C 289 -23.52 -16.14 7.02
C ASN C 289 -24.36 -17.40 6.91
N TYR C 290 -24.17 -18.14 5.80
CA TYR C 290 -24.99 -19.33 5.54
C TYR C 290 -24.38 -20.61 6.10
N ARG C 291 -23.11 -20.52 6.52
CA ARG C 291 -22.38 -21.70 6.98
C ARG C 291 -22.64 -22.07 8.44
N SER C 292 -22.67 -21.07 9.31
CA SER C 292 -22.55 -21.29 10.75
C SER C 292 -23.86 -21.19 11.53
N SER C 293 -23.98 -21.98 12.59
CA SER C 293 -25.10 -21.84 13.52
C SER C 293 -24.94 -20.53 14.27
N ALA C 294 -26.06 -19.96 14.70
CA ALA C 294 -26.04 -18.67 15.37
C ALA C 294 -25.20 -18.67 16.65
N ARG C 295 -24.94 -19.85 17.20
CA ARG C 295 -24.14 -19.95 18.41
C ARG C 295 -22.65 -19.73 18.16
N VAL C 296 -22.09 -20.43 17.18
CA VAL C 296 -20.66 -20.32 16.90
C VAL C 296 -20.32 -19.02 16.18
N LEU C 297 -21.34 -18.41 15.56
CA LEU C 297 -21.13 -17.16 14.85
C LEU C 297 -21.08 -16.00 15.84
N GLU C 298 -21.88 -16.07 16.89
CA GLU C 298 -21.85 -15.07 17.94
C GLU C 298 -20.47 -15.03 18.59
N ALA C 299 -19.87 -16.20 18.76
CA ALA C 299 -18.55 -16.31 19.35
C ALA C 299 -17.52 -15.67 18.43
N ALA C 300 -17.59 -16.02 17.14
CA ALA C 300 -16.67 -15.48 16.15
C ALA C 300 -16.74 -13.96 16.11
N ASN C 301 -17.96 -13.43 15.94
CA ASN C 301 -18.16 -11.99 15.89
C ASN C 301 -17.58 -11.27 17.10
N LYS C 302 -17.85 -11.81 18.28
CA LYS C 302 -17.37 -11.19 19.52
C LYS C 302 -15.85 -11.24 19.63
N LEU C 303 -15.25 -12.25 19.01
CA LEU C 303 -13.79 -12.39 19.01
C LEU C 303 -13.12 -11.39 18.06
N ILE C 304 -13.59 -11.35 16.82
CA ILE C 304 -13.00 -10.47 15.82
C ILE C 304 -13.23 -9.02 16.21
N GLU C 305 -14.28 -8.79 16.99
CA GLU C 305 -14.60 -7.47 17.51
C GLU C 305 -13.40 -6.86 18.23
N ASN C 306 -12.67 -7.70 18.96
CA ASN C 306 -11.53 -7.24 19.76
C ASN C 306 -10.34 -6.72 18.95
N ASN C 307 -10.32 -7.02 17.64
CA ASN C 307 -9.32 -6.43 16.76
C ASN C 307 -9.71 -5.01 16.39
N THR C 308 -8.73 -4.11 16.40
CA THR C 308 -9.00 -2.69 16.22
C THR C 308 -8.57 -2.20 14.84
N GLU C 309 -9.29 -1.20 14.34
CA GLU C 309 -8.97 -0.59 13.05
C GLU C 309 -9.45 -1.42 11.86
N ARG C 310 -10.04 -2.58 12.16
CA ARG C 310 -10.66 -3.42 11.13
C ARG C 310 -11.90 -2.76 10.55
N LEU C 311 -12.17 -3.03 9.27
CA LEU C 311 -13.42 -2.60 8.66
C LEU C 311 -14.56 -3.25 9.43
N ASP C 312 -15.50 -2.44 9.90
CA ASP C 312 -16.58 -2.97 10.70
C ASP C 312 -17.73 -3.31 9.75
N LYS C 313 -17.94 -4.60 9.54
CA LYS C 313 -18.93 -5.05 8.60
C LYS C 313 -19.89 -6.01 9.28
N THR C 314 -21.15 -5.97 8.89
CA THR C 314 -22.18 -6.75 9.53
C THR C 314 -22.08 -8.21 9.11
N LEU C 315 -22.11 -9.12 10.09
CA LEU C 315 -22.32 -10.52 9.77
C LEU C 315 -23.47 -11.02 10.65
N LYS C 316 -24.61 -11.25 10.00
CA LYS C 316 -25.82 -11.72 10.68
C LYS C 316 -26.19 -13.14 10.26
N PRO C 317 -26.36 -14.05 11.23
CA PRO C 317 -26.61 -15.47 10.98
C PRO C 317 -27.94 -15.72 10.26
N VAL C 318 -27.95 -16.71 9.36
CA VAL C 318 -29.21 -17.22 8.83
C VAL C 318 -29.73 -18.49 9.53
N LYS C 319 -28.90 -19.13 10.35
CA LYS C 319 -29.27 -20.41 10.97
C LYS C 319 -29.59 -20.27 12.46
N GLU C 320 -30.53 -21.09 12.94
CA GLU C 320 -30.98 -20.99 14.34
C GLU C 320 -29.85 -21.35 15.29
N ALA C 321 -29.97 -20.93 16.55
CA ALA C 321 -28.89 -21.18 17.49
C ALA C 321 -28.80 -22.69 17.70
N GLY C 322 -27.62 -23.23 17.41
CA GLY C 322 -27.46 -24.67 17.33
C GLY C 322 -26.88 -25.23 18.61
N GLN C 323 -26.25 -26.39 18.50
CA GLN C 323 -25.63 -27.03 19.64
C GLN C 323 -24.52 -26.13 20.18
N PRO C 324 -24.52 -25.93 21.50
CA PRO C 324 -23.60 -25.01 22.19
C PRO C 324 -22.14 -25.30 21.89
N VAL C 325 -21.33 -24.26 21.77
CA VAL C 325 -19.90 -24.42 21.54
C VAL C 325 -19.18 -24.73 22.85
N THR C 326 -18.33 -25.76 22.84
CA THR C 326 -17.72 -26.26 24.06
C THR C 326 -16.20 -26.12 24.09
N PHE C 327 -15.65 -26.03 25.30
CA PHE C 327 -14.21 -26.03 25.50
C PHE C 327 -13.83 -26.99 26.62
N HIS C 328 -12.87 -27.88 26.36
CA HIS C 328 -12.43 -28.83 27.37
C HIS C 328 -10.96 -28.61 27.75
N ARG C 329 -10.72 -28.44 29.04
CA ARG C 329 -9.37 -28.27 29.55
C ARG C 329 -8.83 -29.57 30.13
N ALA C 330 -7.70 -30.01 29.58
CA ALA C 330 -7.06 -31.24 30.03
C ALA C 330 -5.65 -30.90 30.50
N THR C 331 -5.05 -31.80 31.28
CA THR C 331 -3.69 -31.56 31.75
C THR C 331 -2.67 -31.85 30.65
N ASP C 332 -2.84 -32.97 29.96
CA ASP C 332 -1.80 -33.48 29.10
C ASP C 332 -2.18 -33.49 27.62
N HIS C 333 -1.16 -33.43 26.75
CA HIS C 333 -1.39 -33.44 25.32
C HIS C 333 -2.07 -34.73 24.87
N ARG C 334 -1.85 -35.79 25.64
CA ARG C 334 -2.50 -37.07 25.37
C ARG C 334 -3.92 -37.09 25.90
N ALA C 335 -4.12 -36.54 27.10
CA ALA C 335 -5.45 -36.45 27.67
C ALA C 335 -6.31 -35.56 26.78
N GLU C 336 -5.65 -34.71 26.02
CA GLU C 336 -6.32 -33.87 25.04
C GLU C 336 -6.66 -34.75 23.83
N GLY C 337 -5.68 -35.56 23.42
CA GLY C 337 -5.87 -36.48 22.32
C GLY C 337 -6.90 -37.55 22.64
N ASP C 338 -6.98 -37.94 23.91
CA ASP C 338 -7.96 -38.93 24.32
C ASP C 338 -9.37 -38.36 24.28
N TYR C 339 -9.50 -37.10 24.67
CA TYR C 339 -10.80 -36.43 24.68
C TYR C 339 -11.36 -36.34 23.26
N VAL C 340 -10.50 -36.06 22.30
CA VAL C 340 -10.91 -35.97 20.91
C VAL C 340 -11.29 -37.34 20.36
N ALA C 341 -10.38 -38.30 20.49
CA ALA C 341 -10.60 -39.64 19.96
C ALA C 341 -11.85 -40.27 20.58
N ASP C 342 -12.11 -39.93 21.84
CA ASP C 342 -13.26 -40.46 22.54
C ASP C 342 -14.54 -39.81 22.04
N TRP C 343 -14.46 -38.52 21.74
CA TRP C 343 -15.64 -37.76 21.34
C TRP C 343 -15.97 -37.89 19.84
N LEU C 344 -15.04 -38.42 19.07
CA LEU C 344 -15.28 -38.69 17.65
C LEU C 344 -16.20 -39.89 17.51
N THR C 345 -15.96 -40.90 18.33
CA THR C 345 -16.76 -42.11 18.29
C THR C 345 -18.16 -41.87 18.85
N ARG C 346 -18.25 -40.99 19.84
CA ARG C 346 -19.53 -40.61 20.41
C ARG C 346 -20.43 -39.99 19.35
N LEU C 347 -19.93 -38.96 18.68
CA LEU C 347 -20.68 -38.29 17.64
C LEU C 347 -20.93 -39.20 16.44
N HIS C 348 -19.97 -40.08 16.19
CA HIS C 348 -20.10 -41.02 15.08
C HIS C 348 -21.30 -41.92 15.30
N GLY C 349 -21.39 -42.49 16.50
CA GLY C 349 -22.47 -43.40 16.85
C GLY C 349 -23.84 -42.73 16.85
N GLU C 350 -23.83 -41.41 16.94
CA GLU C 350 -25.06 -40.65 16.89
C GLU C 350 -25.39 -40.37 15.43
N GLY C 351 -24.53 -40.83 14.54
CA GLY C 351 -24.79 -40.67 13.12
C GLY C 351 -23.91 -39.76 12.29
N ARG C 352 -22.98 -39.00 12.88
CA ARG C 352 -22.08 -38.18 12.08
C ARG C 352 -21.09 -39.08 11.36
N ALA C 353 -20.96 -38.92 10.04
CA ALA C 353 -19.97 -39.70 9.28
C ALA C 353 -18.57 -39.10 9.44
N TRP C 354 -17.55 -39.94 9.39
CA TRP C 354 -16.19 -39.47 9.67
C TRP C 354 -15.83 -38.22 8.88
N SER C 355 -16.28 -38.15 7.63
CA SER C 355 -15.84 -37.10 6.72
C SER C 355 -16.38 -35.71 7.05
N GLU C 356 -17.39 -35.67 7.93
CA GLU C 356 -18.00 -34.39 8.31
C GLU C 356 -17.37 -33.82 9.58
N MET C 357 -16.31 -34.47 10.06
CA MET C 357 -15.61 -33.99 11.25
C MET C 357 -14.13 -33.71 10.96
N ALA C 358 -13.61 -32.62 11.51
CA ALA C 358 -12.23 -32.21 11.26
C ALA C 358 -11.54 -31.61 12.48
N ILE C 359 -10.29 -32.00 12.70
CA ILE C 359 -9.49 -31.50 13.81
C ILE C 359 -8.49 -30.45 13.31
N LEU C 360 -8.45 -29.30 13.98
CA LEU C 360 -7.56 -28.20 13.57
C LEU C 360 -6.52 -27.87 14.62
N TYR C 361 -5.30 -27.56 14.16
CA TYR C 361 -4.21 -27.24 15.07
C TYR C 361 -3.33 -26.10 14.54
N ARG C 362 -2.58 -25.46 15.43
CA ARG C 362 -1.75 -24.33 15.07
C ARG C 362 -0.48 -24.73 14.32
N THR C 363 0.15 -25.80 14.78
CA THR C 363 1.38 -26.28 14.15
C THR C 363 1.29 -27.78 13.84
N ASN C 364 2.20 -28.25 13.01
CA ASN C 364 2.17 -29.63 12.55
C ASN C 364 2.62 -30.65 13.60
N ALA C 365 3.48 -30.24 14.52
CA ALA C 365 3.98 -31.14 15.55
C ALA C 365 2.82 -31.74 16.34
N GLN C 366 1.78 -30.96 16.54
CA GLN C 366 0.63 -31.39 17.34
C GLN C 366 -0.07 -32.61 16.75
N SER C 367 0.18 -32.89 15.48
CA SER C 367 -0.55 -33.94 14.78
C SER C 367 -0.18 -35.35 15.24
N ARG C 368 1.07 -35.53 15.66
CA ARG C 368 1.54 -36.86 16.05
C ARG C 368 0.77 -37.41 17.24
N VAL C 369 0.48 -36.54 18.20
CA VAL C 369 -0.24 -36.95 19.40
C VAL C 369 -1.68 -37.32 19.08
N ILE C 370 -2.25 -36.63 18.10
CA ILE C 370 -3.64 -36.84 17.73
C ILE C 370 -3.83 -38.13 16.92
N GLU C 371 -2.96 -38.34 15.94
CA GLU C 371 -3.06 -39.52 15.07
C GLU C 371 -3.10 -40.82 15.85
N GLU C 372 -2.18 -40.98 16.80
CA GLU C 372 -2.12 -42.20 17.59
C GLU C 372 -3.37 -42.35 18.45
N SER C 373 -4.00 -41.23 18.75
CA SER C 373 -5.22 -41.23 19.56
C SER C 373 -6.39 -41.77 18.76
N LEU C 374 -6.44 -41.45 17.47
CA LEU C 374 -7.47 -41.98 16.59
C LEU C 374 -7.17 -43.45 16.32
N ARG C 375 -5.90 -43.73 16.02
CA ARG C 375 -5.46 -45.06 15.62
C ARG C 375 -5.76 -46.10 16.68
N ARG C 376 -5.63 -45.73 17.95
CA ARG C 376 -5.79 -46.68 19.05
C ARG C 376 -7.24 -47.07 19.22
N VAL C 377 -8.14 -46.20 18.81
CA VAL C 377 -9.57 -46.53 18.75
C VAL C 377 -9.92 -46.94 17.33
N GLN C 378 -8.92 -46.92 16.45
CA GLN C 378 -9.08 -47.22 15.04
C GLN C 378 -10.11 -46.34 14.33
N ILE C 379 -9.91 -45.03 14.46
CA ILE C 379 -10.68 -44.02 13.75
C ILE C 379 -9.89 -43.58 12.52
N PRO C 380 -10.44 -43.83 11.32
CA PRO C 380 -9.70 -43.60 10.08
C PRO C 380 -9.36 -42.14 9.83
N ARG C 382 -7.16 -39.01 7.82
CA ARG C 382 -6.55 -38.39 6.64
C ARG C 382 -5.75 -37.16 7.04
N ILE C 383 -4.42 -37.27 6.92
CA ILE C 383 -3.54 -36.18 7.31
C ILE C 383 -3.29 -35.21 6.16
N VAL C 384 -3.46 -33.92 6.42
CA VAL C 384 -3.29 -32.90 5.39
C VAL C 384 -2.12 -31.98 5.71
N GLY C 385 -1.08 -32.01 4.87
CA GLY C 385 0.04 -31.11 5.03
C GLY C 385 1.03 -31.54 6.11
N GLY C 386 1.26 -32.83 6.21
CA GLY C 386 2.18 -33.40 7.18
C GLY C 386 3.58 -33.39 6.58
N VAL C 387 4.37 -34.40 6.91
CA VAL C 387 5.64 -34.59 6.22
C VAL C 387 5.32 -34.97 4.79
N GLY C 388 5.80 -34.18 3.83
CA GLY C 388 5.40 -34.31 2.45
C GLY C 388 5.83 -35.58 1.75
N PHE C 389 5.08 -35.97 0.72
CA PHE C 389 5.43 -37.15 -0.06
C PHE C 389 6.55 -36.86 -1.05
N TYR C 390 6.43 -35.75 -1.76
CA TYR C 390 7.42 -35.37 -2.76
C TYR C 390 8.61 -34.65 -2.11
N ASP C 391 8.50 -34.36 -0.82
CA ASP C 391 9.59 -33.72 -0.09
C ASP C 391 10.57 -34.75 0.47
N ARG C 392 10.25 -36.03 0.26
CA ARG C 392 11.03 -37.12 0.84
C ARG C 392 12.39 -37.33 0.16
N ARG C 393 13.28 -38.01 0.86
CA ARG C 393 14.63 -38.28 0.35
C ARG C 393 14.62 -39.22 -0.85
N GLU C 394 13.97 -40.38 -0.71
CA GLU C 394 14.01 -41.39 -1.76
C GLU C 394 13.43 -40.88 -3.06
N ILE C 395 12.38 -40.07 -2.96
CA ILE C 395 11.70 -39.53 -4.13
C ILE C 395 12.42 -38.30 -4.73
N ARG C 396 12.91 -37.41 -3.88
CA ARG C 396 13.66 -36.25 -4.36
C ARG C 396 14.92 -36.68 -5.10
N ASP C 397 15.50 -37.79 -4.67
CA ASP C 397 16.68 -38.32 -5.33
C ASP C 397 16.29 -38.88 -6.70
N ILE C 398 15.16 -39.57 -6.75
CA ILE C 398 14.65 -40.08 -8.01
C ILE C 398 14.33 -38.94 -8.97
N LEU C 399 13.68 -37.91 -8.45
CA LEU C 399 13.31 -36.76 -9.27
C LEU C 399 14.53 -35.97 -9.73
N ALA C 400 15.55 -35.93 -8.88
CA ALA C 400 16.78 -35.22 -9.20
C ALA C 400 17.47 -35.89 -10.38
N TYR C 401 17.53 -37.21 -10.35
CA TYR C 401 18.01 -37.98 -11.48
C TYR C 401 17.22 -37.59 -12.73
N ALA C 402 15.91 -37.47 -12.56
CA ALA C 402 15.01 -37.17 -13.66
C ALA C 402 15.17 -35.74 -14.13
N ARG C 403 15.71 -34.88 -13.27
CA ARG C 403 15.95 -33.48 -13.65
C ARG C 403 17.24 -33.34 -14.45
N LEU C 404 18.25 -34.11 -14.08
CA LEU C 404 19.54 -34.08 -14.76
C LEU C 404 19.46 -34.85 -16.07
N ALA C 405 18.45 -35.72 -16.18
CA ALA C 405 18.21 -36.48 -17.40
C ALA C 405 17.61 -35.57 -18.47
N LEU C 406 16.57 -34.83 -18.09
CA LEU C 406 16.01 -33.81 -18.96
C LEU C 406 17.05 -32.73 -19.21
N ASN C 407 17.70 -32.29 -18.13
CA ASN C 407 18.71 -31.25 -18.20
C ASN C 407 20.09 -31.73 -17.79
N PRO C 408 21.02 -31.79 -18.75
CA PRO C 408 22.43 -31.91 -18.36
C PRO C 408 22.75 -30.68 -17.53
N ALA C 409 21.83 -29.71 -17.59
CA ALA C 409 21.99 -28.39 -16.99
C ALA C 409 21.41 -28.24 -15.58
N ASP C 410 20.94 -29.33 -14.97
CA ASP C 410 20.52 -29.22 -13.58
C ASP C 410 21.64 -29.77 -12.70
N ASP C 411 22.38 -28.86 -12.07
CA ASP C 411 23.52 -29.22 -11.24
C ASP C 411 23.13 -29.61 -9.83
N VAL C 412 22.19 -28.88 -9.26
CA VAL C 412 21.75 -29.11 -7.89
C VAL C 412 21.02 -30.44 -7.79
N ALA C 413 20.65 -31.01 -8.94
CA ALA C 413 20.20 -32.39 -9.00
C ALA C 413 21.42 -33.30 -8.87
N LEU C 414 22.42 -33.02 -9.70
CA LEU C 414 23.66 -33.78 -9.72
C LEU C 414 24.28 -33.88 -8.33
N ARG C 415 24.66 -32.73 -7.78
CA ARG C 415 25.29 -32.67 -6.46
C ARG C 415 24.47 -33.40 -5.42
N ARG C 416 23.16 -33.45 -5.63
CA ARG C 416 22.25 -34.11 -4.71
C ARG C 416 22.35 -35.62 -4.83
N ILE C 417 22.21 -36.12 -6.05
CA ILE C 417 22.15 -37.57 -6.27
C ILE C 417 23.41 -38.30 -6.77
N ILE C 418 24.49 -37.59 -7.06
CA ILE C 418 25.65 -38.29 -7.62
C ILE C 418 26.21 -39.26 -6.58
N GLY C 419 26.09 -38.90 -5.31
CA GLY C 419 26.61 -39.73 -4.24
C GLY C 419 25.61 -40.75 -3.71
N ARG C 420 24.33 -40.47 -3.91
CA ARG C 420 23.29 -41.24 -3.24
C ARG C 420 23.32 -42.73 -3.55
N PRO C 421 23.12 -43.12 -4.83
CA PRO C 421 23.57 -44.48 -5.10
C PRO C 421 25.07 -44.36 -5.12
N ARG C 422 25.79 -45.26 -4.47
CA ARG C 422 27.20 -44.97 -4.28
C ARG C 422 28.10 -45.54 -5.38
N ARG C 423 28.61 -44.63 -6.19
CA ARG C 423 29.45 -44.94 -7.35
C ARG C 423 30.92 -44.87 -6.99
N GLY C 424 31.21 -44.67 -5.71
CA GLY C 424 32.56 -44.52 -5.24
C GLY C 424 33.04 -43.15 -5.66
N ILE C 425 32.12 -42.19 -5.56
CA ILE C 425 32.31 -40.81 -6.02
C ILE C 425 33.20 -39.98 -5.10
N GLY C 426 34.17 -39.29 -5.69
CA GLY C 426 35.09 -38.49 -4.92
C GLY C 426 34.46 -37.22 -4.35
N ASP C 427 34.65 -37.01 -3.05
CA ASP C 427 34.35 -35.73 -2.43
C ASP C 427 35.38 -34.76 -2.97
N THR C 428 36.58 -35.27 -3.17
CA THR C 428 37.68 -34.51 -3.76
C THR C 428 37.54 -34.45 -5.28
N ALA C 429 36.76 -35.38 -5.83
CA ALA C 429 36.51 -35.40 -7.27
C ALA C 429 35.44 -34.39 -7.67
N LEU C 430 34.37 -34.30 -6.89
CA LEU C 430 33.32 -33.34 -7.19
C LEU C 430 33.83 -31.92 -6.98
N GLN C 431 34.86 -31.80 -6.14
CA GLN C 431 35.53 -30.53 -5.92
C GLN C 431 36.45 -30.22 -7.09
N LYS C 432 37.07 -31.25 -7.64
CA LYS C 432 37.99 -31.10 -8.77
C LYS C 432 37.24 -30.99 -10.09
N LEU C 433 35.99 -31.47 -10.11
CA LEU C 433 35.13 -31.34 -11.27
C LEU C 433 34.47 -29.96 -11.32
N MET C 434 34.21 -29.39 -10.15
CA MET C 434 33.56 -28.09 -10.06
C MET C 434 34.49 -26.98 -10.51
N GLU C 435 35.72 -27.02 -10.06
CA GLU C 435 36.72 -26.03 -10.43
C GLU C 435 37.06 -26.12 -11.92
N TRP C 436 37.08 -27.35 -12.43
CA TRP C 436 37.32 -27.57 -13.86
C TRP C 436 36.18 -26.93 -14.63
N ALA C 437 34.98 -27.04 -14.05
CA ALA C 437 33.79 -26.42 -14.62
C ALA C 437 33.91 -24.90 -14.54
N ARG C 438 34.20 -24.40 -13.35
CA ARG C 438 34.32 -22.96 -13.13
C ARG C 438 35.30 -22.31 -14.09
N THR C 439 36.43 -22.98 -14.28
CA THR C 439 37.42 -22.53 -15.25
C THR C 439 36.76 -22.36 -16.60
N HIS C 440 36.17 -23.42 -17.11
CA HIS C 440 35.64 -23.37 -18.44
C HIS C 440 34.16 -22.97 -18.50
N HIS C 441 33.56 -22.73 -17.33
CA HIS C 441 32.13 -22.49 -17.26
C HIS C 441 31.42 -23.68 -17.88
N THR C 442 31.49 -24.81 -17.16
CA THR C 442 31.11 -26.11 -17.68
C THR C 442 29.82 -26.67 -17.06
N SER C 443 29.12 -27.49 -17.84
CA SER C 443 28.12 -28.39 -17.27
C SER C 443 28.94 -29.36 -16.44
N VAL C 444 28.61 -29.52 -15.17
CA VAL C 444 29.39 -30.43 -14.34
C VAL C 444 29.41 -31.82 -14.99
N LEU C 445 28.34 -32.14 -15.70
CA LEU C 445 28.20 -33.44 -16.36
C LEU C 445 29.27 -33.71 -17.41
N THR C 446 29.54 -32.72 -18.26
CA THR C 446 30.53 -32.88 -19.32
C THR C 446 31.97 -32.88 -18.78
N ALA C 447 32.16 -32.36 -17.58
CA ALA C 447 33.47 -32.42 -16.93
C ALA C 447 33.75 -33.86 -16.53
N CYS C 448 32.70 -34.60 -16.21
CA CYS C 448 32.83 -36.00 -15.81
C CYS C 448 33.12 -36.87 -17.03
N ALA C 449 32.59 -36.47 -18.18
CA ALA C 449 32.84 -37.19 -19.41
C ALA C 449 34.26 -36.91 -19.89
N ASN C 450 34.78 -35.76 -19.49
CA ASN C 450 36.14 -35.36 -19.85
C ASN C 450 37.18 -35.72 -18.79
N ALA C 451 36.75 -36.45 -17.76
CA ALA C 451 37.63 -36.88 -16.68
C ALA C 451 38.79 -37.74 -17.17
N ALA C 452 38.49 -38.78 -17.95
CA ALA C 452 39.54 -39.65 -18.48
C ALA C 452 40.39 -38.89 -19.51
N GLU C 453 39.75 -37.93 -20.18
CA GLU C 453 40.43 -37.09 -21.14
C GLU C 453 40.94 -35.81 -20.48
N GLN C 454 41.45 -34.90 -21.31
CA GLN C 454 41.75 -33.53 -20.89
C GLN C 454 42.60 -33.39 -19.62
N ASN C 455 42.12 -32.58 -18.69
CA ASN C 455 42.86 -32.22 -17.49
C ASN C 455 43.06 -33.43 -16.60
N ILE C 456 42.42 -34.53 -16.96
CA ILE C 456 42.61 -35.82 -16.31
C ILE C 456 42.37 -35.86 -14.81
N LEU C 457 41.10 -35.85 -14.42
CA LEU C 457 40.74 -35.99 -13.02
C LEU C 457 41.09 -37.43 -12.71
N ASP C 458 42.05 -37.62 -11.80
CA ASP C 458 42.70 -38.92 -11.64
C ASP C 458 42.17 -39.72 -10.46
N ARG C 459 42.81 -40.87 -10.23
CA ARG C 459 42.50 -41.81 -9.17
C ARG C 459 41.26 -42.61 -9.48
N GLY C 460 40.42 -41.99 -10.30
CA GLY C 460 39.30 -42.61 -10.95
C GLY C 460 38.77 -41.52 -11.84
N ALA C 461 38.41 -41.98 -13.03
CA ALA C 461 38.26 -41.13 -14.18
C ALA C 461 37.06 -41.67 -14.89
N HIS C 462 37.23 -42.93 -15.29
CA HIS C 462 36.21 -43.75 -15.88
C HIS C 462 34.95 -43.84 -15.02
N LYS C 463 35.11 -43.92 -13.70
CA LYS C 463 33.92 -44.00 -12.85
C LYS C 463 33.01 -42.83 -13.16
N ALA C 464 33.62 -41.70 -13.52
CA ALA C 464 32.88 -40.51 -13.90
C ALA C 464 32.38 -40.56 -15.34
N THR C 465 33.23 -41.06 -16.23
CA THR C 465 32.91 -41.08 -17.65
C THR C 465 31.77 -42.04 -17.95
N GLU C 466 31.62 -43.07 -17.12
CA GLU C 466 30.54 -44.03 -17.30
C GLU C 466 29.25 -43.56 -16.67
N PHE C 467 29.35 -42.58 -15.76
CA PHE C 467 28.16 -41.96 -15.18
C PHE C 467 27.60 -40.91 -16.14
N ALA C 468 28.50 -40.15 -16.76
CA ALA C 468 28.10 -39.17 -17.75
C ALA C 468 27.59 -39.90 -18.99
N GLY C 469 27.94 -41.18 -19.09
CA GLY C 469 27.41 -42.04 -20.14
C GLY C 469 26.10 -42.70 -19.72
N LEU C 470 25.93 -42.92 -18.42
CA LEU C 470 24.70 -43.47 -17.90
C LEU C 470 23.65 -42.38 -17.80
N MET C 471 24.09 -41.16 -17.54
CA MET C 471 23.20 -40.01 -17.58
C MET C 471 22.80 -39.74 -19.02
N GLU C 472 23.67 -40.12 -19.96
CA GLU C 472 23.35 -40.02 -21.37
C GLU C 472 22.38 -41.14 -21.71
N ALA C 473 22.47 -42.23 -20.98
CA ALA C 473 21.53 -43.34 -21.12
C ALA C 473 20.17 -42.89 -20.61
N MET C 474 20.19 -42.04 -19.60
CA MET C 474 18.96 -41.44 -19.09
C MET C 474 18.50 -40.31 -20.00
N SER C 475 19.46 -39.60 -20.58
CA SER C 475 19.15 -38.54 -21.52
C SER C 475 18.53 -39.11 -22.79
N GLU C 476 18.91 -40.34 -23.13
CA GLU C 476 18.33 -41.00 -24.29
C GLU C 476 16.99 -41.65 -23.92
N ALA C 477 16.76 -41.86 -22.63
CA ALA C 477 15.46 -42.32 -22.17
C ALA C 477 14.53 -41.15 -21.85
N ALA C 478 15.10 -39.95 -21.72
CA ALA C 478 14.32 -38.74 -21.49
C ALA C 478 13.79 -38.12 -22.79
N ASP C 479 14.56 -38.25 -23.87
CA ASP C 479 14.26 -37.54 -25.11
C ASP C 479 13.02 -38.09 -25.81
N ASN C 480 12.73 -39.37 -25.58
CA ASN C 480 11.78 -40.08 -26.42
C ASN C 480 10.67 -40.86 -25.68
N TYR C 481 11.08 -41.80 -24.83
CA TYR C 481 10.17 -42.68 -24.08
C TYR C 481 9.23 -42.03 -23.05
N GLU C 482 8.09 -42.70 -22.83
CA GLU C 482 7.06 -42.29 -21.87
C GLU C 482 7.57 -42.41 -20.44
N PRO C 483 7.10 -41.52 -19.54
CA PRO C 483 7.60 -41.37 -18.17
C PRO C 483 7.54 -42.62 -17.27
N ALA C 484 6.49 -43.42 -17.33
CA ALA C 484 6.33 -44.54 -16.39
C ALA C 484 7.42 -45.60 -16.54
N ALA C 485 7.72 -45.97 -17.78
CA ALA C 485 8.77 -46.96 -18.04
C ALA C 485 10.10 -46.24 -18.12
N PHE C 486 10.05 -44.92 -18.04
CA PHE C 486 11.23 -44.08 -17.86
C PHE C 486 11.61 -44.00 -16.39
N LEU C 487 10.61 -44.02 -15.50
CA LEU C 487 10.86 -43.97 -14.06
C LEU C 487 11.29 -45.32 -13.52
N ARG C 488 11.01 -46.37 -14.27
CA ARG C 488 11.55 -47.70 -13.98
C ARG C 488 13.03 -47.68 -14.30
N PHE C 489 13.37 -47.02 -15.40
CA PHE C 489 14.75 -46.90 -15.84
C PHE C 489 15.59 -46.17 -14.81
N VAL C 490 15.03 -45.10 -14.26
CA VAL C 490 15.75 -44.31 -13.26
C VAL C 490 15.81 -45.02 -11.91
N MET C 491 14.77 -45.79 -11.60
CA MET C 491 14.73 -46.52 -10.34
C MET C 491 15.60 -47.77 -10.36
N GLU C 492 15.78 -48.36 -11.54
CA GLU C 492 16.57 -49.57 -11.67
C GLU C 492 17.99 -49.29 -12.17
N THR C 493 18.09 -48.77 -13.38
CA THR C 493 19.38 -48.65 -14.06
C THR C 493 20.38 -47.72 -13.34
N SER C 494 19.92 -46.97 -12.35
CA SER C 494 20.84 -46.20 -11.52
C SER C 494 21.48 -47.15 -10.51
N GLY C 495 20.72 -48.16 -10.09
CA GLY C 495 21.13 -49.07 -9.04
C GLY C 495 20.45 -48.79 -7.72
N TYR C 496 19.37 -48.01 -7.76
CA TYR C 496 18.65 -47.59 -6.55
C TYR C 496 17.74 -48.67 -5.96
N LEU C 497 16.95 -49.33 -6.81
CA LEU C 497 15.94 -50.28 -6.34
C LEU C 497 16.53 -51.50 -5.64
N ASP C 498 17.57 -52.09 -6.24
CA ASP C 498 18.20 -53.25 -5.64
C ASP C 498 19.04 -52.93 -4.40
N LEU C 499 19.40 -51.65 -4.20
CA LEU C 499 20.06 -51.25 -2.96
C LEU C 499 19.07 -51.34 -1.81
N LEU C 500 17.90 -50.74 -2.01
CA LEU C 500 16.87 -50.73 -0.97
C LEU C 500 16.34 -52.15 -0.78
N ARG C 501 16.40 -52.95 -1.83
CA ARG C 501 16.01 -54.36 -1.74
C ARG C 501 17.02 -55.13 -0.90
N GLN C 502 18.30 -54.92 -1.19
CA GLN C 502 19.36 -55.56 -0.43
C GLN C 502 19.58 -54.90 0.92
N GLU C 503 18.88 -53.80 1.16
CA GLU C 503 18.92 -53.15 2.47
C GLU C 503 17.58 -52.52 2.83
N GLU C 506 12.74 -51.06 8.00
CA GLU C 506 12.28 -49.71 7.70
C GLU C 506 12.47 -49.36 6.24
N GLY C 507 13.49 -49.94 5.62
CA GLY C 507 13.77 -49.72 4.22
C GLY C 507 12.76 -50.42 3.33
N GLN C 508 12.08 -51.41 3.90
CA GLN C 508 11.04 -52.12 3.17
C GLN C 508 9.81 -51.23 3.11
N VAL C 509 9.58 -50.50 4.20
CA VAL C 509 8.50 -49.55 4.26
C VAL C 509 8.77 -48.41 3.28
N ARG C 510 10.05 -48.11 3.07
CA ARG C 510 10.43 -46.99 2.22
C ARG C 510 10.60 -47.32 0.73
N LEU C 511 10.71 -48.61 0.39
CA LEU C 511 10.71 -48.97 -1.03
C LEU C 511 9.30 -49.29 -1.47
N GLU C 512 8.40 -49.39 -0.49
CA GLU C 512 6.99 -49.63 -0.75
C GLU C 512 6.39 -48.31 -1.21
N ASN C 513 6.84 -47.23 -0.59
CA ASN C 513 6.47 -45.89 -1.00
C ASN C 513 7.00 -45.57 -2.38
N LEU C 514 8.19 -46.09 -2.69
CA LEU C 514 8.80 -45.87 -4.00
C LEU C 514 8.01 -46.58 -5.09
N GLU C 515 7.33 -47.65 -4.72
CA GLU C 515 6.44 -48.34 -5.64
C GLU C 515 5.23 -47.47 -5.91
N GLU C 516 4.72 -46.85 -4.85
CA GLU C 516 3.56 -45.99 -4.94
C GLU C 516 3.81 -44.80 -5.85
N LEU C 517 5.07 -44.39 -5.97
CA LEU C 517 5.43 -43.31 -6.88
C LEU C 517 5.09 -43.70 -8.31
N VAL C 518 5.58 -44.88 -8.71
CA VAL C 518 5.32 -45.38 -10.06
C VAL C 518 3.81 -45.54 -10.28
N SER C 519 3.11 -46.00 -9.26
CA SER C 519 1.67 -46.16 -9.34
C SER C 519 0.98 -44.81 -9.57
N ALA C 520 1.51 -43.76 -8.94
CA ALA C 520 0.96 -42.43 -9.10
C ALA C 520 1.44 -41.73 -10.37
N ALA C 521 2.62 -42.13 -10.86
CA ALA C 521 3.14 -41.58 -12.11
C ALA C 521 2.52 -42.26 -13.32
N GLU C 522 2.07 -43.49 -13.13
CA GLU C 522 1.37 -44.23 -14.17
C GLU C 522 -0.08 -43.78 -14.20
N GLU C 523 -0.62 -43.55 -13.01
CA GLU C 523 -2.01 -43.17 -12.83
C GLU C 523 -2.26 -41.76 -13.33
N TRP C 524 -1.23 -40.93 -13.23
CA TRP C 524 -1.30 -39.53 -13.64
C TRP C 524 -1.39 -39.38 -15.15
N SER C 525 -0.60 -40.16 -15.87
CA SER C 525 -0.47 -40.03 -17.31
C SER C 525 -1.75 -40.36 -18.07
N GLN C 526 -2.63 -41.13 -17.44
CA GLN C 526 -3.89 -41.52 -18.07
C GLN C 526 -4.89 -40.36 -18.03
N ASP C 527 -4.61 -39.39 -17.17
CA ASP C 527 -5.51 -38.26 -16.90
C ASP C 527 -5.87 -37.46 -18.15
N GLU C 528 -7.09 -36.93 -18.16
CA GLU C 528 -7.59 -36.09 -19.25
C GLU C 528 -6.76 -34.83 -19.48
N ALA C 529 -5.95 -34.45 -18.50
CA ALA C 529 -5.25 -33.17 -18.53
C ALA C 529 -4.42 -32.92 -19.80
N ASN C 530 -3.71 -33.93 -20.26
CA ASN C 530 -2.81 -33.78 -21.41
C ASN C 530 -2.92 -34.93 -22.41
N SER C 534 4.11 -33.40 -22.25
CA SER C 534 5.54 -33.61 -22.12
C SER C 534 5.87 -34.24 -20.78
N ILE C 535 7.09 -34.75 -20.65
CA ILE C 535 7.49 -35.47 -19.46
C ILE C 535 7.82 -34.54 -18.30
N ALA C 536 8.48 -33.42 -18.59
CA ALA C 536 8.85 -32.48 -17.53
C ALA C 536 7.60 -31.82 -16.96
N ASP C 537 6.47 -32.04 -17.60
CA ASP C 537 5.20 -31.50 -17.13
C ASP C 537 4.79 -32.14 -15.81
N PHE C 538 5.24 -33.37 -15.58
CA PHE C 538 4.98 -34.04 -14.32
C PHE C 538 5.84 -33.47 -13.22
N LEU C 539 7.09 -33.14 -13.56
CA LEU C 539 7.99 -32.49 -12.62
C LEU C 539 7.43 -31.12 -12.22
N ASP C 540 6.77 -30.46 -13.16
CA ASP C 540 6.21 -29.15 -12.91
C ASP C 540 5.05 -29.21 -11.92
N ASP C 541 4.09 -30.09 -12.19
CA ASP C 541 2.92 -30.23 -11.33
C ASP C 541 3.32 -30.63 -9.92
N ALA C 542 4.28 -31.55 -9.82
CA ALA C 542 4.69 -32.08 -8.52
C ALA C 542 5.36 -31.02 -7.66
N ALA C 543 6.18 -30.17 -8.29
CA ALA C 543 6.91 -29.15 -7.55
C ALA C 543 5.98 -28.02 -7.11
N LEU C 544 4.82 -27.93 -7.74
CA LEU C 544 3.81 -26.93 -7.38
C LEU C 544 2.65 -27.38 -6.47
N LEU C 545 2.69 -28.61 -5.95
CA LEU C 545 1.58 -29.18 -5.16
C LEU C 545 1.30 -28.58 -3.76
N SER C 546 0.06 -28.15 -3.56
CA SER C 546 -0.43 -27.63 -2.28
C SER C 546 -0.63 -28.75 -1.26
N SER C 547 -0.72 -28.37 0.01
CA SER C 547 -1.00 -29.33 1.07
C SER C 547 -2.34 -30.05 0.90
N VAL C 548 -3.30 -29.37 0.28
CA VAL C 548 -4.64 -29.96 0.11
C VAL C 548 -4.81 -30.66 -1.24
N ASP C 549 -3.80 -30.58 -2.09
CA ASP C 549 -3.89 -31.10 -3.45
C ASP C 549 -4.10 -32.62 -3.52
N ASP C 550 -4.73 -33.07 -4.60
CA ASP C 550 -4.99 -34.49 -4.82
C ASP C 550 -3.72 -35.32 -4.90
N MET C 551 -2.70 -34.80 -5.56
CA MET C 551 -1.48 -35.56 -5.77
C MET C 551 -0.66 -35.71 -4.48
N ARG C 552 -0.80 -34.75 -3.58
CA ARG C 552 -0.19 -34.89 -2.25
C ARG C 552 -1.01 -35.68 -1.22
N THR C 553 -2.32 -35.49 -1.20
CA THR C 553 -3.15 -36.17 -0.20
C THR C 553 -3.21 -37.68 -0.43
N LYS C 554 -3.34 -38.07 -1.70
CA LYS C 554 -3.45 -39.49 -2.04
C LYS C 554 -2.14 -40.25 -1.86
N ALA C 555 -1.02 -39.56 -2.11
CA ALA C 555 0.29 -40.18 -1.97
C ALA C 555 0.74 -40.17 -0.51
N GLU C 556 0.10 -39.33 0.29
CA GLU C 556 0.34 -39.32 1.72
C GLU C 556 -0.71 -40.18 2.42
N PRO C 561 -8.46 -44.95 4.34
CA PRO C 561 -9.65 -44.96 3.48
C PRO C 561 -10.26 -43.57 3.40
N GLU C 562 -11.12 -43.33 2.42
CA GLU C 562 -11.82 -42.06 2.33
C GLU C 562 -12.99 -42.04 3.29
N ASP C 563 -13.68 -40.92 3.36
CA ASP C 563 -14.60 -40.66 4.46
C ASP C 563 -13.82 -40.84 5.76
N ALA C 564 -12.83 -39.99 5.97
CA ALA C 564 -11.98 -40.08 7.15
C ALA C 564 -11.85 -38.72 7.81
N VAL C 565 -11.72 -38.72 9.13
CA VAL C 565 -11.59 -37.48 9.89
C VAL C 565 -10.40 -36.67 9.38
N THR C 566 -10.62 -35.38 9.13
CA THR C 566 -9.61 -34.55 8.48
C THR C 566 -8.74 -33.77 9.48
N LEU C 567 -7.45 -34.05 9.47
CA LEU C 567 -6.49 -33.34 10.32
C LEU C 567 -5.67 -32.35 9.51
N MET C 568 -5.61 -31.10 9.96
CA MET C 568 -4.76 -30.11 9.32
C MET C 568 -4.53 -28.87 10.19
N THR C 569 -3.71 -27.96 9.70
CA THR C 569 -3.42 -26.72 10.41
C THR C 569 -4.57 -25.73 10.27
N LEU C 570 -4.62 -24.75 11.17
CA LEU C 570 -5.56 -23.66 11.05
C LEU C 570 -5.40 -22.96 9.70
N HIS C 571 -4.16 -22.73 9.31
CA HIS C 571 -3.85 -22.06 8.05
C HIS C 571 -4.47 -22.77 6.84
N ASN C 572 -4.17 -24.05 6.70
CA ASN C 572 -4.68 -24.83 5.57
C ASN C 572 -6.20 -24.93 5.51
N ALA C 573 -6.86 -24.56 6.60
CA ALA C 573 -8.31 -24.65 6.69
C ALA C 573 -9.01 -23.62 5.82
N LYS C 574 -8.27 -22.59 5.42
CA LYS C 574 -8.86 -21.45 4.74
C LYS C 574 -9.70 -21.87 3.55
N GLY C 575 -10.95 -21.42 3.53
CA GLY C 575 -11.84 -21.69 2.42
C GLY C 575 -12.62 -22.99 2.52
N LEU C 576 -12.47 -23.71 3.62
CA LEU C 576 -13.20 -24.97 3.78
C LEU C 576 -14.24 -24.90 4.89
N GLU C 577 -15.04 -25.96 5.01
CA GLU C 577 -16.06 -26.02 6.04
C GLU C 577 -16.40 -27.46 6.44
N PHE C 578 -16.67 -27.66 7.72
CA PHE C 578 -17.06 -28.98 8.22
C PHE C 578 -18.17 -28.84 9.26
N PRO C 579 -19.14 -29.77 9.25
CA PRO C 579 -20.20 -29.75 10.26
C PRO C 579 -19.68 -29.79 11.68
N VAL C 580 -18.71 -30.65 11.95
CA VAL C 580 -18.11 -30.76 13.27
C VAL C 580 -16.64 -30.40 13.21
N VAL C 581 -16.19 -29.52 14.11
CA VAL C 581 -14.82 -29.07 14.10
C VAL C 581 -14.18 -29.06 15.48
N PHE C 582 -13.08 -29.80 15.62
CA PHE C 582 -12.29 -29.80 16.83
C PHE C 582 -11.09 -28.88 16.67
N ILE C 583 -10.99 -27.85 17.50
CA ILE C 583 -9.78 -27.04 17.55
C ILE C 583 -8.97 -27.43 18.77
N VAL C 584 -7.72 -27.80 18.56
CA VAL C 584 -6.86 -28.19 19.66
C VAL C 584 -5.67 -27.26 19.80
N GLY C 585 -5.13 -27.20 21.00
CA GLY C 585 -3.98 -26.36 21.28
C GLY C 585 -4.37 -24.91 21.47
N VAL C 586 -5.55 -24.68 22.02
CA VAL C 586 -5.95 -23.30 22.20
C VAL C 586 -5.30 -22.94 23.51
N GLU C 587 -4.17 -22.27 23.38
CA GLU C 587 -3.28 -22.07 24.49
C GLU C 587 -2.39 -20.87 24.26
N GLN C 588 -2.03 -20.17 25.32
CA GLN C 588 -1.11 -19.06 25.18
C GLN C 588 0.26 -19.60 24.79
N GLY C 589 0.81 -19.07 23.70
CA GLY C 589 2.10 -19.55 23.21
C GLY C 589 1.97 -20.41 21.97
N LEU C 590 0.78 -20.97 21.72
CA LEU C 590 0.54 -21.70 20.48
C LEU C 590 -0.31 -20.89 19.51
N LEU C 591 -1.61 -20.77 19.80
CA LEU C 591 -2.51 -20.05 18.91
C LEU C 591 -2.10 -18.58 18.85
N PRO C 592 -1.88 -17.95 20.01
CA PRO C 592 -1.05 -16.74 20.12
C PRO C 592 0.44 -17.09 20.21
N SER C 593 1.07 -17.29 19.06
CA SER C 593 2.45 -17.77 18.99
C SER C 593 3.40 -16.94 19.83
N LYS C 594 4.40 -17.61 20.42
CA LYS C 594 5.45 -16.93 21.17
C LYS C 594 6.13 -15.87 20.31
N GLY C 595 6.11 -16.06 19.00
CA GLY C 595 6.67 -15.08 18.09
C GLY C 595 5.75 -13.89 17.96
N ALA C 596 4.45 -14.15 17.93
CA ALA C 596 3.46 -13.11 17.74
C ALA C 596 3.23 -12.31 19.02
N ILE C 597 3.31 -12.99 20.15
CA ILE C 597 3.21 -12.31 21.43
C ILE C 597 4.35 -11.31 21.56
N ALA C 598 5.46 -11.61 20.88
CA ALA C 598 6.63 -10.74 20.90
C ALA C 598 6.52 -9.60 19.90
N GLU C 599 5.64 -9.76 18.92
CA GLU C 599 5.50 -8.76 17.85
C GLU C 599 4.78 -7.50 18.30
N GLY C 600 3.95 -7.65 19.33
CA GLY C 600 3.09 -6.55 19.76
C GLY C 600 1.66 -6.78 19.33
N PRO C 601 0.80 -5.76 19.49
CA PRO C 601 -0.63 -5.88 19.21
C PRO C 601 -0.91 -6.48 17.83
N SER C 602 -0.15 -6.05 16.83
CA SER C 602 -0.35 -6.50 15.47
C SER C 602 -0.09 -8.01 15.32
N GLY C 603 0.83 -8.52 16.12
CA GLY C 603 1.11 -9.95 16.13
C GLY C 603 -0.09 -10.70 16.67
N ILE C 604 -0.64 -10.19 17.75
CA ILE C 604 -1.85 -10.75 18.35
C ILE C 604 -3.00 -10.72 17.34
N GLU C 605 -3.18 -9.58 16.69
CA GLU C 605 -4.24 -9.42 15.71
C GLU C 605 -4.16 -10.48 14.62
N GLU C 606 -2.95 -10.81 14.21
CA GLU C 606 -2.73 -11.85 13.21
C GLU C 606 -3.22 -13.20 13.70
N GLU C 607 -2.94 -13.49 14.96
CA GLU C 607 -3.29 -14.78 15.55
C GLU C 607 -4.76 -14.84 15.95
N ARG C 608 -5.41 -13.68 16.03
CA ARG C 608 -6.85 -13.65 16.29
C ARG C 608 -7.63 -13.90 15.01
N ARG C 609 -7.06 -13.53 13.87
CA ARG C 609 -7.69 -13.80 12.58
C ARG C 609 -7.62 -15.30 12.26
N LEU C 610 -6.53 -15.93 12.67
CA LEU C 610 -6.33 -17.35 12.42
C LEU C 610 -7.33 -18.16 13.25
N PHE C 611 -7.47 -17.76 14.52
CA PHE C 611 -8.45 -18.38 15.41
C PHE C 611 -9.85 -18.13 14.88
N TYR C 612 -10.05 -16.97 14.27
CA TYR C 612 -11.35 -16.60 13.70
C TYR C 612 -11.71 -17.51 12.53
N VAL C 613 -10.75 -17.72 11.63
CA VAL C 613 -10.96 -18.61 10.51
C VAL C 613 -11.38 -20.00 10.98
N GLY C 614 -10.62 -20.55 11.91
CA GLY C 614 -10.92 -21.86 12.46
C GLY C 614 -12.33 -21.95 12.99
N ILE C 615 -12.71 -20.97 13.80
CA ILE C 615 -14.04 -20.91 14.39
C ILE C 615 -15.12 -20.78 13.32
N THR C 616 -14.75 -20.20 12.17
CA THR C 616 -15.73 -19.95 11.12
C THR C 616 -15.82 -21.05 10.07
N ARG C 617 -15.07 -22.14 10.27
CA ARG C 617 -15.22 -23.31 9.43
C ARG C 617 -16.42 -24.12 9.91
N ALA C 618 -16.64 -24.12 11.22
CA ALA C 618 -17.65 -24.96 11.84
C ALA C 618 -19.08 -24.61 11.42
N MET C 619 -19.90 -25.64 11.25
CA MET C 619 -21.28 -25.47 10.82
C MET C 619 -22.27 -25.72 11.96
N GLU C 620 -22.26 -26.94 12.49
CA GLU C 620 -23.17 -27.34 13.56
C GLU C 620 -22.51 -27.35 14.96
N ARG C 621 -21.51 -28.21 15.16
CA ARG C 621 -20.79 -28.24 16.44
C ARG C 621 -19.35 -27.74 16.37
N LEU C 622 -18.92 -27.06 17.45
CA LEU C 622 -17.53 -26.70 17.65
C LEU C 622 -17.08 -27.17 19.02
N LEU C 623 -16.02 -27.98 19.06
CA LEU C 623 -15.45 -28.39 20.32
C LEU C 623 -13.97 -28.00 20.37
N MET C 624 -13.64 -27.06 21.25
CA MET C 624 -12.26 -26.59 21.37
C MET C 624 -11.62 -27.11 22.66
N THR C 625 -10.33 -27.37 22.59
CA THR C 625 -9.63 -28.04 23.69
C THR C 625 -8.34 -27.33 24.07
N ALA C 626 -7.78 -27.69 25.22
CA ALA C 626 -6.56 -27.07 25.72
C ALA C 626 -5.83 -27.98 26.73
N ALA C 627 -4.58 -27.67 27.00
CA ALA C 627 -3.76 -28.46 27.94
C ALA C 627 -3.29 -27.63 29.14
N GLN C 628 -3.07 -28.30 30.27
CA GLN C 628 -2.38 -27.66 31.38
C GLN C 628 -0.92 -28.08 31.44
N ASN C 629 -0.55 -29.05 30.61
CA ASN C 629 0.83 -29.48 30.47
C ASN C 629 1.09 -29.91 29.03
N ARG C 630 2.18 -29.45 28.45
CA ARG C 630 2.51 -29.82 27.07
C ARG C 630 4.00 -30.03 26.92
N MET C 631 4.41 -31.17 26.37
CA MET C 631 5.82 -31.43 26.15
C MET C 631 6.23 -31.11 24.71
N GLN C 632 7.32 -30.36 24.57
CA GLN C 632 7.86 -30.04 23.26
C GLN C 632 9.19 -30.76 23.11
N PHE C 633 9.32 -31.60 22.09
CA PHE C 633 10.64 -32.13 21.72
C PHE C 633 11.49 -32.42 22.96
N GLY C 634 11.19 -33.49 23.68
CA GLY C 634 11.65 -33.62 25.06
C GLY C 634 10.88 -32.82 26.09
N LYS C 635 11.55 -31.94 26.84
CA LYS C 635 11.04 -31.50 28.13
C LYS C 635 9.56 -31.10 28.16
N THR C 636 8.90 -31.57 29.21
CA THR C 636 7.49 -31.28 29.44
C THR C 636 7.31 -29.94 30.11
N ASN C 637 6.31 -29.18 29.67
CA ASN C 637 6.09 -27.83 30.18
C ASN C 637 4.66 -27.54 30.61
N ALA C 638 4.50 -26.55 31.49
CA ALA C 638 3.18 -26.14 31.93
C ALA C 638 2.47 -25.36 30.84
N ALA C 639 1.23 -25.73 30.55
CA ALA C 639 0.45 -25.07 29.51
C ALA C 639 -0.63 -24.17 30.10
N GLU C 640 -0.93 -23.08 29.41
CA GLU C 640 -1.88 -22.08 29.89
C GLU C 640 -2.95 -21.84 28.83
N ASP C 641 -4.16 -21.51 29.26
CA ASP C 641 -5.24 -21.21 28.33
C ASP C 641 -4.91 -19.96 27.52
N SER C 642 -5.43 -19.90 26.30
CA SER C 642 -5.19 -18.75 25.43
C SER C 642 -6.00 -17.56 25.93
N ALA C 643 -5.42 -16.37 25.81
CA ALA C 643 -6.09 -15.15 26.24
C ALA C 643 -7.32 -14.89 25.39
N PHE C 644 -7.46 -15.64 24.30
CA PHE C 644 -8.62 -15.51 23.43
C PHE C 644 -9.87 -16.10 24.06
N LEU C 645 -9.67 -17.06 24.96
CA LEU C 645 -10.78 -17.65 25.71
C LEU C 645 -11.36 -16.61 26.65
N GLU C 646 -10.58 -15.57 26.92
CA GLU C 646 -11.04 -14.46 27.74
C GLU C 646 -12.00 -13.59 26.92
N ASP C 647 -11.71 -13.49 25.64
CA ASP C 647 -12.47 -12.65 24.73
C ASP C 647 -13.90 -13.15 24.53
N ILE C 648 -14.03 -14.46 24.35
CA ILE C 648 -15.33 -15.08 24.11
C ILE C 648 -16.03 -15.68 25.35
N GLU C 649 -15.47 -15.46 26.54
CA GLU C 649 -16.03 -16.05 27.76
C GLU C 649 -17.53 -15.80 27.89
N GLY C 650 -18.25 -16.84 28.28
CA GLY C 650 -19.70 -16.76 28.44
C GLY C 650 -20.45 -17.22 27.19
N LEU C 651 -19.74 -17.24 26.07
CA LEU C 651 -20.33 -17.62 24.79
C LEU C 651 -20.13 -19.10 24.51
N PHE C 652 -19.41 -19.77 25.41
CA PHE C 652 -19.11 -21.19 25.25
C PHE C 652 -19.24 -21.88 26.61
N ASP C 653 -19.38 -23.21 26.59
CA ASP C 653 -19.57 -23.96 27.82
C ASP C 653 -18.37 -24.82 28.17
N THR C 654 -17.73 -24.51 29.28
CA THR C 654 -16.59 -25.27 29.75
C THR C 654 -17.05 -26.66 30.20
N VAL C 655 -16.20 -27.66 30.00
CA VAL C 655 -16.67 -29.05 30.00
C VAL C 655 -15.67 -30.05 30.57
N ASP C 656 -16.16 -31.16 31.10
CA ASP C 656 -15.28 -32.23 31.56
C ASP C 656 -15.15 -33.30 30.46
N PRO C 657 -14.28 -34.30 30.69
CA PRO C 657 -14.05 -35.28 29.62
C PRO C 657 -15.33 -35.93 29.12
N TYR C 658 -16.38 -35.94 29.94
CA TYR C 658 -17.65 -36.53 29.52
C TYR C 658 -18.65 -35.54 28.92
N GLY C 659 -18.32 -34.25 28.99
CA GLY C 659 -19.17 -33.21 28.42
C GLY C 659 -20.22 -32.60 29.34
N GLN C 660 -19.96 -32.56 30.64
CA GLN C 660 -20.80 -31.83 31.59
C GLN C 660 -20.00 -30.64 32.12
N PRO C 661 -20.69 -29.58 32.58
CA PRO C 661 -19.96 -28.33 32.85
C PRO C 661 -19.06 -28.42 34.07
N ILE C 662 -17.88 -27.80 33.97
CA ILE C 662 -16.96 -27.67 35.10
C ILE C 662 -16.21 -26.35 35.03
N SER D 4 27.21 -125.21 -20.05
CA SER D 4 28.02 -124.03 -19.81
C SER D 4 27.69 -122.92 -20.79
N ALA D 5 26.93 -121.92 -20.32
CA ALA D 5 26.46 -120.84 -21.18
C ALA D 5 27.26 -119.55 -20.97
N GLY D 6 26.83 -118.47 -21.61
CA GLY D 6 27.52 -117.19 -21.53
C GLY D 6 28.27 -116.84 -22.80
N PRO D 7 29.07 -115.77 -22.77
CA PRO D 7 29.76 -115.30 -23.98
C PRO D 7 30.76 -116.35 -24.46
N ASP D 8 30.72 -116.69 -25.75
CA ASP D 8 31.59 -117.74 -26.25
C ASP D 8 33.03 -117.24 -26.31
N LEU D 9 33.92 -117.96 -25.64
CA LEU D 9 35.25 -117.44 -25.38
C LEU D 9 36.15 -117.37 -26.62
N LEU D 10 36.09 -118.40 -27.46
CA LEU D 10 37.00 -118.47 -28.60
C LEU D 10 36.46 -117.79 -29.85
N GLN D 11 35.17 -117.44 -29.84
CA GLN D 11 34.60 -116.67 -30.93
C GLN D 11 35.15 -115.26 -30.91
N ALA D 12 35.17 -114.66 -29.72
CA ALA D 12 35.54 -113.26 -29.56
C ALA D 12 37.01 -113.05 -29.19
N LEU D 13 37.76 -114.14 -29.06
CA LEU D 13 39.16 -114.04 -28.64
C LEU D 13 40.05 -115.01 -29.39
N ASN D 14 41.36 -114.76 -29.34
CA ASN D 14 42.33 -115.76 -29.75
C ASN D 14 42.60 -116.68 -28.56
N PRO D 15 43.19 -117.86 -28.79
CA PRO D 15 43.37 -118.84 -27.73
C PRO D 15 44.04 -118.29 -26.47
N THR D 16 45.12 -117.53 -26.63
CA THR D 16 45.87 -117.03 -25.49
C THR D 16 45.02 -116.12 -24.61
N GLN D 17 44.36 -115.15 -25.24
CA GLN D 17 43.44 -114.27 -24.53
C GLN D 17 42.31 -115.09 -23.93
N ALA D 18 41.86 -116.09 -24.68
CA ALA D 18 40.71 -116.91 -24.30
C ALA D 18 40.89 -117.64 -22.97
N GLN D 19 42.07 -118.19 -22.74
CA GLN D 19 42.34 -118.91 -21.49
C GLN D 19 42.56 -117.94 -20.34
N ALA D 20 43.02 -116.74 -20.67
CA ALA D 20 43.19 -115.69 -19.68
C ALA D 20 41.82 -115.28 -19.13
N ALA D 21 40.88 -115.08 -20.04
CA ALA D 21 39.52 -114.71 -19.66
C ALA D 21 38.82 -115.90 -19.03
N ASP D 22 39.44 -117.07 -19.16
CA ASP D 22 38.89 -118.29 -18.57
C ASP D 22 39.49 -118.55 -17.19
N HIS D 23 40.41 -117.70 -16.78
CA HIS D 23 40.96 -117.79 -15.43
C HIS D 23 39.86 -117.45 -14.43
N PHE D 24 39.73 -118.28 -13.40
CA PHE D 24 38.65 -118.13 -12.41
C PHE D 24 39.22 -117.85 -11.02
N THR D 25 40.01 -118.79 -10.51
CA THR D 25 40.49 -118.74 -9.13
C THR D 25 41.96 -118.34 -9.02
N GLY D 26 42.29 -117.65 -7.93
CA GLY D 26 43.68 -117.34 -7.61
C GLY D 26 44.28 -116.17 -8.36
N PRO D 27 45.58 -115.91 -8.12
CA PRO D 27 46.37 -114.84 -8.74
C PRO D 27 46.63 -115.07 -10.23
N ALA D 28 46.53 -114.01 -11.04
CA ALA D 28 46.89 -114.09 -12.45
C ALA D 28 47.51 -112.79 -12.98
N LEU D 29 48.54 -112.92 -13.80
CA LEU D 29 49.20 -111.77 -14.40
C LEU D 29 49.21 -111.86 -15.92
N VAL D 30 48.61 -110.86 -16.57
CA VAL D 30 48.57 -110.81 -18.03
C VAL D 30 49.48 -109.67 -18.51
N ILE D 31 50.59 -110.01 -19.14
CA ILE D 31 51.59 -109.01 -19.48
C ILE D 31 51.99 -109.04 -20.96
N ALA D 32 51.65 -107.97 -21.68
CA ALA D 32 51.87 -107.91 -23.12
C ALA D 32 51.92 -106.47 -23.64
N GLY D 33 52.42 -106.31 -24.87
CA GLY D 33 52.59 -104.99 -25.48
C GLY D 33 51.29 -104.27 -25.79
N ALA D 34 51.43 -103.04 -26.31
CA ALA D 34 50.28 -102.17 -26.56
C ALA D 34 49.37 -102.70 -27.67
N GLY D 35 48.07 -102.42 -27.52
CA GLY D 35 47.09 -102.82 -28.51
C GLY D 35 47.03 -104.33 -28.70
N SER D 36 47.32 -105.07 -27.64
CA SER D 36 47.34 -106.53 -27.71
C SER D 36 46.03 -107.15 -27.26
N GLY D 37 45.07 -106.32 -26.86
CA GLY D 37 43.77 -106.80 -26.42
C GLY D 37 43.70 -107.13 -24.93
N LYS D 38 44.52 -106.45 -24.13
CA LYS D 38 44.51 -106.66 -22.69
C LYS D 38 43.20 -106.21 -22.05
N THR D 39 42.80 -104.97 -22.33
CA THR D 39 41.57 -104.43 -21.79
C THR D 39 40.36 -105.20 -22.33
N ARG D 40 40.49 -105.69 -23.56
CA ARG D 40 39.43 -106.49 -24.16
C ARG D 40 39.27 -107.82 -23.43
N THR D 41 40.40 -108.42 -23.05
CA THR D 41 40.38 -109.67 -22.31
C THR D 41 39.69 -109.47 -20.97
N LEU D 42 40.06 -108.38 -20.29
CA LEU D 42 39.51 -108.08 -18.97
C LEU D 42 38.00 -107.89 -19.07
N ILE D 43 37.56 -107.18 -20.10
CA ILE D 43 36.15 -107.00 -20.35
C ILE D 43 35.45 -108.34 -20.46
N TYR D 44 36.07 -109.28 -21.17
CA TYR D 44 35.48 -110.59 -21.41
C TYR D 44 35.56 -111.56 -20.24
N ARG D 45 36.53 -111.34 -19.33
CA ARG D 45 36.61 -112.22 -18.16
C ARG D 45 35.49 -111.91 -17.17
N ILE D 46 35.30 -110.64 -16.87
CA ILE D 46 34.24 -110.22 -15.95
C ILE D 46 32.89 -110.74 -16.44
N ALA D 47 32.71 -110.74 -17.75
CA ALA D 47 31.47 -111.25 -18.33
C ALA D 47 31.45 -112.77 -18.32
N HIS D 48 32.64 -113.38 -18.31
CA HIS D 48 32.76 -114.83 -18.23
C HIS D 48 32.61 -115.34 -16.78
N LEU D 49 33.09 -114.54 -15.84
CA LEU D 49 32.98 -114.88 -14.42
C LEU D 49 31.53 -114.96 -14.00
N ILE D 50 30.74 -113.99 -14.44
CA ILE D 50 29.32 -113.97 -14.15
C ILE D 50 28.58 -115.00 -14.99
N GLY D 51 28.90 -115.01 -16.28
CA GLY D 51 28.22 -115.86 -17.24
C GLY D 51 28.53 -117.34 -17.17
N HIS D 52 29.82 -117.68 -17.23
CA HIS D 52 30.28 -119.06 -17.08
C HIS D 52 30.55 -119.59 -15.65
N TYR D 53 31.03 -118.74 -14.74
CA TYR D 53 31.34 -119.19 -13.37
C TYR D 53 30.31 -118.87 -12.28
N GLY D 54 29.24 -118.17 -12.63
CA GLY D 54 28.18 -117.84 -11.68
C GLY D 54 28.53 -116.91 -10.52
N VAL D 55 29.57 -116.09 -10.67
CA VAL D 55 29.93 -115.13 -9.63
C VAL D 55 29.06 -113.86 -9.75
N HIS D 56 28.47 -113.45 -8.64
CA HIS D 56 27.57 -112.30 -8.61
C HIS D 56 28.33 -111.01 -8.93
N PRO D 57 27.77 -110.16 -9.81
CA PRO D 57 28.41 -108.90 -10.19
C PRO D 57 28.82 -108.07 -8.96
N GLY D 58 28.02 -108.13 -7.91
CA GLY D 58 28.31 -107.40 -6.69
C GLY D 58 29.52 -107.92 -5.95
N GLU D 59 30.03 -109.06 -6.39
CA GLU D 59 31.25 -109.62 -5.81
C GLU D 59 32.51 -109.16 -6.53
N ILE D 60 32.34 -108.56 -7.70
CA ILE D 60 33.49 -108.24 -8.55
C ILE D 60 33.88 -106.78 -8.51
N LEU D 61 35.20 -106.54 -8.53
CA LEU D 61 35.74 -105.19 -8.52
C LEU D 61 36.69 -105.05 -9.70
N ALA D 62 36.54 -103.98 -10.48
CA ALA D 62 37.50 -103.73 -11.55
C ALA D 62 38.09 -102.33 -11.38
N VAL D 63 39.37 -102.28 -11.04
CA VAL D 63 40.05 -101.00 -10.84
C VAL D 63 40.65 -100.51 -12.15
N THR D 64 40.36 -99.26 -12.49
CA THR D 64 40.95 -98.64 -13.67
C THR D 64 41.66 -97.38 -13.20
N PHE D 65 42.40 -96.71 -14.08
CA PHE D 65 43.07 -95.48 -13.68
C PHE D 65 42.36 -94.17 -14.04
N THR D 66 41.37 -94.25 -14.92
CA THR D 66 40.55 -93.08 -15.25
C THR D 66 39.11 -93.53 -15.24
N ASN D 67 38.23 -92.78 -14.60
CA ASN D 67 36.86 -93.25 -14.44
C ASN D 67 36.10 -93.41 -15.76
N LYS D 68 36.60 -92.79 -16.82
CA LYS D 68 35.96 -92.91 -18.12
C LYS D 68 36.15 -94.31 -18.68
N ALA D 69 37.32 -94.89 -18.41
CA ALA D 69 37.63 -96.24 -18.86
C ALA D 69 36.70 -97.24 -18.18
N ALA D 70 36.31 -96.91 -16.95
CA ALA D 70 35.45 -97.80 -16.18
C ALA D 70 34.03 -97.81 -16.74
N ALA D 71 33.54 -96.64 -17.12
CA ALA D 71 32.21 -96.53 -17.70
C ALA D 71 32.22 -97.19 -19.08
N GLU D 72 33.35 -97.08 -19.76
CA GLU D 72 33.53 -97.68 -21.06
C GLU D 72 33.54 -99.20 -20.93
N MET D 73 34.18 -99.68 -19.88
CA MET D 73 34.27 -101.12 -19.64
C MET D 73 32.93 -101.73 -19.22
N ARG D 74 32.19 -101.01 -18.39
CA ARG D 74 30.92 -101.52 -17.87
C ARG D 74 29.87 -101.66 -18.97
N GLU D 75 29.74 -100.64 -19.82
CA GLU D 75 28.75 -100.65 -20.88
C GLU D 75 29.07 -101.74 -21.90
N ARG D 76 30.35 -101.97 -22.14
CA ARG D 76 30.77 -103.00 -23.07
C ARG D 76 30.56 -104.39 -22.49
N ALA D 77 30.60 -104.48 -21.16
CA ALA D 77 30.38 -105.76 -20.48
C ALA D 77 28.90 -106.08 -20.45
N GLY D 78 28.07 -105.04 -20.40
CA GLY D 78 26.63 -105.21 -20.36
C GLY D 78 26.10 -105.75 -21.68
N HIS D 79 26.85 -105.49 -22.74
CA HIS D 79 26.50 -106.03 -24.05
C HIS D 79 26.68 -107.56 -24.02
N LEU D 80 27.68 -108.00 -23.28
CA LEU D 80 27.90 -109.43 -23.06
C LEU D 80 27.12 -110.09 -21.91
N VAL D 81 26.81 -109.34 -20.87
CA VAL D 81 26.05 -109.92 -19.75
C VAL D 81 25.10 -108.93 -19.09
N PRO D 82 23.93 -109.42 -18.66
CA PRO D 82 22.99 -108.59 -17.88
C PRO D 82 23.42 -108.41 -16.42
N ALA D 84 25.76 -106.21 -15.22
CA ALA D 84 26.65 -105.14 -15.64
C ALA D 84 26.67 -104.00 -14.63
N GLY D 85 25.49 -103.61 -14.17
CA GLY D 85 25.35 -102.47 -13.28
C GLY D 85 25.80 -102.61 -11.85
N ASP D 86 25.60 -103.79 -11.26
CA ASP D 86 26.05 -104.07 -9.90
C ASP D 86 27.57 -103.95 -9.74
N LEU D 87 28.27 -104.16 -10.80
CA LEU D 87 29.72 -104.33 -10.77
C LEU D 87 30.31 -103.09 -10.13
N TRP D 88 31.39 -103.28 -9.37
CA TRP D 88 32.10 -102.16 -8.77
C TRP D 88 33.25 -101.77 -9.69
N MET D 89 33.14 -100.63 -10.35
CA MET D 89 34.18 -100.19 -11.27
C MET D 89 34.51 -98.70 -11.11
N SER D 90 35.76 -98.42 -10.76
CA SER D 90 36.22 -97.05 -10.54
C SER D 90 37.74 -97.02 -10.46
N THR D 91 38.31 -95.84 -10.23
CA THR D 91 39.75 -95.76 -10.00
C THR D 91 40.04 -96.22 -8.59
N PHE D 92 41.31 -96.19 -8.22
CA PHE D 92 41.71 -96.45 -6.85
C PHE D 92 41.11 -95.39 -5.92
N HIS D 93 41.30 -94.13 -6.28
CA HIS D 93 40.85 -93.01 -5.46
C HIS D 93 39.33 -92.99 -5.28
N SER D 94 38.59 -93.22 -6.36
CA SER D 94 37.13 -93.25 -6.29
C SER D 94 36.67 -94.38 -5.38
N ALA D 95 37.43 -95.46 -5.35
CA ALA D 95 37.13 -96.57 -4.45
C ALA D 95 37.39 -96.16 -3.01
N GLY D 96 38.48 -95.43 -2.81
CA GLY D 96 38.83 -94.94 -1.49
C GLY D 96 37.72 -94.08 -0.92
N VAL D 97 37.19 -93.20 -1.76
CA VAL D 97 36.06 -92.37 -1.38
C VAL D 97 34.97 -93.21 -0.74
N ARG D 98 34.41 -94.14 -1.51
CA ARG D 98 33.30 -94.97 -1.07
C ARG D 98 33.62 -95.83 0.15
N ILE D 99 34.89 -96.22 0.29
CA ILE D 99 35.30 -97.03 1.43
C ILE D 99 35.34 -96.20 2.70
N LEU D 100 35.92 -95.00 2.59
CA LEU D 100 36.07 -94.10 3.73
C LEU D 100 34.75 -93.46 4.15
N ARG D 101 33.91 -93.12 3.17
CA ARG D 101 32.62 -92.50 3.48
C ARG D 101 31.76 -93.46 4.30
N THR D 102 31.85 -94.74 3.95
CA THR D 102 31.07 -95.76 4.64
C THR D 102 31.68 -96.13 6.01
N TYR D 103 32.99 -96.42 6.04
CA TYR D 103 33.67 -96.78 7.29
C TYR D 103 34.53 -95.75 8.03
N GLY D 104 34.71 -94.56 7.46
CA GLY D 104 35.73 -93.63 7.94
C GLY D 104 35.82 -93.37 9.43
N GLU D 105 34.67 -93.45 10.10
CA GLU D 105 34.56 -93.12 11.52
C GLU D 105 35.37 -94.06 12.42
N HIS D 106 35.72 -95.23 11.92
CA HIS D 106 36.50 -96.18 12.69
C HIS D 106 37.92 -95.67 12.89
N ILE D 107 38.42 -94.93 11.89
CA ILE D 107 39.77 -94.36 11.99
C ILE D 107 39.89 -92.90 12.42
N GLY D 108 38.79 -92.27 12.81
CA GLY D 108 38.85 -90.89 13.28
C GLY D 108 38.53 -89.84 12.24
N LEU D 109 37.77 -90.25 11.23
CA LEU D 109 37.20 -89.31 10.29
C LEU D 109 35.72 -89.13 10.60
N ARG D 110 35.37 -87.96 11.13
CA ARG D 110 33.99 -87.67 11.50
C ARG D 110 33.14 -87.55 10.26
N ARG D 111 31.87 -87.93 10.37
CA ARG D 111 30.96 -87.85 9.23
C ARG D 111 30.96 -86.46 8.63
N GLY D 112 30.97 -86.40 7.30
CA GLY D 112 30.95 -85.13 6.59
C GLY D 112 32.31 -84.46 6.52
N PHE D 113 33.37 -85.27 6.55
CA PHE D 113 34.72 -84.73 6.40
C PHE D 113 34.86 -84.17 4.99
N VAL D 114 35.81 -83.26 4.81
CA VAL D 114 35.93 -82.54 3.55
C VAL D 114 37.17 -82.95 2.75
N ILE D 115 36.98 -83.16 1.46
CA ILE D 115 38.07 -83.56 0.57
C ILE D 115 38.73 -82.33 -0.04
N TYR D 116 39.96 -82.07 0.35
CA TYR D 116 40.72 -80.96 -0.20
C TYR D 116 41.29 -81.30 -1.57
N ASP D 117 41.25 -80.35 -2.49
CA ASP D 117 42.00 -80.47 -3.73
C ASP D 117 43.36 -79.81 -3.52
N ASP D 118 44.19 -79.78 -4.57
CA ASP D 118 45.54 -79.26 -4.41
C ASP D 118 45.58 -77.78 -4.03
N ASP D 119 44.62 -77.02 -4.51
CA ASP D 119 44.53 -75.60 -4.18
C ASP D 119 44.38 -75.45 -2.66
N ASP D 120 43.62 -76.34 -2.07
CA ASP D 120 43.33 -76.27 -0.64
C ASP D 120 44.53 -76.69 0.21
N GLN D 121 45.38 -77.54 -0.35
CA GLN D 121 46.60 -77.94 0.34
C GLN D 121 47.53 -76.74 0.46
N LEU D 122 47.46 -75.84 -0.52
CA LEU D 122 48.35 -74.69 -0.57
C LEU D 122 48.00 -73.62 0.46
N ASP D 123 46.74 -73.59 0.89
CA ASP D 123 46.33 -72.67 1.94
C ASP D 123 46.70 -73.22 3.32
N ILE D 124 46.81 -74.54 3.41
CA ILE D 124 47.28 -75.16 4.64
C ILE D 124 48.78 -74.96 4.73
N ILE D 125 49.45 -75.13 3.60
CA ILE D 125 50.90 -75.04 3.54
C ILE D 125 51.42 -73.64 3.84
N LYS D 126 50.82 -72.63 3.22
CA LYS D 126 51.25 -71.25 3.47
C LYS D 126 51.03 -70.88 4.93
N GLU D 127 50.00 -71.48 5.53
CA GLU D 127 49.65 -71.12 6.90
C GLU D 127 50.50 -71.82 7.95
N VAL D 128 51.12 -72.94 7.60
CA VAL D 128 52.05 -73.60 8.53
C VAL D 128 53.55 -73.37 8.33
N MET D 129 53.97 -72.83 7.19
CA MET D 129 55.39 -72.92 6.87
C MET D 129 56.21 -71.71 7.33
N GLY D 130 55.51 -70.69 7.82
CA GLY D 130 56.13 -69.47 8.27
C GLY D 130 57.05 -69.64 9.46
N SER D 131 56.78 -70.64 10.30
CA SER D 131 57.61 -70.84 11.49
C SER D 131 58.74 -71.85 11.31
N ILE D 132 58.73 -72.61 10.23
CA ILE D 132 59.65 -73.74 10.08
C ILE D 132 61.04 -73.34 9.60
N PRO D 133 62.09 -73.98 10.15
CA PRO D 133 63.47 -73.70 9.75
C PRO D 133 63.70 -73.82 8.24
N GLY D 134 62.86 -74.62 7.57
CA GLY D 134 62.99 -74.81 6.13
C GLY D 134 62.16 -73.80 5.36
N ILE D 135 61.85 -72.68 6.01
CA ILE D 135 60.97 -71.68 5.40
C ILE D 135 61.48 -71.17 4.06
N GLY D 136 62.69 -70.62 4.07
CA GLY D 136 63.33 -70.13 2.85
C GLY D 136 62.70 -68.83 2.39
N ALA D 137 63.45 -68.03 1.63
CA ALA D 137 62.86 -66.90 0.89
C ALA D 137 62.28 -67.32 -0.48
N GLU D 138 62.91 -68.33 -1.09
CA GLU D 138 62.50 -68.83 -2.42
C GLU D 138 61.35 -69.82 -2.42
N THR D 139 61.22 -70.59 -1.34
CA THR D 139 60.44 -71.83 -1.38
C THR D 139 59.01 -71.64 -1.88
N GLN D 140 58.65 -72.40 -2.90
CA GLN D 140 57.30 -72.39 -3.44
C GLN D 140 56.44 -73.39 -2.67
N PRO D 141 55.28 -72.94 -2.20
CA PRO D 141 54.37 -73.81 -1.46
C PRO D 141 53.98 -75.05 -2.26
N ARG D 142 54.20 -75.03 -3.57
CA ARG D 142 53.90 -76.19 -4.41
C ARG D 142 55.06 -77.17 -4.57
N VAL D 143 56.26 -76.77 -4.17
CA VAL D 143 57.39 -77.70 -4.14
C VAL D 143 57.31 -78.53 -2.88
N ILE D 144 56.73 -77.94 -1.85
CA ILE D 144 56.49 -78.62 -0.59
C ILE D 144 55.32 -79.59 -0.72
N ARG D 145 54.36 -79.23 -1.57
CA ARG D 145 53.22 -80.10 -1.83
C ARG D 145 53.68 -81.37 -2.54
N GLY D 146 54.67 -81.21 -3.41
CA GLY D 146 55.17 -82.31 -4.22
C GLY D 146 55.88 -83.38 -3.42
N ILE D 147 56.48 -82.98 -2.31
CA ILE D 147 57.16 -83.93 -1.44
C ILE D 147 56.14 -84.71 -0.63
N ILE D 148 55.07 -84.02 -0.25
CA ILE D 148 54.01 -84.61 0.56
C ILE D 148 53.26 -85.71 -0.19
N ASP D 149 52.73 -85.38 -1.37
CA ASP D 149 51.96 -86.34 -2.15
C ASP D 149 52.81 -87.52 -2.59
N ARG D 150 53.99 -87.23 -3.12
CA ARG D 150 54.89 -88.29 -3.55
C ARG D 150 55.29 -89.18 -2.39
N ALA D 151 55.38 -88.59 -1.21
CA ALA D 151 55.71 -89.36 0.00
C ALA D 151 54.56 -90.23 0.42
N LYS D 152 53.34 -89.72 0.28
CA LYS D 152 52.14 -90.48 0.65
C LYS D 152 51.87 -91.57 -0.37
N SER D 153 52.32 -91.37 -1.60
CA SER D 153 52.19 -92.38 -2.64
C SER D 153 53.23 -93.48 -2.41
N ASN D 154 54.33 -93.11 -1.76
CA ASN D 154 55.33 -94.08 -1.35
C ASN D 154 54.94 -94.69 0.00
N LEU D 155 53.81 -94.22 0.52
CA LEU D 155 53.26 -94.75 1.77
C LEU D 155 54.15 -94.45 2.99
N TRP D 156 54.76 -93.27 2.99
CA TRP D 156 55.59 -92.84 4.11
C TRP D 156 54.83 -91.90 5.04
N THR D 157 55.07 -92.03 6.34
CA THR D 157 54.55 -91.08 7.32
C THR D 157 55.60 -89.99 7.53
N PRO D 158 55.29 -88.98 8.36
CA PRO D 158 56.28 -87.94 8.63
C PRO D 158 57.62 -88.50 9.11
N ASP D 159 57.57 -89.44 10.04
CA ASP D 159 58.80 -90.02 10.59
C ASP D 159 59.62 -90.65 9.47
N ASP D 160 58.95 -91.44 8.63
CA ASP D 160 59.61 -92.11 7.52
C ASP D 160 60.46 -91.14 6.71
N LEU D 161 59.89 -89.99 6.39
CA LEU D 161 60.55 -89.00 5.55
C LEU D 161 61.86 -88.50 6.15
N ASP D 162 61.90 -88.41 7.48
CA ASP D 162 63.10 -87.94 8.16
C ASP D 162 64.27 -88.85 7.86
N ARG D 163 63.98 -90.14 7.68
CA ARG D 163 65.02 -91.13 7.44
C ARG D 163 65.25 -91.50 5.97
N SER D 164 64.57 -90.82 5.05
CA SER D 164 64.83 -91.00 3.63
C SER D 164 66.31 -90.70 3.38
N ARG D 165 66.90 -91.36 2.40
CA ARG D 165 68.34 -91.26 2.17
C ARG D 165 68.81 -89.86 1.71
N GLU D 166 68.03 -89.23 0.84
CA GLU D 166 68.40 -87.90 0.36
C GLU D 166 68.26 -86.85 1.45
N PRO D 167 69.40 -86.25 1.85
CA PRO D 167 69.51 -85.18 2.84
C PRO D 167 68.84 -83.91 2.33
N PHE D 168 68.57 -83.85 1.03
CA PHE D 168 67.80 -82.76 0.44
C PHE D 168 66.77 -83.30 -0.54
N ILE D 169 65.51 -82.98 -0.30
CA ILE D 169 64.44 -83.29 -1.24
C ILE D 169 64.10 -82.01 -1.99
N SER D 170 64.20 -82.04 -3.32
CA SER D 170 63.99 -80.84 -4.10
C SER D 170 65.00 -79.80 -3.64
N GLY D 171 64.50 -78.67 -3.15
CA GLY D 171 65.38 -77.65 -2.64
C GLY D 171 65.43 -77.55 -1.12
N LEU D 172 64.85 -78.51 -0.39
CA LEU D 172 64.76 -78.42 1.09
C LEU D 172 65.53 -79.46 1.94
N PRO D 173 65.97 -79.06 3.15
CA PRO D 173 66.58 -80.02 4.08
C PRO D 173 65.58 -81.08 4.55
N ARG D 174 66.03 -82.32 4.60
CA ARG D 174 65.17 -83.47 4.87
C ARG D 174 64.21 -83.28 6.04
N ASP D 175 64.76 -83.13 7.23
CA ASP D 175 63.94 -83.00 8.45
C ASP D 175 62.98 -81.81 8.39
N ALA D 176 63.36 -80.75 7.69
CA ALA D 176 62.51 -79.57 7.58
C ALA D 176 61.20 -79.91 6.89
N ALA D 177 61.30 -80.48 5.69
CA ALA D 177 60.12 -80.89 4.95
C ALA D 177 59.33 -81.89 5.76
N ALA D 178 60.03 -82.77 6.46
CA ALA D 178 59.39 -83.76 7.32
C ALA D 178 58.56 -83.06 8.40
N GLU D 179 59.12 -81.99 8.96
CA GLU D 179 58.43 -81.22 9.98
C GLU D 179 57.27 -80.44 9.38
N ALA D 180 57.43 -80.02 8.13
CA ALA D 180 56.37 -79.33 7.40
C ALA D 180 55.23 -80.30 7.12
N TYR D 181 55.58 -81.55 6.88
CA TYR D 181 54.64 -82.61 6.58
C TYR D 181 53.89 -83.03 7.84
N ARG D 182 54.59 -82.91 8.99
CA ARG D 182 54.05 -83.35 10.26
C ARG D 182 53.02 -82.36 10.81
N ARG D 183 53.28 -81.07 10.64
CA ARG D 183 52.34 -80.04 11.07
C ARG D 183 51.21 -79.86 10.06
N TYR D 184 51.48 -80.18 8.80
CA TYR D 184 50.45 -80.17 7.77
C TYR D 184 49.41 -81.21 8.11
N GLU D 185 49.86 -82.33 8.69
CA GLU D 185 48.97 -83.40 9.09
C GLU D 185 48.06 -83.02 10.26
N VAL D 186 48.61 -82.37 11.27
CA VAL D 186 47.82 -81.98 12.43
C VAL D 186 46.78 -80.92 12.08
N ARG D 187 47.16 -79.98 11.22
CA ARG D 187 46.28 -78.88 10.85
C ARG D 187 45.13 -79.35 9.98
N LYS D 188 45.42 -80.31 9.10
CA LYS D 188 44.42 -80.88 8.21
C LYS D 188 43.52 -81.83 8.98
N LYS D 189 44.10 -82.45 10.01
CA LYS D 189 43.39 -83.43 10.83
C LYS D 189 42.40 -82.79 11.78
N GLY D 190 42.73 -81.60 12.27
CA GLY D 190 41.95 -80.95 13.31
C GLY D 190 40.67 -80.35 12.79
N GLN D 191 40.59 -80.14 11.48
CA GLN D 191 39.40 -79.58 10.88
C GLN D 191 38.43 -80.66 10.38
N ASN D 192 38.76 -81.94 10.57
CA ASN D 192 38.04 -83.01 9.92
C ASN D 192 38.14 -82.87 8.40
N ALA D 193 39.35 -83.06 7.88
CA ALA D 193 39.60 -82.91 6.45
C ALA D 193 40.70 -83.85 5.98
N ILE D 194 40.59 -84.34 4.75
CA ILE D 194 41.62 -85.18 4.15
C ILE D 194 41.93 -84.73 2.72
N ASP D 195 43.19 -84.91 2.32
CA ASP D 195 43.60 -84.55 0.97
C ASP D 195 43.47 -85.74 0.05
N PHE D 196 43.94 -85.56 -1.19
CA PHE D 196 43.84 -86.55 -2.27
C PHE D 196 44.63 -87.86 -2.09
N GLY D 197 45.87 -87.75 -1.63
CA GLY D 197 46.70 -88.92 -1.43
C GLY D 197 46.17 -89.72 -0.26
N ASP D 198 45.36 -89.07 0.57
CA ASP D 198 44.82 -89.71 1.76
C ASP D 198 43.73 -90.73 1.44
N LEU D 199 43.06 -90.54 0.32
CA LEU D 199 42.00 -91.47 -0.10
C LEU D 199 42.56 -92.88 -0.17
N ILE D 200 43.86 -92.97 -0.35
CA ILE D 200 44.55 -94.26 -0.43
C ILE D 200 45.16 -94.67 0.91
N THR D 201 46.07 -93.85 1.42
CA THR D 201 46.77 -94.13 2.67
C THR D 201 45.87 -94.40 3.89
N GLU D 202 44.82 -93.60 4.07
CA GLU D 202 43.94 -93.77 5.22
C GLU D 202 43.08 -95.02 5.08
N THR D 203 42.78 -95.39 3.84
CA THR D 203 42.05 -96.61 3.55
C THR D 203 42.94 -97.79 3.88
N VAL D 204 44.22 -97.65 3.55
CA VAL D 204 45.21 -98.67 3.87
C VAL D 204 45.38 -98.78 5.38
N ARG D 205 45.39 -97.61 6.05
CA ARG D 205 45.51 -97.55 7.49
C ARG D 205 44.29 -98.20 8.15
N LEU D 206 43.12 -97.90 7.58
CA LEU D 206 41.87 -98.44 8.08
C LEU D 206 41.84 -99.97 8.08
N PHE D 207 42.26 -100.56 6.97
CA PHE D 207 42.26 -102.02 6.83
C PHE D 207 43.19 -102.70 7.81
N LYS D 208 44.36 -102.12 8.03
CA LYS D 208 45.34 -102.70 8.96
C LYS D 208 44.89 -102.60 10.41
N GLU D 209 44.33 -101.47 10.80
CA GLU D 209 43.95 -101.26 12.20
C GLU D 209 42.70 -102.05 12.59
N VAL D 210 41.64 -101.94 11.79
CA VAL D 210 40.46 -102.77 12.01
C VAL D 210 40.33 -103.83 10.91
N PRO D 211 40.64 -105.08 11.24
CA PRO D 211 40.62 -106.21 10.31
C PRO D 211 39.21 -106.55 9.83
N GLY D 212 38.23 -106.41 10.70
CA GLY D 212 36.86 -106.78 10.40
C GLY D 212 36.26 -105.98 9.26
N VAL D 213 36.59 -104.69 9.21
CA VAL D 213 36.11 -103.84 8.14
C VAL D 213 36.68 -104.32 6.80
N LEU D 214 37.96 -104.65 6.82
CA LEU D 214 38.63 -105.25 5.67
C LEU D 214 37.82 -106.45 5.18
N ASP D 215 37.43 -107.31 6.11
CA ASP D 215 36.65 -108.50 5.81
C ASP D 215 35.34 -108.14 5.12
N LYS D 216 34.66 -107.13 5.65
CA LYS D 216 33.38 -106.70 5.11
C LYS D 216 33.51 -106.12 3.70
N VAL D 217 34.68 -105.55 3.42
CA VAL D 217 34.95 -105.02 2.08
C VAL D 217 35.30 -106.16 1.15
N GLN D 218 36.08 -107.12 1.66
CA GLN D 218 36.53 -108.24 0.86
C GLN D 218 35.38 -109.11 0.35
N ASN D 219 34.18 -108.90 0.88
CA ASN D 219 33.00 -109.60 0.39
C ASN D 219 32.51 -108.98 -0.89
N LYS D 220 32.52 -107.64 -0.93
CA LYS D 220 32.21 -106.91 -2.15
C LYS D 220 33.36 -107.00 -3.14
N ALA D 221 34.60 -107.05 -2.66
CA ALA D 221 35.63 -107.47 -3.60
C ALA D 221 36.09 -108.87 -3.20
N LYS D 222 35.45 -109.86 -3.84
CA LYS D 222 35.93 -111.25 -3.83
C LYS D 222 36.86 -111.51 -4.99
N PHE D 223 36.51 -110.93 -6.14
CA PHE D 223 37.26 -111.09 -7.37
C PHE D 223 37.74 -109.73 -7.82
N ILE D 224 39.06 -109.58 -7.90
CA ILE D 224 39.65 -108.28 -8.11
C ILE D 224 40.37 -108.20 -9.45
N HIS D 225 40.13 -107.12 -10.18
CA HIS D 225 40.80 -106.87 -11.45
C HIS D 225 41.52 -105.55 -11.37
N VAL D 226 42.68 -105.45 -12.02
CA VAL D 226 43.39 -104.18 -12.11
C VAL D 226 43.98 -103.97 -13.50
N ASP D 227 43.68 -102.81 -14.09
CA ASP D 227 44.21 -102.49 -15.41
C ASP D 227 45.24 -101.37 -15.32
N GLU D 228 46.22 -101.41 -16.22
CA GLU D 228 47.32 -100.44 -16.20
C GLU D 228 48.09 -100.52 -14.89
N TYR D 229 48.36 -101.74 -14.46
CA TYR D 229 49.03 -102.02 -13.19
C TYR D 229 50.48 -101.55 -13.17
N GLN D 230 51.06 -101.34 -14.35
CA GLN D 230 52.42 -100.86 -14.46
C GLN D 230 52.52 -99.46 -13.86
N ASP D 231 51.40 -98.76 -13.88
CA ASP D 231 51.34 -97.38 -13.38
C ASP D 231 50.85 -97.16 -11.93
N THR D 232 50.72 -98.25 -11.17
CA THR D 232 50.38 -98.21 -9.75
C THR D 232 51.54 -97.84 -8.81
N ASN D 233 51.26 -96.97 -7.83
CA ASN D 233 52.24 -96.60 -6.81
C ASN D 233 52.30 -97.57 -5.64
N ARG D 234 53.21 -97.32 -4.69
CA ARG D 234 53.41 -98.22 -3.57
C ARG D 234 52.15 -98.34 -2.72
N ALA D 235 51.48 -97.22 -2.52
CA ALA D 235 50.23 -97.18 -1.76
C ALA D 235 49.17 -98.04 -2.43
N GLN D 236 48.91 -97.74 -3.71
CA GLN D 236 47.94 -98.51 -4.48
C GLN D 236 48.26 -99.99 -4.43
N TYR D 237 49.53 -100.33 -4.63
CA TYR D 237 49.96 -101.71 -4.55
C TYR D 237 49.56 -102.33 -3.21
N GLU D 238 49.86 -101.62 -2.13
CA GLU D 238 49.58 -102.11 -0.78
C GLU D 238 48.09 -102.24 -0.52
N LEU D 239 47.29 -101.34 -1.08
CA LEU D 239 45.84 -101.42 -0.93
C LEU D 239 45.31 -102.64 -1.67
N THR D 240 45.96 -102.99 -2.77
CA THR D 240 45.53 -104.12 -3.58
C THR D 240 45.86 -105.45 -2.91
N ARG D 241 47.04 -105.54 -2.31
CA ARG D 241 47.42 -106.76 -1.61
C ARG D 241 46.53 -107.00 -0.40
N LEU D 242 46.15 -105.92 0.27
CA LEU D 242 45.29 -106.02 1.45
C LEU D 242 43.88 -106.45 1.07
N LEU D 243 43.43 -106.03 -0.11
CA LEU D 243 42.14 -106.46 -0.62
C LEU D 243 42.19 -107.92 -1.06
N ALA D 244 43.33 -108.31 -1.61
CA ALA D 244 43.51 -109.66 -2.12
C ALA D 244 43.71 -110.67 -0.99
N SER D 245 44.23 -110.18 0.13
CA SER D 245 44.82 -111.03 1.15
C SER D 245 43.99 -112.26 1.52
N ARG D 246 42.68 -112.09 1.64
CA ARG D 246 41.84 -113.19 2.07
C ARG D 246 41.58 -114.18 0.94
N ASP D 247 40.88 -113.73 -0.10
CA ASP D 247 40.52 -114.60 -1.21
C ASP D 247 41.62 -114.79 -2.26
N ARG D 248 42.41 -113.74 -2.47
CA ARG D 248 43.49 -113.79 -3.44
C ARG D 248 43.06 -114.17 -4.86
N ASN D 249 41.89 -113.77 -5.30
CA ASN D 249 41.61 -113.91 -6.72
C ASN D 249 41.88 -112.53 -7.27
N LEU D 250 43.05 -112.41 -7.86
CA LEU D 250 43.54 -111.10 -8.27
C LEU D 250 44.20 -111.19 -9.63
N LEU D 251 43.59 -110.52 -10.58
CA LEU D 251 44.11 -110.53 -11.93
C LEU D 251 44.61 -109.13 -12.20
N VAL D 252 45.83 -109.03 -12.71
CA VAL D 252 46.41 -107.74 -13.02
C VAL D 252 46.81 -107.69 -14.49
N VAL D 253 46.53 -106.55 -15.11
CA VAL D 253 46.82 -106.36 -16.52
C VAL D 253 47.68 -105.13 -16.71
N GLY D 254 48.70 -105.23 -17.56
CA GLY D 254 49.56 -104.08 -17.81
C GLY D 254 50.68 -104.33 -18.81
N ASP D 255 51.41 -103.28 -19.13
CA ASP D 255 52.59 -103.40 -19.97
C ASP D 255 53.69 -102.53 -19.37
N PRO D 256 54.92 -103.06 -19.29
CA PRO D 256 56.04 -102.29 -18.73
C PRO D 256 56.48 -101.14 -19.61
N ASP D 257 56.40 -101.35 -20.92
CA ASP D 257 56.79 -100.32 -21.88
C ASP D 257 55.78 -99.19 -21.86
N GLN D 258 54.66 -99.44 -21.21
CA GLN D 258 53.63 -98.40 -21.04
C GLN D 258 53.70 -97.65 -19.71
N SER D 259 54.76 -97.85 -18.92
CA SER D 259 54.75 -97.25 -17.59
C SER D 259 55.30 -95.83 -17.68
N ILE D 260 54.38 -94.88 -17.67
CA ILE D 260 54.69 -93.46 -17.85
C ILE D 260 54.56 -92.53 -16.61
N TYR D 261 54.07 -93.05 -15.49
CA TYR D 261 53.74 -92.20 -14.34
C TYR D 261 54.81 -92.07 -13.25
N LYS D 262 56.01 -92.57 -13.54
CA LYS D 262 57.10 -92.59 -12.56
C LYS D 262 57.20 -91.29 -11.77
N PHE D 263 57.00 -90.17 -12.45
CA PHE D 263 57.13 -88.86 -11.83
C PHE D 263 56.24 -88.70 -10.60
N ARG D 264 55.05 -89.31 -10.62
CA ARG D 264 54.09 -89.14 -9.52
C ARG D 264 54.18 -90.25 -8.48
N GLY D 265 55.15 -91.14 -8.63
CA GLY D 265 55.27 -92.26 -7.72
C GLY D 265 54.91 -93.62 -8.27
N ALA D 266 54.64 -93.72 -9.57
CA ALA D 266 54.39 -95.02 -10.19
C ALA D 266 55.58 -95.96 -9.99
N ASP D 267 55.30 -97.23 -9.69
CA ASP D 267 56.34 -98.22 -9.43
C ASP D 267 56.31 -99.31 -10.49
N ILE D 268 57.33 -99.38 -11.33
CA ILE D 268 57.33 -100.36 -12.41
C ILE D 268 57.64 -101.76 -11.90
N GLN D 269 58.24 -101.84 -10.72
CA GLN D 269 58.58 -103.11 -10.11
C GLN D 269 57.34 -103.91 -9.70
N ASN D 270 56.25 -103.21 -9.40
CA ASN D 270 55.05 -103.89 -8.95
C ASN D 270 54.52 -104.90 -9.98
N ILE D 271 54.53 -104.52 -11.25
CA ILE D 271 54.09 -105.41 -12.31
C ILE D 271 55.18 -106.41 -12.74
N LEU D 272 56.44 -106.04 -12.54
CA LEU D 272 57.56 -106.91 -12.90
C LEU D 272 57.82 -108.01 -11.88
N ASP D 273 57.51 -107.71 -10.62
CA ASP D 273 57.70 -108.69 -9.54
C ASP D 273 56.44 -109.45 -9.12
N PHE D 274 55.33 -109.24 -9.81
CA PHE D 274 54.05 -109.81 -9.41
C PHE D 274 54.15 -111.31 -9.13
N GLN D 275 55.08 -111.98 -9.80
CA GLN D 275 55.28 -113.42 -9.63
C GLN D 275 56.01 -113.75 -8.33
N LYS D 276 56.92 -112.87 -7.92
CA LYS D 276 57.63 -113.04 -6.65
C LYS D 276 56.71 -112.72 -5.48
N ASP D 277 55.70 -111.89 -5.73
CA ASP D 277 54.69 -111.58 -4.72
C ASP D 277 53.66 -112.70 -4.60
N TYR D 278 53.22 -113.20 -5.75
CA TYR D 278 52.21 -114.26 -5.79
C TYR D 278 52.73 -115.47 -6.56
N PRO D 279 53.52 -116.31 -5.89
CA PRO D 279 54.19 -117.46 -6.51
C PRO D 279 53.25 -118.32 -7.34
N ASP D 280 52.02 -118.49 -6.88
CA ASP D 280 51.08 -119.40 -7.53
C ASP D 280 50.34 -118.74 -8.69
N ALA D 281 50.68 -117.49 -8.99
CA ALA D 281 50.05 -116.74 -10.07
C ALA D 281 50.20 -117.45 -11.42
N LYS D 282 49.17 -117.32 -12.26
CA LYS D 282 49.23 -117.86 -13.62
C LYS D 282 49.57 -116.74 -14.60
N VAL D 283 50.60 -116.97 -15.41
CA VAL D 283 51.11 -115.94 -16.30
C VAL D 283 50.67 -116.16 -17.76
N TYR D 284 49.92 -115.19 -18.29
CA TYR D 284 49.48 -115.25 -19.68
C TYR D 284 50.18 -114.16 -20.48
N MET D 285 50.64 -114.49 -21.68
CA MET D 285 51.31 -113.49 -22.51
C MET D 285 50.70 -113.35 -23.90
N LEU D 286 50.14 -112.17 -24.17
CA LEU D 286 49.60 -111.85 -25.49
C LEU D 286 50.71 -111.42 -26.44
N GLU D 287 50.85 -112.10 -27.57
CA GLU D 287 51.88 -111.73 -28.53
C GLU D 287 51.42 -110.91 -29.73
N HIS D 288 50.12 -110.63 -29.85
CA HIS D 288 49.63 -109.97 -31.07
C HIS D 288 48.92 -108.63 -30.87
N ASN D 289 49.32 -107.64 -31.68
CA ASN D 289 48.68 -106.33 -31.69
C ASN D 289 47.62 -106.23 -32.79
N TYR D 290 46.36 -106.18 -32.38
CA TYR D 290 45.25 -106.13 -33.33
C TYR D 290 44.98 -104.72 -33.84
N ARG D 291 45.42 -103.74 -33.05
CA ARG D 291 45.04 -102.35 -33.25
C ARG D 291 45.79 -101.64 -34.38
N SER D 292 47.11 -101.79 -34.39
CA SER D 292 48.00 -101.02 -35.27
C SER D 292 48.25 -101.66 -36.63
N SER D 293 48.40 -100.83 -37.66
CA SER D 293 48.87 -101.29 -38.96
C SER D 293 50.30 -101.78 -38.81
N ALA D 294 50.70 -102.72 -39.66
CA ALA D 294 52.04 -103.29 -39.59
C ALA D 294 53.14 -102.24 -39.76
N ARG D 295 52.78 -101.12 -40.39
CA ARG D 295 53.73 -100.03 -40.57
C ARG D 295 54.02 -99.26 -39.28
N VAL D 296 52.97 -98.80 -38.61
CA VAL D 296 53.16 -98.01 -37.40
C VAL D 296 53.65 -98.85 -36.24
N LEU D 297 53.42 -100.17 -36.32
CA LEU D 297 53.83 -101.08 -35.27
C LEU D 297 55.33 -101.37 -35.35
N GLU D 298 55.84 -101.49 -36.57
CA GLU D 298 57.27 -101.71 -36.77
C GLU D 298 58.08 -100.54 -36.22
N ALA D 299 57.58 -99.33 -36.40
CA ALA D 299 58.22 -98.14 -35.84
C ALA D 299 58.30 -98.27 -34.33
N ALA D 300 57.14 -98.54 -33.72
CA ALA D 300 57.06 -98.74 -32.28
C ALA D 300 58.11 -99.73 -31.78
N ASN D 301 58.01 -100.97 -32.25
CA ASN D 301 58.94 -102.02 -31.85
C ASN D 301 60.41 -101.60 -31.95
N LYS D 302 60.76 -100.95 -33.05
CA LYS D 302 62.13 -100.49 -33.25
C LYS D 302 62.52 -99.43 -32.22
N LEU D 303 61.56 -98.58 -31.88
CA LEU D 303 61.79 -97.51 -30.90
C LEU D 303 61.98 -98.08 -29.49
N ILE D 304 61.04 -98.90 -29.06
CA ILE D 304 61.07 -99.45 -27.71
C ILE D 304 62.30 -100.34 -27.51
N GLU D 305 62.81 -100.86 -28.62
CA GLU D 305 64.02 -101.67 -28.60
C GLU D 305 65.18 -100.91 -27.97
N ASN D 306 65.17 -99.58 -28.13
CA ASN D 306 66.26 -98.73 -27.66
C ASN D 306 66.34 -98.60 -26.14
N ASN D 307 65.25 -98.90 -25.45
CA ASN D 307 65.27 -98.93 -23.98
C ASN D 307 65.87 -100.23 -23.49
N THR D 308 66.72 -100.13 -22.46
CA THR D 308 67.52 -101.27 -22.03
C THR D 308 67.09 -101.83 -20.68
N GLU D 309 67.32 -103.12 -20.50
CA GLU D 309 66.93 -103.84 -19.28
C GLU D 309 65.45 -104.21 -19.26
N ARG D 310 64.72 -103.80 -20.30
CA ARG D 310 63.30 -104.09 -20.38
C ARG D 310 63.04 -105.56 -20.70
N LEU D 311 61.94 -106.08 -20.16
CA LEU D 311 61.50 -107.42 -20.51
C LEU D 311 61.36 -107.48 -22.02
N ASP D 312 62.00 -108.46 -22.64
CA ASP D 312 61.98 -108.57 -24.09
C ASP D 312 60.82 -109.46 -24.46
N LYS D 313 59.78 -108.86 -25.01
CA LYS D 313 58.55 -109.60 -25.31
C LYS D 313 58.12 -109.38 -26.74
N THR D 314 57.56 -110.44 -27.33
CA THR D 314 57.21 -110.44 -28.74
C THR D 314 55.96 -109.63 -29.02
N LEU D 315 56.05 -108.68 -29.95
CA LEU D 315 54.86 -108.02 -30.45
C LEU D 315 54.82 -108.15 -31.97
N LYS D 316 53.90 -109.00 -32.45
CA LYS D 316 53.75 -109.30 -33.88
C LYS D 316 52.42 -108.84 -34.48
N PRO D 317 52.48 -108.06 -35.58
CA PRO D 317 51.30 -107.48 -36.21
C PRO D 317 50.31 -108.51 -36.74
N VAL D 318 49.02 -108.29 -36.48
CA VAL D 318 47.96 -109.00 -37.20
C VAL D 318 47.58 -108.31 -38.53
N LYS D 319 47.49 -106.97 -38.54
CA LYS D 319 47.08 -106.22 -39.73
C LYS D 319 48.19 -106.00 -40.77
N GLU D 320 47.78 -105.81 -42.02
CA GLU D 320 48.70 -105.60 -43.15
C GLU D 320 49.45 -104.27 -43.02
N ALA D 321 50.55 -104.12 -43.76
CA ALA D 321 51.29 -102.87 -43.69
C ALA D 321 50.46 -101.81 -44.39
N GLY D 322 50.08 -100.80 -43.64
CA GLY D 322 49.09 -99.84 -44.09
C GLY D 322 49.72 -98.59 -44.65
N GLN D 323 48.97 -97.50 -44.57
CA GLN D 323 49.48 -96.23 -45.04
C GLN D 323 50.72 -95.86 -44.25
N PRO D 324 51.80 -95.51 -44.95
CA PRO D 324 53.09 -95.18 -44.34
C PRO D 324 52.95 -94.07 -43.30
N VAL D 325 53.77 -94.14 -42.25
CA VAL D 325 53.79 -93.11 -41.22
C VAL D 325 54.65 -91.94 -41.69
N THR D 326 54.18 -90.71 -41.45
CA THR D 326 54.87 -89.54 -41.96
C THR D 326 55.28 -88.55 -40.87
N PHE D 327 56.35 -87.81 -41.16
CA PHE D 327 56.81 -86.73 -40.28
C PHE D 327 57.07 -85.46 -41.09
N HIS D 328 56.61 -84.33 -40.58
CA HIS D 328 56.79 -83.06 -41.26
C HIS D 328 57.46 -82.02 -40.35
N ARG D 329 58.55 -81.44 -40.84
CA ARG D 329 59.20 -80.36 -40.11
C ARG D 329 58.81 -79.01 -40.69
N ALA D 330 58.10 -78.23 -39.90
CA ALA D 330 57.61 -76.91 -40.29
C ALA D 330 58.52 -75.81 -39.75
N THR D 331 58.67 -74.73 -40.50
CA THR D 331 59.45 -73.59 -40.04
C THR D 331 58.94 -73.05 -38.71
N ASP D 332 57.62 -72.87 -38.61
CA ASP D 332 57.03 -72.18 -37.48
C ASP D 332 56.12 -73.10 -36.68
N HIS D 333 55.88 -72.76 -35.41
CA HIS D 333 54.97 -73.54 -34.59
C HIS D 333 53.52 -73.35 -35.05
N ARG D 334 53.23 -72.21 -35.67
CA ARG D 334 51.92 -71.99 -36.25
C ARG D 334 51.82 -72.67 -37.62
N ALA D 335 52.96 -72.76 -38.30
CA ALA D 335 53.02 -73.47 -39.58
C ALA D 335 52.85 -74.96 -39.32
N GLU D 336 53.23 -75.39 -38.12
CA GLU D 336 52.98 -76.76 -37.68
C GLU D 336 51.47 -76.90 -37.46
N GLY D 337 50.89 -75.90 -36.82
CA GLY D 337 49.46 -75.85 -36.60
C GLY D 337 48.69 -75.80 -37.90
N ASP D 338 49.19 -75.03 -38.86
CA ASP D 338 48.54 -74.92 -40.16
C ASP D 338 48.61 -76.26 -40.88
N TYR D 339 49.75 -76.92 -40.81
CA TYR D 339 49.93 -78.23 -41.45
C TYR D 339 48.91 -79.22 -40.92
N VAL D 340 48.65 -79.18 -39.62
CA VAL D 340 47.65 -80.04 -39.01
C VAL D 340 46.26 -79.66 -39.49
N ALA D 341 45.92 -78.38 -39.35
CA ALA D 341 44.62 -77.88 -39.75
C ALA D 341 44.32 -78.22 -41.20
N ASP D 342 45.33 -78.08 -42.05
CA ASP D 342 45.17 -78.31 -43.48
C ASP D 342 44.95 -79.79 -43.77
N TRP D 343 45.64 -80.65 -43.02
CA TRP D 343 45.59 -82.08 -43.27
C TRP D 343 44.37 -82.77 -42.65
N LEU D 344 43.70 -82.11 -41.71
CA LEU D 344 42.47 -82.65 -41.16
C LEU D 344 41.37 -82.57 -42.20
N THR D 345 41.27 -81.41 -42.85
CA THR D 345 40.26 -81.20 -43.87
C THR D 345 40.51 -82.09 -45.08
N ARG D 346 41.78 -82.34 -45.36
CA ARG D 346 42.16 -83.22 -46.48
C ARG D 346 41.64 -84.62 -46.28
N LEU D 347 42.00 -85.23 -45.15
CA LEU D 347 41.58 -86.59 -44.83
C LEU D 347 40.07 -86.66 -44.67
N HIS D 348 39.50 -85.64 -44.07
CA HIS D 348 38.06 -85.60 -43.83
C HIS D 348 37.27 -85.72 -45.14
N GLY D 349 37.70 -84.96 -46.15
CA GLY D 349 37.04 -84.93 -47.44
C GLY D 349 37.14 -86.24 -48.21
N GLU D 350 38.04 -87.10 -47.77
CA GLU D 350 38.14 -88.43 -48.33
C GLU D 350 37.35 -89.43 -47.50
N GLY D 351 36.62 -88.95 -46.50
CA GLY D 351 35.78 -89.83 -45.72
C GLY D 351 36.07 -90.13 -44.26
N ARG D 352 37.14 -89.61 -43.67
CA ARG D 352 37.36 -89.82 -42.23
C ARG D 352 36.41 -88.93 -41.45
N ALA D 353 35.78 -89.45 -40.40
CA ALA D 353 34.94 -88.63 -39.53
C ALA D 353 35.78 -87.88 -38.50
N TRP D 354 35.33 -86.68 -38.10
CA TRP D 354 36.12 -85.87 -37.16
C TRP D 354 36.54 -86.66 -35.92
N SER D 355 35.67 -87.57 -35.47
CA SER D 355 35.88 -88.28 -34.21
C SER D 355 36.99 -89.31 -34.27
N GLU D 356 37.32 -89.76 -35.47
CA GLU D 356 38.33 -90.79 -35.67
C GLU D 356 39.73 -90.19 -35.77
N MET D 357 39.82 -88.89 -35.54
CA MET D 357 41.12 -88.20 -35.53
C MET D 357 41.43 -87.58 -34.16
N ALA D 358 42.71 -87.65 -33.78
CA ALA D 358 43.17 -87.11 -32.50
C ALA D 358 44.56 -86.48 -32.59
N ILE D 359 44.72 -85.33 -31.95
CA ILE D 359 46.00 -84.62 -31.92
C ILE D 359 46.62 -84.73 -30.53
N LEU D 360 47.82 -85.29 -30.47
CA LEU D 360 48.49 -85.53 -29.19
C LEU D 360 49.73 -84.65 -29.02
N TYR D 361 49.88 -84.06 -27.84
CA TYR D 361 51.02 -83.20 -27.54
C TYR D 361 51.66 -83.53 -26.19
N ARG D 362 52.87 -83.00 -25.97
CA ARG D 362 53.62 -83.28 -24.75
C ARG D 362 53.15 -82.47 -23.55
N THR D 363 52.88 -81.19 -23.77
CA THR D 363 52.40 -80.30 -22.71
C THR D 363 51.10 -79.66 -23.15
N ASN D 364 50.36 -79.10 -22.20
CA ASN D 364 49.10 -78.45 -22.50
C ASN D 364 49.30 -77.09 -23.19
N ALA D 365 50.47 -76.49 -23.00
CA ALA D 365 50.74 -75.18 -23.58
C ALA D 365 50.62 -75.20 -25.11
N GLN D 366 50.88 -76.36 -25.69
CA GLN D 366 50.91 -76.50 -27.15
C GLN D 366 49.52 -76.45 -27.78
N SER D 367 48.49 -76.64 -26.97
CA SER D 367 47.13 -76.76 -27.48
C SER D 367 46.56 -75.45 -28.01
N ARG D 368 47.07 -74.32 -27.54
CA ARG D 368 46.55 -73.02 -27.94
C ARG D 368 46.75 -72.77 -29.43
N VAL D 369 47.97 -72.99 -29.90
CA VAL D 369 48.30 -72.76 -31.30
C VAL D 369 47.44 -73.64 -32.21
N ILE D 370 47.18 -74.86 -31.77
CA ILE D 370 46.40 -75.83 -32.55
C ILE D 370 44.92 -75.49 -32.54
N GLU D 371 44.39 -75.11 -31.38
CA GLU D 371 42.98 -74.76 -31.26
C GLU D 371 42.61 -73.65 -32.23
N GLU D 372 43.47 -72.65 -32.35
CA GLU D 372 43.23 -71.54 -33.27
C GLU D 372 43.33 -72.00 -34.71
N SER D 373 44.17 -73.01 -34.94
CA SER D 373 44.42 -73.49 -36.29
C SER D 373 43.26 -74.32 -36.83
N LEU D 374 42.51 -74.97 -35.94
CA LEU D 374 41.31 -75.68 -36.35
C LEU D 374 40.21 -74.66 -36.58
N ARG D 375 40.07 -73.74 -35.62
CA ARG D 375 39.00 -72.76 -35.61
C ARG D 375 38.95 -71.92 -36.88
N ARG D 376 40.14 -71.56 -37.38
CA ARG D 376 40.23 -70.68 -38.54
C ARG D 376 39.73 -71.38 -39.80
N VAL D 377 39.84 -72.70 -39.81
CA VAL D 377 39.28 -73.50 -40.90
C VAL D 377 37.92 -74.06 -40.48
N GLN D 378 37.52 -73.74 -39.26
CA GLN D 378 36.28 -74.25 -38.66
C GLN D 378 36.20 -75.77 -38.60
N ILE D 379 37.23 -76.36 -37.99
CA ILE D 379 37.28 -77.78 -37.68
C ILE D 379 36.90 -77.99 -36.22
N PRO D 380 35.72 -78.59 -35.98
CA PRO D 380 35.13 -78.68 -34.64
C PRO D 380 36.07 -79.26 -33.58
N ARG D 382 37.35 -80.61 -29.67
CA ARG D 382 37.10 -81.08 -28.31
C ARG D 382 38.41 -81.20 -27.54
N ILE D 383 38.56 -80.36 -26.52
CA ILE D 383 39.79 -80.28 -25.75
C ILE D 383 39.69 -81.06 -24.45
N VAL D 384 40.66 -81.92 -24.20
CA VAL D 384 40.67 -82.77 -22.99
C VAL D 384 41.85 -82.44 -22.08
N GLY D 385 41.55 -82.07 -20.83
CA GLY D 385 42.59 -81.79 -19.87
C GLY D 385 43.24 -80.43 -20.10
N GLY D 386 42.40 -79.44 -20.38
CA GLY D 386 42.84 -78.09 -20.62
C GLY D 386 42.77 -77.30 -19.32
N VAL D 387 42.39 -76.03 -19.42
CA VAL D 387 42.03 -75.27 -18.23
C VAL D 387 40.75 -75.88 -17.70
N GLY D 388 40.79 -76.32 -16.45
CA GLY D 388 39.68 -77.10 -15.89
C GLY D 388 38.40 -76.31 -15.66
N PHE D 389 37.27 -77.02 -15.67
CA PHE D 389 35.98 -76.39 -15.43
C PHE D 389 35.76 -76.14 -13.94
N TYR D 390 36.03 -77.17 -13.13
CA TYR D 390 35.81 -77.07 -11.69
C TYR D 390 37.02 -76.47 -10.97
N ASP D 391 38.08 -76.19 -11.72
CA ASP D 391 39.26 -75.58 -11.15
C ASP D 391 39.21 -74.06 -11.27
N ARG D 392 38.11 -73.56 -11.84
CA ARG D 392 37.95 -72.13 -12.08
C ARG D 392 37.54 -71.35 -10.83
N ARG D 393 37.88 -70.07 -10.82
CA ARG D 393 37.61 -69.21 -9.66
C ARG D 393 36.14 -69.09 -9.30
N GLU D 394 35.29 -68.86 -10.30
CA GLU D 394 33.87 -68.61 -10.05
C GLU D 394 33.19 -69.82 -9.41
N ILE D 395 33.52 -71.01 -9.91
CA ILE D 395 32.88 -72.24 -9.44
C ILE D 395 33.45 -72.75 -8.12
N ARG D 396 34.77 -72.68 -7.96
CA ARG D 396 35.40 -73.10 -6.72
C ARG D 396 34.89 -72.28 -5.54
N ASP D 397 34.64 -70.99 -5.79
CA ASP D 397 34.07 -70.13 -4.77
C ASP D 397 32.68 -70.62 -4.43
N ILE D 398 31.90 -70.92 -5.45
CA ILE D 398 30.55 -71.44 -5.25
C ILE D 398 30.58 -72.76 -4.49
N LEU D 399 31.56 -73.60 -4.81
CA LEU D 399 31.69 -74.89 -4.12
C LEU D 399 32.21 -74.69 -2.71
N ALA D 400 33.07 -73.68 -2.53
CA ALA D 400 33.64 -73.38 -1.23
C ALA D 400 32.56 -72.83 -0.30
N TYR D 401 31.68 -72.00 -0.85
CA TYR D 401 30.48 -71.58 -0.14
C TYR D 401 29.71 -72.84 0.25
N ALA D 402 29.70 -73.81 -0.66
CA ALA D 402 28.95 -75.04 -0.48
C ALA D 402 29.61 -75.98 0.53
N ARG D 403 30.94 -75.89 0.64
CA ARG D 403 31.67 -76.74 1.58
C ARG D 403 31.58 -76.22 3.01
N LEU D 404 31.50 -74.90 3.16
CA LEU D 404 31.40 -74.28 4.47
C LEU D 404 29.98 -74.51 4.99
N ALA D 405 29.05 -74.70 4.08
CA ALA D 405 27.68 -75.00 4.44
C ALA D 405 27.60 -76.40 5.06
N LEU D 406 28.35 -77.34 4.48
CA LEU D 406 28.49 -78.67 5.08
C LEU D 406 29.59 -78.78 6.15
N ASN D 407 30.75 -78.19 5.90
CA ASN D 407 31.87 -78.26 6.85
C ASN D 407 32.27 -76.87 7.38
N PRO D 408 32.09 -76.66 8.70
CA PRO D 408 32.25 -75.35 9.33
C PRO D 408 33.71 -74.88 9.38
N ALA D 409 34.64 -75.82 9.34
CA ALA D 409 36.05 -75.53 9.63
C ALA D 409 36.84 -75.11 8.42
N ASP D 410 36.22 -75.07 7.25
CA ASP D 410 37.01 -75.02 6.05
C ASP D 410 37.27 -73.54 5.87
N ASP D 411 38.47 -73.13 6.25
CA ASP D 411 38.84 -71.74 6.16
C ASP D 411 39.65 -71.46 4.91
N VAL D 412 40.05 -72.52 4.22
CA VAL D 412 40.72 -72.41 2.95
C VAL D 412 39.64 -71.97 1.98
N ALA D 413 38.48 -72.59 2.13
CA ALA D 413 37.30 -72.19 1.38
C ALA D 413 36.91 -70.79 1.81
N LEU D 414 36.91 -70.58 3.13
CA LEU D 414 36.51 -69.32 3.71
C LEU D 414 37.34 -68.16 3.16
N ARG D 415 38.59 -68.44 2.79
CA ARG D 415 39.45 -67.42 2.22
C ARG D 415 38.95 -66.99 0.84
N ARG D 416 38.44 -67.95 0.07
CA ARG D 416 38.04 -67.71 -1.31
C ARG D 416 36.60 -67.22 -1.44
N ILE D 417 35.88 -67.16 -0.33
CA ILE D 417 34.45 -66.85 -0.37
C ILE D 417 34.10 -65.49 0.27
N ILE D 418 34.48 -65.30 1.54
CA ILE D 418 34.34 -64.00 2.18
C ILE D 418 34.84 -62.91 1.23
N GLY D 419 35.85 -63.23 0.42
CA GLY D 419 36.42 -62.24 -0.47
C GLY D 419 35.60 -61.85 -1.69
N ARG D 420 34.98 -62.84 -2.33
CA ARG D 420 34.37 -62.59 -3.63
C ARG D 420 33.16 -61.63 -3.55
N PRO D 421 32.21 -61.92 -2.63
CA PRO D 421 31.20 -61.05 -2.00
C PRO D 421 31.66 -60.22 -0.79
N ARG D 422 32.21 -59.02 -0.99
CA ARG D 422 32.79 -58.22 0.10
C ARG D 422 31.86 -57.97 1.28
N ARG D 423 32.27 -58.43 2.47
CA ARG D 423 31.55 -58.16 3.72
C ARG D 423 32.16 -57.20 4.77
N GLY D 424 33.23 -56.48 4.41
CA GLY D 424 34.01 -55.81 5.43
C GLY D 424 34.97 -56.83 5.98
N ILE D 425 35.72 -57.41 5.05
CA ILE D 425 36.54 -58.56 5.36
C ILE D 425 37.76 -57.91 5.94
N GLY D 426 37.83 -57.96 7.26
CA GLY D 426 38.95 -57.36 7.94
C GLY D 426 40.15 -58.22 7.63
N ASP D 427 41.16 -57.63 7.01
CA ASP D 427 42.38 -58.37 6.80
C ASP D 427 42.98 -58.44 8.18
N THR D 428 42.72 -57.37 8.92
CA THR D 428 43.09 -57.24 10.32
C THR D 428 42.09 -57.97 11.23
N ALA D 429 40.82 -57.98 10.83
CA ALA D 429 39.78 -58.64 11.61
C ALA D 429 39.81 -60.15 11.38
N LEU D 430 40.16 -60.54 10.16
CA LEU D 430 40.33 -61.93 9.78
C LEU D 430 41.32 -62.57 10.75
N GLN D 431 42.43 -61.87 10.96
CA GLN D 431 43.50 -62.36 11.81
C GLN D 431 43.09 -62.25 13.28
N LYS D 432 42.17 -61.32 13.55
CA LYS D 432 41.63 -61.15 14.89
C LYS D 432 40.58 -62.22 15.15
N LEU D 433 39.99 -62.74 14.08
CA LEU D 433 39.05 -63.86 14.15
C LEU D 433 39.86 -65.15 14.00
N MET D 434 41.17 -64.96 13.82
CA MET D 434 42.11 -66.05 13.63
C MET D 434 42.82 -66.41 14.92
N GLU D 435 43.47 -65.44 15.55
CA GLU D 435 44.07 -65.70 16.84
C GLU D 435 43.01 -66.24 17.79
N TRP D 436 41.74 -66.14 17.38
CA TRP D 436 40.67 -66.87 18.05
C TRP D 436 40.66 -68.32 17.59
N ALA D 437 41.03 -68.55 16.34
CA ALA D 437 41.24 -69.90 15.82
C ALA D 437 42.60 -70.44 16.25
N ARG D 438 43.55 -69.52 16.44
CA ARG D 438 44.91 -69.87 16.85
C ARG D 438 45.05 -70.17 18.34
N THR D 439 44.53 -69.28 19.19
CA THR D 439 44.55 -69.59 20.62
C THR D 439 43.32 -70.35 21.15
N HIS D 440 42.21 -70.30 20.42
CA HIS D 440 41.04 -71.12 20.79
C HIS D 440 41.11 -72.53 20.22
N HIS D 441 41.76 -72.66 19.07
CA HIS D 441 41.72 -73.89 18.26
C HIS D 441 40.31 -74.11 17.69
N THR D 442 39.54 -73.04 17.59
CA THR D 442 38.16 -73.09 17.11
C THR D 442 37.98 -73.08 15.59
N SER D 443 36.84 -73.58 15.12
CA SER D 443 36.41 -73.35 13.75
C SER D 443 36.19 -71.85 13.57
N VAL D 444 36.43 -71.36 12.35
CA VAL D 444 36.46 -69.91 12.11
C VAL D 444 35.13 -69.18 12.32
N LEU D 445 34.07 -69.71 11.73
CA LEU D 445 32.78 -69.00 11.68
C LEU D 445 32.18 -68.77 13.05
N THR D 446 32.42 -69.71 13.97
CA THR D 446 31.92 -69.57 15.33
C THR D 446 32.27 -68.19 15.87
N ALA D 447 33.51 -67.76 15.64
CA ALA D 447 33.99 -66.52 16.20
C ALA D 447 33.32 -65.33 15.51
N CYS D 448 32.72 -65.57 14.35
CA CYS D 448 32.03 -64.53 13.60
C CYS D 448 30.63 -64.26 14.17
N ALA D 449 30.03 -65.29 14.76
CA ALA D 449 28.72 -65.15 15.38
C ALA D 449 28.87 -64.50 16.75
N ASN D 450 30.05 -64.69 17.34
CA ASN D 450 30.38 -64.15 18.64
C ASN D 450 31.12 -62.81 18.58
N ALA D 451 31.25 -62.25 17.37
CA ALA D 451 31.88 -60.95 17.15
C ALA D 451 31.28 -59.81 17.97
N ALA D 452 29.97 -59.58 17.84
CA ALA D 452 29.32 -58.52 18.59
C ALA D 452 29.29 -58.88 20.08
N GLU D 453 29.32 -60.17 20.35
CA GLU D 453 29.39 -60.69 21.71
C GLU D 453 30.84 -60.93 22.10
N GLN D 454 31.04 -61.45 23.32
CA GLN D 454 32.34 -61.94 23.77
C GLN D 454 33.48 -60.94 23.66
N ASN D 455 34.60 -61.40 23.12
CA ASN D 455 35.83 -60.62 23.06
C ASN D 455 35.69 -59.38 22.18
N ILE D 456 34.55 -59.30 21.50
CA ILE D 456 34.17 -58.10 20.74
C ILE D 456 35.08 -57.60 19.60
N LEU D 457 35.00 -58.28 18.47
CA LEU D 457 35.56 -57.76 17.23
C LEU D 457 35.07 -56.32 17.06
N ASP D 458 35.99 -55.41 16.77
CA ASP D 458 35.67 -53.97 16.78
C ASP D 458 35.54 -53.32 15.40
N ARG D 459 34.59 -52.40 15.27
CA ARG D 459 34.45 -51.63 14.04
C ARG D 459 34.29 -52.57 12.86
N GLY D 460 33.10 -53.13 12.74
CA GLY D 460 32.88 -54.31 11.92
C GLY D 460 32.52 -55.54 12.73
N ALA D 461 32.15 -55.35 13.98
CA ALA D 461 31.53 -56.41 14.77
C ALA D 461 30.24 -56.89 14.10
N HIS D 462 29.44 -55.94 13.61
CA HIS D 462 28.14 -56.27 13.02
C HIS D 462 28.30 -56.86 11.63
N LYS D 463 29.42 -56.55 10.98
CA LYS D 463 29.70 -57.08 9.66
C LYS D 463 29.86 -58.59 9.73
N ALA D 464 30.41 -59.08 10.84
CA ALA D 464 30.66 -60.51 10.99
C ALA D 464 29.39 -61.29 11.35
N THR D 465 28.60 -60.74 12.25
CA THR D 465 27.37 -61.40 12.70
C THR D 465 26.40 -61.58 11.53
N GLU D 466 26.53 -60.73 10.51
CA GLU D 466 25.68 -60.81 9.34
C GLU D 466 26.10 -61.95 8.42
N PHE D 467 27.40 -62.24 8.40
CA PHE D 467 27.93 -63.30 7.56
C PHE D 467 27.68 -64.68 8.15
N ALA D 468 27.69 -64.76 9.48
CA ALA D 468 27.44 -66.01 10.17
C ALA D 468 25.97 -66.41 10.07
N GLY D 469 25.14 -65.44 9.68
CA GLY D 469 23.72 -65.68 9.53
C GLY D 469 23.34 -66.21 8.17
N LEU D 470 24.15 -65.87 7.16
CA LEU D 470 23.93 -66.37 5.81
C LEU D 470 24.49 -67.79 5.65
N MET D 471 25.60 -68.05 6.32
CA MET D 471 26.24 -69.36 6.25
C MET D 471 25.42 -70.41 7.00
N GLU D 472 24.90 -70.02 8.16
CA GLU D 472 24.12 -70.93 8.97
C GLU D 472 22.81 -71.27 8.27
N ALA D 473 22.28 -70.30 7.53
CA ALA D 473 21.07 -70.52 6.76
C ALA D 473 21.30 -71.58 5.69
N MET D 474 22.53 -71.65 5.18
CA MET D 474 22.86 -72.57 4.10
C MET D 474 23.01 -74.01 4.58
N SER D 475 23.37 -74.19 5.85
CA SER D 475 23.56 -75.52 6.40
C SER D 475 22.21 -76.22 6.62
N GLU D 476 21.21 -75.46 7.02
CA GLU D 476 19.86 -75.98 7.15
C GLU D 476 19.22 -76.09 5.78
N ALA D 477 19.68 -75.25 4.86
CA ALA D 477 19.19 -75.27 3.48
C ALA D 477 19.93 -76.34 2.69
N ALA D 478 20.96 -76.91 3.31
CA ALA D 478 21.69 -78.02 2.70
C ALA D 478 20.92 -79.32 2.88
N ASP D 479 20.23 -79.44 4.01
CA ASP D 479 19.48 -80.64 4.32
C ASP D 479 18.12 -80.74 3.63
N ASN D 480 17.38 -79.63 3.59
CA ASN D 480 16.03 -79.65 3.00
C ASN D 480 15.92 -79.21 1.53
N TYR D 481 17.06 -78.92 0.90
CA TYR D 481 17.06 -78.48 -0.49
C TYR D 481 17.84 -79.42 -1.41
N GLU D 482 17.40 -79.52 -2.66
CA GLU D 482 18.11 -80.29 -3.67
C GLU D 482 19.28 -79.46 -4.20
N PRO D 483 20.34 -80.12 -4.71
CA PRO D 483 21.59 -79.44 -5.02
C PRO D 483 21.53 -78.30 -6.04
N ALA D 484 20.86 -78.50 -7.17
CA ALA D 484 20.90 -77.49 -8.23
C ALA D 484 20.22 -76.21 -7.79
N ALA D 485 19.12 -76.35 -7.05
CA ALA D 485 18.37 -75.20 -6.57
C ALA D 485 18.97 -74.69 -5.26
N PHE D 486 19.89 -75.48 -4.70
CA PHE D 486 20.68 -75.05 -3.55
C PHE D 486 21.86 -74.20 -4.01
N LEU D 487 22.38 -74.50 -5.20
CA LEU D 487 23.47 -73.73 -5.78
C LEU D 487 22.99 -72.38 -6.27
N ARG D 488 21.72 -72.31 -6.65
CA ARG D 488 21.10 -71.04 -7.02
C ARG D 488 20.97 -70.17 -5.78
N PHE D 489 20.68 -70.81 -4.66
CA PHE D 489 20.58 -70.13 -3.37
C PHE D 489 21.94 -69.53 -3.03
N VAL D 490 22.99 -70.32 -3.23
CA VAL D 490 24.35 -69.85 -2.99
C VAL D 490 24.72 -68.75 -3.98
N MET D 491 24.46 -69.00 -5.25
CA MET D 491 24.79 -68.06 -6.31
C MET D 491 24.12 -66.71 -6.13
N GLU D 492 22.85 -66.71 -5.72
CA GLU D 492 22.09 -65.48 -5.56
C GLU D 492 22.27 -64.86 -4.18
N THR D 493 21.89 -65.59 -3.14
CA THR D 493 21.90 -65.06 -1.78
C THR D 493 23.28 -64.62 -1.26
N SER D 494 24.36 -65.03 -1.94
CA SER D 494 25.68 -64.48 -1.64
C SER D 494 25.90 -63.14 -2.35
N GLY D 495 25.21 -62.96 -3.48
CA GLY D 495 25.36 -61.76 -4.28
C GLY D 495 26.35 -61.92 -5.41
N TYR D 496 26.63 -63.17 -5.76
CA TYR D 496 27.61 -63.50 -6.79
C TYR D 496 27.10 -63.27 -8.21
N LEU D 497 25.87 -63.70 -8.48
CA LEU D 497 25.27 -63.53 -9.80
C LEU D 497 24.95 -62.07 -10.11
N ASP D 498 24.63 -61.31 -9.07
CA ASP D 498 24.24 -59.91 -9.25
C ASP D 498 25.36 -59.06 -9.83
N LEU D 499 26.59 -59.31 -9.37
CA LEU D 499 27.73 -58.50 -9.76
C LEU D 499 28.33 -58.84 -11.12
N LEU D 500 28.35 -60.13 -11.48
CA LEU D 500 28.88 -60.54 -12.77
C LEU D 500 27.92 -60.12 -13.86
N ARG D 501 26.66 -59.98 -13.48
CA ARG D 501 25.66 -59.38 -14.36
C ARG D 501 25.93 -57.89 -14.54
N GLN D 502 26.06 -57.19 -13.42
CA GLN D 502 26.29 -55.75 -13.45
C GLN D 502 27.69 -55.40 -13.93
N GLU D 503 28.66 -56.27 -13.68
CA GLU D 503 29.92 -56.10 -14.37
C GLU D 503 29.96 -57.19 -15.43
N GLY D 504 29.73 -56.76 -16.66
CA GLY D 504 29.24 -57.63 -17.71
C GLY D 504 30.21 -57.94 -18.82
N GLN D 505 31.50 -57.73 -18.56
CA GLN D 505 32.47 -57.76 -19.63
C GLN D 505 33.21 -59.10 -19.68
N GLU D 506 34.18 -59.27 -18.79
CA GLU D 506 34.89 -60.54 -18.71
C GLU D 506 34.11 -61.53 -17.84
N GLY D 507 33.42 -60.98 -16.85
CA GLY D 507 32.60 -61.77 -15.94
C GLY D 507 31.29 -62.16 -16.57
N GLN D 508 31.04 -61.65 -17.77
CA GLN D 508 29.84 -62.04 -18.52
C GLN D 508 30.05 -63.40 -19.13
N VAL D 509 31.20 -63.58 -19.78
CA VAL D 509 31.57 -64.86 -20.35
C VAL D 509 31.57 -65.90 -19.24
N ARG D 510 31.84 -65.43 -18.03
CA ARG D 510 31.94 -66.30 -16.85
C ARG D 510 30.61 -66.67 -16.20
N LEU D 511 29.59 -65.83 -16.35
CA LEU D 511 28.29 -66.16 -15.78
C LEU D 511 27.55 -67.12 -16.71
N GLU D 512 27.97 -67.16 -17.96
CA GLU D 512 27.46 -68.12 -18.91
C GLU D 512 27.94 -69.50 -18.50
N ASN D 513 29.15 -69.54 -17.93
CA ASN D 513 29.71 -70.78 -17.39
C ASN D 513 29.04 -71.17 -16.08
N LEU D 514 28.59 -70.17 -15.32
CA LEU D 514 27.89 -70.42 -14.07
C LEU D 514 26.52 -71.03 -14.31
N GLU D 515 25.93 -70.72 -15.46
CA GLU D 515 24.67 -71.33 -15.85
C GLU D 515 24.89 -72.80 -16.14
N GLU D 516 26.01 -73.11 -16.79
CA GLU D 516 26.35 -74.48 -17.13
C GLU D 516 26.58 -75.33 -15.89
N LEU D 517 26.97 -74.68 -14.80
CA LEU D 517 27.15 -75.37 -13.54
C LEU D 517 25.82 -75.94 -13.08
N VAL D 518 24.80 -75.08 -13.07
CA VAL D 518 23.47 -75.47 -12.64
C VAL D 518 22.83 -76.44 -13.62
N SER D 519 23.29 -76.38 -14.87
CA SER D 519 22.80 -77.30 -15.89
C SER D 519 23.41 -78.69 -15.70
N ALA D 520 24.66 -78.73 -15.23
CA ALA D 520 25.33 -79.98 -14.96
C ALA D 520 25.04 -80.49 -13.54
N ALA D 521 24.55 -79.60 -12.68
CA ALA D 521 24.12 -80.00 -11.35
C ALA D 521 22.72 -80.58 -11.38
N GLU D 522 21.95 -80.17 -12.38
CA GLU D 522 20.60 -80.67 -12.59
C GLU D 522 20.62 -82.02 -13.31
N GLU D 523 21.47 -82.10 -14.33
CA GLU D 523 21.57 -83.29 -15.15
C GLU D 523 22.13 -84.44 -14.33
N TRP D 524 22.98 -84.10 -13.37
CA TRP D 524 23.58 -85.04 -12.46
C TRP D 524 22.54 -85.60 -11.50
N SER D 525 21.66 -84.73 -11.00
CA SER D 525 20.67 -85.11 -10.01
C SER D 525 19.58 -86.01 -10.58
N GLN D 526 19.24 -85.82 -11.85
CA GLN D 526 18.21 -86.61 -12.49
C GLN D 526 18.78 -87.87 -13.15
N ASP D 527 20.07 -88.11 -12.87
CA ASP D 527 20.84 -89.21 -13.44
C ASP D 527 20.50 -90.60 -12.90
N GLU D 528 21.19 -91.61 -13.44
CA GLU D 528 20.88 -93.02 -13.16
C GLU D 528 21.37 -93.54 -11.81
N ALA D 529 22.61 -93.20 -11.45
CA ALA D 529 23.21 -93.73 -10.23
C ALA D 529 23.07 -92.80 -9.02
N ASN D 530 22.49 -91.63 -9.23
CA ASN D 530 22.38 -90.65 -8.14
C ASN D 530 21.05 -90.64 -7.39
N VAL D 531 20.17 -91.58 -7.71
CA VAL D 531 18.90 -91.71 -7.01
C VAL D 531 19.10 -92.04 -5.54
N SER D 534 22.79 -87.07 -2.15
CA SER D 534 23.18 -85.98 -1.27
C SER D 534 24.00 -84.94 -2.00
N ILE D 535 24.04 -83.73 -1.46
CA ILE D 535 24.88 -82.68 -2.02
C ILE D 535 26.34 -83.01 -1.80
N ALA D 536 26.64 -83.52 -0.60
CA ALA D 536 28.00 -83.91 -0.27
C ALA D 536 28.51 -84.94 -1.27
N ASP D 537 27.59 -85.66 -1.90
CA ASP D 537 27.95 -86.65 -2.89
C ASP D 537 28.40 -85.98 -4.18
N PHE D 538 27.76 -84.87 -4.53
CA PHE D 538 28.11 -84.14 -5.74
C PHE D 538 29.48 -83.48 -5.62
N LEU D 539 29.76 -82.90 -4.46
CA LEU D 539 31.07 -82.31 -4.20
C LEU D 539 32.15 -83.38 -4.27
N ASP D 540 31.81 -84.58 -3.82
CA ASP D 540 32.76 -85.70 -3.84
C ASP D 540 33.11 -86.10 -5.27
N ASP D 541 32.09 -86.28 -6.10
CA ASP D 541 32.29 -86.67 -7.48
C ASP D 541 33.05 -85.59 -8.25
N ALA D 542 32.80 -84.34 -7.88
CA ALA D 542 33.42 -83.20 -8.56
C ALA D 542 34.92 -83.14 -8.32
N ALA D 543 35.33 -83.38 -7.08
CA ALA D 543 36.73 -83.25 -6.71
C ALA D 543 37.59 -84.35 -7.33
N LEU D 544 36.96 -85.46 -7.67
CA LEU D 544 37.65 -86.63 -8.23
C LEU D 544 37.70 -86.77 -9.76
N LEU D 545 37.25 -85.75 -10.49
CA LEU D 545 37.09 -85.81 -11.95
C LEU D 545 38.37 -85.89 -12.81
N SER D 546 38.43 -86.94 -13.63
CA SER D 546 39.54 -87.18 -14.57
C SER D 546 39.47 -86.28 -15.79
N SER D 547 40.59 -86.15 -16.49
CA SER D 547 40.65 -85.34 -17.70
C SER D 547 39.72 -85.91 -18.79
N ASP D 550 33.43 -87.49 -18.17
CA ASP D 550 32.17 -87.03 -18.73
C ASP D 550 31.73 -85.70 -18.13
N MET D 551 31.95 -85.54 -16.83
CA MET D 551 31.58 -84.31 -16.15
C MET D 551 32.58 -83.19 -16.43
N ARG D 552 33.82 -83.56 -16.72
CA ARG D 552 34.82 -82.59 -17.15
C ARG D 552 34.75 -82.23 -18.64
N THR D 553 34.48 -83.22 -19.48
CA THR D 553 34.37 -82.95 -20.92
C THR D 553 33.06 -82.27 -21.27
N ALA D 555 30.63 -79.96 -19.64
CA ALA D 555 31.13 -78.75 -19.01
C ALA D 555 32.58 -78.48 -19.38
N GLU D 562 29.30 -83.08 -30.51
CA GLU D 562 30.38 -84.07 -30.53
C GLU D 562 30.81 -84.41 -31.96
N ASP D 563 31.46 -85.56 -32.11
CA ASP D 563 32.09 -85.92 -33.37
C ASP D 563 33.07 -84.82 -33.75
N ALA D 564 34.09 -84.65 -32.91
CA ALA D 564 35.08 -83.60 -33.11
C ALA D 564 36.48 -84.18 -33.01
N VAL D 565 37.46 -83.45 -33.52
CA VAL D 565 38.85 -83.87 -33.42
C VAL D 565 39.33 -83.74 -31.98
N THR D 566 39.89 -84.83 -31.44
CA THR D 566 40.26 -84.88 -30.04
C THR D 566 41.65 -84.29 -29.77
N LEU D 567 41.72 -83.32 -28.86
CA LEU D 567 43.00 -82.72 -28.48
C LEU D 567 43.35 -83.02 -27.02
N MET D 568 44.49 -83.68 -26.81
CA MET D 568 44.93 -84.05 -25.46
C MET D 568 46.44 -84.28 -25.39
N THR D 569 46.98 -84.33 -24.18
CA THR D 569 48.39 -84.65 -23.98
C THR D 569 48.65 -86.14 -24.22
N LEU D 570 49.91 -86.48 -24.48
CA LEU D 570 50.30 -87.86 -24.72
C LEU D 570 50.01 -88.77 -23.52
N HIS D 571 50.20 -88.23 -22.32
CA HIS D 571 49.98 -88.99 -21.09
C HIS D 571 48.52 -89.36 -20.92
N ASN D 572 47.62 -88.40 -21.08
CA ASN D 572 46.20 -88.64 -20.90
C ASN D 572 45.69 -89.67 -21.89
N ALA D 573 46.48 -89.94 -22.91
CA ALA D 573 46.06 -90.80 -24.01
C ALA D 573 46.08 -92.28 -23.65
N LYS D 574 46.78 -92.64 -22.58
CA LYS D 574 46.99 -94.04 -22.26
C LYS D 574 45.67 -94.79 -22.17
N GLY D 575 45.55 -95.85 -22.96
CA GLY D 575 44.35 -96.66 -22.99
C GLY D 575 43.45 -96.44 -24.19
N LEU D 576 43.66 -95.35 -24.93
CA LEU D 576 42.79 -95.05 -26.06
C LEU D 576 43.38 -95.43 -27.42
N GLU D 577 42.56 -95.29 -28.46
CA GLU D 577 43.00 -95.58 -29.82
C GLU D 577 42.22 -94.78 -30.86
N PHE D 578 42.90 -94.34 -31.91
CA PHE D 578 42.27 -93.62 -33.01
C PHE D 578 42.82 -94.10 -34.35
N PRO D 579 41.96 -94.19 -35.37
CA PRO D 579 42.46 -94.52 -36.72
C PRO D 579 43.55 -93.56 -37.20
N VAL D 580 43.35 -92.27 -37.02
CA VAL D 580 44.35 -91.29 -37.43
C VAL D 580 44.83 -90.49 -36.23
N VAL D 581 46.15 -90.37 -36.08
CA VAL D 581 46.71 -89.66 -34.94
C VAL D 581 47.80 -88.68 -35.34
N PHE D 582 47.64 -87.43 -34.89
CA PHE D 582 48.65 -86.40 -35.11
C PHE D 582 49.47 -86.19 -33.85
N ILE D 583 50.74 -86.60 -33.89
CA ILE D 583 51.65 -86.29 -32.81
C ILE D 583 52.36 -85.00 -33.14
N VAL D 584 52.31 -84.04 -32.24
CA VAL D 584 52.94 -82.75 -32.49
C VAL D 584 53.95 -82.40 -31.40
N GLY D 585 54.93 -81.60 -31.78
CA GLY D 585 55.96 -81.19 -30.85
C GLY D 585 56.95 -82.31 -30.61
N VAL D 586 57.30 -83.04 -31.67
CA VAL D 586 58.28 -84.10 -31.49
C VAL D 586 59.58 -83.36 -31.66
N GLU D 587 60.17 -83.00 -30.53
CA GLU D 587 61.30 -82.09 -30.54
C GLU D 587 62.14 -82.27 -29.30
N GLN D 588 63.45 -82.18 -29.44
CA GLN D 588 64.32 -82.26 -28.30
C GLN D 588 63.96 -81.18 -27.30
N GLY D 589 63.72 -81.58 -26.05
CA GLY D 589 63.31 -80.65 -25.03
C GLY D 589 61.83 -80.70 -24.68
N LEU D 590 60.99 -81.23 -25.56
CA LEU D 590 59.59 -81.47 -25.25
C LEU D 590 59.36 -82.95 -24.97
N LEU D 591 59.29 -83.75 -26.03
CA LEU D 591 59.71 -85.14 -25.89
C LEU D 591 61.19 -84.97 -25.66
N PRO D 592 61.95 -86.06 -25.46
CA PRO D 592 62.44 -85.99 -24.08
C PRO D 592 62.75 -84.57 -23.65
N SER D 593 62.18 -84.31 -22.47
CA SER D 593 62.00 -82.98 -21.93
C SER D 593 63.23 -82.46 -21.22
N LYS D 594 63.34 -81.15 -21.13
CA LYS D 594 64.49 -80.56 -20.46
C LYS D 594 64.67 -81.12 -19.05
N GLY D 595 63.57 -81.55 -18.44
CA GLY D 595 63.63 -82.19 -17.14
C GLY D 595 64.19 -83.60 -17.24
N ALA D 596 63.85 -84.28 -18.33
CA ALA D 596 64.25 -85.66 -18.53
C ALA D 596 65.69 -85.82 -19.04
N ILE D 597 66.08 -85.00 -20.00
CA ILE D 597 67.44 -85.06 -20.52
C ILE D 597 68.40 -84.84 -19.36
N ALA D 598 67.93 -84.09 -18.37
CA ALA D 598 68.72 -83.77 -17.20
C ALA D 598 68.93 -85.00 -16.32
N GLU D 599 67.87 -85.79 -16.14
CA GLU D 599 67.90 -86.93 -15.23
C GLU D 599 68.82 -88.06 -15.69
N GLY D 600 69.24 -88.01 -16.94
CA GLY D 600 70.09 -89.05 -17.49
C GLY D 600 69.31 -90.14 -18.20
N PRO D 601 69.88 -91.37 -18.26
CA PRO D 601 69.33 -92.48 -19.02
C PRO D 601 67.90 -92.84 -18.62
N SER D 602 67.65 -92.93 -17.31
CA SER D 602 66.34 -93.28 -16.83
C SER D 602 65.35 -92.19 -17.22
N GLY D 603 65.83 -90.95 -17.22
CA GLY D 603 65.02 -89.82 -17.65
C GLY D 603 64.60 -90.00 -19.08
N ILE D 604 65.56 -90.33 -19.94
CA ILE D 604 65.27 -90.58 -21.34
C ILE D 604 64.28 -91.72 -21.51
N GLU D 605 64.55 -92.83 -20.81
CA GLU D 605 63.71 -94.02 -20.91
C GLU D 605 62.24 -93.73 -20.61
N GLU D 606 62.00 -92.85 -19.64
CA GLU D 606 60.64 -92.48 -19.28
C GLU D 606 59.92 -91.77 -20.42
N GLU D 607 60.67 -90.97 -21.17
CA GLU D 607 60.12 -90.20 -22.27
C GLU D 607 59.90 -91.03 -23.54
N ARG D 608 60.66 -92.12 -23.66
CA ARG D 608 60.52 -92.98 -24.83
C ARG D 608 59.27 -93.84 -24.73
N ARG D 609 58.92 -94.26 -23.51
CA ARG D 609 57.67 -94.99 -23.31
C ARG D 609 56.50 -94.09 -23.65
N LEU D 610 56.60 -92.83 -23.24
CA LEU D 610 55.61 -91.82 -23.57
C LEU D 610 55.38 -91.78 -25.07
N PHE D 611 56.43 -91.44 -25.81
CA PHE D 611 56.41 -91.45 -27.26
C PHE D 611 55.86 -92.76 -27.82
N TYR D 612 56.28 -93.86 -27.21
CA TYR D 612 55.86 -95.20 -27.62
C TYR D 612 54.35 -95.36 -27.52
N VAL D 613 53.78 -94.89 -26.41
CA VAL D 613 52.34 -94.93 -26.21
C VAL D 613 51.63 -94.20 -27.35
N GLY D 614 52.02 -92.95 -27.58
CA GLY D 614 51.43 -92.15 -28.64
C GLY D 614 51.44 -92.86 -29.98
N ILE D 615 52.57 -93.49 -30.30
CA ILE D 615 52.71 -94.20 -31.56
C ILE D 615 51.80 -95.42 -31.63
N THR D 616 51.57 -96.04 -30.48
CA THR D 616 50.76 -97.25 -30.41
C THR D 616 49.26 -96.96 -30.28
N ARG D 617 48.92 -95.68 -30.24
CA ARG D 617 47.51 -95.29 -30.24
C ARG D 617 46.96 -95.43 -31.66
N ALA D 618 47.82 -95.17 -32.63
CA ALA D 618 47.41 -95.10 -34.03
C ALA D 618 47.02 -96.47 -34.61
N MET D 619 45.92 -96.47 -35.36
CA MET D 619 45.38 -97.68 -35.96
C MET D 619 45.69 -97.74 -37.46
N GLU D 620 45.21 -96.76 -38.21
CA GLU D 620 45.43 -96.70 -39.66
C GLU D 620 46.55 -95.73 -40.07
N ARG D 621 46.39 -94.43 -39.79
CA ARG D 621 47.44 -93.45 -40.08
C ARG D 621 48.07 -92.80 -38.85
N LEU D 622 49.34 -92.44 -38.97
CA LEU D 622 50.05 -91.65 -37.97
C LEU D 622 50.86 -90.55 -38.67
N LEU D 623 50.59 -89.30 -38.30
CA LEU D 623 51.37 -88.19 -38.83
C LEU D 623 52.00 -87.39 -37.69
N MET D 624 53.32 -87.42 -37.61
CA MET D 624 54.02 -86.67 -36.56
C MET D 624 54.71 -85.43 -37.11
N THR D 625 54.66 -84.35 -36.35
CA THR D 625 55.13 -83.06 -36.83
C THR D 625 56.12 -82.41 -35.86
N ALA D 626 56.89 -81.45 -36.37
CA ALA D 626 57.83 -80.70 -35.54
C ALA D 626 58.09 -79.33 -36.14
N ALA D 627 58.92 -78.53 -35.48
CA ALA D 627 59.17 -77.16 -35.89
C ALA D 627 60.65 -76.80 -35.86
N GLN D 628 61.03 -75.79 -36.65
CA GLN D 628 62.37 -75.22 -36.54
C GLN D 628 62.40 -74.00 -35.63
N ASN D 629 61.22 -73.47 -35.33
CA ASN D 629 61.10 -72.35 -34.41
C ASN D 629 59.85 -72.50 -33.56
N ARG D 630 60.00 -72.37 -32.25
CA ARG D 630 58.85 -72.44 -31.36
C ARG D 630 58.96 -71.32 -30.34
N MET D 631 57.82 -70.69 -30.04
CA MET D 631 57.80 -69.58 -29.11
C MET D 631 57.27 -70.06 -27.77
N GLN D 632 57.92 -69.63 -26.70
CA GLN D 632 57.47 -70.01 -25.37
C GLN D 632 57.17 -68.74 -24.57
N PHE D 633 55.90 -68.56 -24.25
CA PHE D 633 55.47 -67.42 -23.44
C PHE D 633 56.11 -66.12 -23.92
N GLY D 634 56.14 -65.95 -25.24
CA GLY D 634 56.78 -64.80 -25.84
C GLY D 634 58.18 -65.16 -26.31
N LYS D 635 58.79 -64.36 -27.18
CA LYS D 635 60.21 -64.53 -27.50
C LYS D 635 60.68 -65.91 -28.04
N THR D 636 60.43 -66.14 -29.33
CA THR D 636 60.72 -67.41 -30.00
C THR D 636 62.15 -67.93 -29.80
N ASN D 637 62.28 -69.26 -29.79
CA ASN D 637 63.56 -69.96 -29.72
C ASN D 637 63.69 -71.06 -30.77
N ALA D 638 64.88 -71.21 -31.34
CA ALA D 638 65.14 -72.21 -32.37
C ALA D 638 64.84 -73.63 -31.91
N ALA D 639 64.14 -74.40 -32.74
CA ALA D 639 63.73 -75.75 -32.37
C ALA D 639 64.51 -76.82 -33.14
N GLU D 640 64.72 -77.96 -32.49
CA GLU D 640 65.53 -79.04 -33.05
C GLU D 640 64.73 -80.35 -33.03
N ASP D 641 64.96 -81.19 -34.02
CA ASP D 641 64.29 -82.49 -34.08
C ASP D 641 64.65 -83.32 -32.84
N SER D 642 63.71 -84.15 -32.41
CA SER D 642 63.92 -85.00 -31.24
C SER D 642 64.88 -86.14 -31.57
N ALA D 643 65.60 -86.62 -30.56
CA ALA D 643 66.57 -87.69 -30.76
C ALA D 643 65.88 -89.04 -30.98
N PHE D 644 64.56 -89.07 -30.78
CA PHE D 644 63.78 -90.27 -30.99
C PHE D 644 63.51 -90.52 -32.46
N LEU D 645 63.59 -89.45 -33.26
CA LEU D 645 63.42 -89.57 -34.70
C LEU D 645 64.65 -90.25 -35.29
N GLU D 646 65.76 -90.17 -34.58
CA GLU D 646 66.98 -90.83 -34.97
C GLU D 646 66.84 -92.35 -34.81
N ASP D 647 66.06 -92.75 -33.81
CA ASP D 647 65.86 -94.15 -33.50
C ASP D 647 65.13 -94.90 -34.61
N ILE D 648 64.02 -94.32 -35.06
CA ILE D 648 63.16 -94.98 -36.05
C ILE D 648 63.42 -94.61 -37.53
N GLU D 649 64.51 -93.90 -37.80
CA GLU D 649 64.84 -93.46 -39.15
C GLU D 649 64.76 -94.60 -40.15
N GLY D 650 64.11 -94.34 -41.29
CA GLY D 650 63.96 -95.34 -42.33
C GLY D 650 62.63 -96.07 -42.22
N LEU D 651 61.95 -95.88 -41.09
CA LEU D 651 60.64 -96.47 -40.88
C LEU D 651 59.50 -95.51 -41.17
N PHE D 652 59.84 -94.28 -41.52
CA PHE D 652 58.82 -93.27 -41.81
C PHE D 652 59.24 -92.40 -43.00
N ASP D 653 58.28 -91.67 -43.55
CA ASP D 653 58.54 -90.79 -44.68
C ASP D 653 58.46 -89.34 -44.25
N THR D 654 59.61 -88.66 -44.29
CA THR D 654 59.64 -87.24 -44.04
C THR D 654 58.94 -86.52 -45.19
N VAL D 655 58.13 -85.50 -44.89
CA VAL D 655 57.36 -84.82 -45.93
C VAL D 655 57.31 -83.29 -45.83
N ASP D 656 56.79 -82.65 -46.88
CA ASP D 656 56.59 -81.20 -46.90
C ASP D 656 55.15 -80.83 -46.54
N PRO D 657 54.86 -79.51 -46.50
CA PRO D 657 53.52 -79.08 -46.09
C PRO D 657 52.40 -79.77 -46.86
N TYR D 658 52.61 -79.99 -48.16
CA TYR D 658 51.56 -80.56 -49.01
C TYR D 658 51.65 -82.09 -49.17
N GLY D 659 52.51 -82.73 -48.40
CA GLY D 659 52.67 -84.18 -48.44
C GLY D 659 53.88 -84.85 -49.08
N GLN D 660 54.97 -84.10 -49.33
CA GLN D 660 56.23 -84.65 -49.90
C GLN D 660 57.54 -84.17 -49.26
N PRO D 661 58.52 -85.06 -49.03
CA PRO D 661 59.67 -84.74 -48.17
C PRO D 661 60.25 -83.34 -48.34
MG MG I . -54.20 8.83 6.95
PG ANP J . -55.39 8.35 3.97
O1G ANP J . -55.20 9.51 4.98
O2G ANP J . -54.37 7.24 4.26
O3G ANP J . -55.23 8.84 2.59
PB ANP J . -57.24 7.46 5.79
O1B ANP J . -55.95 7.62 6.68
O2B ANP J . -57.86 6.07 6.04
N3B ANP J . -56.92 7.73 4.17
PA ANP J . -59.10 8.45 7.53
O1A ANP J . -59.10 9.76 8.26
O2A ANP J . -58.44 7.38 8.38
O3A ANP J . -58.27 8.59 6.21
O5' ANP J . -60.59 8.03 7.15
C5' ANP J . -61.34 8.77 6.22
C4' ANP J . -62.53 9.51 6.72
O4' ANP J . -63.69 8.76 6.54
C3' ANP J . -62.42 9.74 8.17
O3' ANP J . -61.74 10.92 8.41
C2' ANP J . -63.80 9.91 8.57
O2' ANP J . -64.20 11.15 8.17
C1' ANP J . -64.49 8.90 7.77
N9 ANP J . -64.70 7.67 8.49
C8 ANP J . -63.85 6.62 8.57
N7 ANP J . -64.39 5.68 9.35
C5 ANP J . -65.59 6.13 9.78
C6 ANP J . -66.59 5.60 10.59
N6 ANP J . -66.39 4.26 11.16
N1 ANP J . -67.69 6.31 10.82
C2 ANP J . -67.84 7.54 10.29
N3 ANP J . -66.92 8.08 9.51
C4 ANP J . -65.79 7.40 9.24
MG MG K . 3.35 106.00 15.28
PG ANP L . 6.70 105.58 15.52
O1G ANP L . 5.37 105.46 14.73
O2G ANP L . 7.70 106.45 14.78
O3G ANP L . 7.26 104.24 15.79
PB ANP L . 5.61 107.76 16.77
O1B ANP L . 4.10 107.61 16.35
O2B ANP L . 6.36 108.63 15.72
N3B ANP L . 6.37 106.28 16.98
PA ANP L . 4.62 108.09 19.33
O1A ANP L . 4.40 106.61 19.39
O2A ANP L . 3.31 108.79 19.02
O3A ANP L . 5.66 108.45 18.20
O5' ANP L . 5.17 108.59 20.75
C5' ANP L . 6.13 107.83 21.43
C4' ANP L . 6.42 108.21 22.85
O4' ANP L . 6.72 109.56 22.92
C3' ANP L . 5.22 107.97 23.65
O3' ANP L . 5.53 107.25 24.80
C2' ANP L . 4.72 109.28 24.04
O2' ANP L . 4.25 109.19 25.32
C1' ANP L . 5.89 110.13 24.00
N9 ANP L . 5.64 111.55 23.86
C8 ANP L . 5.24 112.19 22.74
N7 ANP L . 5.12 113.50 23.00
C5 ANP L . 5.44 113.70 24.30
C6 ANP L . 5.50 114.83 25.11
N6 ANP L . 5.15 116.15 24.53
N1 ANP L . 5.86 114.70 26.39
C2 ANP L . 6.17 113.50 26.89
N3 ANP L . 6.13 112.39 26.15
C4 ANP L . 5.77 112.46 24.85
MG MG M . -13.60 -18.45 -0.46
PG ANP N . -14.80 -18.37 2.97
O1G ANP N . -14.58 -18.98 1.57
O2G ANP N . -14.22 -16.96 3.02
O3G ANP N . -14.16 -19.22 4.00
PB ANP N . -17.29 -17.80 1.94
O1B ANP N . -16.56 -18.12 0.57
O2B ANP N . -17.61 -16.28 2.00
N3B ANP N . -16.42 -18.29 3.28
PA ANP N . -18.93 -19.92 1.17
O1A ANP N . -17.99 -21.03 1.53
O2A ANP N . -18.78 -19.56 -0.30
O3A ANP N . -18.64 -18.63 2.01
O5' ANP N . -20.43 -20.40 1.47
C5' ANP N . -20.78 -21.01 2.69
C4' ANP N . -21.90 -21.99 2.64
O4' ANP N . -23.11 -21.32 2.57
C3' ANP N . -21.77 -22.77 1.40
O3' ANP N . -21.92 -24.12 1.67
C2' ANP N . -22.83 -22.35 0.51
O2' ANP N . -23.33 -23.46 -0.12
C1' ANP N . -23.85 -21.80 1.39
N9 ANP N . -24.71 -20.80 0.77
C8 ANP N . -24.35 -19.57 0.36
N7 ANP N . -25.42 -18.95 -0.15
C5 ANP N . -26.47 -19.80 -0.07
C6 ANP N . -27.81 -19.70 -0.45
N6 ANP N . -28.30 -18.45 -1.07
N1 ANP N . -28.62 -20.74 -0.24
C2 ANP N . -28.16 -21.86 0.31
N3 ANP N . -26.88 -22.00 0.69
C4 ANP N . -26.02 -20.99 0.51
MG MG O . 44.67 -101.90 -21.55
PG ANP P . 46.55 -100.77 -24.30
O1G ANP P . 45.68 -100.71 -23.02
O2G ANP P . 47.86 -101.52 -24.01
O3G ANP P . 46.84 -99.41 -24.80
PB ANP P . 45.39 -103.17 -24.94
O1B ANP P . 44.62 -103.20 -23.58
O2B ANP P . 46.70 -104.00 -24.81
N3B ANP P . 45.73 -101.61 -25.45
PA ANP P . 42.92 -103.38 -26.15
O1A ANP P . 42.72 -101.92 -25.88
O2A ANP P . 42.17 -104.21 -25.13
O3A ANP P . 44.45 -103.76 -26.06
O5' ANP P . 42.36 -103.70 -27.62
C5' ANP P . 42.97 -103.13 -28.75
C4' ANP P . 42.36 -103.47 -30.07
O4' ANP P . 42.56 -104.82 -30.34
C3' ANP P . 40.92 -103.23 -29.96
O3' ANP P . 40.56 -102.22 -30.84
C2' ANP P . 40.24 -104.45 -30.36
O2' ANP P . 39.36 -104.14 -31.36
C1' ANP P . 41.29 -105.31 -30.91
N9 ANP P . 41.05 -106.74 -30.72
C8 ANP P . 41.67 -107.54 -29.82
N7 ANP P . 41.19 -108.77 -29.95
C5 ANP P . 40.26 -108.77 -30.94
C6 ANP P . 39.46 -109.75 -31.51
N6 ANP P . 39.53 -111.13 -31.00
N1 ANP P . 38.63 -109.42 -32.51
C2 ANP P . 38.56 -108.16 -32.95
N3 ANP P . 39.32 -107.19 -32.43
C4 ANP P . 40.17 -107.47 -31.43
#